data_8HCB
#
_entry.id   8HCB
#
_cell.length_a   1.00
_cell.length_b   1.00
_cell.length_c   1.00
_cell.angle_alpha   90.00
_cell.angle_beta   90.00
_cell.angle_gamma   90.00
#
_symmetry.space_group_name_H-M   'P 1'
#
loop_
_entity.id
_entity.type
_entity.pdbx_description
1 polymer 'Spike glycoprotein'
2 polymer 'Light chain of YB13-292 Fab'
3 polymer 'Heavy chain of YB13-292 Fab'
4 branched 2-acetamido-2-deoxy-beta-D-glucopyranose-(1-4)-2-acetamido-2-deoxy-beta-D-glucopyranose
5 non-polymer 2-acetamido-2-deoxy-beta-D-glucopyranose
#
loop_
_entity_poly.entity_id
_entity_poly.type
_entity_poly.pdbx_seq_one_letter_code
_entity_poly.pdbx_strand_id
1 'polypeptide(L)'
;QCVNLTTRTQLPPAYTNSFTRGVYYPDKVFRSSVLHSTQDLFLPFFSNVTWFHVISGTNGTKRFDNPVLPFNDGVYFASI
EKSNIIRGWIFGTTLDSKTQSLLIVNNATNVVIKVCEFQFCNDPFLDHKNNKSWMESEFRVYSSANNCTFEYVSQPFLMD
LEGKQGNFKNLREFVFKNIDGYFKIYSKHTPIIVREPEDLPQGFSALEPLVDLPIGINITRFQTLLALHRSYLTPGDSSS
GWTAGAAAYYVGYLQPRTFLLKYNENGTITDAVDCALDPLSETKCTLKSFTVEKGIYQTSNFRVQPTESIVRFPNITNLC
PFDEVFNATRFASVYAWNRKRISNCVADYSVLYNLAPFFTFKCYGVSPTKLNDLCFTNVYADSFVIRGDEVRQIAPGQTG
NIADYNYKLPDDFTGCVIAWNSNKLDSKVSGNYNYLYRLFRKSNLKPFERDISTEIYQAGNKPCNGVAGFNCYFPLRSYS
FRPTYGVGHQPYRVVVLSFELLHAPATVCGPKKSTNLVKNKCVNFNFNGLKGTGVLTESNKKFLPFQQFGRDIADTTDAV
RDPQTLEILDITPCSFGGVSVITPGTNTSNQVAVLYQGVNCTEVPVAIHADQLTPTWRVYSTGSNVFQTRAGCLIGAEYV
NNSYECDIPIGAGICASYQTQTKSRSVASQSIIAYTMSLGAENSVAYSNNSIAIPTNFTISVTTEILPVSMTKTSVDCTM
YICGDSTECSNLLLQYGSFCTQLKRALTGIAVEQDKNTQEVFAQVKQIYKTPPIKYFGGFNFSQILPDPSKPSKRSPIED
LLFNKVTLADAGFIKQYGDCLGDIAARDLICAQKFKGLTVLPPLLTDEMIAQYTSALLAGTITSGWTFGAGPALQIPFPM
QMAYRFNGIGVTQNVLYENQKLIANQFNSAIGKIQDSLSSTPSALGKLQDVVNHNAQALNTLVKQLSSKFGAISSVLNDI
FSRLDPPEAEVQIDRLITGRLQSLQTYVTQQLIRAAEIRASANLAATKMSECVLGQSKRVDFCGKGYHLMSFPQSAPHGV
VFLHVTYVPAQEKNFTTAPAICHDGKAHFPREGVFVSNGTHWFVTQRNFYEPQIITTDNTFVSGNCDVVIGIVNNTVYDP
LQPELDSFKEELDKYFKNHTSPDVDLGDISGINASVVNIQKEIDRLNEVAKNLNESLIDLQELGKYEQYIKGSGRENLYF
QGGGGSGYIPEAPRDGQAYVRKDGEWVLLSTFLGHHHHHH
;
A,B,C
2 'polypeptide(L)'
;DIVLTQSPLSLPVTPGEPASISCRSSQSLLRSNGYNYLDWYLQKPGQSPHLLIYLGSNRASGVPDRFSGSGSGTDFTLKI
SRVEAEDVGVYYCMQALQTPYTFGQGTNLEIKRTVAAPSVFIFPPSDEQLKSGTASVVCLLNNFYPREAKVQWKVDNALQ
SGNSQESVTEQDSKDSTYSLSSTLTLSKADYEKHKVYACEVTHQGLSSPVTKSFNRGEC
;
E,L,G
3 'polypeptide(L)'
;EVQLVESGGGLVKPGGSLRLSCAASGFSFITYNMNWVRQAPGKGLEWVSSISSNILSSTSYIYYADSVKGRFTISRDDAA
NSLFLQMNSLRVEDTAQYYCARTRSRSVRNCTSATCPVDAFDLWGQGTMVIVSSASTKGPSVFPLAPSSKSTSGGTAALG
CLVKDYFPEPVTVSWNSGALTSGVHTFPAVLQSSGLYSLSSVVTVPSSSLGTQTYICNVNHKPSNTKVDKKVEPKSCD
;
F,H,D
#
loop_
_chem_comp.id
_chem_comp.type
_chem_comp.name
_chem_comp.formula
NAG D-saccharide, beta linking 2-acetamido-2-deoxy-beta-D-glucopyranose 'C8 H15 N O6'
#
# COMPACT_ATOMS: atom_id res chain seq x y z
N GLN A 1 -26.04 41.77 -17.07
CA GLN A 1 -27.05 42.75 -16.69
C GLN A 1 -28.32 42.09 -16.18
N CYS A 2 -28.71 42.43 -14.96
CA CYS A 2 -29.92 41.88 -14.34
C CYS A 2 -30.72 43.01 -13.70
N VAL A 3 -32.03 42.85 -13.72
CA VAL A 3 -32.95 43.85 -13.18
C VAL A 3 -33.97 43.14 -12.29
N ASN A 4 -34.28 43.74 -11.15
CA ASN A 4 -35.25 43.16 -10.24
C ASN A 4 -36.66 43.20 -10.85
N LEU A 5 -37.41 42.12 -10.65
CA LEU A 5 -38.76 41.99 -11.19
C LEU A 5 -39.73 41.65 -10.06
N THR A 6 -40.95 42.18 -10.15
CA THR A 6 -41.97 41.95 -9.14
C THR A 6 -43.28 41.44 -9.74
N THR A 7 -43.23 40.97 -10.98
CA THR A 7 -44.43 40.47 -11.66
C THR A 7 -44.67 38.99 -11.43
N ARG A 8 -43.84 38.33 -10.63
CA ARG A 8 -44.00 36.91 -10.37
C ARG A 8 -45.04 36.67 -9.28
N THR A 9 -45.97 35.75 -9.54
CA THR A 9 -46.99 35.39 -8.57
C THR A 9 -46.51 34.23 -7.70
N GLN A 10 -46.83 34.29 -6.42
CA GLN A 10 -46.41 33.27 -5.46
C GLN A 10 -47.43 32.15 -5.42
N LEU A 11 -46.98 30.92 -5.65
CA LEU A 11 -47.84 29.75 -5.63
C LEU A 11 -47.02 28.55 -5.18
N PRO A 12 -47.58 27.68 -4.34
CA PRO A 12 -46.83 26.49 -3.92
C PRO A 12 -46.61 25.55 -5.09
N PRO A 13 -45.49 24.83 -5.11
CA PRO A 13 -45.24 23.89 -6.21
C PRO A 13 -46.21 22.71 -6.17
N ALA A 14 -46.51 22.19 -7.36
CA ALA A 14 -47.36 21.02 -7.50
C ALA A 14 -46.53 19.75 -7.46
N TYR A 15 -47.18 18.63 -7.14
CA TYR A 15 -46.53 17.34 -7.05
C TYR A 15 -47.34 16.32 -7.82
N THR A 16 -46.70 15.65 -8.78
CA THR A 16 -47.29 14.56 -9.54
C THR A 16 -46.41 13.31 -9.40
N ASN A 17 -46.74 12.28 -10.16
CA ASN A 17 -46.09 10.99 -10.02
C ASN A 17 -45.19 10.69 -11.21
N SER A 18 -44.30 9.71 -11.01
CA SER A 18 -43.27 9.30 -11.96
C SER A 18 -43.34 7.80 -12.21
N PHE A 19 -44.54 7.32 -12.58
CA PHE A 19 -44.89 5.91 -12.68
C PHE A 19 -43.85 5.05 -13.39
N THR A 20 -43.59 5.33 -14.66
CA THR A 20 -42.72 4.49 -15.49
C THR A 20 -41.71 5.34 -16.24
N ARG A 21 -41.06 6.27 -15.55
CA ARG A 21 -40.05 7.13 -16.13
C ARG A 21 -38.79 7.10 -15.28
N GLY A 22 -37.64 7.29 -15.94
CA GLY A 22 -36.38 7.39 -15.23
C GLY A 22 -35.44 6.21 -15.43
N VAL A 23 -35.49 5.59 -16.61
CA VAL A 23 -34.63 4.46 -16.94
C VAL A 23 -33.81 4.83 -18.16
N TYR A 24 -32.49 4.66 -18.07
CA TYR A 24 -31.59 4.99 -19.16
C TYR A 24 -30.64 3.83 -19.46
N TYR A 25 -29.66 4.06 -20.32
CA TYR A 25 -28.65 3.05 -20.61
C TYR A 25 -27.53 3.16 -19.59
N PRO A 26 -27.26 2.12 -18.81
CA PRO A 26 -26.17 2.19 -17.81
C PRO A 26 -24.79 2.39 -18.42
N ASP A 27 -24.55 1.82 -19.60
CA ASP A 27 -23.25 1.92 -20.24
C ASP A 27 -23.45 1.64 -21.72
N LYS A 28 -22.40 1.87 -22.51
CA LYS A 28 -22.45 1.69 -23.95
C LYS A 28 -22.25 0.23 -24.38
N VAL A 29 -22.42 -0.72 -23.47
CA VAL A 29 -22.27 -2.14 -23.80
C VAL A 29 -23.51 -2.62 -24.52
N PHE A 30 -23.31 -3.19 -25.71
CA PHE A 30 -24.43 -3.76 -26.47
C PHE A 30 -24.83 -5.10 -25.87
N ARG A 31 -26.12 -5.27 -25.61
CA ARG A 31 -26.66 -6.52 -25.10
C ARG A 31 -27.90 -6.88 -25.91
N SER A 32 -28.00 -8.15 -26.29
CA SER A 32 -29.10 -8.64 -27.12
C SER A 32 -29.71 -9.89 -26.49
N SER A 33 -31.03 -9.86 -26.31
CA SER A 33 -31.82 -11.00 -25.84
C SER A 33 -31.31 -11.53 -24.49
N VAL A 34 -31.01 -10.61 -23.57
CA VAL A 34 -30.55 -10.97 -22.24
C VAL A 34 -31.19 -10.04 -21.22
N LEU A 35 -31.44 -10.58 -20.02
CA LEU A 35 -32.02 -9.81 -18.92
C LEU A 35 -30.86 -9.42 -17.99
N HIS A 36 -30.42 -8.18 -18.12
CA HIS A 36 -29.26 -7.68 -17.38
C HIS A 36 -29.70 -6.89 -16.15
N SER A 37 -28.89 -6.96 -15.10
CA SER A 37 -29.11 -6.23 -13.86
C SER A 37 -27.86 -5.48 -13.47
N THR A 38 -28.03 -4.25 -13.00
CA THR A 38 -26.90 -3.40 -12.62
C THR A 38 -27.32 -2.44 -11.52
N GLN A 39 -26.33 -1.90 -10.83
CA GLN A 39 -26.55 -0.99 -9.71
C GLN A 39 -25.98 0.39 -10.06
N ASP A 40 -26.87 1.31 -10.42
CA ASP A 40 -26.50 2.70 -10.70
C ASP A 40 -27.51 3.61 -10.02
N LEU A 41 -27.32 4.92 -10.19
CA LEU A 41 -28.24 5.90 -9.63
C LEU A 41 -29.44 6.03 -10.56
N PHE A 42 -30.61 5.60 -10.09
CA PHE A 42 -31.80 5.50 -10.91
C PHE A 42 -32.97 6.21 -10.25
N LEU A 43 -33.90 6.68 -11.08
CA LEU A 43 -35.15 7.23 -10.56
C LEU A 43 -36.07 6.09 -10.13
N PRO A 44 -36.52 6.06 -8.88
CA PRO A 44 -37.42 4.98 -8.46
C PRO A 44 -38.77 5.07 -9.15
N PHE A 45 -39.37 3.91 -9.38
CA PHE A 45 -40.71 3.86 -9.95
C PHE A 45 -41.75 4.26 -8.92
N PHE A 46 -42.82 4.91 -9.40
CA PHE A 46 -43.92 5.40 -8.56
C PHE A 46 -43.42 6.34 -7.48
N SER A 47 -42.47 7.20 -7.82
CA SER A 47 -41.85 8.12 -6.88
C SER A 47 -42.40 9.54 -7.09
N ASN A 48 -42.19 10.36 -6.07
CA ASN A 48 -42.66 11.74 -6.12
C ASN A 48 -41.77 12.57 -7.04
N VAL A 49 -42.41 13.35 -7.92
CA VAL A 49 -41.71 14.26 -8.81
C VAL A 49 -42.39 15.63 -8.72
N THR A 50 -41.59 16.68 -8.65
CA THR A 50 -42.10 18.03 -8.42
C THR A 50 -42.54 18.68 -9.72
N TRP A 51 -43.70 19.33 -9.71
CA TRP A 51 -44.30 19.92 -10.89
C TRP A 51 -44.33 21.44 -10.74
N PHE A 52 -43.91 22.14 -11.80
CA PHE A 52 -43.99 23.59 -11.87
C PHE A 52 -44.71 24.00 -13.14
N HIS A 53 -45.37 25.15 -13.09
CA HIS A 53 -46.14 25.66 -14.22
C HIS A 53 -45.66 27.06 -14.57
N VAL A 54 -45.41 27.30 -15.86
CA VAL A 54 -44.98 28.60 -16.37
C VAL A 54 -45.91 28.95 -17.52
N ILE A 55 -46.83 29.87 -17.29
CA ILE A 55 -47.75 30.32 -18.34
C ILE A 55 -47.54 31.81 -18.61
N LYS A 62 -50.34 34.57 -15.98
CA LYS A 62 -48.90 34.79 -15.97
C LYS A 62 -48.24 34.09 -14.80
N ARG A 63 -47.58 32.96 -15.10
CA ARG A 63 -46.88 32.17 -14.09
C ARG A 63 -45.39 32.19 -14.38
N PHE A 64 -44.60 32.45 -13.33
CA PHE A 64 -43.14 32.49 -13.44
C PHE A 64 -42.57 31.57 -12.37
N ASP A 65 -41.93 30.48 -12.80
CA ASP A 65 -41.41 29.46 -11.89
C ASP A 65 -39.95 29.19 -12.23
N ASN A 66 -39.05 29.94 -11.59
CA ASN A 66 -37.61 29.68 -11.66
C ASN A 66 -37.06 29.66 -10.24
N PRO A 67 -37.36 28.60 -9.46
CA PRO A 67 -36.94 28.58 -8.06
C PRO A 67 -35.51 28.07 -7.89
N VAL A 68 -35.08 27.92 -6.64
CA VAL A 68 -33.76 27.41 -6.31
C VAL A 68 -33.92 26.00 -5.78
N LEU A 69 -33.31 25.03 -6.46
CA LEU A 69 -33.39 23.63 -6.07
C LEU A 69 -32.00 23.05 -5.89
N PRO A 70 -31.79 22.24 -4.85
CA PRO A 70 -30.47 21.65 -4.63
C PRO A 70 -30.15 20.58 -5.67
N PHE A 71 -28.86 20.43 -5.95
CA PHE A 71 -28.37 19.40 -6.86
C PHE A 71 -27.92 18.21 -6.02
N ASN A 72 -28.76 17.18 -5.98
CA ASN A 72 -28.47 15.98 -5.20
C ASN A 72 -27.52 15.07 -5.98
N ASP A 73 -27.38 13.82 -5.52
CA ASP A 73 -26.50 12.87 -6.20
C ASP A 73 -26.99 12.57 -7.61
N GLY A 74 -28.30 12.47 -7.79
CA GLY A 74 -28.87 12.29 -9.11
C GLY A 74 -30.13 13.12 -9.30
N VAL A 75 -30.36 13.63 -10.50
CA VAL A 75 -31.52 14.45 -10.81
C VAL A 75 -32.14 13.98 -12.12
N TYR A 76 -33.44 14.21 -12.25
CA TYR A 76 -34.20 13.86 -13.44
C TYR A 76 -35.01 15.07 -13.87
N PHE A 77 -34.92 15.42 -15.15
CA PHE A 77 -35.61 16.58 -15.69
C PHE A 77 -36.58 16.13 -16.78
N ALA A 78 -37.85 16.53 -16.63
CA ALA A 78 -38.88 16.26 -17.61
C ALA A 78 -39.69 17.53 -17.83
N SER A 79 -40.27 17.66 -19.03
CA SER A 79 -41.01 18.87 -19.37
C SER A 79 -41.90 18.61 -20.56
N ILE A 80 -43.10 19.18 -20.53
CA ILE A 80 -43.93 19.29 -21.73
C ILE A 80 -43.52 20.55 -22.48
N GLU A 81 -43.19 20.39 -23.76
CA GLU A 81 -42.52 21.45 -24.51
C GLU A 81 -43.28 21.76 -25.79
N LYS A 82 -43.41 23.05 -26.08
CA LYS A 82 -43.93 23.51 -27.37
C LYS A 82 -43.33 24.88 -27.66
N SER A 83 -43.05 25.13 -28.95
CA SER A 83 -42.50 26.38 -29.46
C SER A 83 -41.13 26.71 -28.88
N ASN A 84 -40.40 25.69 -28.39
CA ASN A 84 -39.01 25.81 -27.95
C ASN A 84 -38.84 26.87 -26.86
N ILE A 85 -39.66 26.75 -25.81
CA ILE A 85 -39.59 27.72 -24.71
C ILE A 85 -38.32 27.54 -23.89
N ILE A 86 -37.96 26.29 -23.58
CA ILE A 86 -36.81 26.03 -22.73
C ILE A 86 -35.52 26.35 -23.47
N ARG A 87 -34.49 26.73 -22.72
CA ARG A 87 -33.21 27.12 -23.30
C ARG A 87 -32.02 26.35 -22.73
N GLY A 88 -32.00 26.10 -21.43
CA GLY A 88 -30.86 25.43 -20.83
C GLY A 88 -30.97 25.38 -19.32
N TRP A 89 -29.83 25.18 -18.66
CA TRP A 89 -29.77 25.03 -17.22
C TRP A 89 -28.52 25.72 -16.67
N ILE A 90 -28.52 25.91 -15.35
CA ILE A 90 -27.37 26.47 -14.64
C ILE A 90 -26.95 25.47 -13.57
N PHE A 91 -25.65 25.21 -13.48
CA PHE A 91 -25.11 24.35 -12.43
C PHE A 91 -23.96 25.06 -11.74
N GLY A 92 -23.91 24.93 -10.41
CA GLY A 92 -22.87 25.57 -9.64
C GLY A 92 -23.09 25.37 -8.16
N THR A 93 -22.22 25.98 -7.37
CA THR A 93 -22.31 25.92 -5.91
C THR A 93 -22.91 27.20 -5.32
N THR A 94 -22.32 28.36 -5.62
CA THR A 94 -22.82 29.63 -5.12
C THR A 94 -23.25 30.57 -6.23
N LEU A 95 -23.12 30.17 -7.50
CA LEU A 95 -23.57 30.93 -8.67
C LEU A 95 -22.92 32.32 -8.71
N ASP A 96 -21.59 32.35 -8.57
CA ASP A 96 -20.84 33.59 -8.66
C ASP A 96 -19.45 33.27 -9.22
N SER A 97 -18.57 34.26 -9.18
CA SER A 97 -17.20 34.09 -9.66
C SER A 97 -16.26 33.48 -8.63
N LYS A 98 -16.75 33.25 -7.41
CA LYS A 98 -15.90 32.66 -6.37
C LYS A 98 -15.56 31.20 -6.70
N THR A 99 -16.54 30.44 -7.17
CA THR A 99 -16.37 29.03 -7.48
C THR A 99 -16.73 28.77 -8.94
N GLN A 100 -16.28 27.62 -9.44
CA GLN A 100 -16.55 27.24 -10.81
C GLN A 100 -18.01 26.81 -10.97
N SER A 101 -18.61 27.17 -12.09
CA SER A 101 -20.01 26.88 -12.37
C SER A 101 -20.17 26.36 -13.79
N LEU A 102 -21.23 25.60 -14.00
CA LEU A 102 -21.54 25.03 -15.31
C LEU A 102 -22.81 25.66 -15.86
N LEU A 103 -22.73 26.18 -17.08
CA LEU A 103 -23.85 26.84 -17.73
C LEU A 103 -24.05 26.22 -19.11
N ILE A 104 -25.30 25.85 -19.41
CA ILE A 104 -25.66 25.30 -20.70
C ILE A 104 -26.68 26.24 -21.35
N VAL A 105 -26.35 26.73 -22.54
CA VAL A 105 -27.22 27.63 -23.29
C VAL A 105 -27.43 27.06 -24.69
N ASN A 106 -28.62 27.27 -25.24
CA ASN A 106 -28.98 26.73 -26.55
C ASN A 106 -29.90 27.74 -27.22
N ASN A 107 -29.34 28.56 -28.11
CA ASN A 107 -30.14 29.52 -28.87
C ASN A 107 -30.61 28.87 -30.16
N ALA A 108 -31.12 29.69 -31.09
CA ALA A 108 -31.82 29.20 -32.27
C ALA A 108 -30.91 28.47 -33.27
N THR A 109 -29.59 28.55 -33.12
CA THR A 109 -28.69 27.95 -34.09
C THR A 109 -27.81 26.83 -33.54
N ASN A 110 -27.46 26.85 -32.26
CA ASN A 110 -26.57 25.84 -31.70
C ASN A 110 -26.72 25.83 -30.19
N VAL A 111 -26.17 24.79 -29.57
CA VAL A 111 -26.12 24.66 -28.12
C VAL A 111 -24.67 24.84 -27.68
N VAL A 112 -24.46 25.65 -26.65
CA VAL A 112 -23.13 25.94 -26.12
C VAL A 112 -23.08 25.50 -24.66
N ILE A 113 -22.09 24.70 -24.33
CA ILE A 113 -21.85 24.25 -22.95
C ILE A 113 -20.65 25.03 -22.43
N LYS A 114 -20.88 25.83 -21.39
CA LYS A 114 -19.86 26.73 -20.86
C LYS A 114 -19.66 26.42 -19.38
N VAL A 115 -18.44 26.05 -19.01
CA VAL A 115 -18.05 25.93 -17.61
C VAL A 115 -17.05 27.04 -17.30
N CYS A 116 -17.38 27.86 -16.31
CA CYS A 116 -16.59 29.03 -15.93
C CYS A 116 -17.13 29.58 -14.63
N GLU A 117 -16.40 30.55 -14.07
CA GLU A 117 -16.83 31.24 -12.84
C GLU A 117 -17.71 32.43 -13.22
N PHE A 118 -18.88 32.10 -13.77
CA PHE A 118 -19.82 33.11 -14.23
C PHE A 118 -20.49 33.79 -13.03
N GLN A 119 -20.67 35.11 -13.16
CA GLN A 119 -21.36 35.90 -12.13
C GLN A 119 -22.85 35.86 -12.42
N PHE A 120 -23.56 34.99 -11.69
CA PHE A 120 -24.99 34.80 -11.88
C PHE A 120 -25.76 35.64 -10.86
N CYS A 121 -26.78 36.35 -11.34
CA CYS A 121 -27.60 37.18 -10.47
C CYS A 121 -28.70 36.32 -9.82
N ASN A 122 -29.66 36.97 -9.17
CA ASN A 122 -30.70 36.25 -8.46
C ASN A 122 -31.87 35.84 -9.35
N ASP A 123 -31.92 36.32 -10.59
CA ASP A 123 -33.00 35.98 -11.51
C ASP A 123 -32.49 36.05 -12.95
N PRO A 124 -31.75 35.04 -13.40
CA PRO A 124 -31.33 35.00 -14.80
C PRO A 124 -32.52 34.64 -15.70
N PHE A 125 -32.48 35.18 -16.92
CA PHE A 125 -33.52 34.90 -17.91
C PHE A 125 -32.96 35.19 -19.30
N LEU A 126 -33.73 34.79 -20.30
CA LEU A 126 -33.36 34.98 -21.70
C LEU A 126 -34.55 35.56 -22.46
N ASP A 127 -34.24 36.31 -23.52
CA ASP A 127 -35.27 36.94 -24.33
C ASP A 127 -35.12 36.56 -25.80
N MET A 135 -38.26 36.30 -31.72
CA MET A 135 -36.84 36.02 -31.96
C MET A 135 -35.98 36.50 -30.79
N GLU A 136 -34.95 35.73 -30.47
CA GLU A 136 -34.06 36.08 -29.36
C GLU A 136 -33.07 37.16 -29.82
N SER A 137 -33.11 38.31 -29.15
CA SER A 137 -32.22 39.42 -29.46
C SER A 137 -31.60 40.03 -28.21
N GLU A 138 -31.66 39.31 -27.07
CA GLU A 138 -31.10 39.81 -25.83
C GLU A 138 -30.46 38.65 -25.09
N PHE A 139 -29.22 38.85 -24.61
CA PHE A 139 -28.47 37.81 -23.92
C PHE A 139 -27.94 38.40 -22.61
N ARG A 140 -28.67 38.18 -21.53
CA ARG A 140 -28.34 38.71 -20.20
C ARG A 140 -28.50 37.58 -19.19
N VAL A 141 -27.45 36.77 -19.01
CA VAL A 141 -27.49 35.68 -18.04
C VAL A 141 -26.32 35.77 -17.05
N TYR A 142 -25.11 36.05 -17.52
CA TYR A 142 -23.97 36.23 -16.63
C TYR A 142 -23.40 37.64 -16.76
N SER A 143 -22.33 37.88 -16.02
CA SER A 143 -21.68 39.19 -16.01
C SER A 143 -20.19 39.14 -16.29
N SER A 144 -19.49 38.11 -15.84
CA SER A 144 -18.04 38.04 -15.98
C SER A 144 -17.61 36.59 -16.17
N ALA A 145 -16.39 36.43 -16.67
CA ALA A 145 -15.80 35.11 -16.90
C ALA A 145 -14.29 35.27 -16.86
N ASN A 146 -13.65 34.72 -15.83
CA ASN A 146 -12.23 34.95 -15.60
C ASN A 146 -11.39 33.67 -15.69
N ASN A 147 -11.74 32.63 -14.95
CA ASN A 147 -10.90 31.45 -14.80
C ASN A 147 -11.61 30.25 -15.42
N CYS A 148 -11.38 30.03 -16.71
CA CYS A 148 -11.91 28.89 -17.44
C CYS A 148 -11.15 28.73 -18.75
N THR A 149 -10.99 27.48 -19.17
CA THR A 149 -10.28 27.16 -20.41
C THR A 149 -11.03 26.21 -21.34
N PHE A 150 -12.16 25.64 -20.92
CA PHE A 150 -12.89 24.66 -21.70
C PHE A 150 -14.13 25.29 -22.30
N GLU A 151 -14.27 25.20 -23.62
CA GLU A 151 -15.43 25.71 -24.34
C GLU A 151 -15.83 24.70 -25.40
N TYR A 152 -17.13 24.45 -25.51
CA TYR A 152 -17.64 23.44 -26.43
C TYR A 152 -18.95 23.91 -27.05
N VAL A 153 -19.14 23.56 -28.32
CA VAL A 153 -20.39 23.80 -29.05
C VAL A 153 -20.77 22.51 -29.77
N SER A 154 -22.05 22.41 -30.11
CA SER A 154 -22.58 21.20 -30.73
C SER A 154 -23.86 21.55 -31.48
N GLN A 155 -24.39 20.54 -32.18
CA GLN A 155 -25.68 20.68 -32.86
C GLN A 155 -26.78 20.89 -31.82
N PRO A 156 -27.70 21.83 -32.06
CA PRO A 156 -28.74 22.10 -31.06
C PRO A 156 -29.66 20.90 -30.85
N PHE A 157 -30.03 20.69 -29.58
CA PHE A 157 -30.83 19.53 -29.23
C PHE A 157 -32.30 19.71 -29.60
N LEU A 158 -32.81 20.93 -29.49
CA LEU A 158 -34.22 21.21 -29.80
C LEU A 158 -34.41 21.38 -31.30
N ASN A 167 -51.70 23.21 -27.63
CA ASN A 167 -51.66 21.76 -27.54
C ASN A 167 -50.21 21.26 -27.49
N PHE A 168 -49.91 20.45 -26.48
CA PHE A 168 -48.57 19.89 -26.34
C PHE A 168 -48.31 18.86 -27.43
N LYS A 169 -47.09 18.89 -27.97
CA LYS A 169 -46.72 17.97 -29.05
C LYS A 169 -45.33 17.37 -28.90
N ASN A 170 -44.58 17.73 -27.86
CA ASN A 170 -43.22 17.23 -27.72
C ASN A 170 -42.89 17.11 -26.23
N LEU A 171 -42.05 16.12 -25.91
CA LEU A 171 -41.62 15.86 -24.55
C LEU A 171 -40.11 15.80 -24.49
N ARG A 172 -39.52 16.38 -23.44
CA ARG A 172 -38.08 16.39 -23.24
C ARG A 172 -37.75 15.70 -21.93
N GLU A 173 -36.79 14.78 -21.97
CA GLU A 173 -36.34 14.05 -20.79
C GLU A 173 -34.84 14.21 -20.64
N PHE A 174 -34.39 14.65 -19.47
CA PHE A 174 -32.98 14.87 -19.21
C PHE A 174 -32.63 14.34 -17.82
N VAL A 175 -31.42 13.80 -17.69
CA VAL A 175 -30.84 13.44 -16.40
C VAL A 175 -29.40 13.92 -16.37
N PHE A 176 -28.97 14.42 -15.22
CA PHE A 176 -27.62 14.92 -15.03
C PHE A 176 -26.93 14.08 -13.95
N LYS A 177 -25.72 13.62 -14.24
CA LYS A 177 -25.00 12.70 -13.39
C LYS A 177 -23.56 13.15 -13.22
N ASN A 178 -22.94 12.73 -12.11
CA ASN A 178 -21.56 13.14 -11.80
C ASN A 178 -20.89 12.01 -11.03
N ILE A 179 -20.09 11.21 -11.72
CA ILE A 179 -19.30 10.13 -11.12
C ILE A 179 -17.87 10.28 -11.62
N ASP A 180 -16.91 10.12 -10.71
CA ASP A 180 -15.46 10.18 -10.96
C ASP A 180 -15.06 11.40 -11.80
N GLY A 181 -15.68 12.54 -11.49
CA GLY A 181 -15.38 13.76 -12.19
C GLY A 181 -15.79 13.79 -13.65
N TYR A 182 -16.91 13.17 -13.99
CA TYR A 182 -17.44 13.16 -15.34
C TYR A 182 -18.91 13.54 -15.31
N PHE A 183 -19.29 14.50 -16.15
CA PHE A 183 -20.68 14.95 -16.24
C PHE A 183 -21.33 14.29 -17.45
N LYS A 184 -22.37 13.51 -17.22
CA LYS A 184 -23.05 12.75 -18.25
C LYS A 184 -24.39 13.40 -18.57
N ILE A 185 -24.65 13.61 -19.86
CA ILE A 185 -25.90 14.19 -20.33
C ILE A 185 -26.62 13.14 -21.16
N TYR A 186 -27.80 12.73 -20.71
CA TYR A 186 -28.63 11.78 -21.42
C TYR A 186 -29.92 12.48 -21.84
N SER A 187 -30.27 12.39 -23.12
CA SER A 187 -31.42 13.10 -23.65
C SER A 187 -32.25 12.16 -24.53
N LYS A 188 -33.55 12.46 -24.60
CA LYS A 188 -34.46 11.71 -25.45
C LYS A 188 -35.67 12.58 -25.75
N HIS A 189 -36.07 12.65 -27.01
CA HIS A 189 -37.23 13.40 -27.45
C HIS A 189 -38.31 12.43 -27.89
N THR A 190 -39.50 12.54 -27.29
CA THR A 190 -40.61 11.63 -27.56
C THR A 190 -41.84 12.47 -27.90
N PRO A 191 -42.02 12.84 -29.17
CA PRO A 191 -43.22 13.57 -29.56
C PRO A 191 -44.46 12.70 -29.43
N ILE A 192 -45.58 13.34 -29.10
CA ILE A 192 -46.85 12.63 -28.94
C ILE A 192 -47.93 13.30 -29.77
N ASP A 199 -50.33 16.71 -17.17
CA ASP A 199 -49.86 15.54 -16.43
C ASP A 199 -48.84 14.75 -17.23
N LEU A 200 -48.01 13.99 -16.53
CA LEU A 200 -47.00 13.16 -17.20
C LEU A 200 -47.69 12.02 -17.93
N PRO A 201 -47.34 11.78 -19.20
CA PRO A 201 -47.96 10.69 -19.94
C PRO A 201 -47.57 9.32 -19.39
N GLN A 202 -48.47 8.36 -19.57
CA GLN A 202 -48.25 7.00 -19.10
C GLN A 202 -47.60 6.17 -20.19
N GLY A 203 -46.49 5.54 -19.87
CA GLY A 203 -45.76 4.73 -20.83
C GLY A 203 -44.31 4.62 -20.43
N PHE A 204 -43.56 3.87 -21.25
CA PHE A 204 -42.14 3.65 -21.04
C PHE A 204 -41.38 3.92 -22.32
N SER A 205 -40.21 4.55 -22.19
CA SER A 205 -39.37 4.85 -23.34
C SER A 205 -37.91 4.81 -22.91
N ALA A 206 -37.04 4.56 -23.88
CA ALA A 206 -35.61 4.52 -23.62
C ALA A 206 -35.05 5.92 -23.46
N LEU A 207 -33.86 6.00 -22.85
CA LEU A 207 -33.16 7.26 -22.63
C LEU A 207 -31.72 7.08 -23.11
N GLU A 208 -31.49 7.34 -24.40
CA GLU A 208 -30.18 7.16 -24.97
C GLU A 208 -29.22 8.25 -24.50
N PRO A 209 -27.94 7.92 -24.35
CA PRO A 209 -26.95 8.95 -23.98
C PRO A 209 -26.73 9.95 -25.11
N LEU A 210 -26.36 11.16 -24.71
CA LEU A 210 -26.19 12.26 -25.65
C LEU A 210 -24.74 12.73 -25.73
N VAL A 211 -24.13 13.12 -24.62
CA VAL A 211 -22.77 13.64 -24.62
C VAL A 211 -22.19 13.45 -23.22
N ASP A 212 -20.87 13.30 -23.14
CA ASP A 212 -20.15 13.16 -21.89
C ASP A 212 -19.07 14.21 -21.80
N LEU A 213 -18.93 14.83 -20.62
CA LEU A 213 -17.98 15.91 -20.42
C LEU A 213 -17.15 15.63 -19.17
N PRO A 214 -15.81 15.66 -19.25
CA PRO A 214 -14.95 15.48 -18.07
C PRO A 214 -14.67 16.80 -17.36
N ILE A 215 -15.67 17.31 -16.65
CA ILE A 215 -15.56 18.59 -15.98
C ILE A 215 -14.91 18.41 -14.61
N GLY A 216 -15.56 17.64 -13.74
CA GLY A 216 -15.01 17.38 -12.42
C GLY A 216 -15.04 18.59 -11.50
N ILE A 217 -16.24 19.07 -11.16
CA ILE A 217 -16.43 20.20 -10.28
C ILE A 217 -17.42 19.82 -9.19
N ASN A 218 -17.70 20.78 -8.31
CA ASN A 218 -18.65 20.60 -7.22
C ASN A 218 -19.92 21.39 -7.53
N ILE A 219 -21.05 20.71 -7.56
CA ILE A 219 -22.34 21.32 -7.83
C ILE A 219 -23.26 21.08 -6.64
N THR A 220 -23.83 22.16 -6.11
CA THR A 220 -24.72 22.09 -4.95
C THR A 220 -26.17 22.39 -5.29
N ARG A 221 -26.44 23.46 -6.03
CA ARG A 221 -27.78 23.83 -6.44
C ARG A 221 -27.79 24.15 -7.93
N PHE A 222 -28.93 23.92 -8.57
CA PHE A 222 -29.04 24.08 -10.01
C PHE A 222 -30.26 24.90 -10.37
N GLN A 223 -30.15 25.65 -11.46
CA GLN A 223 -31.21 26.49 -11.99
C GLN A 223 -31.50 26.10 -13.44
N THR A 224 -32.33 26.89 -14.11
CA THR A 224 -32.69 26.62 -15.50
C THR A 224 -32.97 27.94 -16.21
N LEU A 225 -32.93 27.88 -17.54
CA LEU A 225 -33.24 29.03 -18.38
C LEU A 225 -34.68 28.94 -18.89
N LEU A 226 -35.27 30.10 -19.15
CA LEU A 226 -36.60 30.19 -19.74
C LEU A 226 -36.65 31.40 -20.66
N ALA A 227 -36.96 31.16 -21.93
CA ALA A 227 -37.04 32.25 -22.90
C ALA A 227 -38.31 33.08 -22.70
N LEU A 228 -38.18 34.38 -22.89
CA LEU A 228 -39.30 35.31 -22.74
C LEU A 228 -39.59 35.97 -24.08
N HIS A 229 -40.87 36.00 -24.45
CA HIS A 229 -41.31 36.60 -25.71
C HIS A 229 -41.78 38.02 -25.45
N ARG A 230 -41.30 38.96 -26.25
CA ARG A 230 -41.65 40.37 -26.12
C ARG A 230 -42.57 40.77 -27.27
N SER A 231 -43.69 41.40 -26.92
CA SER A 231 -44.66 41.83 -27.92
C SER A 231 -45.02 43.30 -27.74
N GLY A 241 -43.00 43.86 -19.04
CA GLY A 241 -43.95 43.73 -20.13
C GLY A 241 -43.59 42.63 -21.11
N TRP A 242 -43.43 41.41 -20.58
CA TRP A 242 -43.08 40.24 -21.39
C TRP A 242 -44.20 39.21 -21.30
N THR A 243 -44.49 38.58 -22.43
CA THR A 243 -45.54 37.58 -22.53
C THR A 243 -44.90 36.19 -22.60
N ALA A 244 -45.35 35.28 -21.74
CA ALA A 244 -44.83 33.92 -21.68
C ALA A 244 -45.95 32.94 -22.01
N GLY A 245 -45.66 31.98 -22.90
CA GLY A 245 -46.63 30.98 -23.26
C GLY A 245 -46.79 29.91 -22.18
N ALA A 246 -47.80 29.06 -22.39
CA ALA A 246 -48.08 28.00 -21.44
C ALA A 246 -47.00 26.92 -21.52
N ALA A 247 -46.42 26.58 -20.38
CA ALA A 247 -45.37 25.56 -20.31
C ALA A 247 -45.32 24.99 -18.91
N ALA A 248 -44.67 23.84 -18.79
CA ALA A 248 -44.51 23.18 -17.51
C ALA A 248 -43.29 22.27 -17.58
N TYR A 249 -42.74 21.95 -16.41
CA TYR A 249 -41.60 21.05 -16.34
C TYR A 249 -41.63 20.30 -15.02
N TYR A 250 -40.94 19.16 -14.99
CA TYR A 250 -40.88 18.28 -13.83
C TYR A 250 -39.43 18.09 -13.42
N VAL A 251 -39.19 18.02 -12.11
CA VAL A 251 -37.86 17.76 -11.57
C VAL A 251 -37.95 16.65 -10.53
N GLY A 252 -37.05 15.67 -10.64
CA GLY A 252 -37.02 14.57 -9.71
C GLY A 252 -35.59 14.22 -9.34
N TYR A 253 -35.45 13.34 -8.35
CA TYR A 253 -34.15 12.96 -7.82
C TYR A 253 -33.98 11.45 -7.89
N LEU A 254 -32.84 11.00 -8.39
CA LEU A 254 -32.56 9.58 -8.54
C LEU A 254 -32.12 8.97 -7.21
N GLN A 255 -32.12 7.64 -7.17
CA GLN A 255 -31.71 6.87 -5.99
C GLN A 255 -30.81 5.73 -6.43
N PRO A 256 -29.70 5.49 -5.71
CA PRO A 256 -28.78 4.40 -6.11
C PRO A 256 -29.32 3.01 -5.79
N ARG A 257 -30.37 2.62 -6.51
CA ARG A 257 -30.98 1.31 -6.36
C ARG A 257 -30.56 0.42 -7.52
N THR A 258 -31.18 -0.76 -7.62
CA THR A 258 -30.87 -1.74 -8.65
C THR A 258 -32.10 -2.00 -9.51
N PHE A 259 -31.90 -2.02 -10.82
CA PHE A 259 -32.94 -2.39 -11.78
C PHE A 259 -32.55 -3.66 -12.52
N LEU A 260 -33.56 -4.34 -13.06
CA LEU A 260 -33.39 -5.47 -13.95
C LEU A 260 -33.82 -5.03 -15.34
N LEU A 261 -32.85 -4.84 -16.24
CA LEU A 261 -33.13 -4.28 -17.55
C LEU A 261 -33.34 -5.40 -18.57
N LYS A 262 -34.19 -5.10 -19.55
CA LYS A 262 -34.53 -6.04 -20.62
C LYS A 262 -33.95 -5.54 -21.93
N TYR A 263 -33.24 -6.41 -22.64
CA TYR A 263 -32.66 -6.11 -23.94
C TYR A 263 -33.31 -6.98 -24.99
N ASN A 264 -33.76 -6.35 -26.08
CA ASN A 264 -34.39 -7.08 -27.17
C ASN A 264 -33.32 -7.54 -28.16
N GLU A 265 -33.76 -8.03 -29.33
CA GLU A 265 -32.80 -8.47 -30.35
C GLU A 265 -32.11 -7.31 -31.03
N ASN A 266 -32.66 -6.09 -30.94
CA ASN A 266 -32.05 -4.91 -31.54
C ASN A 266 -31.17 -4.14 -30.57
N GLY A 267 -31.09 -4.56 -29.31
CA GLY A 267 -30.21 -3.92 -28.35
C GLY A 267 -30.74 -2.67 -27.71
N THR A 268 -32.04 -2.39 -27.83
CA THR A 268 -32.65 -1.22 -27.21
C THR A 268 -33.47 -1.63 -26.00
N ILE A 269 -33.61 -0.70 -25.05
CA ILE A 269 -34.33 -0.97 -23.82
C ILE A 269 -35.83 -0.91 -24.09
N THR A 270 -36.54 -1.99 -23.77
CA THR A 270 -37.98 -2.06 -23.97
C THR A 270 -38.77 -2.12 -22.67
N ASP A 271 -38.19 -2.64 -21.59
CA ASP A 271 -38.88 -2.73 -20.31
C ASP A 271 -37.85 -2.66 -19.19
N ALA A 272 -38.34 -2.29 -18.00
CA ALA A 272 -37.49 -2.21 -16.82
C ALA A 272 -38.34 -2.48 -15.59
N VAL A 273 -37.76 -3.22 -14.64
CA VAL A 273 -38.46 -3.61 -13.41
C VAL A 273 -37.58 -3.26 -12.22
N ASP A 274 -38.13 -2.48 -11.29
CA ASP A 274 -37.41 -2.14 -10.07
C ASP A 274 -37.26 -3.37 -9.17
N CYS A 275 -36.16 -3.41 -8.42
CA CYS A 275 -35.89 -4.52 -7.51
C CYS A 275 -36.31 -4.22 -6.07
N ALA A 276 -36.85 -3.04 -5.79
CA ALA A 276 -37.24 -2.68 -4.43
C ALA A 276 -38.56 -1.92 -4.40
N LEU A 277 -39.42 -2.14 -5.39
CA LEU A 277 -40.72 -1.48 -5.46
C LEU A 277 -41.83 -2.34 -4.86
N ASP A 278 -42.02 -3.54 -5.38
CA ASP A 278 -43.05 -4.46 -4.93
C ASP A 278 -42.44 -5.83 -4.64
N PRO A 279 -43.07 -6.61 -3.76
CA PRO A 279 -42.59 -7.99 -3.54
C PRO A 279 -42.56 -8.84 -4.80
N LEU A 280 -43.55 -8.68 -5.69
CA LEU A 280 -43.50 -9.36 -6.98
C LEU A 280 -42.32 -8.87 -7.81
N SER A 281 -42.06 -7.57 -7.78
CA SER A 281 -40.90 -7.03 -8.48
C SER A 281 -39.60 -7.51 -7.85
N GLU A 282 -39.57 -7.66 -6.53
CA GLU A 282 -38.39 -8.20 -5.86
C GLU A 282 -38.14 -9.65 -6.26
N THR A 283 -39.20 -10.45 -6.36
CA THR A 283 -39.04 -11.83 -6.82
C THR A 283 -38.62 -11.89 -8.28
N LYS A 284 -39.14 -10.98 -9.11
CA LYS A 284 -38.70 -10.91 -10.50
C LYS A 284 -37.22 -10.56 -10.61
N CYS A 285 -36.76 -9.63 -9.78
CA CYS A 285 -35.34 -9.30 -9.75
C CYS A 285 -34.49 -10.48 -9.25
N THR A 286 -34.99 -11.20 -8.24
CA THR A 286 -34.24 -12.33 -7.70
C THR A 286 -34.17 -13.48 -8.70
N LEU A 287 -35.29 -13.79 -9.37
CA LEU A 287 -35.34 -14.88 -10.33
C LEU A 287 -34.76 -14.50 -11.68
N LYS A 288 -34.39 -13.23 -11.88
CA LYS A 288 -33.80 -12.73 -13.13
C LYS A 288 -34.71 -13.00 -14.33
N SER A 289 -36.01 -12.84 -14.12
CA SER A 289 -36.99 -13.02 -15.19
C SER A 289 -38.19 -12.14 -14.91
N PHE A 290 -38.94 -11.84 -15.97
CA PHE A 290 -40.12 -10.99 -15.86
C PHE A 290 -41.39 -11.75 -15.49
N THR A 291 -41.33 -13.08 -15.45
CA THR A 291 -42.46 -13.91 -15.04
C THR A 291 -42.01 -14.88 -13.98
N VAL A 292 -42.96 -15.30 -13.14
CA VAL A 292 -42.69 -16.20 -12.04
C VAL A 292 -43.71 -17.34 -12.05
N GLU A 293 -43.29 -18.48 -11.55
CA GLU A 293 -44.16 -19.65 -11.44
C GLU A 293 -44.91 -19.60 -10.11
N LYS A 294 -46.09 -20.22 -10.10
CA LYS A 294 -46.96 -20.23 -8.92
C LYS A 294 -46.26 -21.01 -7.80
N GLY A 295 -45.90 -20.29 -6.73
CA GLY A 295 -45.21 -20.93 -5.62
C GLY A 295 -44.76 -19.89 -4.61
N ILE A 296 -43.80 -20.29 -3.78
CA ILE A 296 -43.24 -19.43 -2.74
C ILE A 296 -41.75 -19.28 -3.01
N TYR A 297 -41.25 -18.05 -2.89
CA TYR A 297 -39.85 -17.74 -3.10
C TYR A 297 -39.33 -16.86 -1.97
N GLN A 298 -38.14 -17.18 -1.48
CA GLN A 298 -37.45 -16.37 -0.49
C GLN A 298 -36.45 -15.48 -1.20
N THR A 299 -36.62 -14.16 -1.08
CA THR A 299 -35.82 -13.22 -1.83
C THR A 299 -34.95 -12.30 -0.99
N SER A 300 -35.32 -12.02 0.26
CA SER A 300 -34.57 -11.10 1.09
C SER A 300 -34.91 -11.36 2.55
N ASN A 301 -34.49 -10.45 3.43
CA ASN A 301 -34.79 -10.51 4.85
C ASN A 301 -34.94 -9.08 5.36
N PHE A 302 -34.97 -8.91 6.68
CA PHE A 302 -35.06 -7.60 7.29
C PHE A 302 -34.13 -7.50 8.48
N ARG A 303 -33.69 -6.28 8.77
CA ARG A 303 -32.90 -5.97 9.94
C ARG A 303 -33.64 -4.95 10.81
N VAL A 304 -32.96 -4.47 11.84
CA VAL A 304 -33.55 -3.51 12.78
C VAL A 304 -32.56 -2.35 12.98
N GLN A 305 -33.11 -1.13 13.03
CA GLN A 305 -32.32 0.08 13.27
C GLN A 305 -33.23 1.21 13.75
N PRO A 306 -33.77 1.12 14.98
CA PRO A 306 -34.65 2.19 15.47
C PRO A 306 -33.92 3.47 15.82
N THR A 307 -32.86 3.36 16.63
CA THR A 307 -32.24 4.51 17.27
C THR A 307 -30.73 4.29 17.32
N GLU A 308 -29.98 5.39 17.39
CA GLU A 308 -28.53 5.37 17.41
C GLU A 308 -28.01 4.68 18.66
N SER A 309 -26.75 4.22 18.59
CA SER A 309 -26.11 3.45 19.64
C SER A 309 -25.99 4.23 20.95
N ILE A 310 -25.63 3.50 22.01
CA ILE A 310 -25.62 4.05 23.37
C ILE A 310 -24.36 3.59 24.09
N VAL A 311 -24.06 4.28 25.20
CA VAL A 311 -22.91 4.01 26.05
C VAL A 311 -23.40 3.76 27.46
N ARG A 312 -22.82 2.76 28.13
CA ARG A 312 -23.34 2.25 29.40
C ARG A 312 -22.63 2.83 30.62
N PHE A 313 -22.19 4.09 30.55
CA PHE A 313 -21.55 4.80 31.66
C PHE A 313 -20.35 4.06 32.25
N PRO A 314 -19.22 3.95 31.54
CA PRO A 314 -18.05 3.29 32.13
C PRO A 314 -17.37 4.16 33.16
N ASN A 315 -17.50 3.83 34.45
CA ASN A 315 -16.97 4.64 35.52
C ASN A 315 -15.91 3.85 36.31
N ILE A 316 -14.91 4.58 36.80
CA ILE A 316 -13.87 3.99 37.64
C ILE A 316 -13.73 4.70 38.99
N THR A 317 -14.22 5.93 39.13
CA THR A 317 -14.22 6.71 40.38
C THR A 317 -12.79 6.91 40.89
N ASN A 318 -12.04 7.67 40.10
CA ASN A 318 -10.67 8.05 40.44
C ASN A 318 -10.52 9.56 40.31
N LEU A 319 -9.57 10.10 41.07
CA LEU A 319 -9.32 11.54 41.04
C LEU A 319 -7.90 11.82 41.49
N CYS A 320 -7.33 12.91 40.97
CA CYS A 320 -6.02 13.41 41.34
C CYS A 320 -6.13 14.73 42.08
N PRO A 321 -5.15 15.08 42.91
CA PRO A 321 -5.20 16.38 43.60
C PRO A 321 -4.89 17.56 42.69
N PHE A 322 -5.76 17.78 41.68
CA PHE A 322 -5.64 18.98 40.87
C PHE A 322 -5.91 20.24 41.69
N ASP A 323 -6.89 20.15 42.60
CA ASP A 323 -7.21 21.27 43.49
C ASP A 323 -6.13 21.51 44.52
N GLU A 324 -5.21 20.56 44.72
CA GLU A 324 -4.09 20.75 45.63
C GLU A 324 -2.80 21.16 44.93
N VAL A 325 -2.75 21.09 43.60
CA VAL A 325 -1.59 21.55 42.87
C VAL A 325 -1.84 22.89 42.17
N PHE A 326 -3.10 23.21 41.85
CA PHE A 326 -3.44 24.49 41.24
C PHE A 326 -3.86 25.54 42.25
N ASN A 327 -4.62 25.16 43.27
CA ASN A 327 -5.02 26.08 44.33
C ASN A 327 -4.04 26.07 45.50
N ALA A 328 -2.76 26.29 45.21
CA ALA A 328 -1.71 26.32 46.22
C ALA A 328 -1.22 27.74 46.40
N THR A 329 -1.14 28.18 47.66
CA THR A 329 -0.71 29.54 47.94
C THR A 329 0.79 29.74 47.72
N ARG A 330 1.56 28.65 47.65
CA ARG A 330 3.00 28.72 47.43
C ARG A 330 3.33 27.94 46.16
N PHE A 331 4.03 28.59 45.23
CA PHE A 331 4.48 27.97 44.00
C PHE A 331 6.00 28.01 43.93
N ALA A 332 6.57 27.00 43.28
CA ALA A 332 8.02 26.90 43.16
C ALA A 332 8.55 27.96 42.21
N SER A 333 9.85 28.24 42.33
CA SER A 333 10.51 29.25 41.51
C SER A 333 10.96 28.63 40.19
N VAL A 334 11.71 29.40 39.40
CA VAL A 334 12.14 28.93 38.10
C VAL A 334 13.39 28.05 38.22
N TYR A 335 14.30 28.41 39.13
CA TYR A 335 15.54 27.66 39.28
C TYR A 335 15.28 26.26 39.84
N ALA A 336 14.23 26.08 40.63
CA ALA A 336 13.90 24.79 41.23
C ALA A 336 12.38 24.64 41.22
N TRP A 337 11.86 23.97 40.19
CA TRP A 337 10.43 23.73 40.06
C TRP A 337 10.07 22.36 40.63
N ASN A 338 8.96 22.32 41.36
CA ASN A 338 8.52 21.06 41.96
C ASN A 338 8.03 20.09 40.88
N ARG A 339 8.40 18.83 41.03
CA ARG A 339 8.05 17.78 40.10
C ARG A 339 7.17 16.75 40.80
N LYS A 340 6.01 16.46 40.23
CA LYS A 340 5.09 15.48 40.80
C LYS A 340 4.39 14.76 39.66
N ARG A 341 4.57 13.44 39.59
CA ARG A 341 3.94 12.64 38.55
C ARG A 341 2.47 12.42 38.87
N ILE A 342 1.63 12.59 37.85
CA ILE A 342 0.19 12.45 37.97
C ILE A 342 -0.26 11.33 37.04
N SER A 343 -0.96 10.35 37.59
CA SER A 343 -1.42 9.19 36.83
C SER A 343 -2.50 8.48 37.64
N ASN A 344 -3.10 7.46 37.02
CA ASN A 344 -4.09 6.58 37.65
C ASN A 344 -5.30 7.36 38.18
N CYS A 345 -5.79 8.30 37.39
CA CYS A 345 -6.92 9.13 37.78
C CYS A 345 -7.59 9.68 36.52
N VAL A 346 -8.45 10.68 36.69
CA VAL A 346 -9.16 11.29 35.58
C VAL A 346 -8.59 12.66 35.29
N ALA A 347 -8.93 13.19 34.12
CA ALA A 347 -8.50 14.52 33.69
C ALA A 347 -9.75 15.29 33.26
N ASP A 348 -10.39 15.96 34.22
CA ASP A 348 -11.62 16.72 33.97
C ASP A 348 -11.23 18.11 33.50
N TYR A 349 -11.38 18.36 32.19
CA TYR A 349 -11.06 19.66 31.61
C TYR A 349 -12.27 20.59 31.63
N SER A 350 -12.90 20.73 32.80
CA SER A 350 -14.02 21.64 32.96
C SER A 350 -13.98 22.43 34.27
N VAL A 351 -13.00 22.19 35.14
CA VAL A 351 -12.88 22.89 36.41
C VAL A 351 -11.62 23.76 36.47
N LEU A 352 -10.51 23.27 35.92
CA LEU A 352 -9.29 24.08 35.88
C LEU A 352 -9.38 25.18 34.83
N TYR A 353 -10.19 24.98 33.80
CA TYR A 353 -10.42 25.98 32.77
C TYR A 353 -11.76 26.68 33.02
N ASN A 354 -12.08 27.65 32.15
CA ASN A 354 -13.29 28.45 32.24
C ASN A 354 -13.41 29.15 33.60
N LEU A 355 -12.35 29.88 33.97
CA LEU A 355 -12.26 30.53 35.27
C LEU A 355 -12.03 32.02 35.10
N ALA A 356 -12.14 32.73 36.22
CA ALA A 356 -11.96 34.19 36.22
C ALA A 356 -10.57 34.66 35.78
N PRO A 357 -9.44 34.07 36.21
CA PRO A 357 -8.14 34.56 35.75
C PRO A 357 -7.96 34.41 34.25
N PHE A 358 -7.19 35.33 33.67
CA PHE A 358 -6.95 35.33 32.23
C PHE A 358 -6.13 34.10 31.86
N PHE A 359 -6.59 33.35 30.86
CA PHE A 359 -5.96 32.11 30.44
C PHE A 359 -5.11 32.37 29.20
N THR A 360 -3.80 32.16 29.32
CA THR A 360 -2.89 32.28 28.18
C THR A 360 -2.68 30.89 27.58
N PHE A 361 -3.77 30.36 27.03
CA PHE A 361 -3.77 29.03 26.42
C PHE A 361 -3.44 29.08 24.94
N LYS A 362 -2.34 29.73 24.60
CA LYS A 362 -1.84 29.78 23.23
C LYS A 362 -0.65 28.83 23.14
N CYS A 363 -0.95 27.56 22.92
CA CYS A 363 0.09 26.55 22.88
C CYS A 363 -0.13 25.63 21.68
N TYR A 364 0.96 25.00 21.26
CA TYR A 364 0.94 24.08 20.12
C TYR A 364 1.17 22.65 20.61
N GLY A 365 0.48 21.71 19.99
CA GLY A 365 0.56 20.31 20.38
C GLY A 365 -0.76 19.59 20.31
N VAL A 366 -1.21 19.02 21.43
CA VAL A 366 -2.47 18.30 21.45
C VAL A 366 -3.63 19.27 21.29
N SER A 367 -4.71 18.80 20.66
CA SER A 367 -5.87 19.65 20.45
C SER A 367 -6.63 19.84 21.76
N PRO A 368 -7.06 21.06 22.07
CA PRO A 368 -7.88 21.27 23.27
C PRO A 368 -9.21 20.53 23.23
N THR A 369 -9.81 20.37 22.04
CA THR A 369 -11.03 19.58 21.93
C THR A 369 -10.75 18.10 22.20
N LYS A 370 -9.62 17.59 21.74
CA LYS A 370 -9.24 16.19 21.94
C LYS A 370 -8.78 15.88 23.36
N LEU A 371 -8.67 16.90 24.23
CA LEU A 371 -8.22 16.67 25.60
C LEU A 371 -9.21 15.81 26.37
N ASN A 372 -10.51 16.00 26.12
CA ASN A 372 -11.54 15.21 26.78
C ASN A 372 -11.67 13.79 26.23
N ASP A 373 -10.99 13.47 25.14
CA ASP A 373 -11.00 12.14 24.55
C ASP A 373 -9.58 11.64 24.33
N LEU A 374 -8.71 11.91 25.30
CA LEU A 374 -7.34 11.41 25.29
C LEU A 374 -7.05 10.74 26.62
N CYS A 375 -6.25 9.67 26.56
CA CYS A 375 -5.90 8.87 27.73
C CYS A 375 -4.37 8.75 27.78
N PHE A 376 -3.74 9.75 28.39
CA PHE A 376 -2.28 9.79 28.47
C PHE A 376 -1.79 9.02 29.69
N THR A 377 -0.53 8.60 29.66
CA THR A 377 0.05 7.85 30.76
C THR A 377 1.17 8.64 31.41
N ASN A 378 1.07 8.83 32.73
CA ASN A 378 2.11 9.43 33.58
C ASN A 378 2.46 10.84 33.11
N VAL A 379 1.47 11.74 33.19
CA VAL A 379 1.71 13.13 32.85
C VAL A 379 2.48 13.81 33.98
N TYR A 380 3.48 14.61 33.62
CA TYR A 380 4.28 15.36 34.58
C TYR A 380 3.76 16.79 34.64
N ALA A 381 3.33 17.21 35.83
CA ALA A 381 2.77 18.54 36.04
C ALA A 381 3.69 19.32 36.98
N ASP A 382 4.36 20.34 36.44
CA ASP A 382 5.24 21.21 37.20
C ASP A 382 4.73 22.64 37.12
N SER A 383 4.85 23.37 38.23
CA SER A 383 4.36 24.75 38.31
C SER A 383 5.50 25.67 38.70
N PHE A 384 5.52 26.86 38.08
CA PHE A 384 6.53 27.86 38.40
C PHE A 384 5.94 29.24 38.12
N VAL A 385 6.56 30.26 38.71
CA VAL A 385 6.13 31.64 38.58
C VAL A 385 7.24 32.45 37.92
N ILE A 386 6.87 33.30 36.97
CA ILE A 386 7.80 34.11 36.21
C ILE A 386 7.37 35.57 36.30
N ARG A 387 8.10 36.44 35.59
CA ARG A 387 7.90 37.88 35.65
C ARG A 387 7.63 38.42 34.25
N GLY A 388 6.39 38.78 33.98
CA GLY A 388 6.07 39.56 32.80
C GLY A 388 6.07 38.73 31.54
N ASP A 389 6.87 39.15 30.55
CA ASP A 389 6.83 38.60 29.21
C ASP A 389 7.75 37.40 29.02
N GLU A 390 8.05 36.66 30.10
CA GLU A 390 8.87 35.47 30.01
C GLU A 390 8.07 34.23 29.63
N VAL A 391 6.78 34.39 29.31
CA VAL A 391 5.95 33.26 28.91
C VAL A 391 6.42 32.70 27.57
N ARG A 392 6.89 33.56 26.68
CA ARG A 392 7.36 33.11 25.37
C ARG A 392 8.63 32.27 25.47
N GLN A 393 9.40 32.41 26.55
CA GLN A 393 10.62 31.62 26.71
C GLN A 393 10.33 30.15 26.97
N ILE A 394 9.15 29.82 27.49
CA ILE A 394 8.77 28.44 27.74
C ILE A 394 8.10 27.93 26.46
N ALA A 395 8.92 27.47 25.53
CA ALA A 395 8.46 26.98 24.24
C ALA A 395 9.48 26.00 23.70
N PRO A 396 9.04 24.98 22.96
CA PRO A 396 10.00 24.03 22.37
C PRO A 396 10.83 24.70 21.29
N GLY A 397 12.15 24.60 21.43
CA GLY A 397 13.07 25.23 20.50
C GLY A 397 13.35 26.69 20.76
N GLN A 398 12.74 27.29 21.79
CA GLN A 398 12.96 28.68 22.10
C GLN A 398 14.36 28.89 22.69
N THR A 399 14.97 30.02 22.37
CA THR A 399 16.27 30.41 22.90
C THR A 399 16.12 31.65 23.76
N GLY A 400 16.61 31.59 24.98
CA GLY A 400 16.49 32.72 25.88
C GLY A 400 17.23 32.47 27.17
N ASN A 401 17.06 33.40 28.12
CA ASN A 401 17.71 33.27 29.41
C ASN A 401 17.14 32.10 30.20
N ILE A 402 15.81 32.01 30.28
CA ILE A 402 15.18 30.89 30.98
C ILE A 402 15.35 29.60 30.16
N ALA A 403 15.22 29.70 28.84
CA ALA A 403 15.22 28.53 27.97
C ALA A 403 16.59 27.88 27.83
N ASP A 404 17.66 28.50 28.31
CA ASP A 404 19.00 27.94 28.20
C ASP A 404 19.67 27.65 29.53
N TYR A 405 19.38 28.43 30.57
CA TYR A 405 20.01 28.24 31.87
C TYR A 405 19.06 27.82 32.97
N ASN A 406 17.76 28.09 32.85
CA ASN A 406 16.80 27.82 33.92
C ASN A 406 15.92 26.62 33.60
N TYR A 407 15.22 26.63 32.46
CA TYR A 407 14.31 25.54 32.11
C TYR A 407 14.33 25.41 30.58
N LYS A 408 15.04 24.39 30.10
CA LYS A 408 15.18 24.14 28.67
C LYS A 408 14.17 23.10 28.23
N LEU A 409 13.42 23.41 27.17
CA LEU A 409 12.46 22.46 26.63
C LEU A 409 13.08 21.70 25.46
N PRO A 410 12.83 20.39 25.36
CA PRO A 410 13.45 19.61 24.28
C PRO A 410 12.79 19.86 22.93
N ASP A 411 13.26 19.16 21.89
CA ASP A 411 12.70 19.32 20.55
C ASP A 411 11.25 18.85 20.49
N ASP A 412 10.95 17.74 21.17
CA ASP A 412 9.61 17.18 21.21
C ASP A 412 9.04 17.30 22.61
N PHE A 413 7.82 17.87 22.70
CA PHE A 413 7.14 18.03 23.98
C PHE A 413 5.91 17.15 24.12
N THR A 414 5.22 16.87 23.02
CA THR A 414 3.99 16.07 22.99
C THR A 414 2.95 16.61 23.98
N GLY A 415 2.58 17.86 23.75
CA GLY A 415 1.67 18.56 24.62
C GLY A 415 1.94 20.05 24.51
N CYS A 416 1.38 20.81 25.44
CA CYS A 416 1.67 22.24 25.51
C CYS A 416 1.54 22.71 26.95
N VAL A 417 1.53 24.03 27.13
CA VAL A 417 1.63 24.65 28.44
C VAL A 417 0.36 25.45 28.72
N ILE A 418 0.11 25.70 30.01
CA ILE A 418 -0.99 26.53 30.47
C ILE A 418 -0.41 27.62 31.36
N ALA A 419 -0.79 28.87 31.08
CA ALA A 419 -0.29 30.02 31.81
C ALA A 419 -1.46 30.94 32.19
N TRP A 420 -1.31 31.61 33.33
CA TRP A 420 -2.30 32.59 33.76
C TRP A 420 -1.61 33.66 34.59
N ASN A 421 -2.26 34.82 34.69
CA ASN A 421 -1.72 35.97 35.38
C ASN A 421 -2.37 36.12 36.76
N SER A 422 -1.54 36.41 37.76
CA SER A 422 -2.01 36.59 39.14
C SER A 422 -1.20 37.71 39.78
N ASN A 423 -1.76 38.91 39.82
CA ASN A 423 -1.13 40.06 40.44
C ASN A 423 -1.57 40.28 41.87
N LYS A 424 -2.40 39.39 42.42
CA LYS A 424 -2.91 39.53 43.78
C LYS A 424 -2.30 38.55 44.76
N LEU A 425 -2.16 37.28 44.39
CA LEU A 425 -1.62 36.26 45.28
C LEU A 425 -0.10 36.18 45.23
N ASP A 426 0.56 36.89 44.31
CA ASP A 426 2.01 36.88 44.19
C ASP A 426 2.61 38.27 44.33
N SER A 427 1.90 39.20 44.96
CA SER A 427 2.39 40.55 45.14
C SER A 427 2.13 41.00 46.58
N LYS A 428 2.96 41.92 47.05
CA LYS A 428 2.87 42.46 48.40
C LYS A 428 3.00 43.98 48.34
N VAL A 429 2.63 44.63 49.45
CA VAL A 429 2.77 46.08 49.54
C VAL A 429 4.24 46.47 49.50
N SER A 430 5.08 45.74 50.22
CA SER A 430 6.53 45.96 50.18
C SER A 430 7.12 45.17 49.01
N GLY A 431 8.44 45.13 48.93
CA GLY A 431 9.09 44.39 47.86
C GLY A 431 8.95 42.89 48.06
N ASN A 432 8.76 42.18 46.95
CA ASN A 432 8.61 40.73 46.94
C ASN A 432 9.77 40.15 46.14
N TYR A 433 10.88 39.88 46.81
CA TYR A 433 12.09 39.34 46.19
C TYR A 433 12.35 37.91 46.66
N ASN A 434 11.29 37.13 46.84
CA ASN A 434 11.40 35.77 47.35
C ASN A 434 11.52 34.72 46.25
N TYR A 435 11.43 35.11 44.99
CA TYR A 435 11.54 34.18 43.87
C TYR A 435 12.77 34.54 43.05
N LEU A 436 13.61 33.54 42.77
CA LEU A 436 14.89 33.76 42.11
C LEU A 436 15.04 32.83 40.92
N TYR A 437 15.92 33.22 40.00
CA TYR A 437 16.24 32.41 38.83
C TYR A 437 17.73 32.53 38.54
N ARG A 438 18.30 31.46 37.99
CA ARG A 438 19.72 31.43 37.67
C ARG A 438 19.99 32.21 36.39
N LEU A 439 21.05 33.02 36.41
CA LEU A 439 21.43 33.84 35.27
C LEU A 439 22.81 33.49 34.71
N PHE A 440 23.75 33.06 35.54
CA PHE A 440 25.11 32.77 35.11
C PHE A 440 25.32 31.26 35.07
N ARG A 441 25.88 30.77 33.97
CA ARG A 441 26.19 29.36 33.83
C ARG A 441 27.34 29.19 32.84
N LYS A 442 28.04 28.07 32.96
CA LYS A 442 29.16 27.75 32.08
C LYS A 442 28.71 26.97 30.84
N SER A 443 27.89 25.95 31.04
CA SER A 443 27.40 25.10 29.97
C SER A 443 25.88 25.13 29.93
N ASN A 444 25.33 24.68 28.81
CA ASN A 444 23.89 24.66 28.63
C ASN A 444 23.24 23.61 29.52
N LEU A 445 22.04 23.92 30.00
CA LEU A 445 21.29 23.00 30.84
C LEU A 445 20.60 21.93 30.00
N LYS A 446 20.63 20.70 30.48
CA LYS A 446 19.99 19.61 29.77
C LYS A 446 18.46 19.77 29.81
N PRO A 447 17.77 19.46 28.72
CA PRO A 447 16.31 19.54 28.73
C PRO A 447 15.69 18.50 29.66
N PHE A 448 14.56 18.88 30.27
CA PHE A 448 13.83 18.05 31.22
C PHE A 448 14.72 17.61 32.38
N GLU A 449 15.59 18.51 32.82
CA GLU A 449 16.53 18.22 33.90
C GLU A 449 16.64 19.44 34.81
N ARG A 450 16.91 19.19 36.08
CA ARG A 450 17.07 20.23 37.09
C ARG A 450 18.42 20.06 37.76
N ASP A 451 19.17 21.16 37.85
CA ASP A 451 20.50 21.18 38.47
C ASP A 451 20.49 22.23 39.58
N ILE A 452 20.22 21.79 40.80
CA ILE A 452 20.20 22.69 41.96
C ILE A 452 21.64 22.75 42.48
N SER A 453 22.42 23.67 41.91
CA SER A 453 23.82 23.83 42.30
C SER A 453 24.17 25.32 42.16
N THR A 454 24.08 26.05 43.27
CA THR A 454 24.38 27.47 43.31
C THR A 454 25.83 27.64 43.71
N GLU A 455 26.71 27.82 42.73
CA GLU A 455 28.14 27.97 42.97
C GLU A 455 28.62 29.25 42.29
N ILE A 456 29.87 29.61 42.59
CA ILE A 456 30.46 30.83 42.05
C ILE A 456 30.82 30.62 40.60
N TYR A 457 30.37 31.52 39.73
CA TYR A 457 30.69 31.46 38.30
C TYR A 457 32.05 32.11 38.08
N GLN A 458 32.96 31.36 37.47
CA GLN A 458 34.31 31.87 37.16
C GLN A 458 34.28 32.50 35.77
N ALA A 459 33.71 33.70 35.69
CA ALA A 459 33.65 34.41 34.42
C ALA A 459 35.04 34.84 33.96
N GLY A 460 35.87 35.34 34.87
CA GLY A 460 37.21 35.73 34.54
C GLY A 460 38.21 34.60 34.71
N ASN A 461 39.48 34.93 34.50
CA ASN A 461 40.55 33.95 34.64
C ASN A 461 40.85 33.64 36.11
N LYS A 462 40.72 34.62 36.99
CA LYS A 462 41.01 34.41 38.40
C LYS A 462 39.87 33.67 39.07
N PRO A 463 40.11 32.50 39.66
CA PRO A 463 39.03 31.78 40.34
C PRO A 463 38.68 32.43 41.68
N CYS A 464 37.45 32.16 42.12
CA CYS A 464 36.95 32.65 43.40
C CYS A 464 36.49 31.46 44.24
N ASN A 465 36.96 31.40 45.48
CA ASN A 465 36.62 30.30 46.38
C ASN A 465 35.46 30.72 47.29
N GLY A 466 34.30 30.88 46.68
CA GLY A 466 33.09 31.22 47.41
C GLY A 466 32.96 32.68 47.80
N VAL A 467 33.88 33.53 47.36
CA VAL A 467 33.85 34.96 47.66
C VAL A 467 33.66 35.70 46.34
N ALA A 468 32.57 36.47 46.26
CA ALA A 468 32.29 37.26 45.07
C ALA A 468 33.12 38.54 45.10
N GLY A 469 33.95 38.73 44.07
CA GLY A 469 34.79 39.90 43.99
C GLY A 469 34.44 40.81 42.81
N PHE A 470 35.32 40.84 41.81
CA PHE A 470 35.12 41.66 40.62
C PHE A 470 34.69 40.85 39.41
N ASN A 471 35.25 39.66 39.21
CA ASN A 471 34.93 38.82 38.07
C ASN A 471 34.01 37.66 38.43
N CYS A 472 33.49 37.63 39.66
CA CYS A 472 32.62 36.55 40.11
C CYS A 472 31.33 37.13 40.66
N TYR A 473 30.20 36.58 40.21
CA TYR A 473 28.88 37.01 40.64
C TYR A 473 28.02 35.79 40.89
N PHE A 474 27.01 35.96 41.76
CA PHE A 474 26.08 34.87 42.04
C PHE A 474 25.15 34.66 40.86
N PRO A 475 24.99 33.42 40.38
CA PRO A 475 24.08 33.18 39.25
C PRO A 475 22.62 33.52 39.53
N LEU A 476 22.17 33.37 40.77
CA LEU A 476 20.77 33.56 41.10
C LEU A 476 20.43 35.05 41.15
N ARG A 477 19.46 35.47 40.36
CA ARG A 477 18.94 36.82 40.36
C ARG A 477 17.47 36.77 40.78
N SER A 478 17.04 37.79 41.53
CA SER A 478 15.72 37.79 42.13
C SER A 478 14.73 38.61 41.30
N TYR A 479 13.54 38.05 41.09
CA TYR A 479 12.50 38.75 40.35
C TYR A 479 11.91 39.87 41.20
N SER A 480 11.36 40.88 40.52
CA SER A 480 10.73 42.02 41.17
C SER A 480 9.22 41.93 40.97
N PHE A 481 8.48 41.80 42.06
CA PHE A 481 7.03 41.64 42.04
C PHE A 481 6.39 42.72 42.88
N ARG A 482 5.67 43.64 42.23
CA ARG A 482 4.88 44.67 42.89
C ARG A 482 3.59 44.86 42.12
N PRO A 483 2.51 45.26 42.81
CA PRO A 483 1.24 45.52 42.10
C PRO A 483 1.27 46.76 41.22
N THR A 484 2.27 47.63 41.38
CA THR A 484 2.36 48.86 40.61
C THR A 484 3.13 48.71 39.30
N TYR A 485 3.67 47.53 39.02
CA TYR A 485 4.41 47.32 37.79
C TYR A 485 3.46 47.22 36.60
N GLY A 486 4.04 47.31 35.41
CA GLY A 486 3.30 47.17 34.17
C GLY A 486 3.16 45.71 33.78
N VAL A 487 2.70 45.50 32.53
CA VAL A 487 2.47 44.16 32.02
C VAL A 487 3.79 43.39 31.90
N GLY A 488 4.87 44.07 31.56
CA GLY A 488 6.16 43.41 31.37
C GLY A 488 6.85 42.97 32.65
N HIS A 489 6.28 43.29 33.81
CA HIS A 489 6.88 42.89 35.08
C HIS A 489 5.87 42.25 36.04
N GLN A 490 4.66 41.96 35.58
CA GLN A 490 3.67 41.32 36.43
C GLN A 490 4.05 39.86 36.69
N PRO A 491 3.74 39.34 37.88
CA PRO A 491 4.01 37.91 38.15
C PRO A 491 3.04 37.02 37.40
N TYR A 492 3.57 36.12 36.58
CA TYR A 492 2.78 35.20 35.78
C TYR A 492 3.01 33.77 36.27
N ARG A 493 1.92 33.02 36.42
CA ARG A 493 1.97 31.64 36.87
C ARG A 493 1.77 30.71 35.68
N VAL A 494 2.76 29.85 35.43
CA VAL A 494 2.75 28.93 34.30
C VAL A 494 2.88 27.51 34.83
N VAL A 495 2.03 26.62 34.34
CA VAL A 495 2.09 25.20 34.67
C VAL A 495 2.30 24.43 33.36
N VAL A 496 3.21 23.45 33.41
CA VAL A 496 3.58 22.67 32.22
C VAL A 496 3.02 21.27 32.37
N LEU A 497 2.39 20.77 31.30
CA LEU A 497 1.87 19.41 31.25
C LEU A 497 2.41 18.72 30.00
N SER A 498 3.04 17.57 30.20
CA SER A 498 3.63 16.80 29.10
C SER A 498 3.00 15.42 29.07
N PHE A 499 2.41 15.07 27.93
CA PHE A 499 1.80 13.76 27.74
C PHE A 499 2.77 12.84 27.00
N GLU A 500 2.81 11.58 27.42
CA GLU A 500 3.67 10.59 26.77
C GLU A 500 3.10 9.20 27.02
N LEU A 501 3.61 8.24 26.25
CA LEU A 501 3.22 6.84 26.37
C LEU A 501 4.41 6.08 26.94
N LEU A 502 4.23 5.52 28.15
CA LEU A 502 5.28 4.80 28.84
C LEU A 502 4.90 3.32 28.95
N HIS A 503 5.71 2.56 29.69
CA HIS A 503 5.44 1.13 29.87
C HIS A 503 4.22 0.87 30.73
N ALA A 504 3.76 1.86 31.49
CA ALA A 504 2.57 1.69 32.30
C ALA A 504 1.34 1.58 31.39
N PRO A 505 0.43 0.64 31.66
CA PRO A 505 -0.75 0.48 30.80
C PRO A 505 -1.76 1.62 30.96
N ALA A 506 -2.87 1.52 30.23
CA ALA A 506 -3.88 2.57 30.23
C ALA A 506 -4.71 2.48 31.51
N THR A 507 -4.49 3.44 32.43
CA THR A 507 -5.29 3.50 33.65
C THR A 507 -5.70 4.92 34.00
N VAL A 508 -5.53 5.88 33.09
CA VAL A 508 -5.80 7.29 33.32
C VAL A 508 -7.00 7.75 32.49
N CYS A 509 -7.64 6.83 31.77
CA CYS A 509 -8.73 7.18 30.85
C CYS A 509 -9.91 7.81 31.60
N GLY A 510 -10.53 7.06 32.50
CA GLY A 510 -11.57 7.58 33.34
C GLY A 510 -12.94 7.60 32.67
N PRO A 511 -13.98 7.96 33.44
CA PRO A 511 -15.35 8.03 32.90
C PRO A 511 -15.50 8.97 31.72
N LYS A 512 -14.82 10.12 31.76
CA LYS A 512 -14.87 11.16 30.74
C LYS A 512 -16.28 11.71 30.52
N LYS A 513 -17.14 11.62 31.54
CA LYS A 513 -18.48 12.19 31.54
C LYS A 513 -19.33 11.67 30.38
N SER A 514 -19.41 10.36 30.27
CA SER A 514 -20.25 9.74 29.25
C SER A 514 -21.71 9.74 29.70
N THR A 515 -22.57 10.39 28.92
CA THR A 515 -24.00 10.53 29.24
C THR A 515 -24.80 9.87 28.12
N ASN A 516 -25.29 8.66 28.38
CA ASN A 516 -25.97 7.87 27.37
C ASN A 516 -26.85 6.80 28.00
N LEU A 517 -27.21 5.78 27.21
CA LEU A 517 -27.93 4.55 27.57
C LEU A 517 -29.44 4.76 27.59
N VAL A 518 -30.18 3.82 27.02
CA VAL A 518 -31.63 3.91 26.91
C VAL A 518 -32.23 2.53 27.18
N LYS A 519 -33.56 2.45 27.14
CA LYS A 519 -34.24 1.18 27.28
C LYS A 519 -34.12 0.38 25.97
N ASN A 520 -34.46 -0.91 26.05
CA ASN A 520 -34.12 -1.87 25.01
C ASN A 520 -34.69 -1.58 23.61
N LYS A 521 -36.02 -1.70 23.43
CA LYS A 521 -36.77 -1.41 22.19
C LYS A 521 -36.01 -1.74 20.90
N CYS A 522 -35.33 -2.90 20.88
CA CYS A 522 -34.59 -3.41 19.71
C CYS A 522 -33.57 -2.42 19.14
N VAL A 523 -32.94 -1.60 19.99
CA VAL A 523 -32.05 -0.55 19.51
C VAL A 523 -30.61 -1.05 19.53
N ASN A 524 -29.91 -0.89 18.40
CA ASN A 524 -28.51 -1.23 18.30
C ASN A 524 -27.67 -0.30 19.17
N PHE A 525 -26.51 -0.78 19.60
CA PHE A 525 -25.86 -0.17 20.75
C PHE A 525 -24.33 -0.23 20.58
N ASN A 526 -23.63 0.07 21.67
CA ASN A 526 -22.16 0.00 21.73
C ASN A 526 -21.79 -0.47 23.13
N PHE A 527 -21.22 -1.67 23.24
CA PHE A 527 -20.88 -2.23 24.55
C PHE A 527 -19.40 -1.95 24.87
N ASN A 528 -19.18 -1.09 25.86
CA ASN A 528 -17.86 -0.80 26.43
C ASN A 528 -16.84 -0.42 25.36
N GLY A 529 -17.26 0.45 24.46
CA GLY A 529 -16.42 0.89 23.37
C GLY A 529 -16.50 0.07 22.10
N LEU A 530 -17.20 -1.05 22.10
CA LEU A 530 -17.38 -1.90 20.93
C LEU A 530 -18.85 -1.85 20.54
N LYS A 531 -19.11 -1.57 19.27
CA LYS A 531 -20.49 -1.44 18.80
C LYS A 531 -21.21 -2.79 18.82
N GLY A 532 -22.51 -2.74 19.13
CA GLY A 532 -23.32 -3.94 19.21
C GLY A 532 -24.62 -3.84 18.45
N THR A 533 -25.02 -4.92 17.78
CA THR A 533 -26.22 -4.97 16.98
C THR A 533 -27.44 -5.42 17.77
N GLY A 534 -27.24 -6.00 18.96
CA GLY A 534 -28.32 -6.58 19.73
C GLY A 534 -29.15 -5.57 20.51
N VAL A 535 -29.79 -6.06 21.56
CA VAL A 535 -30.78 -5.32 22.34
C VAL A 535 -30.36 -5.35 23.80
N LEU A 536 -30.66 -4.27 24.54
CA LEU A 536 -30.37 -4.19 25.98
C LEU A 536 -31.59 -4.59 26.80
N THR A 537 -32.00 -5.84 26.65
CA THR A 537 -33.10 -6.37 27.43
C THR A 537 -32.66 -6.57 28.88
N GLU A 538 -33.62 -6.85 29.75
CA GLU A 538 -33.33 -7.13 31.14
C GLU A 538 -32.71 -8.51 31.28
N SER A 539 -32.23 -8.83 32.47
CA SER A 539 -31.57 -10.11 32.70
C SER A 539 -31.93 -10.63 34.07
N ASN A 540 -32.23 -11.92 34.14
CA ASN A 540 -32.46 -12.61 35.41
C ASN A 540 -31.23 -13.38 35.87
N LYS A 541 -30.14 -13.35 35.10
CA LYS A 541 -28.93 -14.04 35.49
C LYS A 541 -28.20 -13.28 36.60
N LYS A 542 -27.40 -14.02 37.36
CA LYS A 542 -26.64 -13.46 38.47
C LYS A 542 -25.16 -13.43 38.09
N PHE A 543 -24.55 -12.26 38.20
CA PHE A 543 -23.15 -12.08 37.87
C PHE A 543 -22.28 -12.09 39.12
N LEU A 544 -21.03 -12.51 38.95
CA LEU A 544 -20.03 -12.38 39.97
C LEU A 544 -19.58 -10.93 40.08
N PRO A 545 -19.09 -10.50 41.25
CA PRO A 545 -18.64 -9.10 41.38
C PRO A 545 -17.52 -8.71 40.42
N PHE A 546 -16.65 -9.64 40.06
CA PHE A 546 -15.57 -9.35 39.12
C PHE A 546 -16.00 -9.46 37.66
N GLN A 547 -17.06 -10.21 37.39
CA GLN A 547 -17.47 -10.44 36.01
C GLN A 547 -18.04 -9.17 35.38
N GLN A 548 -17.65 -8.90 34.14
CA GLN A 548 -18.12 -7.75 33.39
C GLN A 548 -18.84 -8.13 32.10
N PHE A 549 -18.41 -9.21 31.45
CA PHE A 549 -19.00 -9.67 30.21
C PHE A 549 -19.51 -11.10 30.36
N GLY A 550 -20.52 -11.43 29.57
CA GLY A 550 -21.07 -12.77 29.57
C GLY A 550 -21.16 -13.34 28.17
N ARG A 551 -20.78 -14.60 28.04
CA ARG A 551 -20.79 -15.30 26.76
C ARG A 551 -21.62 -16.56 26.87
N ASP A 552 -22.42 -16.82 25.84
CA ASP A 552 -23.31 -17.97 25.80
C ASP A 552 -22.58 -19.16 25.15
N ILE A 553 -23.35 -20.20 24.81
CA ILE A 553 -22.78 -21.37 24.15
C ILE A 553 -22.33 -21.07 22.73
N ALA A 554 -22.76 -19.94 22.16
CA ALA A 554 -22.40 -19.55 20.81
C ALA A 554 -21.16 -18.66 20.77
N ASP A 555 -20.49 -18.47 21.90
CA ASP A 555 -19.30 -17.62 22.02
C ASP A 555 -19.60 -16.19 21.56
N THR A 556 -20.79 -15.69 21.91
CA THR A 556 -21.21 -14.34 21.60
C THR A 556 -21.59 -13.62 22.88
N THR A 557 -21.46 -12.30 22.87
CA THR A 557 -21.80 -11.48 24.03
C THR A 557 -23.32 -11.46 24.18
N ASP A 558 -23.84 -12.29 25.09
CA ASP A 558 -25.27 -12.40 25.31
C ASP A 558 -25.74 -11.69 26.57
N ALA A 559 -24.85 -11.44 27.52
CA ALA A 559 -25.21 -10.76 28.76
C ALA A 559 -24.12 -9.75 29.12
N VAL A 560 -24.55 -8.59 29.61
CA VAL A 560 -23.64 -7.50 29.94
C VAL A 560 -24.03 -6.94 31.30
N ARG A 561 -23.05 -6.34 31.97
CA ARG A 561 -23.25 -5.72 33.28
C ARG A 561 -23.02 -4.21 33.17
N ASP A 562 -23.90 -3.45 33.82
CA ASP A 562 -23.73 -2.00 33.89
C ASP A 562 -22.54 -1.69 34.79
N PRO A 563 -21.52 -0.98 34.30
CA PRO A 563 -20.34 -0.72 35.15
C PRO A 563 -20.56 0.34 36.22
N GLN A 564 -21.51 1.27 36.02
CA GLN A 564 -21.66 2.36 37.00
C GLN A 564 -22.29 1.87 38.29
N THR A 565 -23.29 0.98 38.21
CA THR A 565 -23.81 0.31 39.40
C THR A 565 -24.44 -1.00 38.97
N LEU A 566 -24.87 -1.78 39.96
CA LEU A 566 -25.21 -3.19 39.75
C LEU A 566 -26.52 -3.31 38.97
N GLU A 567 -26.40 -3.53 37.67
CA GLU A 567 -27.52 -3.94 36.82
C GLU A 567 -27.03 -5.00 35.84
N ILE A 568 -27.88 -5.99 35.60
CA ILE A 568 -27.57 -7.08 34.68
C ILE A 568 -28.50 -6.98 33.49
N LEU A 569 -27.92 -6.99 32.28
CA LEU A 569 -28.69 -6.87 31.05
C LEU A 569 -28.29 -7.96 30.08
N ASP A 570 -29.26 -8.43 29.29
CA ASP A 570 -29.06 -9.48 28.31
C ASP A 570 -28.97 -8.86 26.93
N ILE A 571 -28.15 -9.44 26.06
CA ILE A 571 -28.05 -8.99 24.67
C ILE A 571 -28.72 -10.03 23.77
N THR A 572 -29.79 -9.62 23.11
CA THR A 572 -30.64 -10.51 22.33
C THR A 572 -30.76 -10.01 20.90
N PRO A 573 -31.03 -10.90 19.94
CA PRO A 573 -31.40 -10.45 18.60
C PRO A 573 -32.91 -10.37 18.41
N CYS A 574 -33.30 -9.52 17.47
CA CYS A 574 -34.70 -9.35 17.09
C CYS A 574 -34.74 -8.86 15.65
N SER A 575 -35.87 -9.11 14.99
CA SER A 575 -36.12 -8.70 13.60
C SER A 575 -35.04 -9.24 12.67
N PHE A 576 -34.89 -10.57 12.67
CA PHE A 576 -33.86 -11.23 11.88
C PHE A 576 -34.41 -12.22 10.86
N GLY A 577 -35.73 -12.41 10.79
CA GLY A 577 -36.31 -13.38 9.89
C GLY A 577 -36.25 -12.98 8.43
N GLY A 578 -36.44 -13.96 7.54
CA GLY A 578 -36.44 -13.71 6.11
C GLY A 578 -37.85 -13.61 5.56
N VAL A 579 -38.00 -12.84 4.49
CA VAL A 579 -39.29 -12.65 3.85
C VAL A 579 -39.46 -13.68 2.75
N SER A 580 -40.71 -14.07 2.51
CA SER A 580 -41.06 -14.98 1.41
C SER A 580 -42.36 -14.52 0.80
N VAL A 581 -42.41 -14.47 -0.53
CA VAL A 581 -43.55 -13.95 -1.26
C VAL A 581 -44.36 -15.10 -1.81
N ILE A 582 -45.66 -15.11 -1.53
CA ILE A 582 -46.58 -16.14 -2.02
C ILE A 582 -47.51 -15.48 -3.02
N THR A 583 -47.49 -15.98 -4.26
CA THR A 583 -48.29 -15.41 -5.34
C THR A 583 -48.49 -16.47 -6.40
N PRO A 584 -49.60 -16.41 -7.15
CA PRO A 584 -49.75 -17.29 -8.31
C PRO A 584 -48.91 -16.83 -9.50
N GLY A 585 -49.05 -17.50 -10.63
CA GLY A 585 -48.31 -17.11 -11.81
C GLY A 585 -48.76 -15.76 -12.35
N THR A 586 -47.84 -15.08 -13.04
CA THR A 586 -48.14 -13.78 -13.62
C THR A 586 -49.18 -13.86 -14.72
N ASN A 587 -49.31 -15.02 -15.37
CA ASN A 587 -50.33 -15.20 -16.40
C ASN A 587 -51.73 -15.32 -15.79
N THR A 588 -51.83 -15.60 -14.49
CA THR A 588 -53.12 -15.76 -13.82
C THR A 588 -53.54 -14.53 -13.04
N SER A 589 -52.68 -14.04 -12.14
CA SER A 589 -53.02 -12.90 -11.31
C SER A 589 -51.74 -12.20 -10.89
N ASN A 590 -51.89 -11.08 -10.18
CA ASN A 590 -50.75 -10.30 -9.71
C ASN A 590 -50.74 -10.05 -8.22
N GLN A 591 -51.73 -10.54 -7.48
CA GLN A 591 -51.77 -10.33 -6.04
C GLN A 591 -50.68 -11.16 -5.36
N VAL A 592 -50.09 -10.59 -4.30
CA VAL A 592 -48.98 -11.23 -3.60
C VAL A 592 -49.31 -11.30 -2.11
N ALA A 593 -48.64 -12.24 -1.44
CA ALA A 593 -48.72 -12.39 0.02
C ALA A 593 -47.31 -12.58 0.56
N VAL A 594 -46.99 -11.85 1.62
CA VAL A 594 -45.65 -11.83 2.19
C VAL A 594 -45.68 -12.52 3.55
N LEU A 595 -44.79 -13.49 3.74
CA LEU A 595 -44.68 -14.25 4.98
C LEU A 595 -43.38 -13.89 5.69
N TYR A 596 -43.49 -13.51 6.96
CA TYR A 596 -42.33 -13.24 7.81
C TYR A 596 -42.19 -14.39 8.79
N GLN A 597 -41.16 -15.21 8.61
CA GLN A 597 -40.97 -16.42 9.39
C GLN A 597 -40.00 -16.17 10.54
N GLY A 598 -40.32 -16.73 11.71
CA GLY A 598 -39.46 -16.66 12.87
C GLY A 598 -39.70 -15.49 13.79
N VAL A 599 -40.55 -14.53 13.41
CA VAL A 599 -40.85 -13.37 14.22
C VAL A 599 -42.37 -13.19 14.29
N ASN A 600 -42.80 -12.38 15.25
CA ASN A 600 -44.21 -12.01 15.37
C ASN A 600 -44.43 -10.66 14.72
N CYS A 601 -45.53 -10.54 13.97
CA CYS A 601 -45.84 -9.31 13.26
C CYS A 601 -46.34 -8.20 14.16
N THR A 602 -46.56 -8.46 15.45
CA THR A 602 -46.97 -7.42 16.39
C THR A 602 -45.87 -6.39 16.61
N GLU A 603 -44.61 -6.74 16.33
CA GLU A 603 -43.49 -5.83 16.47
C GLU A 603 -42.77 -5.66 15.14
N VAL A 604 -43.52 -5.63 14.04
CA VAL A 604 -42.95 -5.48 12.71
C VAL A 604 -42.52 -4.03 12.48
N ASN A 625 -55.53 -7.76 7.12
CA ASN A 625 -55.47 -9.21 6.95
C ASN A 625 -54.13 -9.77 7.42
N VAL A 626 -53.99 -9.93 8.73
CA VAL A 626 -52.78 -10.45 9.35
C VAL A 626 -53.12 -11.74 10.07
N PHE A 627 -52.38 -12.80 9.76
CA PHE A 627 -52.57 -14.10 10.39
C PHE A 627 -51.23 -14.61 10.92
N GLN A 628 -51.28 -15.26 12.08
CA GLN A 628 -50.09 -15.77 12.74
C GLN A 628 -50.09 -17.29 12.71
N THR A 629 -48.98 -17.87 12.25
CA THR A 629 -48.78 -19.31 12.23
C THR A 629 -47.57 -19.66 13.09
N ARG A 630 -47.35 -20.96 13.27
CA ARG A 630 -46.18 -21.41 14.01
C ARG A 630 -44.89 -21.10 13.25
N ALA A 631 -44.92 -21.22 11.92
CA ALA A 631 -43.75 -20.88 11.11
C ALA A 631 -43.48 -19.38 11.13
N GLY A 632 -44.53 -18.57 11.07
CA GLY A 632 -44.38 -17.14 11.06
C GLY A 632 -45.69 -16.45 10.79
N CYS A 633 -45.61 -15.14 10.60
CA CYS A 633 -46.79 -14.31 10.34
C CYS A 633 -46.81 -13.90 8.87
N LEU A 634 -47.99 -14.01 8.25
CA LEU A 634 -48.17 -13.67 6.85
C LEU A 634 -49.24 -12.59 6.71
N ILE A 635 -49.07 -11.74 5.70
CA ILE A 635 -50.00 -10.66 5.41
C ILE A 635 -50.47 -10.80 3.98
N GLY A 636 -51.70 -10.36 3.72
CA GLY A 636 -52.31 -10.46 2.41
C GLY A 636 -53.11 -11.71 2.16
N ALA A 637 -53.37 -12.52 3.18
CA ALA A 637 -54.14 -13.74 3.04
C ALA A 637 -55.22 -13.79 4.12
N GLU A 638 -56.32 -14.45 3.79
CA GLU A 638 -57.46 -14.59 4.70
C GLU A 638 -57.60 -16.05 5.11
N TYR A 639 -57.70 -16.28 6.42
CA TYR A 639 -57.84 -17.65 6.92
C TYR A 639 -59.23 -18.19 6.59
N VAL A 640 -59.26 -19.42 6.08
CA VAL A 640 -60.51 -20.09 5.71
C VAL A 640 -60.61 -21.38 6.50
N ASN A 641 -61.77 -21.59 7.13
CA ASN A 641 -61.98 -22.80 7.93
C ASN A 641 -62.12 -24.05 7.06
N ASN A 642 -62.40 -23.89 5.78
CA ASN A 642 -62.53 -25.04 4.89
C ASN A 642 -61.17 -25.69 4.63
N SER A 643 -61.20 -26.99 4.35
CA SER A 643 -60.00 -27.77 4.08
C SER A 643 -59.98 -28.13 2.60
N TYR A 644 -58.92 -27.72 1.91
CA TYR A 644 -58.77 -27.96 0.49
C TYR A 644 -57.40 -28.59 0.21
N GLU A 645 -57.30 -29.23 -0.95
CA GLU A 645 -56.04 -29.78 -1.41
C GLU A 645 -55.16 -28.65 -1.91
N CYS A 646 -54.16 -28.27 -1.12
CA CYS A 646 -53.36 -27.10 -1.39
C CYS A 646 -52.29 -27.39 -2.44
N ASP A 647 -51.66 -26.33 -2.92
CA ASP A 647 -50.60 -26.41 -3.92
C ASP A 647 -49.34 -25.67 -3.51
N ILE A 648 -49.46 -24.54 -2.81
CA ILE A 648 -48.33 -23.71 -2.44
C ILE A 648 -48.01 -23.97 -0.96
N PRO A 649 -46.90 -24.64 -0.65
CA PRO A 649 -46.59 -24.91 0.76
C PRO A 649 -46.20 -23.65 1.52
N ILE A 650 -46.50 -23.66 2.82
CA ILE A 650 -46.14 -22.57 3.71
C ILE A 650 -45.28 -23.11 4.84
N GLY A 651 -45.81 -24.08 5.58
CA GLY A 651 -45.10 -24.68 6.69
C GLY A 651 -45.94 -24.73 7.95
N ALA A 652 -45.59 -25.65 8.85
CA ALA A 652 -46.26 -25.84 10.14
C ALA A 652 -47.76 -26.10 9.96
N GLY A 653 -48.11 -26.92 8.98
CA GLY A 653 -49.48 -27.32 8.73
C GLY A 653 -50.26 -26.42 7.79
N ILE A 654 -50.01 -25.12 7.86
CA ILE A 654 -50.70 -24.18 6.98
C ILE A 654 -50.16 -24.30 5.56
N CYS A 655 -51.04 -24.18 4.58
CA CYS A 655 -50.67 -24.34 3.19
C CYS A 655 -51.60 -23.47 2.34
N ALA A 656 -51.06 -22.35 1.85
CA ALA A 656 -51.87 -21.35 1.17
C ALA A 656 -52.16 -21.77 -0.28
N SER A 657 -53.14 -21.09 -0.88
CA SER A 657 -53.54 -21.33 -2.26
C SER A 657 -54.21 -20.07 -2.78
N TYR A 658 -54.53 -20.08 -4.07
CA TYR A 658 -55.20 -18.97 -4.73
C TYR A 658 -56.55 -19.43 -5.24
N GLN A 659 -57.59 -18.64 -4.95
CA GLN A 659 -58.94 -18.96 -5.38
C GLN A 659 -59.54 -17.83 -6.20
N SER A 671 -58.85 -14.52 -4.81
CA SER A 671 -57.87 -13.91 -3.91
C SER A 671 -56.95 -14.96 -3.30
N ILE A 672 -56.02 -14.52 -2.47
CA ILE A 672 -55.07 -15.41 -1.82
C ILE A 672 -55.60 -15.76 -0.43
N ILE A 673 -55.69 -17.06 -0.15
CA ILE A 673 -56.22 -17.56 1.12
C ILE A 673 -55.19 -18.52 1.72
N ALA A 674 -55.27 -18.67 3.04
CA ALA A 674 -54.42 -19.59 3.78
C ALA A 674 -55.29 -20.48 4.65
N TYR A 675 -54.95 -21.76 4.70
CA TYR A 675 -55.75 -22.73 5.46
C TYR A 675 -54.89 -23.94 5.77
N THR A 676 -55.37 -24.73 6.72
CA THR A 676 -54.75 -26.02 7.01
C THR A 676 -55.02 -26.98 5.86
N MET A 677 -53.96 -27.63 5.37
CA MET A 677 -54.09 -28.51 4.23
C MET A 677 -54.93 -29.74 4.57
N SER A 678 -55.65 -30.23 3.56
CA SER A 678 -56.54 -31.38 3.74
C SER A 678 -55.82 -32.66 3.37
N LEU A 679 -55.87 -33.64 4.28
CA LEU A 679 -55.24 -34.93 4.01
C LEU A 679 -56.01 -35.71 2.94
N GLY A 680 -57.33 -35.63 2.98
CA GLY A 680 -58.15 -36.34 2.02
C GLY A 680 -59.59 -36.41 2.49
N ALA A 681 -60.39 -37.11 1.70
CA ALA A 681 -61.79 -37.32 2.05
C ALA A 681 -61.90 -38.27 3.23
N GLU A 682 -62.74 -37.90 4.20
CA GLU A 682 -62.92 -38.75 5.38
C GLU A 682 -63.73 -39.99 5.01
N ASN A 683 -63.22 -41.15 5.41
CA ASN A 683 -63.87 -42.42 5.13
C ASN A 683 -63.86 -43.28 6.38
N SER A 684 -64.93 -44.07 6.56
CA SER A 684 -65.06 -44.98 7.70
C SER A 684 -65.71 -46.26 7.19
N VAL A 685 -64.89 -47.29 6.96
CA VAL A 685 -65.42 -48.55 6.48
C VAL A 685 -66.21 -49.24 7.58
N ALA A 686 -67.33 -49.85 7.22
CA ALA A 686 -68.21 -50.54 8.17
C ALA A 686 -67.60 -51.90 8.48
N TYR A 687 -66.67 -51.92 9.43
CA TYR A 687 -65.99 -53.15 9.79
C TYR A 687 -66.92 -54.06 10.61
N SER A 688 -66.86 -55.36 10.31
CA SER A 688 -67.61 -56.36 11.05
C SER A 688 -66.84 -57.66 11.00
N ASN A 689 -67.14 -58.55 11.95
CA ASN A 689 -66.48 -59.84 12.02
C ASN A 689 -67.20 -60.93 11.24
N ASN A 690 -68.28 -60.59 10.55
CA ASN A 690 -69.01 -61.58 9.75
C ASN A 690 -69.42 -61.03 8.39
N SER A 691 -68.81 -59.93 7.94
CA SER A 691 -69.14 -59.32 6.66
C SER A 691 -67.89 -59.23 5.80
N ILE A 692 -68.05 -59.51 4.50
CA ILE A 692 -66.95 -59.47 3.55
C ILE A 692 -67.40 -58.67 2.33
N ALA A 693 -66.41 -58.15 1.60
CA ALA A 693 -66.64 -57.39 0.38
C ALA A 693 -65.86 -58.03 -0.75
N ILE A 694 -66.54 -58.39 -1.83
CA ILE A 694 -65.95 -59.04 -2.99
C ILE A 694 -66.29 -58.20 -4.21
N PRO A 695 -65.31 -57.75 -5.00
CA PRO A 695 -65.61 -56.98 -6.19
C PRO A 695 -66.33 -57.81 -7.24
N THR A 696 -67.19 -57.15 -8.01
CA THR A 696 -67.92 -57.78 -9.09
C THR A 696 -67.49 -57.31 -10.47
N ASN A 697 -66.54 -56.37 -10.54
CA ASN A 697 -66.07 -55.83 -11.80
C ASN A 697 -64.64 -55.34 -11.62
N PHE A 698 -64.03 -54.91 -12.73
CA PHE A 698 -62.68 -54.40 -12.70
C PHE A 698 -62.48 -53.42 -13.84
N THR A 699 -61.42 -52.61 -13.73
CA THR A 699 -61.08 -51.64 -14.75
C THR A 699 -59.58 -51.72 -15.03
N ILE A 700 -59.20 -51.31 -16.24
CA ILE A 700 -57.81 -51.30 -16.68
C ILE A 700 -57.37 -49.85 -16.80
N SER A 701 -56.32 -49.49 -16.06
CA SER A 701 -55.80 -48.14 -16.04
C SER A 701 -54.32 -48.14 -16.42
N VAL A 702 -53.89 -47.07 -17.08
CA VAL A 702 -52.51 -46.88 -17.48
C VAL A 702 -51.98 -45.63 -16.80
N THR A 703 -50.88 -45.77 -16.07
CA THR A 703 -50.26 -44.66 -15.35
C THR A 703 -48.83 -44.47 -15.83
N THR A 704 -48.42 -43.21 -15.92
CA THR A 704 -47.07 -42.87 -16.35
C THR A 704 -46.13 -42.81 -15.16
N GLU A 705 -44.86 -43.17 -15.40
CA GLU A 705 -43.82 -43.14 -14.37
C GLU A 705 -42.53 -42.69 -15.04
N ILE A 706 -42.14 -41.45 -14.79
CA ILE A 706 -40.94 -40.87 -15.40
C ILE A 706 -39.79 -41.00 -14.42
N LEU A 707 -38.67 -41.58 -14.89
CA LEU A 707 -37.48 -41.74 -14.07
C LEU A 707 -36.27 -41.25 -14.87
N PRO A 708 -35.47 -40.34 -14.32
CA PRO A 708 -34.27 -39.89 -15.02
C PRO A 708 -33.22 -40.99 -15.11
N VAL A 709 -32.41 -40.93 -16.16
CA VAL A 709 -31.37 -41.91 -16.42
C VAL A 709 -29.98 -41.28 -16.41
N SER A 710 -29.81 -40.18 -17.15
CA SER A 710 -28.53 -39.50 -17.25
C SER A 710 -28.78 -38.06 -17.68
N MET A 711 -27.72 -37.27 -17.70
CA MET A 711 -27.75 -35.93 -18.28
C MET A 711 -26.72 -35.85 -19.41
N THR A 712 -26.54 -34.65 -19.93
CA THR A 712 -25.52 -34.42 -20.95
C THR A 712 -24.12 -34.55 -20.34
N LYS A 713 -23.25 -35.28 -21.03
CA LYS A 713 -21.88 -35.43 -20.56
C LYS A 713 -21.11 -34.13 -20.73
N THR A 714 -20.36 -33.76 -19.71
CA THR A 714 -19.67 -32.47 -19.66
C THR A 714 -18.17 -32.70 -19.46
N SER A 715 -17.37 -31.98 -20.23
CA SER A 715 -15.92 -31.95 -20.08
C SER A 715 -15.44 -30.52 -20.05
N VAL A 716 -14.43 -30.23 -19.23
CA VAL A 716 -13.93 -28.87 -19.04
C VAL A 716 -12.41 -28.90 -19.07
N ASP A 717 -11.82 -27.89 -19.71
CA ASP A 717 -10.38 -27.68 -19.71
C ASP A 717 -10.07 -26.58 -18.70
N CYS A 718 -9.19 -26.88 -17.74
CA CYS A 718 -8.92 -25.95 -16.65
C CYS A 718 -8.18 -24.70 -17.14
N THR A 719 -7.12 -24.90 -17.93
CA THR A 719 -6.30 -23.77 -18.34
C THR A 719 -7.03 -22.88 -19.36
N MET A 720 -7.97 -23.43 -20.12
CA MET A 720 -8.75 -22.61 -21.03
C MET A 720 -9.83 -21.85 -20.29
N TYR A 721 -10.52 -22.51 -19.35
CA TYR A 721 -11.61 -21.87 -18.63
C TYR A 721 -11.10 -20.78 -17.68
N ILE A 722 -9.95 -21.01 -17.04
CA ILE A 722 -9.45 -20.05 -16.06
C ILE A 722 -8.94 -18.79 -16.77
N CYS A 723 -7.97 -18.94 -17.64
CA CYS A 723 -7.39 -17.78 -18.34
C CYS A 723 -7.34 -17.95 -19.85
N GLY A 724 -7.03 -19.15 -20.34
CA GLY A 724 -7.06 -19.39 -21.77
C GLY A 724 -5.73 -19.21 -22.48
N ASP A 725 -5.56 -18.07 -23.14
CA ASP A 725 -4.43 -17.83 -24.03
C ASP A 725 -3.35 -16.97 -23.38
N SER A 726 -3.11 -17.14 -22.09
CA SER A 726 -2.09 -16.39 -21.37
C SER A 726 -0.93 -17.33 -21.02
N THR A 727 0.27 -16.97 -21.46
CA THR A 727 1.43 -17.83 -21.23
C THR A 727 1.89 -17.76 -19.78
N GLU A 728 1.91 -16.55 -19.20
CA GLU A 728 2.32 -16.40 -17.81
C GLU A 728 1.35 -17.12 -16.87
N CYS A 729 0.04 -17.06 -17.17
CA CYS A 729 -0.94 -17.83 -16.43
C CYS A 729 -0.68 -19.32 -16.57
N SER A 730 -0.32 -19.77 -17.78
CA SER A 730 -0.03 -21.19 -18.00
C SER A 730 1.16 -21.65 -17.17
N ASN A 731 2.21 -20.81 -17.10
CA ASN A 731 3.35 -21.15 -16.27
C ASN A 731 3.00 -21.12 -14.78
N LEU A 732 2.08 -20.22 -14.39
CA LEU A 732 1.72 -20.10 -12.98
C LEU A 732 0.87 -21.27 -12.52
N LEU A 733 -0.02 -21.80 -13.38
CA LEU A 733 -0.93 -22.86 -12.97
C LEU A 733 -0.22 -24.19 -12.71
N LEU A 734 0.96 -24.40 -13.28
CA LEU A 734 1.67 -25.66 -13.05
C LEU A 734 2.24 -25.78 -11.64
N GLN A 735 2.25 -24.71 -10.86
CA GLN A 735 2.72 -24.77 -9.48
C GLN A 735 1.64 -25.24 -8.51
N TYR A 736 0.43 -25.47 -8.98
CA TYR A 736 -0.67 -25.92 -8.13
C TYR A 736 -0.75 -27.43 -7.99
N GLY A 737 0.09 -28.17 -8.71
CA GLY A 737 0.07 -29.62 -8.62
C GLY A 737 -0.79 -30.28 -9.67
N SER A 738 -1.55 -31.29 -9.28
CA SER A 738 -2.39 -32.08 -10.19
C SER A 738 -3.87 -31.77 -9.99
N PHE A 739 -4.20 -30.51 -9.73
CA PHE A 739 -5.59 -30.11 -9.59
C PHE A 739 -6.35 -30.27 -10.90
N CYS A 740 -5.75 -29.83 -12.00
CA CYS A 740 -6.39 -29.99 -13.31
C CYS A 740 -6.53 -31.45 -13.69
N THR A 741 -5.50 -32.26 -13.41
CA THR A 741 -5.58 -33.69 -13.68
C THR A 741 -6.66 -34.35 -12.84
N GLN A 742 -6.79 -33.96 -11.57
CA GLN A 742 -7.83 -34.51 -10.71
C GLN A 742 -9.22 -34.14 -11.21
N LEU A 743 -9.40 -32.88 -11.64
CA LEU A 743 -10.70 -32.45 -12.16
C LEU A 743 -11.03 -33.19 -13.46
N LYS A 744 -10.05 -33.34 -14.35
CA LYS A 744 -10.28 -34.07 -15.59
C LYS A 744 -10.63 -35.53 -15.32
N ARG A 745 -9.93 -36.16 -14.36
CA ARG A 745 -10.23 -37.54 -14.00
C ARG A 745 -11.63 -37.66 -13.43
N ALA A 746 -12.04 -36.70 -12.58
CA ALA A 746 -13.38 -36.74 -12.01
C ALA A 746 -14.45 -36.58 -13.07
N LEU A 747 -14.25 -35.66 -14.02
CA LEU A 747 -15.23 -35.46 -15.08
C LEU A 747 -15.30 -36.66 -16.01
N THR A 748 -14.15 -37.26 -16.34
CA THR A 748 -14.17 -38.46 -17.18
C THR A 748 -14.81 -39.63 -16.45
N GLY A 749 -14.61 -39.73 -15.13
CA GLY A 749 -15.30 -40.75 -14.36
C GLY A 749 -16.81 -40.55 -14.35
N ILE A 750 -17.24 -39.28 -14.25
CA ILE A 750 -18.66 -38.97 -14.33
C ILE A 750 -19.21 -39.40 -15.69
N ALA A 751 -18.48 -39.06 -16.77
CA ALA A 751 -18.94 -39.38 -18.12
C ALA A 751 -19.02 -40.89 -18.34
N VAL A 752 -18.01 -41.64 -17.88
CA VAL A 752 -18.03 -43.09 -18.09
C VAL A 752 -19.08 -43.73 -17.19
N GLU A 753 -19.37 -43.15 -16.01
CA GLU A 753 -20.45 -43.67 -15.19
C GLU A 753 -21.80 -43.47 -15.86
N GLN A 754 -22.03 -42.30 -16.46
CA GLN A 754 -23.27 -42.07 -17.18
C GLN A 754 -23.39 -42.98 -18.39
N ASP A 755 -22.28 -43.20 -19.10
CA ASP A 755 -22.30 -44.15 -20.21
C ASP A 755 -22.62 -45.56 -19.74
N LYS A 756 -22.05 -45.97 -18.61
CA LYS A 756 -22.28 -47.31 -18.08
C LYS A 756 -23.73 -47.51 -17.68
N ASN A 757 -24.30 -46.55 -16.96
CA ASN A 757 -25.69 -46.73 -16.53
C ASN A 757 -26.66 -46.56 -17.68
N THR A 758 -26.34 -45.73 -18.68
CA THR A 758 -27.17 -45.65 -19.87
C THR A 758 -27.14 -46.96 -20.66
N GLN A 759 -25.97 -47.60 -20.75
CA GLN A 759 -25.87 -48.88 -21.45
C GLN A 759 -26.60 -49.98 -20.68
N GLU A 760 -26.49 -49.99 -19.35
CA GLU A 760 -27.09 -51.05 -18.55
C GLU A 760 -28.57 -50.83 -18.27
N VAL A 761 -29.11 -49.62 -18.53
CA VAL A 761 -30.52 -49.40 -18.28
C VAL A 761 -31.38 -49.79 -19.48
N PHE A 762 -30.78 -50.03 -20.64
CA PHE A 762 -31.50 -50.35 -21.86
C PHE A 762 -31.13 -51.70 -22.45
N ALA A 763 -29.87 -52.11 -22.34
CA ALA A 763 -29.40 -53.33 -23.00
C ALA A 763 -29.46 -54.53 -22.04
N GLN A 764 -30.68 -54.86 -21.63
CA GLN A 764 -30.90 -56.06 -20.83
C GLN A 764 -30.84 -57.32 -21.68
N VAL A 765 -31.29 -57.24 -22.94
CA VAL A 765 -31.26 -58.36 -23.86
C VAL A 765 -30.48 -57.95 -25.10
N LYS A 766 -29.88 -58.94 -25.77
CA LYS A 766 -29.07 -58.71 -26.95
C LYS A 766 -29.82 -58.97 -28.24
N GLN A 767 -30.77 -59.90 -28.26
CA GLN A 767 -31.50 -60.20 -29.48
C GLN A 767 -32.50 -59.07 -29.78
N ILE A 768 -32.34 -58.43 -30.93
CA ILE A 768 -33.21 -57.32 -31.33
C ILE A 768 -34.40 -57.93 -32.06
N TYR A 769 -35.50 -58.10 -31.34
CA TYR A 769 -36.71 -58.66 -31.92
C TYR A 769 -37.47 -57.60 -32.71
N LYS A 770 -38.31 -58.06 -33.64
CA LYS A 770 -39.12 -57.19 -34.47
C LYS A 770 -40.56 -57.65 -34.46
N THR A 771 -41.47 -56.69 -34.51
CA THR A 771 -42.90 -57.01 -34.52
C THR A 771 -43.29 -57.63 -35.86
N PRO A 772 -44.28 -58.54 -35.85
CA PRO A 772 -44.80 -59.06 -37.11
C PRO A 772 -45.52 -57.98 -37.89
N PRO A 773 -45.54 -58.07 -39.22
CA PRO A 773 -46.27 -57.06 -40.02
C PRO A 773 -47.76 -57.01 -39.72
N ILE A 774 -48.37 -58.13 -39.38
CA ILE A 774 -49.80 -58.15 -39.04
C ILE A 774 -49.95 -57.66 -37.61
N LYS A 775 -50.63 -56.52 -37.44
CA LYS A 775 -50.80 -55.90 -36.12
C LYS A 775 -52.12 -56.33 -35.49
N TYR A 776 -52.26 -57.64 -35.29
CA TYR A 776 -53.41 -58.22 -34.62
C TYR A 776 -52.94 -58.97 -33.38
N PHE A 777 -53.53 -58.64 -32.23
CA PHE A 777 -53.15 -59.24 -30.96
C PHE A 777 -54.39 -59.59 -30.16
N GLY A 778 -55.39 -60.18 -30.81
CA GLY A 778 -56.63 -60.54 -30.14
C GLY A 778 -57.46 -59.37 -29.68
N GLY A 779 -57.56 -58.32 -30.50
CA GLY A 779 -58.36 -57.16 -30.17
C GLY A 779 -57.59 -56.04 -29.49
N PHE A 780 -56.41 -56.31 -28.96
CA PHE A 780 -55.61 -55.28 -28.30
C PHE A 780 -54.93 -54.40 -29.34
N ASN A 781 -54.98 -53.09 -29.12
CA ASN A 781 -54.41 -52.11 -30.04
C ASN A 781 -53.10 -51.60 -29.47
N PHE A 782 -52.02 -51.74 -30.24
CA PHE A 782 -50.69 -51.30 -29.82
C PHE A 782 -50.09 -50.30 -30.81
N SER A 783 -50.94 -49.58 -31.54
CA SER A 783 -50.46 -48.61 -32.51
C SER A 783 -49.82 -47.39 -31.86
N GLN A 784 -50.14 -47.12 -30.60
CA GLN A 784 -49.61 -45.95 -29.92
C GLN A 784 -48.23 -46.17 -29.32
N ILE A 785 -47.83 -47.43 -29.11
CA ILE A 785 -46.53 -47.73 -28.53
C ILE A 785 -45.56 -48.35 -29.53
N LEU A 786 -46.06 -49.05 -30.55
CA LEU A 786 -45.19 -49.60 -31.58
C LEU A 786 -44.69 -48.46 -32.48
N PRO A 787 -43.43 -48.53 -32.93
CA PRO A 787 -42.90 -47.46 -33.79
C PRO A 787 -43.63 -47.39 -35.12
N ASP A 788 -43.76 -46.16 -35.63
CA ASP A 788 -44.45 -45.92 -36.88
C ASP A 788 -43.44 -45.84 -38.02
N PRO A 789 -43.52 -46.71 -39.02
CA PRO A 789 -42.60 -46.59 -40.18
C PRO A 789 -42.75 -45.30 -40.95
N SER A 790 -43.91 -44.65 -40.89
CA SER A 790 -44.10 -43.38 -41.59
C SER A 790 -43.27 -42.27 -40.95
N LYS A 791 -42.99 -42.36 -39.66
CA LYS A 791 -42.16 -41.36 -39.00
C LYS A 791 -40.73 -41.47 -39.50
N PRO A 792 -40.07 -40.35 -39.85
CA PRO A 792 -38.70 -40.42 -40.34
C PRO A 792 -37.68 -40.91 -39.32
N SER A 793 -37.99 -40.80 -38.03
CA SER A 793 -37.08 -41.23 -36.98
C SER A 793 -37.36 -42.65 -36.49
N LYS A 794 -38.32 -43.35 -37.10
CA LYS A 794 -38.69 -44.72 -36.72
C LYS A 794 -39.12 -44.79 -35.26
N ARG A 795 -40.03 -43.91 -34.88
CA ARG A 795 -40.46 -43.77 -33.49
C ARG A 795 -41.98 -43.76 -33.40
N SER A 796 -42.48 -44.29 -32.30
CA SER A 796 -43.91 -44.22 -32.00
C SER A 796 -44.29 -42.78 -31.67
N PRO A 797 -45.54 -42.38 -31.94
CA PRO A 797 -45.95 -40.99 -31.66
C PRO A 797 -45.87 -40.59 -30.19
N ILE A 798 -45.92 -41.55 -29.26
CA ILE A 798 -45.90 -41.19 -27.83
C ILE A 798 -44.57 -40.57 -27.45
N GLU A 799 -43.46 -41.23 -27.78
CA GLU A 799 -42.16 -40.66 -27.44
C GLU A 799 -41.81 -39.47 -28.32
N ASP A 800 -42.40 -39.39 -29.52
CA ASP A 800 -42.26 -38.17 -30.32
C ASP A 800 -42.92 -36.98 -29.63
N LEU A 801 -44.12 -37.18 -29.07
CA LEU A 801 -44.78 -36.12 -28.32
C LEU A 801 -44.00 -35.78 -27.06
N LEU A 802 -43.42 -36.79 -26.40
CA LEU A 802 -42.60 -36.54 -25.23
C LEU A 802 -41.35 -35.74 -25.58
N PHE A 803 -40.74 -36.04 -26.73
CA PHE A 803 -39.59 -35.26 -27.18
C PHE A 803 -40.00 -33.82 -27.52
N ASN A 804 -41.20 -33.65 -28.10
CA ASN A 804 -41.69 -32.31 -28.39
C ASN A 804 -41.98 -31.53 -27.11
N LYS A 805 -42.41 -32.21 -26.05
CA LYS A 805 -42.71 -31.52 -24.79
C LYS A 805 -41.44 -31.00 -24.12
N VAL A 806 -40.35 -31.76 -24.18
CA VAL A 806 -39.12 -31.40 -23.50
C VAL A 806 -38.26 -30.58 -24.44
N THR A 807 -37.88 -29.37 -24.02
CA THR A 807 -37.04 -28.50 -24.83
C THR A 807 -35.62 -28.46 -24.30
N LYS A 836 -16.15 -21.90 -24.61
CA LYS A 836 -15.28 -21.37 -23.56
C LYS A 836 -14.88 -22.48 -22.58
N GLY A 837 -14.18 -23.49 -23.09
CA GLY A 837 -13.74 -24.61 -22.25
C GLY A 837 -14.78 -25.67 -21.98
N LEU A 838 -15.99 -25.27 -21.60
CA LEU A 838 -17.04 -26.23 -21.34
C LEU A 838 -17.59 -26.79 -22.66
N THR A 839 -17.70 -28.12 -22.73
CA THR A 839 -18.21 -28.77 -23.92
C THR A 839 -19.21 -29.84 -23.51
N VAL A 840 -20.09 -30.19 -24.45
CA VAL A 840 -21.14 -31.17 -24.23
C VAL A 840 -20.85 -32.35 -25.15
N LEU A 841 -20.32 -33.43 -24.59
CA LEU A 841 -20.06 -34.64 -25.38
C LEU A 841 -21.37 -35.37 -25.64
N PRO A 842 -21.68 -35.71 -26.89
CA PRO A 842 -22.89 -36.47 -27.16
C PRO A 842 -22.79 -37.87 -26.60
N PRO A 843 -23.91 -38.48 -26.21
CA PRO A 843 -23.86 -39.84 -25.67
C PRO A 843 -23.49 -40.86 -26.73
N LEU A 844 -22.90 -41.97 -26.28
CA LEU A 844 -22.54 -43.05 -27.19
C LEU A 844 -23.79 -43.69 -27.80
N LEU A 845 -24.83 -43.89 -27.00
CA LEU A 845 -26.09 -44.46 -27.48
C LEU A 845 -26.94 -43.33 -28.04
N THR A 846 -27.18 -43.35 -29.35
CA THR A 846 -27.94 -42.31 -30.00
C THR A 846 -29.44 -42.53 -29.77
N ASP A 847 -30.25 -41.59 -30.28
CA ASP A 847 -31.70 -41.70 -30.13
C ASP A 847 -32.25 -42.89 -30.90
N GLU A 848 -31.71 -43.15 -32.09
CA GLU A 848 -32.19 -44.27 -32.89
C GLU A 848 -31.87 -45.61 -32.23
N MET A 849 -30.71 -45.71 -31.58
CA MET A 849 -30.36 -46.95 -30.88
C MET A 849 -31.27 -47.21 -29.69
N ILE A 850 -31.60 -46.15 -28.94
CA ILE A 850 -32.53 -46.29 -27.82
C ILE A 850 -33.93 -46.64 -28.33
N ALA A 851 -34.34 -46.04 -29.45
CA ALA A 851 -35.63 -46.37 -30.03
C ALA A 851 -35.69 -47.82 -30.49
N GLN A 852 -34.60 -48.32 -31.08
CA GLN A 852 -34.55 -49.71 -31.50
C GLN A 852 -34.55 -50.66 -30.30
N TYR A 853 -33.86 -50.28 -29.22
CA TYR A 853 -33.87 -51.07 -28.00
C TYR A 853 -35.28 -51.16 -27.41
N THR A 854 -35.99 -50.02 -27.37
CA THR A 854 -37.35 -50.01 -26.86
C THR A 854 -38.29 -50.82 -27.75
N SER A 855 -38.10 -50.73 -29.07
CA SER A 855 -38.92 -51.52 -29.99
C SER A 855 -38.67 -53.01 -29.81
N ALA A 856 -37.42 -53.41 -29.63
CA ALA A 856 -37.11 -54.82 -29.40
C ALA A 856 -37.70 -55.31 -28.08
N LEU A 857 -37.61 -54.48 -27.03
CA LEU A 857 -38.21 -54.86 -25.75
C LEU A 857 -39.72 -54.97 -25.86
N LEU A 858 -40.37 -54.05 -26.58
CA LEU A 858 -41.80 -54.12 -26.79
C LEU A 858 -42.20 -55.37 -27.56
N ALA A 859 -41.46 -55.70 -28.61
CA ALA A 859 -41.75 -56.90 -29.38
C ALA A 859 -41.57 -58.15 -28.53
N GLY A 860 -40.52 -58.19 -27.71
CA GLY A 860 -40.31 -59.32 -26.84
C GLY A 860 -41.40 -59.47 -25.79
N THR A 861 -41.90 -58.35 -25.26
CA THR A 861 -42.93 -58.42 -24.23
C THR A 861 -44.34 -58.60 -24.79
N ILE A 862 -44.55 -58.39 -26.09
CA ILE A 862 -45.86 -58.67 -26.68
C ILE A 862 -45.90 -60.03 -27.39
N THR A 863 -44.75 -60.56 -27.80
CA THR A 863 -44.71 -61.82 -28.53
C THR A 863 -44.18 -62.98 -27.70
N SER A 864 -43.55 -62.71 -26.56
CA SER A 864 -42.97 -63.77 -25.74
C SER A 864 -43.28 -63.66 -24.25
N GLY A 865 -43.82 -62.53 -23.79
CA GLY A 865 -44.09 -62.40 -22.37
C GLY A 865 -42.80 -62.28 -21.58
N TRP A 866 -42.66 -63.13 -20.56
CA TRP A 866 -41.46 -63.15 -19.73
C TRP A 866 -40.43 -64.18 -20.20
N THR A 867 -40.73 -64.93 -21.27
CA THR A 867 -39.83 -65.99 -21.71
C THR A 867 -38.59 -65.44 -22.41
N PHE A 868 -38.72 -64.31 -23.11
CA PHE A 868 -37.57 -63.75 -23.82
C PHE A 868 -36.54 -63.17 -22.88
N GLY A 869 -36.93 -62.78 -21.66
CA GLY A 869 -35.99 -62.27 -20.69
C GLY A 869 -35.26 -63.33 -19.89
N ALA A 870 -35.62 -64.61 -20.08
CA ALA A 870 -34.99 -65.72 -19.37
C ALA A 870 -34.34 -66.70 -20.34
N GLY A 871 -33.81 -66.19 -21.45
CA GLY A 871 -33.19 -67.02 -22.44
C GLY A 871 -33.76 -66.78 -23.84
N PRO A 872 -33.86 -67.84 -24.64
CA PRO A 872 -34.43 -67.70 -25.98
C PRO A 872 -35.91 -67.34 -25.92
N ALA A 873 -36.35 -66.60 -26.93
CA ALA A 873 -37.74 -66.17 -26.99
C ALA A 873 -38.64 -67.34 -27.39
N LEU A 874 -39.82 -67.40 -26.77
CA LEU A 874 -40.82 -68.41 -27.07
C LEU A 874 -42.10 -67.72 -27.52
N GLN A 875 -42.62 -68.13 -28.68
CA GLN A 875 -43.83 -67.53 -29.20
C GLN A 875 -45.03 -67.90 -28.33
N ILE A 876 -45.92 -66.94 -28.13
CA ILE A 876 -47.12 -67.14 -27.32
C ILE A 876 -48.19 -66.15 -27.77
N PRO A 877 -49.46 -66.57 -27.86
CA PRO A 877 -50.53 -65.60 -28.13
C PRO A 877 -50.69 -64.62 -26.98
N PHE A 878 -51.04 -63.39 -27.32
CA PHE A 878 -51.24 -62.36 -26.31
C PHE A 878 -52.38 -62.66 -25.33
N PRO A 879 -53.56 -63.17 -25.74
CA PRO A 879 -54.54 -63.60 -24.74
C PRO A 879 -54.02 -64.68 -23.80
N MET A 880 -53.17 -65.59 -24.29
CA MET A 880 -52.57 -66.60 -23.41
C MET A 880 -51.63 -65.95 -22.39
N GLN A 881 -50.86 -64.94 -22.82
CA GLN A 881 -50.00 -64.22 -21.89
C GLN A 881 -50.83 -63.44 -20.86
N MET A 882 -51.94 -62.86 -21.29
CA MET A 882 -52.84 -62.18 -20.35
C MET A 882 -53.43 -63.16 -19.35
N ALA A 883 -53.81 -64.35 -19.80
CA ALA A 883 -54.31 -65.37 -18.89
C ALA A 883 -53.23 -65.82 -17.91
N TYR A 884 -51.99 -65.94 -18.38
CA TYR A 884 -50.87 -66.27 -17.50
C TYR A 884 -50.68 -65.20 -16.44
N ARG A 885 -50.75 -63.92 -16.83
CA ARG A 885 -50.58 -62.84 -15.87
C ARG A 885 -51.74 -62.80 -14.88
N PHE A 886 -52.96 -63.08 -15.33
CA PHE A 886 -54.10 -63.14 -14.42
C PHE A 886 -53.96 -64.30 -13.44
N ASN A 887 -53.44 -65.44 -13.90
CA ASN A 887 -53.17 -66.56 -12.99
C ASN A 887 -52.10 -66.17 -11.98
N GLY A 888 -51.07 -65.44 -12.44
CA GLY A 888 -50.02 -65.01 -11.53
C GLY A 888 -50.51 -64.03 -10.47
N ILE A 889 -51.40 -63.11 -10.86
CA ILE A 889 -51.92 -62.15 -9.89
C ILE A 889 -52.96 -62.76 -8.96
N GLY A 890 -53.51 -63.92 -9.31
CA GLY A 890 -54.45 -64.61 -8.46
C GLY A 890 -55.88 -64.71 -8.96
N VAL A 891 -56.11 -64.55 -10.27
CA VAL A 891 -57.45 -64.60 -10.84
C VAL A 891 -57.49 -65.72 -11.88
N THR A 892 -58.55 -66.52 -11.83
CA THR A 892 -58.70 -67.62 -12.78
C THR A 892 -58.91 -67.10 -14.19
N GLN A 893 -58.53 -67.93 -15.17
CA GLN A 893 -58.56 -67.55 -16.57
C GLN A 893 -59.96 -67.52 -17.17
N ASN A 894 -60.97 -67.99 -16.44
CA ASN A 894 -62.32 -68.04 -16.98
C ASN A 894 -62.90 -66.65 -17.23
N VAL A 895 -62.60 -65.68 -16.35
CA VAL A 895 -63.13 -64.33 -16.51
C VAL A 895 -62.47 -63.56 -17.63
N LEU A 896 -61.38 -64.07 -18.20
CA LEU A 896 -60.69 -63.36 -19.28
C LEU A 896 -61.37 -63.60 -20.61
N TYR A 897 -61.51 -64.86 -21.01
CA TYR A 897 -62.09 -65.19 -22.32
C TYR A 897 -63.57 -64.86 -22.39
N GLU A 898 -64.26 -64.74 -21.26
CA GLU A 898 -65.64 -64.30 -21.25
C GLU A 898 -65.78 -62.78 -21.36
N ASN A 899 -64.69 -62.04 -21.17
CA ASN A 899 -64.70 -60.57 -21.25
C ASN A 899 -63.48 -60.05 -22.00
N GLN A 900 -63.00 -60.80 -22.99
CA GLN A 900 -61.79 -60.40 -23.72
C GLN A 900 -62.01 -59.12 -24.51
N LYS A 901 -63.17 -59.00 -25.17
CA LYS A 901 -63.46 -57.78 -25.94
C LYS A 901 -63.58 -56.57 -25.03
N LEU A 902 -64.23 -56.73 -23.87
CA LEU A 902 -64.34 -55.62 -22.92
C LEU A 902 -62.98 -55.23 -22.37
N ILE A 903 -62.12 -56.23 -22.10
CA ILE A 903 -60.78 -55.94 -21.59
C ILE A 903 -59.96 -55.19 -22.63
N ALA A 904 -60.05 -55.62 -23.89
CA ALA A 904 -59.31 -54.95 -24.96
C ALA A 904 -59.81 -53.52 -25.17
N ASN A 905 -61.14 -53.33 -25.15
CA ASN A 905 -61.69 -51.98 -25.29
C ASN A 905 -61.29 -51.07 -24.14
N GLN A 906 -61.30 -51.61 -22.91
CA GLN A 906 -60.88 -50.84 -21.76
C GLN A 906 -59.39 -50.47 -21.84
N PHE A 907 -58.56 -51.40 -22.31
CA PHE A 907 -57.14 -51.12 -22.48
C PHE A 907 -56.91 -50.04 -23.53
N ASN A 908 -57.63 -50.11 -24.65
CA ASN A 908 -57.49 -49.09 -25.69
C ASN A 908 -57.96 -47.72 -25.20
N SER A 909 -59.07 -47.70 -24.45
CA SER A 909 -59.56 -46.44 -23.90
C SER A 909 -58.58 -45.86 -22.88
N ALA A 910 -57.97 -46.72 -22.07
CA ALA A 910 -56.97 -46.26 -21.10
C ALA A 910 -55.73 -45.72 -21.80
N ILE A 911 -55.31 -46.37 -22.89
CA ILE A 911 -54.17 -45.88 -23.66
C ILE A 911 -54.47 -44.51 -24.26
N GLY A 912 -55.67 -44.35 -24.84
CA GLY A 912 -56.06 -43.06 -25.36
C GLY A 912 -56.14 -41.99 -24.29
N LYS A 913 -56.69 -42.34 -23.12
CA LYS A 913 -56.81 -41.39 -22.02
C LYS A 913 -55.45 -40.96 -21.50
N ILE A 914 -54.52 -41.91 -21.34
CA ILE A 914 -53.20 -41.54 -20.83
C ILE A 914 -52.42 -40.76 -21.88
N GLN A 915 -52.63 -41.03 -23.17
CA GLN A 915 -52.01 -40.21 -24.21
C GLN A 915 -52.55 -38.78 -24.17
N ASP A 916 -53.86 -38.63 -23.99
CA ASP A 916 -54.46 -37.30 -23.90
C ASP A 916 -53.97 -36.56 -22.66
N SER A 917 -53.83 -37.27 -21.54
CA SER A 917 -53.32 -36.66 -20.32
C SER A 917 -51.86 -36.23 -20.46
N LEU A 918 -51.05 -37.06 -21.14
CA LEU A 918 -49.67 -36.68 -21.38
C LEU A 918 -49.57 -35.48 -22.32
N SER A 919 -50.44 -35.40 -23.31
CA SER A 919 -50.40 -34.27 -24.23
C SER A 919 -50.94 -32.99 -23.59
N SER A 920 -51.87 -33.12 -22.65
CA SER A 920 -52.52 -31.95 -22.06
C SER A 920 -51.76 -31.41 -20.86
N THR A 921 -51.34 -32.28 -19.95
CA THR A 921 -50.68 -31.83 -18.73
C THR A 921 -49.24 -31.43 -19.02
N PRO A 922 -48.84 -30.19 -18.74
CA PRO A 922 -47.45 -29.80 -18.99
C PRO A 922 -46.49 -30.16 -17.87
N SER A 923 -46.98 -30.35 -16.65
CA SER A 923 -46.14 -30.65 -15.50
C SER A 923 -45.94 -32.14 -15.28
N ALA A 924 -46.46 -32.99 -16.17
CA ALA A 924 -46.29 -34.43 -16.01
C ALA A 924 -44.84 -34.84 -16.21
N LEU A 925 -44.14 -34.22 -17.16
CA LEU A 925 -42.74 -34.54 -17.44
C LEU A 925 -41.82 -33.62 -16.63
N GLY A 926 -42.06 -33.60 -15.32
CA GLY A 926 -41.36 -32.71 -14.44
C GLY A 926 -39.90 -33.05 -14.16
N LYS A 927 -39.61 -34.35 -14.01
CA LYS A 927 -38.28 -34.76 -13.54
C LYS A 927 -37.20 -34.49 -14.56
N LEU A 928 -37.43 -34.88 -15.82
CA LEU A 928 -36.45 -34.60 -16.87
C LEU A 928 -36.31 -33.10 -17.11
N GLN A 929 -37.42 -32.36 -17.02
CA GLN A 929 -37.38 -30.92 -17.19
C GLN A 929 -36.53 -30.25 -16.11
N ASP A 930 -36.70 -30.67 -14.84
CA ASP A 930 -35.91 -30.05 -13.80
C ASP A 930 -34.46 -30.50 -13.84
N VAL A 931 -34.19 -31.72 -14.30
CA VAL A 931 -32.80 -32.16 -14.48
C VAL A 931 -32.10 -31.31 -15.53
N VAL A 932 -32.78 -31.10 -16.67
CA VAL A 932 -32.22 -30.26 -17.74
C VAL A 932 -32.05 -28.82 -17.26
N ASN A 933 -33.03 -28.31 -16.51
CA ASN A 933 -32.94 -26.95 -16.00
C ASN A 933 -31.80 -26.81 -15.00
N HIS A 934 -31.60 -27.81 -14.13
CA HIS A 934 -30.50 -27.76 -13.18
C HIS A 934 -29.15 -27.80 -13.89
N ASN A 935 -29.02 -28.65 -14.92
CA ASN A 935 -27.77 -28.70 -15.67
C ASN A 935 -27.48 -27.38 -16.37
N ALA A 936 -28.52 -26.80 -17.01
CA ALA A 936 -28.34 -25.54 -17.71
C ALA A 936 -28.03 -24.40 -16.73
N GLN A 937 -28.69 -24.38 -15.57
CA GLN A 937 -28.42 -23.34 -14.57
C GLN A 937 -27.01 -23.47 -14.00
N ALA A 938 -26.56 -24.70 -13.74
CA ALA A 938 -25.21 -24.90 -13.24
C ALA A 938 -24.17 -24.46 -14.28
N LEU A 939 -24.38 -24.81 -15.54
CA LEU A 939 -23.46 -24.39 -16.59
C LEU A 939 -23.44 -22.87 -16.75
N ASN A 940 -24.62 -22.25 -16.73
CA ASN A 940 -24.71 -20.79 -16.87
C ASN A 940 -24.06 -20.08 -15.70
N THR A 941 -24.26 -20.58 -14.48
CA THR A 941 -23.66 -19.95 -13.30
C THR A 941 -22.14 -20.13 -13.31
N LEU A 942 -21.66 -21.31 -13.73
CA LEU A 942 -20.21 -21.52 -13.85
C LEU A 942 -19.60 -20.60 -14.89
N VAL A 943 -20.31 -20.38 -16.00
CA VAL A 943 -19.84 -19.44 -17.02
C VAL A 943 -19.83 -18.01 -16.47
N LYS A 944 -20.90 -17.62 -15.77
CA LYS A 944 -21.01 -16.26 -15.27
C LYS A 944 -20.02 -15.98 -14.14
N GLN A 945 -19.58 -17.01 -13.43
CA GLN A 945 -18.60 -16.83 -12.36
C GLN A 945 -17.22 -16.41 -12.88
N LEU A 946 -16.98 -16.52 -14.19
CA LEU A 946 -15.71 -16.07 -14.75
C LEU A 946 -15.56 -14.55 -14.66
N SER A 947 -16.67 -13.82 -14.66
CA SER A 947 -16.65 -12.36 -14.59
C SER A 947 -16.70 -11.84 -13.16
N SER A 948 -16.26 -12.63 -12.19
CA SER A 948 -16.25 -12.22 -10.80
C SER A 948 -14.91 -11.56 -10.45
N LYS A 949 -14.98 -10.48 -9.67
CA LYS A 949 -13.76 -9.78 -9.29
C LYS A 949 -12.89 -10.62 -8.37
N PHE A 950 -13.51 -11.36 -7.45
CA PHE A 950 -12.81 -12.20 -6.46
C PHE A 950 -11.80 -11.39 -5.64
N GLY A 951 -12.18 -10.16 -5.30
CA GLY A 951 -11.33 -9.28 -4.53
C GLY A 951 -10.28 -8.53 -5.32
N ALA A 952 -10.22 -8.73 -6.64
CA ALA A 952 -9.23 -8.05 -7.47
C ALA A 952 -9.82 -6.74 -8.00
N ILE A 953 -8.98 -5.96 -8.67
CA ILE A 953 -9.40 -4.67 -9.20
C ILE A 953 -10.36 -4.87 -10.39
N SER A 954 -10.17 -5.93 -11.16
CA SER A 954 -11.00 -6.17 -12.33
C SER A 954 -11.03 -7.66 -12.62
N SER A 955 -12.04 -8.08 -13.38
CA SER A 955 -12.19 -9.48 -13.76
C SER A 955 -11.31 -9.86 -14.95
N VAL A 956 -10.74 -8.88 -15.65
CA VAL A 956 -9.86 -9.14 -16.78
C VAL A 956 -8.42 -9.08 -16.30
N LEU A 957 -7.60 -10.00 -16.79
CA LEU A 957 -6.23 -10.16 -16.30
C LEU A 957 -5.17 -9.53 -17.18
N ASN A 958 -5.42 -9.41 -18.49
CA ASN A 958 -4.45 -8.76 -19.37
C ASN A 958 -4.32 -7.28 -19.04
N ASP A 959 -5.45 -6.63 -18.74
CA ASP A 959 -5.40 -5.22 -18.32
C ASP A 959 -4.68 -5.07 -16.99
N ILE A 960 -4.87 -6.04 -16.09
CA ILE A 960 -4.16 -6.03 -14.80
C ILE A 960 -2.66 -6.16 -15.03
N PHE A 961 -2.24 -7.07 -15.91
CA PHE A 961 -0.83 -7.22 -16.22
C PHE A 961 -0.25 -5.99 -16.91
N SER A 962 -1.07 -5.31 -17.72
CA SER A 962 -0.59 -4.11 -18.41
C SER A 962 -0.45 -2.93 -17.45
N ARG A 963 -1.41 -2.74 -16.55
CA ARG A 963 -1.39 -1.60 -15.64
C ARG A 963 -0.64 -1.87 -14.35
N LEU A 964 -0.48 -3.13 -13.95
CA LEU A 964 0.25 -3.50 -12.76
C LEU A 964 1.32 -4.50 -13.13
N ASP A 965 2.54 -4.29 -12.65
CA ASP A 965 3.66 -5.14 -13.02
C ASP A 965 3.48 -6.54 -12.44
N PRO A 966 3.90 -7.58 -13.16
CA PRO A 966 3.65 -8.97 -12.73
C PRO A 966 4.25 -9.31 -11.37
N PRO A 967 5.42 -8.71 -10.95
CA PRO A 967 5.84 -8.89 -9.55
C PRO A 967 4.77 -8.60 -8.51
N GLU A 968 4.09 -7.45 -8.62
CA GLU A 968 3.04 -7.11 -7.68
C GLU A 968 1.66 -7.63 -8.10
N ALA A 969 1.45 -7.85 -9.40
CA ALA A 969 0.17 -8.38 -9.86
C ALA A 969 0.07 -9.89 -9.69
N GLU A 970 1.16 -10.57 -9.30
CA GLU A 970 1.12 -12.01 -9.13
C GLU A 970 0.16 -12.41 -8.02
N VAL A 971 0.12 -11.64 -6.94
CA VAL A 971 -0.78 -11.94 -5.83
C VAL A 971 -2.24 -11.81 -6.27
N GLN A 972 -2.56 -10.73 -7.00
CA GLN A 972 -3.93 -10.54 -7.47
C GLN A 972 -4.33 -11.62 -8.47
N ILE A 973 -3.42 -11.99 -9.37
CA ILE A 973 -3.70 -13.06 -10.33
C ILE A 973 -3.90 -14.39 -9.61
N ASP A 974 -3.09 -14.65 -8.59
CA ASP A 974 -3.23 -15.87 -7.80
C ASP A 974 -4.57 -15.91 -7.06
N ARG A 975 -4.99 -14.78 -6.51
CA ARG A 975 -6.29 -14.71 -5.85
C ARG A 975 -7.43 -14.96 -6.84
N LEU A 976 -7.33 -14.37 -8.03
CA LEU A 976 -8.37 -14.56 -9.04
C LEU A 976 -8.44 -16.02 -9.50
N ILE A 977 -7.28 -16.63 -9.75
CA ILE A 977 -7.30 -18.01 -10.25
C ILE A 977 -7.70 -18.98 -9.15
N THR A 978 -7.38 -18.69 -7.89
CA THR A 978 -7.81 -19.59 -6.82
C THR A 978 -9.30 -19.42 -6.53
N GLY A 979 -9.87 -18.22 -6.73
CA GLY A 979 -11.31 -18.09 -6.67
C GLY A 979 -12.01 -18.83 -7.79
N ARG A 980 -11.46 -18.75 -9.00
CA ARG A 980 -12.00 -19.51 -10.13
C ARG A 980 -11.89 -21.01 -9.88
N LEU A 981 -10.78 -21.46 -9.29
CA LEU A 981 -10.61 -22.87 -8.98
C LEU A 981 -11.56 -23.32 -7.88
N GLN A 982 -11.83 -22.46 -6.89
CA GLN A 982 -12.82 -22.80 -5.87
C GLN A 982 -14.21 -22.93 -6.47
N SER A 983 -14.57 -22.02 -7.39
CA SER A 983 -15.85 -22.12 -8.08
C SER A 983 -15.93 -23.40 -8.92
N LEU A 984 -14.83 -23.74 -9.60
CA LEU A 984 -14.80 -24.96 -10.39
C LEU A 984 -14.92 -26.20 -9.51
N GLN A 985 -14.28 -26.19 -8.34
CA GLN A 985 -14.38 -27.32 -7.42
C GLN A 985 -15.79 -27.45 -6.85
N THR A 986 -16.44 -26.32 -6.57
CA THR A 986 -17.83 -26.36 -6.13
C THR A 986 -18.73 -26.94 -7.22
N TYR A 987 -18.51 -26.53 -8.47
CA TYR A 987 -19.27 -27.09 -9.58
C TYR A 987 -19.00 -28.59 -9.74
N VAL A 988 -17.75 -29.01 -9.55
CA VAL A 988 -17.40 -30.42 -9.67
C VAL A 988 -18.07 -31.23 -8.57
N THR A 989 -18.08 -30.72 -7.34
CA THR A 989 -18.73 -31.43 -6.24
C THR A 989 -20.24 -31.52 -6.46
N GLN A 990 -20.86 -30.43 -6.94
CA GLN A 990 -22.29 -30.47 -7.24
C GLN A 990 -22.58 -31.47 -8.35
N GLN A 991 -21.73 -31.52 -9.38
CA GLN A 991 -21.90 -32.48 -10.45
C GLN A 991 -21.74 -33.91 -9.96
N LEU A 992 -20.81 -34.15 -9.04
CA LEU A 992 -20.65 -35.48 -8.44
C LEU A 992 -21.89 -35.89 -7.66
N ILE A 993 -22.44 -34.98 -6.86
CA ILE A 993 -23.64 -35.30 -6.08
C ILE A 993 -24.83 -35.57 -7.00
N ARG A 994 -25.01 -34.74 -8.02
CA ARG A 994 -26.10 -34.94 -8.97
C ARG A 994 -25.92 -36.24 -9.75
N ALA A 995 -24.69 -36.56 -10.14
CA ALA A 995 -24.42 -37.79 -10.86
C ALA A 995 -24.68 -39.01 -9.99
N ALA A 996 -24.33 -38.94 -8.69
CA ALA A 996 -24.64 -40.04 -7.78
C ALA A 996 -26.14 -40.23 -7.63
N GLU A 997 -26.88 -39.13 -7.48
CA GLU A 997 -28.33 -39.23 -7.35
C GLU A 997 -28.97 -39.79 -8.61
N ILE A 998 -28.53 -39.33 -9.78
CA ILE A 998 -29.09 -39.81 -11.04
C ILE A 998 -28.67 -41.25 -11.31
N ARG A 999 -27.48 -41.65 -10.86
CA ARG A 999 -27.08 -43.05 -10.97
C ARG A 999 -27.94 -43.93 -10.09
N ALA A 1000 -28.28 -43.46 -8.88
CA ALA A 1000 -29.21 -44.21 -8.04
C ALA A 1000 -30.59 -44.32 -8.69
N SER A 1001 -31.05 -43.23 -9.31
CA SER A 1001 -32.33 -43.27 -10.01
C SER A 1001 -32.29 -44.23 -11.21
N ALA A 1002 -31.17 -44.25 -11.94
CA ALA A 1002 -31.01 -45.16 -13.06
C ALA A 1002 -30.95 -46.61 -12.61
N ASN A 1003 -30.31 -46.87 -11.47
CA ASN A 1003 -30.32 -48.22 -10.90
C ASN A 1003 -31.73 -48.62 -10.49
N LEU A 1004 -32.49 -47.69 -9.92
CA LEU A 1004 -33.88 -47.97 -9.58
C LEU A 1004 -34.70 -48.28 -10.82
N ALA A 1005 -34.50 -47.52 -11.90
CA ALA A 1005 -35.22 -47.78 -13.15
C ALA A 1005 -34.82 -49.12 -13.75
N ALA A 1006 -33.53 -49.47 -13.68
CA ALA A 1006 -33.07 -50.75 -14.19
C ALA A 1006 -33.66 -51.90 -13.40
N THR A 1007 -33.73 -51.78 -12.07
CA THR A 1007 -34.38 -52.81 -11.26
C THR A 1007 -35.86 -52.91 -11.58
N LYS A 1008 -36.53 -51.77 -11.77
CA LYS A 1008 -37.95 -51.79 -12.13
C LYS A 1008 -38.17 -52.49 -13.47
N MET A 1009 -37.29 -52.22 -14.45
CA MET A 1009 -37.41 -52.86 -15.74
C MET A 1009 -37.06 -54.34 -15.66
N SER A 1010 -36.18 -54.72 -14.73
CA SER A 1010 -35.88 -56.13 -14.51
C SER A 1010 -37.07 -56.86 -13.91
N GLU A 1011 -37.79 -56.22 -12.99
CA GLU A 1011 -38.91 -56.90 -12.33
C GLU A 1011 -40.17 -56.88 -13.17
N CYS A 1012 -40.71 -55.70 -13.47
CA CYS A 1012 -42.07 -55.59 -14.00
C CYS A 1012 -42.11 -55.16 -15.47
N VAL A 1013 -41.05 -55.47 -16.22
CA VAL A 1013 -41.05 -55.33 -17.68
C VAL A 1013 -40.70 -56.65 -18.35
N LEU A 1014 -39.63 -57.30 -17.88
CA LEU A 1014 -39.23 -58.62 -18.37
C LEU A 1014 -39.95 -59.76 -17.67
N GLY A 1015 -40.87 -59.46 -16.76
CA GLY A 1015 -41.58 -60.51 -16.05
C GLY A 1015 -42.62 -59.91 -15.14
N GLN A 1016 -43.20 -60.77 -14.31
CA GLN A 1016 -44.19 -60.33 -13.34
C GLN A 1016 -43.51 -59.71 -12.12
N SER A 1017 -44.31 -58.99 -11.33
CA SER A 1017 -43.82 -58.35 -10.12
C SER A 1017 -44.84 -58.56 -9.00
N LYS A 1018 -44.41 -59.20 -7.92
CA LYS A 1018 -45.27 -59.44 -6.76
C LYS A 1018 -45.15 -58.35 -5.71
N ARG A 1019 -44.30 -57.35 -5.93
CA ARG A 1019 -44.13 -56.25 -4.98
C ARG A 1019 -45.22 -55.21 -5.22
N VAL A 1020 -46.11 -55.05 -4.26
CA VAL A 1020 -47.23 -54.12 -4.38
C VAL A 1020 -46.73 -52.70 -4.19
N ASP A 1021 -47.27 -51.78 -4.99
CA ASP A 1021 -46.90 -50.36 -4.98
C ASP A 1021 -45.39 -50.17 -5.18
N PHE A 1022 -44.84 -50.90 -6.14
CA PHE A 1022 -43.43 -50.80 -6.50
C PHE A 1022 -43.22 -50.05 -7.81
N CYS A 1023 -43.89 -50.49 -8.87
CA CYS A 1023 -43.85 -49.84 -10.18
C CYS A 1023 -45.26 -49.71 -10.74
N GLY A 1024 -46.18 -49.22 -9.91
CA GLY A 1024 -47.56 -49.02 -10.34
C GLY A 1024 -48.57 -49.18 -9.23
N LYS A 1025 -49.55 -48.28 -9.19
CA LYS A 1025 -50.59 -48.35 -8.18
C LYS A 1025 -51.55 -49.50 -8.51
N GLY A 1026 -51.87 -50.30 -7.51
CA GLY A 1026 -52.75 -51.44 -7.70
C GLY A 1026 -52.01 -52.68 -8.16
N TYR A 1027 -52.80 -53.70 -8.49
CA TYR A 1027 -52.24 -54.95 -8.98
C TYR A 1027 -51.62 -54.74 -10.36
N HIS A 1028 -50.39 -55.21 -10.53
CA HIS A 1028 -49.63 -54.96 -11.74
C HIS A 1028 -49.83 -56.08 -12.76
N LEU A 1029 -49.90 -55.71 -14.04
CA LEU A 1029 -49.99 -56.66 -15.13
C LEU A 1029 -48.75 -56.62 -16.01
N MET A 1030 -48.42 -55.46 -16.57
CA MET A 1030 -47.23 -55.30 -17.41
C MET A 1030 -46.89 -53.81 -17.50
N SER A 1031 -45.87 -53.50 -18.29
CA SER A 1031 -45.47 -52.12 -18.53
C SER A 1031 -44.83 -52.02 -19.89
N PHE A 1032 -44.85 -50.81 -20.45
CA PHE A 1032 -44.27 -50.53 -21.76
C PHE A 1032 -43.19 -49.46 -21.64
N PRO A 1033 -41.91 -49.78 -21.85
CA PRO A 1033 -40.87 -48.75 -21.78
C PRO A 1033 -40.77 -47.99 -23.11
N GLN A 1034 -40.71 -46.67 -23.02
CA GLN A 1034 -40.55 -45.80 -24.18
C GLN A 1034 -39.38 -44.86 -23.95
N SER A 1035 -38.79 -44.40 -25.05
CA SER A 1035 -37.65 -43.49 -24.96
C SER A 1035 -38.07 -42.12 -24.47
N ALA A 1036 -37.19 -41.48 -23.71
CA ALA A 1036 -37.45 -40.17 -23.12
C ALA A 1036 -36.19 -39.33 -23.23
N PRO A 1037 -36.30 -38.00 -23.24
CA PRO A 1037 -35.09 -37.15 -23.32
C PRO A 1037 -34.27 -37.25 -22.06
N HIS A 1038 -33.07 -37.83 -22.18
CA HIS A 1038 -32.15 -38.03 -21.06
C HIS A 1038 -32.80 -38.80 -19.92
N GLY A 1039 -33.58 -39.82 -20.26
CA GLY A 1039 -34.30 -40.58 -19.26
C GLY A 1039 -35.14 -41.66 -19.91
N VAL A 1040 -35.99 -42.28 -19.09
CA VAL A 1040 -36.88 -43.34 -19.56
C VAL A 1040 -38.25 -43.11 -18.93
N VAL A 1041 -39.29 -43.52 -19.65
CA VAL A 1041 -40.66 -43.40 -19.18
C VAL A 1041 -41.30 -44.79 -19.21
N PHE A 1042 -42.27 -44.99 -18.31
CA PHE A 1042 -42.95 -46.27 -18.18
C PHE A 1042 -44.46 -46.07 -18.34
N LEU A 1043 -45.10 -47.02 -19.03
CA LEU A 1043 -46.55 -47.04 -19.20
C LEU A 1043 -47.05 -48.31 -18.52
N HIS A 1044 -47.32 -48.21 -17.22
CA HIS A 1044 -47.71 -49.37 -16.43
C HIS A 1044 -49.18 -49.70 -16.68
N VAL A 1045 -49.46 -50.96 -16.98
CA VAL A 1045 -50.82 -51.46 -17.09
C VAL A 1045 -51.17 -52.16 -15.79
N THR A 1046 -52.15 -51.61 -15.06
CA THR A 1046 -52.47 -52.10 -13.72
C THR A 1046 -53.89 -52.65 -13.69
N TYR A 1047 -54.14 -53.47 -12.67
CA TYR A 1047 -55.44 -54.09 -12.43
C TYR A 1047 -56.07 -53.46 -11.20
N VAL A 1048 -57.25 -52.85 -11.37
CA VAL A 1048 -57.93 -52.15 -10.29
C VAL A 1048 -59.34 -52.72 -10.16
N PRO A 1049 -59.69 -53.34 -9.03
CA PRO A 1049 -61.06 -53.81 -8.84
C PRO A 1049 -62.02 -52.66 -8.61
N ALA A 1050 -63.30 -52.92 -8.87
CA ALA A 1050 -64.34 -51.92 -8.71
C ALA A 1050 -65.68 -52.61 -8.51
N GLN A 1051 -66.66 -51.82 -8.07
CA GLN A 1051 -68.05 -52.27 -7.88
C GLN A 1051 -68.15 -53.44 -6.91
N GLU A 1052 -67.76 -53.16 -5.67
CA GLU A 1052 -67.84 -54.16 -4.62
C GLU A 1052 -69.27 -54.34 -4.13
N LYS A 1053 -69.53 -55.48 -3.49
CA LYS A 1053 -70.84 -55.80 -2.95
C LYS A 1053 -70.67 -56.46 -1.58
N ASN A 1054 -71.69 -56.30 -0.74
CA ASN A 1054 -71.67 -56.88 0.59
C ASN A 1054 -72.06 -58.35 0.56
N PHE A 1055 -71.34 -59.17 1.32
CA PHE A 1055 -71.62 -60.59 1.44
C PHE A 1055 -71.36 -61.04 2.88
N THR A 1056 -72.00 -62.14 3.26
CA THR A 1056 -71.83 -62.73 4.57
C THR A 1056 -70.81 -63.87 4.48
N THR A 1057 -69.74 -63.78 5.23
CA THR A 1057 -68.64 -64.73 5.17
C THR A 1057 -68.69 -65.70 6.34
N ALA A 1058 -67.90 -66.77 6.22
CA ALA A 1058 -67.77 -67.78 7.26
C ALA A 1058 -66.37 -68.38 7.14
N PRO A 1059 -65.69 -68.59 8.27
CA PRO A 1059 -64.33 -69.17 8.21
C PRO A 1059 -64.29 -70.57 7.63
N ALA A 1060 -65.31 -71.39 7.86
CA ALA A 1060 -65.32 -72.77 7.38
C ALA A 1060 -66.77 -73.25 7.35
N ILE A 1061 -66.96 -74.48 6.88
CA ILE A 1061 -68.26 -75.11 6.79
C ILE A 1061 -68.20 -76.46 7.51
N CYS A 1062 -69.11 -76.67 8.45
CA CYS A 1062 -69.20 -77.94 9.17
C CYS A 1062 -70.20 -78.85 8.47
N HIS A 1063 -69.71 -79.97 7.93
CA HIS A 1063 -70.56 -80.96 7.26
C HIS A 1063 -70.25 -82.33 7.85
N ASP A 1064 -71.31 -83.01 8.30
CA ASP A 1064 -71.21 -84.35 8.91
C ASP A 1064 -70.27 -84.35 10.11
N GLY A 1065 -70.29 -83.27 10.88
CA GLY A 1065 -69.43 -83.13 12.03
C GLY A 1065 -67.98 -82.82 11.72
N LYS A 1066 -67.64 -82.51 10.48
CA LYS A 1066 -66.28 -82.23 10.06
C LYS A 1066 -66.22 -80.84 9.42
N ALA A 1067 -65.18 -80.09 9.76
CA ALA A 1067 -64.99 -78.75 9.20
C ALA A 1067 -64.38 -78.83 7.80
N HIS A 1068 -64.88 -77.99 6.90
CA HIS A 1068 -64.39 -77.93 5.53
C HIS A 1068 -63.82 -76.54 5.26
N PHE A 1069 -62.58 -76.51 4.76
CA PHE A 1069 -61.91 -75.26 4.45
C PHE A 1069 -61.69 -75.13 2.95
N PRO A 1070 -61.85 -73.93 2.38
CA PRO A 1070 -61.63 -73.76 0.95
C PRO A 1070 -60.15 -73.90 0.58
N ARG A 1071 -59.92 -74.41 -0.62
CA ARG A 1071 -58.55 -74.56 -1.10
C ARG A 1071 -57.93 -73.21 -1.42
N GLU A 1072 -58.64 -72.37 -2.16
CA GLU A 1072 -58.13 -71.05 -2.52
C GLU A 1072 -59.14 -69.92 -2.39
N GLY A 1073 -60.42 -70.20 -2.19
CA GLY A 1073 -61.45 -69.18 -2.13
C GLY A 1073 -61.89 -68.88 -0.72
N VAL A 1074 -63.04 -68.22 -0.62
CA VAL A 1074 -63.64 -67.86 0.66
C VAL A 1074 -65.14 -68.14 0.58
N PHE A 1075 -65.70 -68.69 1.66
CA PHE A 1075 -67.12 -68.97 1.73
C PHE A 1075 -67.88 -67.66 1.91
N VAL A 1076 -68.81 -67.38 0.99
CA VAL A 1076 -69.61 -66.16 1.04
C VAL A 1076 -71.08 -66.54 0.94
N SER A 1077 -71.93 -65.63 1.42
CA SER A 1077 -73.37 -65.83 1.41
C SER A 1077 -74.06 -64.55 0.99
N ASN A 1078 -75.06 -64.66 0.12
CA ASN A 1078 -75.86 -63.53 -0.32
C ASN A 1078 -77.15 -63.37 0.47
N GLY A 1079 -77.39 -64.22 1.47
CA GLY A 1079 -78.55 -64.09 2.32
C GLY A 1079 -79.26 -65.40 2.61
N THR A 1080 -79.27 -66.32 1.65
CA THR A 1080 -79.90 -67.62 1.86
C THR A 1080 -79.09 -68.79 1.33
N HIS A 1081 -78.07 -68.58 0.52
CA HIS A 1081 -77.26 -69.66 -0.03
C HIS A 1081 -75.78 -69.34 0.17
N TRP A 1082 -74.97 -70.40 0.21
CA TRP A 1082 -73.54 -70.27 0.43
C TRP A 1082 -72.79 -70.59 -0.86
N PHE A 1083 -71.71 -69.84 -1.11
CA PHE A 1083 -70.92 -70.02 -2.32
C PHE A 1083 -69.46 -69.72 -1.99
N VAL A 1084 -68.57 -70.18 -2.87
CA VAL A 1084 -67.15 -69.90 -2.79
C VAL A 1084 -66.76 -69.04 -3.99
N THR A 1085 -65.99 -67.99 -3.74
CA THR A 1085 -65.61 -67.02 -4.76
C THR A 1085 -64.12 -66.72 -4.69
N GLN A 1086 -63.60 -66.17 -5.78
CA GLN A 1086 -62.21 -65.73 -5.80
C GLN A 1086 -62.02 -64.48 -4.95
N ARG A 1087 -60.78 -64.25 -4.55
CA ARG A 1087 -60.45 -63.13 -3.67
C ARG A 1087 -60.41 -61.80 -4.39
N ASN A 1088 -60.46 -61.79 -5.72
CA ASN A 1088 -60.46 -60.55 -6.49
C ASN A 1088 -61.66 -60.38 -7.40
N PHE A 1089 -62.41 -61.44 -7.68
CA PHE A 1089 -63.58 -61.36 -8.53
C PHE A 1089 -64.71 -62.18 -7.93
N TYR A 1090 -65.94 -61.80 -8.26
CA TYR A 1090 -67.13 -62.48 -7.77
C TYR A 1090 -67.53 -63.58 -8.75
N GLU A 1091 -67.49 -64.83 -8.29
CA GLU A 1091 -67.88 -65.97 -9.12
C GLU A 1091 -68.41 -67.05 -8.21
N PRO A 1092 -69.71 -67.05 -7.93
CA PRO A 1092 -70.29 -68.03 -7.00
C PRO A 1092 -70.29 -69.44 -7.59
N GLN A 1093 -69.90 -70.39 -6.76
CA GLN A 1093 -69.88 -71.80 -7.15
C GLN A 1093 -70.38 -72.64 -5.98
N ILE A 1094 -70.93 -73.82 -6.30
CA ILE A 1094 -71.41 -74.73 -5.28
C ILE A 1094 -70.24 -75.36 -4.54
N ILE A 1095 -70.35 -75.45 -3.22
CA ILE A 1095 -69.28 -76.03 -2.41
C ILE A 1095 -69.27 -77.54 -2.62
N THR A 1096 -68.15 -78.06 -3.12
CA THR A 1096 -67.96 -79.48 -3.37
C THR A 1096 -66.68 -79.94 -2.69
N THR A 1097 -66.34 -81.21 -2.88
CA THR A 1097 -65.16 -81.79 -2.26
C THR A 1097 -63.89 -81.56 -3.05
N ASP A 1098 -63.99 -81.12 -4.31
CA ASP A 1098 -62.79 -80.91 -5.12
C ASP A 1098 -62.07 -79.62 -4.73
N ASN A 1099 -62.82 -78.56 -4.42
CA ASN A 1099 -62.25 -77.27 -4.08
C ASN A 1099 -62.16 -77.05 -2.57
N THR A 1100 -62.50 -78.04 -1.76
CA THR A 1100 -62.42 -77.94 -0.31
C THR A 1100 -61.70 -79.16 0.25
N PHE A 1101 -61.13 -78.98 1.45
CA PHE A 1101 -60.45 -80.07 2.14
C PHE A 1101 -60.92 -80.11 3.58
N VAL A 1102 -60.85 -81.31 4.17
CA VAL A 1102 -61.34 -81.56 5.51
C VAL A 1102 -60.17 -81.63 6.47
N SER A 1103 -60.26 -80.89 7.58
CA SER A 1103 -59.22 -80.88 8.60
C SER A 1103 -59.89 -80.80 9.97
N GLY A 1104 -60.08 -81.94 10.62
CA GLY A 1104 -60.63 -81.98 11.95
C GLY A 1104 -62.14 -81.78 11.98
N ASN A 1105 -62.65 -81.65 13.20
CA ASN A 1105 -64.08 -81.47 13.43
C ASN A 1105 -64.44 -79.97 13.44
N CYS A 1106 -65.70 -79.68 13.76
CA CYS A 1106 -66.25 -78.35 13.58
C CYS A 1106 -66.74 -77.73 14.90
N ASP A 1107 -66.04 -78.00 16.00
CA ASP A 1107 -66.35 -77.36 17.27
C ASP A 1107 -65.21 -76.56 17.86
N VAL A 1108 -63.95 -76.91 17.55
CA VAL A 1108 -62.81 -76.15 18.04
C VAL A 1108 -62.76 -74.78 17.39
N VAL A 1109 -63.11 -74.70 16.10
CA VAL A 1109 -63.07 -73.42 15.39
C VAL A 1109 -64.21 -72.52 15.88
N ILE A 1110 -64.06 -71.22 15.62
CA ILE A 1110 -64.99 -70.21 16.06
C ILE A 1110 -65.61 -69.54 14.85
N GLY A 1111 -66.93 -69.47 14.82
CA GLY A 1111 -67.65 -68.82 13.74
C GLY A 1111 -68.13 -69.72 12.63
N ILE A 1112 -68.04 -71.05 12.80
CA ILE A 1112 -68.46 -71.96 11.75
C ILE A 1112 -69.98 -72.00 11.70
N VAL A 1113 -70.52 -72.33 10.52
CA VAL A 1113 -71.96 -72.41 10.32
C VAL A 1113 -72.30 -73.79 9.76
N ASN A 1114 -73.58 -74.03 9.51
CA ASN A 1114 -74.06 -75.32 9.02
C ASN A 1114 -74.51 -75.19 7.57
N ASN A 1115 -73.95 -76.03 6.71
CA ASN A 1115 -74.31 -76.06 5.31
C ASN A 1115 -73.87 -77.39 4.72
N THR A 1116 -74.74 -78.00 3.92
CA THR A 1116 -74.39 -79.27 3.29
C THR A 1116 -73.39 -79.07 2.16
N VAL A 1117 -72.61 -80.11 1.89
CA VAL A 1117 -71.61 -80.10 0.83
C VAL A 1117 -72.05 -81.10 -0.22
N TYR A 1118 -72.26 -80.62 -1.44
CA TYR A 1118 -72.67 -81.51 -2.53
C TYR A 1118 -71.51 -82.38 -2.96
N ASP A 1119 -71.76 -83.68 -3.09
CA ASP A 1119 -70.75 -84.63 -3.51
C ASP A 1119 -70.93 -84.92 -4.99
N PRO A 1120 -70.00 -84.50 -5.86
CA PRO A 1120 -70.15 -84.81 -7.29
C PRO A 1120 -70.06 -86.29 -7.62
N LEU A 1121 -69.47 -87.10 -6.74
CA LEU A 1121 -69.31 -88.52 -7.00
C LEU A 1121 -70.61 -89.30 -6.83
N GLN A 1122 -71.51 -88.82 -5.97
CA GLN A 1122 -72.69 -89.59 -5.58
C GLN A 1122 -73.66 -89.91 -6.73
N PRO A 1123 -74.09 -88.95 -7.58
CA PRO A 1123 -75.14 -89.29 -8.55
C PRO A 1123 -74.75 -90.32 -9.60
N GLU A 1124 -73.46 -90.58 -9.80
CA GLU A 1124 -73.06 -91.61 -10.77
C GLU A 1124 -73.44 -93.00 -10.28
N LEU A 1125 -73.18 -93.30 -9.01
CA LEU A 1125 -73.55 -94.60 -8.47
C LEU A 1125 -74.91 -94.60 -7.79
N ASP A 1126 -75.58 -93.45 -7.67
CA ASP A 1126 -76.96 -93.45 -7.20
C ASP A 1126 -77.87 -94.15 -8.19
N SER A 1127 -77.67 -93.93 -9.48
CA SER A 1127 -78.48 -94.56 -10.52
C SER A 1127 -78.11 -96.03 -10.70
N GLN B 1 50.69 -19.16 -35.84
CA GLN B 1 51.28 -20.05 -36.84
C GLN B 1 50.32 -21.16 -37.23
N CYS B 2 49.80 -21.09 -38.45
CA CYS B 2 48.88 -22.10 -38.97
C CYS B 2 49.19 -22.35 -40.44
N VAL B 3 48.78 -23.52 -40.92
CA VAL B 3 49.02 -23.95 -42.28
C VAL B 3 47.67 -24.09 -42.98
N ASN B 4 47.52 -23.44 -44.13
CA ASN B 4 46.29 -23.55 -44.90
C ASN B 4 46.30 -24.82 -45.72
N LEU B 5 45.14 -25.49 -45.78
CA LEU B 5 44.99 -26.75 -46.49
C LEU B 5 44.05 -26.53 -47.67
N THR B 6 44.52 -26.89 -48.87
CA THR B 6 43.71 -26.83 -50.08
C THR B 6 43.29 -28.22 -50.56
N THR B 7 43.52 -29.25 -49.75
CA THR B 7 43.17 -30.61 -50.11
C THR B 7 41.78 -31.01 -49.65
N ARG B 8 40.99 -30.07 -49.13
CA ARG B 8 39.65 -30.37 -48.65
C ARG B 8 38.74 -30.76 -49.82
N THR B 9 37.88 -31.74 -49.59
CA THR B 9 36.93 -32.21 -50.58
C THR B 9 35.54 -31.66 -50.25
N GLN B 10 34.93 -30.99 -51.23
CA GLN B 10 33.63 -30.37 -51.04
C GLN B 10 32.54 -31.42 -51.22
N LEU B 11 31.87 -31.79 -50.13
CA LEU B 11 30.79 -32.75 -50.16
C LEU B 11 29.61 -32.23 -49.37
N PRO B 12 28.38 -32.55 -49.80
CA PRO B 12 27.21 -32.14 -49.05
C PRO B 12 27.13 -32.88 -47.72
N PRO B 13 26.58 -32.26 -46.69
CA PRO B 13 26.44 -32.97 -45.40
C PRO B 13 25.44 -34.11 -45.50
N ALA B 14 25.70 -35.15 -44.72
CA ALA B 14 24.84 -36.33 -44.67
C ALA B 14 23.90 -36.23 -43.47
N TYR B 15 22.68 -36.73 -43.65
CA TYR B 15 21.65 -36.69 -42.61
C TYR B 15 21.32 -38.11 -42.16
N THR B 16 21.41 -38.35 -40.86
CA THR B 16 21.01 -39.63 -40.29
C THR B 16 20.02 -39.39 -39.16
N ASN B 17 19.66 -40.44 -38.43
CA ASN B 17 18.60 -40.37 -37.43
C ASN B 17 19.16 -40.38 -36.02
N SER B 18 18.29 -40.04 -35.07
CA SER B 18 18.60 -39.86 -33.66
C SER B 18 17.56 -40.57 -32.80
N PHE B 19 17.35 -41.87 -33.08
CA PHE B 19 16.24 -42.66 -32.54
C PHE B 19 16.09 -42.49 -31.02
N THR B 20 17.10 -42.89 -30.26
CA THR B 20 17.00 -42.90 -28.80
C THR B 20 18.27 -42.27 -28.21
N ARG B 21 18.63 -41.10 -28.72
CA ARG B 21 19.80 -40.37 -28.26
C ARG B 21 19.40 -38.97 -27.80
N GLY B 22 20.21 -38.40 -26.90
CA GLY B 22 19.95 -37.07 -26.40
C GLY B 22 19.23 -37.03 -25.08
N VAL B 23 19.58 -37.95 -24.18
CA VAL B 23 18.97 -38.03 -22.85
C VAL B 23 20.08 -37.98 -21.81
N TYR B 24 19.86 -37.16 -20.77
CA TYR B 24 20.84 -37.00 -19.70
C TYR B 24 20.09 -36.76 -18.40
N TYR B 25 20.85 -36.48 -17.35
CA TYR B 25 20.27 -36.16 -16.05
C TYR B 25 19.95 -34.68 -15.98
N PRO B 26 18.68 -34.28 -15.88
CA PRO B 26 18.36 -32.84 -15.79
C PRO B 26 18.81 -32.21 -14.49
N ASP B 27 19.05 -33.00 -13.45
CA ASP B 27 19.43 -32.47 -12.15
C ASP B 27 20.29 -33.51 -11.43
N LYS B 28 21.04 -33.04 -10.44
CA LYS B 28 21.90 -33.90 -9.65
C LYS B 28 21.17 -34.60 -8.52
N VAL B 29 19.88 -34.35 -8.35
CA VAL B 29 19.12 -35.00 -7.29
C VAL B 29 18.93 -36.47 -7.62
N PHE B 30 18.98 -37.32 -6.61
CA PHE B 30 18.86 -38.76 -6.79
C PHE B 30 17.40 -39.18 -6.62
N ARG B 31 16.89 -39.92 -7.60
CA ARG B 31 15.55 -40.48 -7.54
C ARG B 31 15.60 -41.93 -8.00
N SER B 32 14.81 -42.77 -7.35
CA SER B 32 14.81 -44.20 -7.61
C SER B 32 13.38 -44.70 -7.77
N SER B 33 13.15 -45.46 -8.86
CA SER B 33 11.87 -46.15 -9.11
C SER B 33 10.69 -45.19 -9.14
N VAL B 34 10.89 -43.99 -9.71
CA VAL B 34 9.84 -43.02 -9.88
C VAL B 34 9.88 -42.48 -11.31
N LEU B 35 8.74 -41.94 -11.74
CA LEU B 35 8.59 -41.35 -13.07
C LEU B 35 8.42 -39.84 -12.87
N HIS B 36 9.47 -39.08 -13.21
CA HIS B 36 9.49 -37.64 -13.03
C HIS B 36 9.45 -36.94 -14.39
N SER B 37 8.79 -35.79 -14.42
CA SER B 37 8.67 -34.97 -15.62
C SER B 37 9.52 -33.72 -15.44
N THR B 38 10.43 -33.48 -16.39
CA THR B 38 11.33 -32.33 -16.33
C THR B 38 11.22 -31.54 -17.62
N GLN B 39 11.23 -30.21 -17.48
CA GLN B 39 11.22 -29.29 -18.61
C GLN B 39 12.60 -28.63 -18.67
N ASP B 40 13.40 -29.04 -19.64
CA ASP B 40 14.75 -28.53 -19.81
C ASP B 40 15.15 -28.67 -21.27
N LEU B 41 16.39 -28.28 -21.57
CA LEU B 41 16.91 -28.41 -22.93
C LEU B 41 17.19 -29.88 -23.23
N PHE B 42 16.70 -30.35 -24.37
CA PHE B 42 16.82 -31.77 -24.71
C PHE B 42 16.84 -31.92 -26.22
N LEU B 43 17.32 -33.08 -26.67
CA LEU B 43 17.31 -33.43 -28.09
C LEU B 43 16.02 -34.17 -28.41
N PRO B 44 15.20 -33.70 -29.34
CA PRO B 44 13.97 -34.41 -29.69
C PRO B 44 14.27 -35.77 -30.30
N PHE B 45 13.39 -36.72 -30.02
CA PHE B 45 13.55 -38.08 -30.53
C PHE B 45 13.22 -38.14 -32.01
N PHE B 46 13.96 -39.00 -32.73
CA PHE B 46 13.82 -39.20 -34.17
C PHE B 46 13.95 -37.89 -34.94
N SER B 47 14.95 -37.10 -34.56
CA SER B 47 15.19 -35.80 -35.16
C SER B 47 16.16 -35.95 -36.33
N ASN B 48 16.59 -34.82 -36.89
CA ASN B 48 17.52 -34.78 -38.02
C ASN B 48 18.88 -34.35 -37.47
N VAL B 49 19.81 -35.31 -37.40
CA VAL B 49 21.16 -35.07 -36.89
C VAL B 49 22.14 -35.16 -38.05
N THR B 50 23.08 -34.22 -38.07
CA THR B 50 24.01 -34.09 -39.20
C THR B 50 25.16 -35.09 -39.05
N TRP B 51 25.51 -35.73 -40.16
CA TRP B 51 26.58 -36.72 -40.21
C TRP B 51 27.77 -36.13 -40.96
N PHE B 52 28.94 -36.12 -40.32
CA PHE B 52 30.19 -35.73 -40.94
C PHE B 52 31.16 -36.90 -40.85
N HIS B 53 31.84 -37.19 -41.95
CA HIS B 53 32.78 -38.30 -42.03
C HIS B 53 34.16 -37.79 -42.44
N VAL B 54 35.19 -38.29 -41.76
CA VAL B 54 36.57 -37.90 -42.02
C VAL B 54 37.36 -39.17 -42.39
N ILE B 55 38.04 -39.13 -43.53
CA ILE B 55 38.88 -40.24 -43.96
C ILE B 55 40.15 -39.71 -44.62
N LYS B 62 40.14 -39.15 -48.58
CA LYS B 62 40.76 -38.02 -47.89
C LYS B 62 39.76 -36.90 -47.66
N ARG B 63 38.94 -37.05 -46.62
CA ARG B 63 37.94 -36.07 -46.26
C ARG B 63 38.39 -35.25 -45.07
N PHE B 64 38.14 -33.94 -45.13
CA PHE B 64 38.51 -33.01 -44.06
C PHE B 64 37.26 -32.20 -43.71
N ASP B 65 36.44 -32.74 -42.80
CA ASP B 65 35.17 -32.12 -42.42
C ASP B 65 35.39 -31.37 -41.11
N ASN B 66 35.73 -30.09 -41.22
CA ASN B 66 35.86 -29.20 -40.07
C ASN B 66 35.11 -27.90 -40.34
N PRO B 67 33.78 -27.94 -40.28
CA PRO B 67 32.98 -26.74 -40.54
C PRO B 67 32.69 -25.96 -39.27
N VAL B 68 32.29 -24.70 -39.48
CA VAL B 68 31.94 -23.80 -38.38
C VAL B 68 30.43 -23.68 -38.34
N LEU B 69 29.84 -24.11 -37.22
CA LEU B 69 28.39 -24.10 -37.04
C LEU B 69 27.98 -23.10 -35.96
N PRO B 70 26.84 -22.44 -36.13
CA PRO B 70 26.41 -21.46 -35.11
C PRO B 70 25.93 -22.16 -33.84
N PHE B 71 26.25 -21.55 -32.70
CA PHE B 71 25.82 -22.05 -31.40
C PHE B 71 24.57 -21.27 -30.95
N ASN B 72 23.48 -21.53 -31.66
CA ASN B 72 22.21 -20.89 -31.33
C ASN B 72 21.70 -21.35 -29.97
N ASP B 73 21.84 -22.63 -29.67
CA ASP B 73 21.41 -23.21 -28.40
C ASP B 73 22.37 -24.34 -28.06
N GLY B 74 21.97 -25.19 -27.11
CA GLY B 74 22.77 -26.36 -26.79
C GLY B 74 22.82 -27.34 -27.96
N VAL B 75 23.94 -28.05 -28.05
CA VAL B 75 24.16 -29.00 -29.13
C VAL B 75 24.57 -30.35 -28.55
N TYR B 76 24.32 -31.40 -29.33
CA TYR B 76 24.65 -32.77 -28.96
C TYR B 76 25.72 -33.30 -29.89
N PHE B 77 26.83 -33.78 -29.33
CA PHE B 77 27.97 -34.26 -30.09
C PHE B 77 28.15 -35.75 -29.84
N ALA B 78 28.19 -36.52 -30.93
CA ALA B 78 28.48 -37.95 -30.87
C ALA B 78 29.70 -38.24 -31.72
N SER B 79 30.33 -39.38 -31.47
CA SER B 79 31.56 -39.72 -32.18
C SER B 79 31.74 -41.24 -32.17
N ILE B 80 31.63 -41.86 -33.36
CA ILE B 80 32.02 -43.25 -33.55
C ILE B 80 33.51 -43.23 -33.85
N GLU B 81 34.31 -43.25 -32.78
CA GLU B 81 35.73 -42.91 -32.87
C GLU B 81 36.60 -44.13 -32.55
N LYS B 82 37.69 -44.27 -33.31
CA LYS B 82 38.69 -45.29 -33.07
C LYS B 82 40.07 -44.64 -33.05
N SER B 83 40.93 -45.12 -32.13
CA SER B 83 42.32 -44.72 -32.00
C SER B 83 42.49 -43.25 -31.59
N ASN B 84 41.42 -42.62 -31.08
CA ASN B 84 41.46 -41.31 -30.43
C ASN B 84 42.02 -40.23 -31.35
N ILE B 85 41.28 -39.95 -32.42
CA ILE B 85 41.63 -38.85 -33.32
C ILE B 85 41.04 -37.54 -32.85
N ILE B 86 39.79 -37.57 -32.35
CA ILE B 86 39.15 -36.35 -31.86
C ILE B 86 39.84 -35.88 -30.58
N ARG B 87 40.07 -34.58 -30.49
CA ARG B 87 40.78 -33.99 -29.36
C ARG B 87 39.94 -32.99 -28.58
N GLY B 88 39.28 -32.06 -29.26
CA GLY B 88 38.51 -31.06 -28.56
C GLY B 88 37.66 -30.24 -29.50
N TRP B 89 37.13 -29.14 -28.98
CA TRP B 89 36.25 -28.26 -29.73
C TRP B 89 36.63 -26.80 -29.47
N ILE B 90 36.05 -25.91 -30.26
CA ILE B 90 36.28 -24.48 -30.16
C ILE B 90 34.93 -23.80 -29.98
N PHE B 91 34.82 -22.92 -28.99
CA PHE B 91 33.60 -22.16 -28.74
C PHE B 91 33.94 -20.68 -28.67
N GLY B 92 33.21 -19.88 -29.43
CA GLY B 92 33.41 -18.44 -29.41
C GLY B 92 32.41 -17.75 -30.33
N THR B 93 32.17 -16.47 -30.04
CA THR B 93 31.23 -15.69 -30.82
C THR B 93 31.77 -15.39 -32.21
N THR B 94 33.03 -14.94 -32.29
CA THR B 94 33.64 -14.59 -33.57
C THR B 94 34.96 -15.30 -33.84
N LEU B 95 35.52 -16.03 -32.88
CA LEU B 95 36.75 -16.80 -33.02
C LEU B 95 37.93 -15.90 -33.41
N ASP B 96 38.21 -14.92 -32.56
CA ASP B 96 39.30 -13.98 -32.78
C ASP B 96 39.78 -13.44 -31.44
N SER B 97 40.74 -12.52 -31.49
CA SER B 97 41.28 -11.91 -30.28
C SER B 97 40.42 -10.78 -29.75
N LYS B 98 39.36 -10.40 -30.45
CA LYS B 98 38.49 -9.33 -29.98
C LYS B 98 37.58 -9.79 -28.85
N THR B 99 37.49 -11.10 -28.60
CA THR B 99 36.62 -11.64 -27.56
C THR B 99 37.22 -12.91 -27.00
N GLN B 100 36.74 -13.28 -25.81
CA GLN B 100 37.22 -14.48 -25.14
C GLN B 100 36.51 -15.71 -25.71
N SER B 101 37.24 -16.84 -25.73
CA SER B 101 36.76 -18.05 -26.37
C SER B 101 37.15 -19.26 -25.56
N LEU B 102 36.44 -20.37 -25.80
CA LEU B 102 36.76 -21.65 -25.16
C LEU B 102 37.76 -22.42 -26.02
N LEU B 103 38.79 -22.95 -25.36
CA LEU B 103 39.75 -23.85 -26.00
C LEU B 103 39.64 -25.21 -25.32
N ILE B 104 39.34 -26.25 -26.10
CA ILE B 104 39.27 -27.60 -25.59
C ILE B 104 40.29 -28.44 -26.34
N VAL B 105 41.17 -29.10 -25.59
CA VAL B 105 42.23 -29.91 -26.18
C VAL B 105 42.55 -31.05 -25.22
N ASN B 106 42.74 -32.24 -25.78
CA ASN B 106 43.14 -33.44 -25.04
C ASN B 106 44.43 -33.95 -25.67
N ASN B 107 45.57 -33.48 -25.17
CA ASN B 107 46.85 -33.90 -25.70
C ASN B 107 47.24 -35.24 -25.11
N ALA B 108 48.50 -35.65 -25.31
CA ALA B 108 48.93 -37.00 -24.99
C ALA B 108 49.03 -37.26 -23.48
N THR B 109 48.96 -36.24 -22.64
CA THR B 109 49.17 -36.42 -21.20
C THR B 109 47.94 -36.10 -20.38
N ASN B 110 47.31 -34.95 -20.58
CA ASN B 110 46.27 -34.48 -19.67
C ASN B 110 45.22 -33.71 -20.47
N VAL B 111 44.37 -32.99 -19.76
CA VAL B 111 43.34 -32.13 -20.36
C VAL B 111 43.42 -30.76 -19.69
N VAL B 112 43.54 -29.72 -20.51
CA VAL B 112 43.62 -28.34 -20.03
C VAL B 112 42.48 -27.54 -20.64
N ILE B 113 41.81 -26.74 -19.81
CA ILE B 113 40.72 -25.87 -20.25
C ILE B 113 41.15 -24.43 -20.00
N LYS B 114 41.13 -23.63 -21.06
CA LYS B 114 41.57 -22.25 -20.99
C LYS B 114 40.56 -21.35 -21.68
N VAL B 115 40.43 -20.12 -21.18
CA VAL B 115 39.53 -19.12 -21.76
C VAL B 115 40.33 -17.83 -21.96
N CYS B 116 40.87 -17.67 -23.16
CA CYS B 116 41.63 -16.48 -23.53
C CYS B 116 41.21 -16.04 -24.93
N GLU B 117 41.58 -14.81 -25.28
CA GLU B 117 41.24 -14.24 -26.58
C GLU B 117 42.24 -14.73 -27.62
N PHE B 118 42.12 -16.01 -27.97
CA PHE B 118 43.01 -16.62 -28.93
C PHE B 118 42.74 -16.10 -30.33
N GLN B 119 43.82 -15.86 -31.08
CA GLN B 119 43.72 -15.46 -32.48
C GLN B 119 43.63 -16.73 -33.32
N PHE B 120 42.41 -17.27 -33.44
CA PHE B 120 42.22 -18.52 -34.16
C PHE B 120 42.41 -18.32 -35.66
N CYS B 121 43.11 -19.26 -36.29
CA CYS B 121 43.33 -19.23 -37.72
C CYS B 121 42.13 -19.83 -38.46
N ASN B 122 42.23 -19.88 -39.78
CA ASN B 122 41.14 -20.43 -40.59
C ASN B 122 41.07 -21.95 -40.47
N ASP B 123 42.21 -22.61 -40.25
CA ASP B 123 42.29 -24.07 -40.16
C ASP B 123 43.03 -24.45 -38.89
N PRO B 124 42.34 -24.47 -37.74
CA PRO B 124 42.98 -24.92 -36.51
C PRO B 124 42.87 -26.42 -36.29
N PHE B 125 44.01 -27.06 -36.02
CA PHE B 125 44.04 -28.50 -35.77
C PHE B 125 45.31 -28.84 -35.02
N LEU B 126 45.55 -30.14 -34.83
CA LEU B 126 46.74 -30.64 -34.18
C LEU B 126 47.40 -31.69 -35.06
N ASP B 127 48.71 -31.85 -34.88
CA ASP B 127 49.47 -32.83 -35.64
C ASP B 127 50.28 -33.74 -34.72
N MET B 135 53.93 -39.83 -33.11
CA MET B 135 54.00 -38.85 -32.04
C MET B 135 53.25 -37.58 -32.41
N GLU B 136 53.00 -36.73 -31.42
CA GLU B 136 52.29 -35.47 -31.62
C GLU B 136 53.07 -34.36 -30.92
N SER B 137 53.58 -33.41 -31.71
CA SER B 137 54.33 -32.30 -31.16
C SER B 137 54.00 -30.96 -31.81
N GLU B 138 52.93 -30.88 -32.60
CA GLU B 138 52.53 -29.66 -33.27
C GLU B 138 51.09 -29.31 -32.90
N PHE B 139 50.89 -28.07 -32.44
CA PHE B 139 49.56 -27.57 -32.06
C PHE B 139 49.36 -26.22 -32.75
N ARG B 140 48.87 -26.27 -33.99
CA ARG B 140 48.63 -25.06 -34.77
C ARG B 140 47.15 -24.71 -34.70
N VAL B 141 46.76 -24.11 -33.58
CA VAL B 141 45.38 -23.71 -33.33
C VAL B 141 45.25 -22.19 -33.19
N TYR B 142 46.21 -21.54 -32.54
CA TYR B 142 46.13 -20.10 -32.32
C TYR B 142 47.52 -19.51 -32.34
N SER B 143 47.58 -18.19 -32.59
CA SER B 143 48.85 -17.49 -32.60
C SER B 143 49.29 -17.09 -31.19
N SER B 144 48.50 -16.25 -30.53
CA SER B 144 48.84 -15.76 -29.20
C SER B 144 47.59 -15.23 -28.52
N ALA B 145 47.69 -15.04 -27.21
CA ALA B 145 46.63 -14.46 -26.39
C ALA B 145 47.23 -13.38 -25.50
N ASN B 146 46.49 -12.29 -25.33
CA ASN B 146 47.02 -11.12 -24.61
C ASN B 146 46.65 -11.12 -23.12
N ASN B 147 45.36 -11.09 -22.81
CA ASN B 147 44.91 -10.98 -21.42
C ASN B 147 43.78 -11.96 -21.18
N CYS B 148 43.86 -12.70 -20.08
CA CYS B 148 42.79 -13.60 -19.66
C CYS B 148 42.98 -13.95 -18.19
N THR B 149 41.95 -14.57 -17.61
CA THR B 149 41.85 -14.78 -16.18
C THR B 149 41.88 -16.25 -15.77
N PHE B 150 40.99 -17.06 -16.31
CA PHE B 150 40.72 -18.40 -15.78
C PHE B 150 41.41 -19.48 -16.61
N GLU B 151 41.97 -20.46 -15.92
CA GLU B 151 42.53 -21.66 -16.55
C GLU B 151 42.13 -22.87 -15.71
N TYR B 152 41.84 -23.99 -16.37
CA TYR B 152 41.39 -25.20 -15.70
C TYR B 152 42.14 -26.40 -16.25
N VAL B 153 42.47 -27.34 -15.36
CA VAL B 153 43.15 -28.58 -15.71
C VAL B 153 42.37 -29.74 -15.11
N SER B 154 42.02 -30.72 -15.94
CA SER B 154 41.23 -31.87 -15.51
C SER B 154 41.86 -33.15 -16.04
N GLN B 155 41.40 -34.27 -15.49
CA GLN B 155 41.89 -35.59 -15.89
C GLN B 155 41.45 -35.92 -17.32
N PRO B 156 42.20 -36.77 -18.02
CA PRO B 156 41.79 -37.16 -19.38
C PRO B 156 40.52 -37.99 -19.36
N PHE B 157 39.48 -37.47 -20.00
CA PHE B 157 38.20 -38.18 -20.02
C PHE B 157 38.24 -39.38 -20.95
N LEU B 158 38.87 -39.24 -22.11
CA LEU B 158 38.93 -40.31 -23.09
C LEU B 158 39.96 -41.36 -22.70
N ASN B 167 37.58 -52.27 -37.20
CA ASN B 167 36.30 -52.25 -36.50
C ASN B 167 36.31 -51.24 -35.36
N PHE B 168 35.34 -50.31 -35.38
CA PHE B 168 35.23 -49.31 -34.34
C PHE B 168 34.78 -49.96 -33.03
N LYS B 169 35.41 -49.55 -31.92
CA LYS B 169 35.12 -50.13 -30.62
C LYS B 169 34.80 -49.10 -29.55
N ASN B 170 34.82 -47.81 -29.87
CA ASN B 170 34.56 -46.76 -28.90
C ASN B 170 33.49 -45.82 -29.43
N LEU B 171 32.48 -45.53 -28.62
CA LEU B 171 31.44 -44.57 -28.95
C LEU B 171 31.34 -43.57 -27.81
N ARG B 172 31.48 -42.28 -28.14
CA ARG B 172 31.47 -41.21 -27.16
C ARG B 172 30.38 -40.20 -27.49
N GLU B 173 29.67 -39.74 -26.47
CA GLU B 173 28.60 -38.78 -26.61
C GLU B 173 28.88 -37.55 -25.75
N PHE B 174 28.64 -36.37 -26.31
CA PHE B 174 28.86 -35.12 -25.61
C PHE B 174 27.70 -34.18 -25.86
N VAL B 175 27.34 -33.41 -24.83
CA VAL B 175 26.31 -32.38 -24.94
C VAL B 175 26.87 -31.10 -24.33
N PHE B 176 26.85 -30.01 -25.09
CA PHE B 176 27.34 -28.72 -24.64
C PHE B 176 26.15 -27.85 -24.27
N LYS B 177 26.13 -27.35 -23.03
CA LYS B 177 25.06 -26.49 -22.56
C LYS B 177 25.65 -25.28 -21.85
N ASN B 178 25.09 -24.11 -22.13
CA ASN B 178 25.50 -22.84 -21.52
C ASN B 178 24.24 -22.17 -20.98
N ILE B 179 23.86 -22.51 -19.75
CA ILE B 179 22.64 -22.00 -19.12
C ILE B 179 23.02 -21.31 -17.82
N ASP B 180 22.52 -20.08 -17.64
CA ASP B 180 22.73 -19.29 -16.42
C ASP B 180 24.21 -19.07 -16.14
N GLY B 181 25.01 -18.89 -17.18
CA GLY B 181 26.42 -18.66 -17.03
C GLY B 181 27.24 -19.88 -16.68
N TYR B 182 26.66 -21.07 -16.74
CA TYR B 182 27.35 -22.31 -16.39
C TYR B 182 27.51 -23.16 -17.65
N PHE B 183 28.76 -23.56 -17.93
CA PHE B 183 29.04 -24.49 -19.01
C PHE B 183 29.04 -25.90 -18.45
N LYS B 184 28.09 -26.73 -18.89
CA LYS B 184 27.93 -28.08 -18.39
C LYS B 184 28.37 -29.07 -19.46
N ILE B 185 29.30 -29.95 -19.10
CA ILE B 185 29.78 -30.98 -20.01
C ILE B 185 29.19 -32.32 -19.58
N TYR B 186 28.65 -33.06 -20.54
CA TYR B 186 28.07 -34.38 -20.31
C TYR B 186 28.86 -35.38 -21.13
N SER B 187 29.42 -36.39 -20.47
CA SER B 187 30.27 -37.37 -21.15
C SER B 187 29.90 -38.78 -20.73
N LYS B 188 30.00 -39.71 -21.68
CA LYS B 188 29.79 -41.13 -21.43
C LYS B 188 30.48 -41.91 -22.54
N HIS B 189 31.18 -42.98 -22.15
CA HIS B 189 31.92 -43.82 -23.08
C HIS B 189 31.36 -45.24 -23.00
N THR B 190 30.99 -45.80 -24.15
CA THR B 190 30.48 -47.16 -24.23
C THR B 190 31.15 -47.90 -25.38
N PRO B 191 31.36 -49.20 -25.22
CA PRO B 191 31.93 -50.00 -26.31
C PRO B 191 30.88 -50.41 -27.32
N ILE B 192 31.32 -50.57 -28.56
CA ILE B 192 30.46 -51.01 -29.65
C ILE B 192 31.06 -52.23 -30.35
N ASP B 199 26.37 -46.88 -39.21
CA ASP B 199 25.46 -45.83 -38.76
C ASP B 199 25.40 -45.79 -37.23
N LEU B 200 24.62 -44.87 -36.71
CA LEU B 200 24.46 -44.73 -35.26
C LEU B 200 23.64 -45.88 -34.71
N PRO B 201 24.15 -46.64 -33.74
CA PRO B 201 23.36 -47.73 -33.17
C PRO B 201 22.16 -47.22 -32.39
N GLN B 202 21.10 -48.02 -32.37
CA GLN B 202 19.86 -47.67 -31.68
C GLN B 202 19.88 -48.31 -30.29
N GLY B 203 19.83 -47.47 -29.26
CA GLY B 203 19.84 -47.98 -27.90
C GLY B 203 19.75 -46.83 -26.92
N PHE B 204 19.74 -47.19 -25.64
CA PHE B 204 19.64 -46.22 -24.55
C PHE B 204 20.94 -46.21 -23.74
N SER B 205 21.42 -45.00 -23.42
CA SER B 205 22.64 -44.84 -22.65
C SER B 205 22.52 -43.57 -21.82
N ALA B 206 22.72 -43.70 -20.51
CA ALA B 206 22.67 -42.55 -19.62
C ALA B 206 23.88 -41.64 -19.85
N LEU B 207 23.66 -40.34 -19.70
CA LEU B 207 24.68 -39.32 -19.91
C LEU B 207 24.89 -38.57 -18.60
N GLU B 208 25.82 -39.07 -17.79
CA GLU B 208 26.07 -38.48 -16.48
C GLU B 208 26.80 -37.15 -16.63
N PRO B 209 26.45 -36.13 -15.84
CA PRO B 209 27.19 -34.88 -15.87
C PRO B 209 28.60 -35.04 -15.33
N LEU B 210 29.51 -34.24 -15.88
CA LEU B 210 30.93 -34.35 -15.53
C LEU B 210 31.46 -33.10 -14.83
N VAL B 211 31.38 -31.93 -15.47
CA VAL B 211 31.93 -30.69 -14.92
C VAL B 211 30.96 -29.56 -15.24
N ASP B 212 30.65 -28.74 -14.24
CA ASP B 212 29.84 -27.53 -14.41
C ASP B 212 30.78 -26.35 -14.26
N LEU B 213 31.31 -25.87 -15.38
CA LEU B 213 32.31 -24.81 -15.36
C LEU B 213 31.62 -23.44 -15.37
N PRO B 214 31.82 -22.61 -14.35
CA PRO B 214 31.20 -21.26 -14.29
C PRO B 214 31.95 -20.19 -15.06
N ILE B 215 31.69 -20.09 -16.37
CA ILE B 215 32.39 -19.12 -17.20
C ILE B 215 31.57 -17.85 -17.41
N GLY B 216 30.28 -17.97 -17.73
CA GLY B 216 29.40 -16.82 -17.85
C GLY B 216 29.75 -15.82 -18.94
N ILE B 217 30.05 -16.30 -20.14
CA ILE B 217 30.35 -15.42 -21.27
C ILE B 217 29.40 -15.71 -22.43
N ASN B 218 29.60 -15.01 -23.54
CA ASN B 218 28.72 -15.12 -24.70
C ASN B 218 29.31 -16.10 -25.70
N ILE B 219 28.50 -17.06 -26.14
CA ILE B 219 28.88 -18.03 -27.15
C ILE B 219 27.77 -18.11 -28.19
N THR B 220 28.10 -17.85 -29.46
CA THR B 220 27.14 -17.94 -30.54
C THR B 220 27.62 -18.79 -31.72
N ARG B 221 28.83 -19.33 -31.67
CA ARG B 221 29.34 -20.17 -32.73
C ARG B 221 30.28 -21.21 -32.13
N PHE B 222 30.45 -22.32 -32.85
CA PHE B 222 31.34 -23.36 -32.38
C PHE B 222 31.95 -24.11 -33.56
N GLN B 223 33.06 -24.78 -33.29
CA GLN B 223 33.80 -25.54 -34.30
C GLN B 223 34.60 -26.63 -33.58
N THR B 224 34.74 -27.77 -34.25
CA THR B 224 35.43 -28.91 -33.66
C THR B 224 36.89 -28.96 -34.11
N LEU B 225 37.71 -29.60 -33.28
CA LEU B 225 39.13 -29.77 -33.55
C LEU B 225 39.43 -31.24 -33.83
N LEU B 226 40.45 -31.47 -34.66
CA LEU B 226 40.83 -32.81 -35.06
C LEU B 226 42.35 -32.91 -35.09
N ALA B 227 42.85 -34.14 -34.96
CA ALA B 227 44.27 -34.42 -35.01
C ALA B 227 44.62 -35.11 -36.32
N LEU B 228 45.77 -34.75 -36.89
CA LEU B 228 46.22 -35.30 -38.15
C LEU B 228 47.54 -36.04 -37.96
N HIS B 229 47.72 -37.10 -38.74
CA HIS B 229 48.92 -37.94 -38.68
C HIS B 229 49.75 -37.70 -39.94
N ARG B 230 51.05 -37.51 -39.76
CA ARG B 230 51.97 -37.26 -40.86
C ARG B 230 52.64 -38.57 -41.27
N SER B 231 52.63 -38.85 -42.57
CA SER B 231 53.23 -40.07 -43.09
C SER B 231 54.69 -39.84 -43.47
N GLY B 241 52.93 -35.79 -46.83
CA GLY B 241 51.79 -35.00 -46.40
C GLY B 241 51.15 -35.51 -45.13
N TRP B 242 49.82 -35.41 -45.04
CA TRP B 242 49.06 -35.85 -43.90
C TRP B 242 48.01 -36.86 -44.33
N THR B 243 47.81 -37.88 -43.50
CA THR B 243 46.83 -38.92 -43.76
C THR B 243 46.00 -39.15 -42.51
N ALA B 244 44.68 -39.20 -42.66
CA ALA B 244 43.77 -39.39 -41.56
C ALA B 244 42.99 -40.69 -41.74
N GLY B 245 42.75 -41.40 -40.64
CA GLY B 245 42.00 -42.63 -40.68
C GLY B 245 40.50 -42.41 -40.76
N ALA B 246 39.76 -43.52 -40.78
CA ALA B 246 38.32 -43.45 -40.85
C ALA B 246 37.73 -42.96 -39.53
N ALA B 247 36.87 -41.94 -39.61
CA ALA B 247 36.25 -41.38 -38.43
C ALA B 247 34.92 -40.73 -38.84
N ALA B 248 34.05 -40.56 -37.85
CA ALA B 248 32.74 -39.97 -38.08
C ALA B 248 32.23 -39.36 -36.79
N TYR B 249 31.56 -38.23 -36.88
CA TYR B 249 30.98 -37.57 -35.72
C TYR B 249 29.64 -36.95 -36.10
N TYR B 250 28.79 -36.77 -35.10
CA TYR B 250 27.45 -36.24 -35.27
C TYR B 250 27.29 -34.95 -34.49
N VAL B 251 26.47 -34.04 -35.04
CA VAL B 251 26.13 -32.79 -34.37
C VAL B 251 24.64 -32.54 -34.55
N GLY B 252 23.99 -32.12 -33.46
CA GLY B 252 22.57 -31.84 -33.50
C GLY B 252 22.17 -30.91 -32.39
N TYR B 253 21.16 -30.08 -32.65
CA TYR B 253 20.76 -29.04 -31.73
C TYR B 253 19.89 -29.60 -30.60
N LEU B 254 19.48 -28.72 -29.68
CA LEU B 254 18.62 -29.07 -28.57
C LEU B 254 17.36 -28.23 -28.63
N GLN B 255 16.27 -28.77 -28.05
CA GLN B 255 14.98 -28.09 -28.03
C GLN B 255 14.36 -28.24 -26.64
N PRO B 256 13.92 -27.14 -26.03
CA PRO B 256 13.28 -27.24 -24.70
C PRO B 256 11.92 -27.92 -24.80
N ARG B 257 11.79 -29.05 -24.09
CA ARG B 257 10.55 -29.82 -24.09
C ARG B 257 10.48 -30.60 -22.79
N THR B 258 9.39 -31.34 -22.62
CA THR B 258 9.13 -32.12 -21.42
C THR B 258 9.38 -33.60 -21.69
N PHE B 259 10.19 -34.21 -20.84
CA PHE B 259 10.47 -35.64 -20.92
C PHE B 259 9.99 -36.34 -19.66
N LEU B 260 9.55 -37.58 -19.83
CA LEU B 260 9.16 -38.44 -18.71
C LEU B 260 10.24 -39.50 -18.54
N LEU B 261 11.01 -39.38 -17.46
CA LEU B 261 12.13 -40.26 -17.19
C LEU B 261 11.74 -41.28 -16.14
N LYS B 262 11.89 -42.56 -16.46
CA LYS B 262 11.61 -43.65 -15.53
C LYS B 262 12.93 -44.21 -15.02
N TYR B 263 13.08 -44.25 -13.70
CA TYR B 263 14.29 -44.74 -13.07
C TYR B 263 14.09 -46.17 -12.56
N ASN B 264 15.12 -46.71 -11.91
CA ASN B 264 15.09 -48.06 -11.37
C ASN B 264 15.58 -48.04 -9.93
N GLU B 265 15.64 -49.22 -9.32
CA GLU B 265 16.15 -49.34 -7.96
C GLU B 265 17.65 -49.09 -7.88
N ASN B 266 18.38 -49.25 -8.99
CA ASN B 266 19.81 -48.99 -9.01
C ASN B 266 20.15 -47.53 -9.20
N GLY B 267 19.19 -46.69 -9.59
CA GLY B 267 19.43 -45.28 -9.75
C GLY B 267 20.02 -44.89 -11.09
N THR B 268 19.47 -45.45 -12.17
CA THR B 268 19.92 -45.16 -13.52
C THR B 268 18.72 -44.90 -14.42
N ILE B 269 18.94 -44.10 -15.46
CA ILE B 269 17.89 -43.80 -16.42
C ILE B 269 17.74 -44.96 -17.38
N THR B 270 16.51 -45.46 -17.53
CA THR B 270 16.23 -46.62 -18.36
C THR B 270 15.55 -46.29 -19.68
N ASP B 271 14.57 -45.37 -19.67
CA ASP B 271 13.85 -45.02 -20.88
C ASP B 271 13.33 -43.60 -20.77
N ALA B 272 13.11 -42.97 -21.93
CA ALA B 272 12.61 -41.61 -22.00
C ALA B 272 11.44 -41.55 -22.98
N VAL B 273 10.49 -40.67 -22.68
CA VAL B 273 9.29 -40.49 -23.48
C VAL B 273 9.10 -39.00 -23.75
N ASP B 274 8.93 -38.65 -25.02
CA ASP B 274 8.72 -37.26 -25.43
C ASP B 274 7.23 -37.00 -25.60
N CYS B 275 6.73 -35.94 -24.96
CA CYS B 275 5.31 -35.63 -25.02
C CYS B 275 4.91 -35.08 -26.38
N ALA B 276 5.82 -34.41 -27.07
CA ALA B 276 5.52 -33.73 -28.33
C ALA B 276 5.93 -34.53 -29.56
N LEU B 277 6.34 -35.79 -29.39
CA LEU B 277 6.76 -36.59 -30.53
C LEU B 277 5.56 -37.10 -31.32
N ASP B 278 4.72 -37.92 -30.69
CA ASP B 278 3.52 -38.47 -31.28
C ASP B 278 2.45 -38.56 -30.21
N PRO B 279 1.17 -38.62 -30.61
CA PRO B 279 0.10 -38.71 -29.60
C PRO B 279 0.17 -39.95 -28.70
N LEU B 280 0.79 -41.03 -29.16
CA LEU B 280 0.94 -42.22 -28.33
C LEU B 280 1.83 -41.93 -27.12
N SER B 281 3.01 -41.36 -27.36
CA SER B 281 3.88 -41.00 -26.24
C SER B 281 3.31 -39.82 -25.46
N GLU B 282 2.50 -38.98 -26.10
CA GLU B 282 1.80 -37.93 -25.36
C GLU B 282 0.84 -38.52 -24.34
N THR B 283 0.07 -39.53 -24.75
CA THR B 283 -0.81 -40.21 -23.80
C THR B 283 -0.02 -40.99 -22.76
N LYS B 284 1.15 -41.53 -23.14
CA LYS B 284 2.00 -42.20 -22.17
C LYS B 284 2.51 -41.25 -21.10
N CYS B 285 2.95 -40.05 -21.51
CA CYS B 285 3.54 -39.11 -20.57
C CYS B 285 2.49 -38.36 -19.76
N THR B 286 1.31 -38.11 -20.32
CA THR B 286 0.26 -37.46 -19.55
C THR B 286 -0.31 -38.38 -18.47
N LEU B 287 -0.36 -39.68 -18.73
CA LEU B 287 -0.83 -40.64 -17.76
C LEU B 287 0.26 -41.13 -16.82
N LYS B 288 1.51 -40.69 -17.02
CA LYS B 288 2.65 -41.04 -16.18
C LYS B 288 2.85 -42.56 -16.11
N SER B 289 2.65 -43.24 -17.24
CA SER B 289 2.84 -44.68 -17.31
C SER B 289 3.34 -45.04 -18.69
N PHE B 290 4.20 -46.07 -18.76
CA PHE B 290 4.78 -46.50 -20.02
C PHE B 290 3.92 -47.54 -20.73
N THR B 291 2.89 -48.07 -20.08
CA THR B 291 1.99 -49.06 -20.68
C THR B 291 0.57 -48.48 -20.64
N VAL B 292 0.12 -47.96 -21.77
CA VAL B 292 -1.20 -47.37 -21.88
C VAL B 292 -2.21 -48.47 -22.18
N GLU B 293 -3.24 -48.57 -21.34
CA GLU B 293 -4.26 -49.59 -21.52
C GLU B 293 -5.20 -49.23 -22.67
N LYS B 294 -6.03 -50.21 -23.05
CA LYS B 294 -6.95 -50.02 -24.17
C LYS B 294 -8.09 -49.10 -23.75
N GLY B 295 -8.19 -47.94 -24.40
CA GLY B 295 -9.23 -46.98 -24.08
C GLY B 295 -8.99 -45.67 -24.77
N ILE B 296 -9.83 -44.69 -24.41
CA ILE B 296 -9.76 -43.33 -24.95
C ILE B 296 -9.46 -42.38 -23.80
N TYR B 297 -8.53 -41.47 -24.02
CA TYR B 297 -8.07 -40.55 -22.99
C TYR B 297 -8.02 -39.13 -23.53
N GLN B 298 -8.30 -38.16 -22.65
CA GLN B 298 -8.16 -36.74 -22.97
C GLN B 298 -6.75 -36.32 -22.58
N THR B 299 -5.88 -36.13 -23.58
CA THR B 299 -4.47 -35.90 -23.31
C THR B 299 -4.03 -34.45 -23.41
N SER B 300 -4.67 -33.65 -24.26
CA SER B 300 -4.26 -32.26 -24.46
C SER B 300 -5.40 -31.50 -25.12
N ASN B 301 -5.12 -30.28 -25.55
CA ASN B 301 -6.07 -29.43 -26.25
C ASN B 301 -5.43 -28.85 -27.49
N PHE B 302 -6.25 -28.56 -28.49
CA PHE B 302 -5.80 -28.02 -29.77
C PHE B 302 -6.23 -26.56 -29.88
N ARG B 303 -5.25 -25.69 -30.12
CA ARG B 303 -5.52 -24.27 -30.28
C ARG B 303 -4.35 -23.62 -31.01
N VAL B 304 -4.66 -22.78 -31.99
CA VAL B 304 -3.64 -22.04 -32.74
C VAL B 304 -3.42 -20.68 -32.09
N GLN B 305 -2.20 -20.14 -32.25
CA GLN B 305 -1.81 -18.91 -31.59
C GLN B 305 -1.87 -17.72 -32.56
N PRO B 306 -2.18 -16.53 -32.05
CA PRO B 306 -2.15 -15.34 -32.90
C PRO B 306 -0.73 -14.92 -33.24
N THR B 307 -0.62 -14.07 -34.25
CA THR B 307 0.68 -13.64 -34.76
C THR B 307 0.91 -12.14 -34.62
N GLU B 308 -0.04 -11.32 -35.05
CA GLU B 308 0.12 -9.87 -35.06
C GLU B 308 -0.90 -9.22 -34.13
N SER B 309 -0.61 -7.98 -33.73
CA SER B 309 -1.46 -7.21 -32.82
C SER B 309 -1.68 -5.82 -33.43
N ILE B 310 -2.68 -5.71 -34.29
CA ILE B 310 -3.10 -4.43 -34.89
C ILE B 310 -4.61 -4.38 -34.88
N VAL B 311 -5.19 -3.21 -34.59
CA VAL B 311 -6.63 -3.18 -34.38
C VAL B 311 -7.37 -2.42 -35.47
N ARG B 312 -7.26 -1.09 -35.50
CA ARG B 312 -7.85 -0.36 -36.61
C ARG B 312 -6.90 0.63 -37.28
N PHE B 313 -6.57 1.70 -36.58
CA PHE B 313 -5.70 2.73 -37.12
C PHE B 313 -5.48 3.77 -36.03
N PRO B 314 -4.47 4.64 -36.20
CA PRO B 314 -4.30 5.73 -35.22
C PRO B 314 -5.23 6.90 -35.54
N ASN B 315 -5.63 7.65 -34.53
CA ASN B 315 -6.54 8.78 -34.74
C ASN B 315 -6.37 9.83 -33.63
N ILE B 316 -5.27 10.57 -33.66
CA ILE B 316 -5.02 11.57 -32.62
C ILE B 316 -5.27 12.98 -33.15
N THR B 317 -4.63 13.34 -34.25
CA THR B 317 -4.85 14.66 -34.87
C THR B 317 -4.50 15.87 -33.99
N ASN B 318 -3.69 15.67 -32.95
CA ASN B 318 -3.27 16.79 -32.11
C ASN B 318 -4.39 17.81 -31.90
N LEU B 319 -5.41 17.43 -31.14
CA LEU B 319 -6.55 18.32 -30.94
C LEU B 319 -6.13 19.73 -30.54
N CYS B 320 -5.23 19.85 -29.58
CA CYS B 320 -4.81 21.17 -29.11
C CYS B 320 -3.74 21.76 -30.01
N PRO B 321 -3.86 23.06 -30.31
CA PRO B 321 -2.83 23.73 -31.11
C PRO B 321 -1.58 24.10 -30.32
N PHE B 322 -0.64 23.14 -30.20
CA PHE B 322 0.66 23.46 -29.61
C PHE B 322 1.44 24.48 -30.44
N ASP B 323 1.12 24.60 -31.73
CA ASP B 323 1.81 25.56 -32.58
C ASP B 323 1.48 27.00 -32.19
N GLU B 324 0.31 27.22 -31.58
CA GLU B 324 -0.04 28.57 -31.13
C GLU B 324 0.89 29.07 -30.05
N VAL B 325 1.26 28.19 -29.10
CA VAL B 325 2.14 28.60 -28.02
C VAL B 325 3.60 28.41 -28.38
N PHE B 326 3.92 27.55 -29.34
CA PHE B 326 5.32 27.30 -29.71
C PHE B 326 5.79 28.12 -30.90
N ASN B 327 4.88 28.59 -31.76
CA ASN B 327 5.23 29.42 -32.91
C ASN B 327 4.56 30.77 -32.71
N ALA B 328 5.23 31.67 -32.00
CA ALA B 328 4.69 33.00 -31.72
C ALA B 328 5.77 34.05 -31.95
N THR B 329 5.34 35.24 -32.36
CA THR B 329 6.27 36.33 -32.64
C THR B 329 6.72 37.04 -31.37
N ARG B 330 6.03 36.86 -30.25
CA ARG B 330 6.40 37.49 -28.99
C ARG B 330 6.28 36.47 -27.87
N PHE B 331 7.28 36.45 -27.00
CA PHE B 331 7.30 35.57 -25.84
C PHE B 331 7.33 36.41 -24.56
N ALA B 332 6.95 35.78 -23.46
CA ALA B 332 6.91 36.46 -22.17
C ALA B 332 8.32 36.62 -21.61
N SER B 333 8.42 37.27 -20.45
CA SER B 333 9.69 37.55 -19.80
C SER B 333 9.85 36.66 -18.57
N VAL B 334 11.04 36.75 -17.96
CA VAL B 334 11.34 35.93 -16.79
C VAL B 334 10.54 36.39 -15.57
N TYR B 335 10.39 37.71 -15.39
CA TYR B 335 9.65 38.20 -14.24
C TYR B 335 8.15 38.00 -14.39
N ALA B 336 7.63 38.07 -15.62
CA ALA B 336 6.22 37.86 -15.91
C ALA B 336 6.11 36.80 -17.00
N TRP B 337 6.05 35.54 -16.58
CA TRP B 337 5.97 34.43 -17.52
C TRP B 337 4.51 34.03 -17.72
N ASN B 338 4.12 33.88 -18.98
CA ASN B 338 2.74 33.51 -19.31
C ASN B 338 2.50 32.04 -18.96
N ARG B 339 1.51 31.79 -18.11
CA ARG B 339 1.15 30.45 -17.70
C ARG B 339 -0.05 29.98 -18.50
N LYS B 340 0.11 28.88 -19.23
CA LYS B 340 -0.94 28.32 -20.09
C LYS B 340 -1.27 26.92 -19.62
N ARG B 341 -2.56 26.66 -19.42
CA ARG B 341 -3.05 25.34 -19.01
C ARG B 341 -3.74 24.69 -20.20
N ILE B 342 -3.26 23.51 -20.58
CA ILE B 342 -3.78 22.76 -21.72
C ILE B 342 -4.36 21.45 -21.22
N SER B 343 -5.59 21.16 -21.61
CA SER B 343 -6.27 19.94 -21.19
C SER B 343 -7.35 19.60 -22.21
N ASN B 344 -7.88 18.38 -22.09
CA ASN B 344 -8.92 17.85 -22.98
C ASN B 344 -8.48 17.87 -24.44
N CYS B 345 -7.27 17.41 -24.69
CA CYS B 345 -6.70 17.36 -26.03
C CYS B 345 -5.76 16.16 -26.11
N VAL B 346 -4.91 16.14 -27.13
CA VAL B 346 -3.89 15.12 -27.28
C VAL B 346 -2.55 15.80 -27.53
N ALA B 347 -1.50 15.30 -26.87
CA ALA B 347 -0.16 15.82 -27.01
C ALA B 347 0.67 14.88 -27.87
N ASP B 348 1.28 15.42 -28.92
CA ASP B 348 2.07 14.64 -29.87
C ASP B 348 3.48 15.20 -29.95
N TYR B 349 4.46 14.31 -29.83
CA TYR B 349 5.86 14.71 -30.03
C TYR B 349 6.28 14.48 -31.48
N SER B 350 5.45 14.98 -32.40
CA SER B 350 5.76 14.93 -33.82
C SER B 350 5.47 16.24 -34.55
N VAL B 351 4.58 17.09 -34.05
CA VAL B 351 4.34 18.38 -34.70
C VAL B 351 5.50 19.32 -34.45
N LEU B 352 6.23 19.14 -33.35
CA LEU B 352 7.45 19.89 -33.07
C LEU B 352 8.68 19.00 -33.14
N TYR B 353 8.72 17.94 -32.31
CA TYR B 353 9.70 16.87 -32.35
C TYR B 353 11.11 17.48 -32.21
N ASN B 354 12.14 16.76 -32.63
CA ASN B 354 13.47 17.34 -32.79
C ASN B 354 13.68 17.93 -34.18
N LEU B 355 12.69 17.82 -35.07
CA LEU B 355 12.75 18.43 -36.38
C LEU B 355 12.62 19.95 -36.31
N ALA B 356 12.27 20.51 -35.15
CA ALA B 356 12.28 21.94 -34.92
C ALA B 356 13.72 22.46 -34.93
N PRO B 357 13.92 23.78 -34.83
CA PRO B 357 15.27 24.31 -34.57
C PRO B 357 15.94 23.64 -33.38
N PHE B 358 17.28 23.65 -33.39
CA PHE B 358 18.08 22.82 -32.51
C PHE B 358 17.81 23.13 -31.04
N PHE B 359 17.62 22.07 -30.26
CA PHE B 359 17.32 22.17 -28.84
C PHE B 359 18.53 21.74 -28.02
N THR B 360 18.63 22.29 -26.81
CA THR B 360 19.54 21.77 -25.79
C THR B 360 18.86 20.69 -24.95
N PHE B 361 18.25 19.72 -25.65
CA PHE B 361 17.34 18.75 -25.05
C PHE B 361 18.12 17.70 -24.26
N LYS B 362 18.71 18.15 -23.15
CA LYS B 362 19.36 17.30 -22.16
C LYS B 362 18.80 17.70 -20.81
N CYS B 363 17.65 17.13 -20.46
CA CYS B 363 16.92 17.52 -19.27
C CYS B 363 16.56 16.28 -18.45
N TYR B 364 16.73 16.37 -17.14
CA TYR B 364 16.37 15.28 -16.25
C TYR B 364 14.86 15.17 -16.11
N GLY B 365 14.41 13.99 -15.69
CA GLY B 365 13.00 13.74 -15.55
C GLY B 365 12.52 12.54 -16.35
N VAL B 366 11.71 12.79 -17.37
CA VAL B 366 11.11 11.74 -18.19
C VAL B 366 11.82 11.69 -19.53
N SER B 367 12.09 10.46 -20.00
CA SER B 367 12.74 10.29 -21.29
C SER B 367 11.77 10.63 -22.42
N PRO B 368 12.28 11.13 -23.54
CA PRO B 368 11.40 11.44 -24.68
C PRO B 368 10.75 10.22 -25.30
N THR B 369 11.36 9.04 -25.15
CA THR B 369 10.81 7.83 -25.75
C THR B 369 9.47 7.46 -25.14
N LYS B 370 9.34 7.55 -23.82
CA LYS B 370 8.09 7.27 -23.14
C LYS B 370 7.24 8.52 -22.91
N LEU B 371 7.71 9.69 -23.37
CA LEU B 371 6.93 10.91 -23.23
C LEU B 371 5.65 10.85 -24.05
N ASN B 372 5.70 10.23 -25.23
CA ASN B 372 4.50 10.07 -26.06
C ASN B 372 3.48 9.16 -25.37
N ASP B 373 3.97 8.12 -24.69
CA ASP B 373 3.06 7.14 -24.08
C ASP B 373 2.37 7.72 -22.85
N LEU B 374 2.96 8.77 -22.25
CA LEU B 374 2.44 9.37 -21.02
C LEU B 374 1.01 9.88 -21.16
N CYS B 375 0.17 9.56 -20.18
CA CYS B 375 -1.20 10.07 -20.10
C CYS B 375 -1.35 11.17 -19.05
N PHE B 376 -0.35 12.04 -18.93
CA PHE B 376 -0.39 13.14 -17.97
C PHE B 376 -1.51 14.12 -18.32
N THR B 377 -2.00 14.81 -17.29
CA THR B 377 -3.08 15.76 -17.42
C THR B 377 -2.68 17.09 -16.80
N ASN B 378 -3.34 18.15 -17.26
CA ASN B 378 -3.14 19.53 -16.77
C ASN B 378 -1.67 19.96 -16.91
N VAL B 379 -1.20 19.97 -18.14
CA VAL B 379 0.16 20.38 -18.44
C VAL B 379 0.28 21.90 -18.36
N TYR B 380 1.35 22.38 -17.74
CA TYR B 380 1.61 23.81 -17.60
C TYR B 380 2.76 24.19 -18.52
N ALA B 381 2.54 25.22 -19.33
CA ALA B 381 3.54 25.70 -20.27
C ALA B 381 3.86 27.17 -19.97
N ASP B 382 5.12 27.44 -19.63
CA ASP B 382 5.60 28.79 -19.38
C ASP B 382 6.76 29.07 -20.33
N SER B 383 6.62 30.13 -21.12
CA SER B 383 7.61 30.48 -22.13
C SER B 383 8.26 31.81 -21.78
N PHE B 384 9.59 31.86 -21.88
CA PHE B 384 10.34 33.07 -21.59
C PHE B 384 11.65 33.03 -22.36
N VAL B 385 12.36 34.16 -22.34
CA VAL B 385 13.63 34.30 -23.04
C VAL B 385 14.71 34.69 -22.04
N ILE B 386 15.89 34.08 -22.21
CA ILE B 386 17.03 34.32 -21.34
C ILE B 386 18.25 34.65 -22.21
N ARG B 387 19.40 34.81 -21.56
CA ARG B 387 20.63 35.19 -22.22
C ARG B 387 21.74 34.19 -21.92
N GLY B 388 22.36 33.66 -22.96
CA GLY B 388 23.60 32.92 -22.80
C GLY B 388 23.42 31.59 -22.09
N ASP B 389 24.31 31.35 -21.12
CA ASP B 389 24.40 30.06 -20.42
C ASP B 389 23.49 29.98 -19.21
N GLU B 390 22.41 30.74 -19.18
CA GLU B 390 21.45 30.70 -18.07
C GLU B 390 20.49 29.52 -18.17
N VAL B 391 20.63 28.67 -19.19
CA VAL B 391 19.74 27.51 -19.33
C VAL B 391 19.93 26.54 -18.17
N ARG B 392 21.18 26.34 -17.73
CA ARG B 392 21.45 25.44 -16.63
C ARG B 392 20.95 25.98 -15.30
N GLN B 393 20.68 27.28 -15.21
CA GLN B 393 20.04 27.82 -14.01
C GLN B 393 18.60 27.36 -13.89
N ILE B 394 17.96 27.04 -15.01
CA ILE B 394 16.57 26.54 -15.00
C ILE B 394 16.68 25.02 -14.86
N ALA B 395 16.82 24.59 -13.61
CA ALA B 395 16.94 23.17 -13.28
C ALA B 395 16.27 22.92 -11.94
N PRO B 396 15.75 21.72 -11.70
CA PRO B 396 15.15 21.41 -10.40
C PRO B 396 16.21 21.40 -9.30
N GLY B 397 16.02 22.25 -8.29
CA GLY B 397 16.93 22.36 -7.18
C GLY B 397 18.14 23.24 -7.44
N GLN B 398 18.25 23.83 -8.62
CA GLN B 398 19.38 24.70 -8.92
C GLN B 398 19.25 26.03 -8.19
N THR B 399 20.36 26.50 -7.64
CA THR B 399 20.43 27.80 -6.99
C THR B 399 21.31 28.72 -7.83
N GLY B 400 20.74 29.84 -8.26
CA GLY B 400 21.45 30.75 -9.14
C GLY B 400 20.82 32.13 -9.21
N ASN B 401 20.78 32.71 -10.42
CA ASN B 401 20.24 34.05 -10.60
C ASN B 401 18.76 34.01 -10.95
N ILE B 402 18.41 33.34 -12.06
CA ILE B 402 17.02 33.26 -12.47
C ILE B 402 16.23 32.32 -11.57
N ALA B 403 16.88 31.29 -11.03
CA ALA B 403 16.21 30.31 -10.19
C ALA B 403 15.92 30.84 -8.79
N ASP B 404 16.38 32.04 -8.44
CA ASP B 404 16.20 32.58 -7.10
C ASP B 404 15.26 33.78 -7.04
N TYR B 405 15.14 34.55 -8.12
CA TYR B 405 14.33 35.77 -8.08
C TYR B 405 13.27 35.81 -9.18
N ASN B 406 13.59 35.28 -10.35
CA ASN B 406 12.68 35.37 -11.49
C ASN B 406 11.73 34.17 -11.58
N TYR B 407 12.28 32.95 -11.60
CA TYR B 407 11.47 31.75 -11.76
C TYR B 407 12.19 30.61 -11.08
N LYS B 408 11.63 30.13 -9.96
CA LYS B 408 12.24 29.07 -9.16
C LYS B 408 11.57 27.74 -9.46
N LEU B 409 12.37 26.71 -9.69
CA LEU B 409 11.86 25.36 -9.91
C LEU B 409 11.92 24.58 -8.61
N PRO B 410 10.85 23.87 -8.24
CA PRO B 410 10.85 23.10 -6.99
C PRO B 410 11.67 21.82 -7.13
N ASP B 411 11.73 21.07 -6.02
CA ASP B 411 12.46 19.80 -6.02
C ASP B 411 11.81 18.79 -6.95
N ASP B 412 10.48 18.72 -6.93
CA ASP B 412 9.72 17.85 -7.82
C ASP B 412 9.14 18.68 -8.95
N PHE B 413 9.60 18.43 -10.17
CA PHE B 413 9.16 19.19 -11.34
C PHE B 413 8.19 18.43 -12.23
N THR B 414 8.34 17.10 -12.32
CA THR B 414 7.53 16.24 -13.18
C THR B 414 7.55 16.74 -14.62
N GLY B 415 8.74 16.73 -15.20
CA GLY B 415 8.97 17.21 -16.54
C GLY B 415 10.38 17.75 -16.68
N CYS B 416 10.61 18.51 -17.74
CA CYS B 416 11.90 19.14 -17.97
C CYS B 416 11.69 20.39 -18.82
N VAL B 417 12.79 20.95 -19.32
CA VAL B 417 12.77 22.23 -20.02
C VAL B 417 13.10 22.01 -21.49
N ILE B 418 12.64 22.94 -22.32
CA ILE B 418 12.94 22.95 -23.75
C ILE B 418 13.40 24.36 -24.12
N ALA B 419 14.58 24.47 -24.73
CA ALA B 419 15.15 25.76 -25.09
C ALA B 419 15.78 25.66 -26.47
N TRP B 420 15.85 26.80 -27.15
CA TRP B 420 16.49 26.86 -28.47
C TRP B 420 17.05 28.24 -28.69
N ASN B 421 18.00 28.33 -29.63
CA ASN B 421 18.64 29.59 -29.98
C ASN B 421 17.98 30.17 -31.22
N SER B 422 17.65 31.46 -31.17
CA SER B 422 17.00 32.13 -32.29
C SER B 422 17.49 33.58 -32.32
N ASN B 423 18.52 33.83 -33.13
CA ASN B 423 19.06 35.18 -33.31
C ASN B 423 18.50 35.87 -34.55
N LYS B 424 17.55 35.23 -35.23
CA LYS B 424 16.97 35.78 -36.45
C LYS B 424 15.63 36.47 -36.22
N LEU B 425 14.80 35.95 -35.30
CA LEU B 425 13.50 36.53 -35.00
C LEU B 425 13.47 37.22 -33.65
N ASP B 426 14.62 37.38 -32.99
CA ASP B 426 14.68 38.04 -31.69
C ASP B 426 15.82 39.05 -31.63
N SER B 427 16.25 39.56 -32.78
CA SER B 427 17.33 40.52 -32.82
C SER B 427 17.11 41.46 -34.00
N LYS B 428 17.31 42.76 -33.77
CA LYS B 428 17.18 43.79 -34.79
C LYS B 428 18.55 44.41 -35.05
N VAL B 429 18.56 45.44 -35.91
CA VAL B 429 19.80 46.14 -36.22
C VAL B 429 20.32 46.88 -35.00
N SER B 430 19.44 47.54 -34.26
CA SER B 430 19.82 48.26 -33.05
C SER B 430 19.78 47.32 -31.86
N GLY B 431 19.91 47.87 -30.65
CA GLY B 431 19.88 47.07 -29.45
C GLY B 431 18.47 46.79 -28.96
N ASN B 432 18.14 45.52 -28.77
CA ASN B 432 16.83 45.12 -28.28
C ASN B 432 16.80 45.23 -26.76
N TYR B 433 16.02 46.18 -26.24
CA TYR B 433 15.93 46.44 -24.82
C TYR B 433 14.53 46.16 -24.28
N ASN B 434 13.78 45.29 -24.95
CA ASN B 434 12.40 45.02 -24.55
C ASN B 434 12.30 44.16 -23.30
N TYR B 435 13.16 43.16 -23.16
CA TYR B 435 13.09 42.22 -22.04
C TYR B 435 13.88 42.74 -20.86
N LEU B 436 13.46 42.32 -19.66
CA LEU B 436 14.11 42.71 -18.42
C LEU B 436 14.20 41.50 -17.49
N TYR B 437 15.15 41.55 -16.55
CA TYR B 437 15.29 40.53 -15.53
C TYR B 437 15.54 41.18 -14.18
N ARG B 438 15.06 40.52 -13.13
CA ARG B 438 15.05 41.06 -11.78
C ARG B 438 16.11 40.36 -10.93
N LEU B 439 16.87 41.13 -10.15
CA LEU B 439 17.85 40.59 -9.21
C LEU B 439 17.54 40.91 -7.75
N PHE B 440 17.19 42.15 -7.43
CA PHE B 440 16.96 42.52 -6.04
C PHE B 440 15.62 42.00 -5.55
N ARG B 441 15.63 41.35 -4.39
CA ARG B 441 14.41 40.89 -3.73
C ARG B 441 14.69 40.76 -2.24
N LYS B 442 13.67 41.05 -1.43
CA LYS B 442 13.84 41.00 0.02
C LYS B 442 14.06 39.57 0.51
N SER B 443 13.31 38.61 -0.05
CA SER B 443 13.42 37.21 0.34
C SER B 443 13.40 36.36 -0.93
N ASN B 444 13.30 35.05 -0.76
CA ASN B 444 13.25 34.14 -1.89
C ASN B 444 11.87 34.15 -2.54
N LEU B 445 11.81 33.63 -3.76
CA LEU B 445 10.57 33.55 -4.52
C LEU B 445 10.03 32.12 -4.47
N LYS B 446 8.73 31.99 -4.20
CA LYS B 446 8.12 30.67 -4.12
C LYS B 446 8.12 30.01 -5.49
N PRO B 447 8.32 28.69 -5.55
CA PRO B 447 8.30 27.99 -6.84
C PRO B 447 6.91 28.02 -7.47
N PHE B 448 6.90 28.04 -8.81
CA PHE B 448 5.67 28.08 -9.61
C PHE B 448 4.80 29.28 -9.24
N GLU B 449 5.44 30.41 -8.94
CA GLU B 449 4.73 31.62 -8.54
C GLU B 449 5.39 32.82 -9.19
N ARG B 450 4.58 33.69 -9.77
CA ARG B 450 5.03 34.95 -10.36
C ARG B 450 4.55 36.11 -9.49
N ASP B 451 5.46 37.04 -9.22
CA ASP B 451 5.17 38.18 -8.35
C ASP B 451 5.43 39.47 -9.13
N ILE B 452 4.36 40.14 -9.53
CA ILE B 452 4.48 41.42 -10.24
C ILE B 452 4.51 42.49 -9.15
N SER B 453 5.71 42.69 -8.58
CA SER B 453 5.94 43.72 -7.56
C SER B 453 7.16 44.52 -8.01
N THR B 454 6.93 45.52 -8.84
CA THR B 454 8.00 46.36 -9.38
C THR B 454 8.12 47.63 -8.55
N GLU B 455 8.53 47.45 -7.30
CA GLU B 455 8.73 48.52 -6.34
C GLU B 455 10.21 48.77 -6.13
N ILE B 456 10.50 49.86 -5.41
CA ILE B 456 11.89 50.20 -5.11
C ILE B 456 12.41 49.25 -4.04
N TYR B 457 13.58 48.67 -4.29
CA TYR B 457 14.22 47.80 -3.32
C TYR B 457 14.94 48.64 -2.26
N GLN B 458 14.64 48.39 -0.99
CA GLN B 458 15.31 49.06 0.13
C GLN B 458 16.53 48.22 0.53
N ALA B 459 17.72 48.71 0.17
CA ALA B 459 18.96 48.08 0.58
C ALA B 459 19.57 48.73 1.81
N GLY B 460 19.70 50.05 1.81
CA GLY B 460 20.24 50.77 2.94
C GLY B 460 19.19 51.07 3.99
N ASN B 461 19.65 51.73 5.06
CA ASN B 461 18.74 52.08 6.15
C ASN B 461 17.84 53.25 5.81
N LYS B 462 18.18 54.04 4.79
CA LYS B 462 17.36 55.18 4.39
C LYS B 462 16.14 54.69 3.61
N PRO B 463 14.93 55.01 4.04
CA PRO B 463 13.74 54.59 3.29
C PRO B 463 13.65 55.30 1.95
N CYS B 464 13.04 54.62 0.99
CA CYS B 464 12.85 55.15 -0.37
C CYS B 464 11.40 54.94 -0.76
N ASN B 465 10.59 55.99 -0.64
CA ASN B 465 9.17 55.94 -0.97
C ASN B 465 8.94 56.81 -2.20
N GLY B 466 9.08 56.20 -3.39
CA GLY B 466 8.86 56.88 -4.64
C GLY B 466 10.08 57.59 -5.21
N VAL B 467 11.18 57.64 -4.48
CA VAL B 467 12.40 58.30 -4.93
C VAL B 467 13.53 57.28 -4.90
N ALA B 468 14.23 57.13 -6.03
CA ALA B 468 15.36 56.21 -6.13
C ALA B 468 16.63 56.96 -5.73
N GLY B 469 17.12 56.69 -4.52
CA GLY B 469 18.31 57.34 -4.00
C GLY B 469 19.58 56.62 -4.39
N PHE B 470 20.67 56.99 -3.70
CA PHE B 470 21.96 56.35 -3.94
C PHE B 470 21.97 54.91 -3.46
N ASN B 471 21.31 54.63 -2.34
CA ASN B 471 21.29 53.30 -1.76
C ASN B 471 20.10 52.46 -2.23
N CYS B 472 19.26 53.01 -3.11
CA CYS B 472 18.09 52.31 -3.61
C CYS B 472 18.18 52.19 -5.12
N TYR B 473 17.96 50.98 -5.64
CA TYR B 473 18.04 50.71 -7.07
C TYR B 473 16.81 49.90 -7.49
N PHE B 474 16.45 50.04 -8.76
CA PHE B 474 15.34 49.28 -9.31
C PHE B 474 15.76 47.81 -9.48
N PRO B 475 14.95 46.86 -9.00
CA PRO B 475 15.31 45.44 -9.17
C PRO B 475 15.38 45.01 -10.63
N LEU B 476 14.63 45.63 -11.52
CA LEU B 476 14.62 45.25 -12.92
C LEU B 476 15.66 46.05 -13.70
N ARG B 477 16.44 45.35 -14.53
CA ARG B 477 17.30 45.98 -15.52
C ARG B 477 17.06 45.32 -16.88
N SER B 478 17.32 46.09 -17.93
CA SER B 478 16.96 45.73 -19.29
C SER B 478 17.97 44.77 -19.92
N TYR B 479 17.57 44.20 -21.05
CA TYR B 479 18.41 43.29 -21.82
C TYR B 479 19.34 44.09 -22.75
N SER B 480 20.13 43.36 -23.53
CA SER B 480 21.00 43.98 -24.53
C SER B 480 21.28 42.93 -25.61
N PHE B 481 20.70 43.11 -26.79
CA PHE B 481 20.82 42.14 -27.87
C PHE B 481 21.36 42.81 -29.13
N ARG B 482 22.37 42.20 -29.72
CA ARG B 482 22.94 42.59 -31.00
C ARG B 482 23.13 41.37 -31.87
N PRO B 483 22.97 41.51 -33.19
CA PRO B 483 23.18 40.35 -34.08
C PRO B 483 24.60 39.84 -34.11
N THR B 484 25.58 40.66 -33.76
CA THR B 484 26.99 40.28 -33.80
C THR B 484 27.46 39.64 -32.50
N TYR B 485 26.57 39.42 -31.54
CA TYR B 485 26.95 38.83 -30.27
C TYR B 485 27.31 37.36 -30.44
N GLY B 486 28.04 36.84 -29.46
CA GLY B 486 28.51 35.47 -29.48
C GLY B 486 27.51 34.49 -28.90
N VAL B 487 28.03 33.31 -28.55
CA VAL B 487 27.17 32.25 -28.00
C VAL B 487 26.67 32.64 -26.62
N GLY B 488 27.50 33.29 -25.82
CA GLY B 488 27.17 33.65 -24.46
C GLY B 488 26.27 34.85 -24.31
N HIS B 489 25.90 35.50 -25.40
CA HIS B 489 25.00 36.66 -25.35
C HIS B 489 23.78 36.52 -26.25
N GLN B 490 23.68 35.42 -27.00
CA GLN B 490 22.56 35.22 -27.89
C GLN B 490 21.28 34.91 -27.09
N PRO B 491 20.11 35.31 -27.60
CA PRO B 491 18.86 34.97 -26.91
C PRO B 491 18.58 33.48 -26.93
N TYR B 492 17.89 33.02 -25.89
CA TYR B 492 17.48 31.62 -25.78
C TYR B 492 16.03 31.58 -25.33
N ARG B 493 15.14 31.20 -26.25
CA ARG B 493 13.72 31.08 -25.95
C ARG B 493 13.50 29.77 -25.21
N VAL B 494 13.07 29.85 -23.95
CA VAL B 494 12.95 28.71 -23.06
C VAL B 494 11.47 28.49 -22.75
N VAL B 495 11.00 27.27 -22.94
CA VAL B 495 9.66 26.86 -22.55
C VAL B 495 9.77 25.64 -21.63
N VAL B 496 8.99 25.64 -20.56
CA VAL B 496 9.03 24.57 -19.58
C VAL B 496 7.71 23.82 -19.61
N LEU B 497 7.77 22.54 -19.24
CA LEU B 497 6.59 21.68 -19.21
C LEU B 497 6.53 20.99 -17.85
N SER B 498 5.39 21.15 -17.16
CA SER B 498 5.15 20.49 -15.88
C SER B 498 3.92 19.61 -16.01
N PHE B 499 4.04 18.37 -15.59
CA PHE B 499 2.98 17.38 -15.75
C PHE B 499 2.40 16.99 -14.38
N GLU B 500 1.19 16.44 -14.43
CA GLU B 500 0.52 15.90 -13.24
C GLU B 500 0.10 14.47 -13.57
N LEU B 501 0.70 13.50 -12.89
CA LEU B 501 0.47 12.09 -13.18
C LEU B 501 -0.45 11.49 -12.12
N LEU B 502 -1.56 10.89 -12.58
CA LEU B 502 -2.52 10.20 -11.71
C LEU B 502 -3.08 11.10 -10.62
N HIS B 503 -3.36 12.35 -10.97
CA HIS B 503 -3.98 13.30 -10.05
C HIS B 503 -5.24 13.94 -10.63
N ALA B 504 -5.71 13.47 -11.78
CA ALA B 504 -6.87 14.03 -12.45
C ALA B 504 -7.43 12.98 -13.40
N PRO B 505 -8.70 13.11 -13.81
CA PRO B 505 -9.22 12.21 -14.84
C PRO B 505 -8.44 12.33 -16.13
N ALA B 506 -8.30 11.21 -16.84
CA ALA B 506 -7.45 11.14 -18.03
C ALA B 506 -8.07 11.95 -19.16
N THR B 507 -7.33 12.96 -19.62
CA THR B 507 -7.76 13.83 -20.71
C THR B 507 -6.81 13.81 -21.89
N VAL B 508 -5.51 13.74 -21.65
CA VAL B 508 -4.49 13.78 -22.69
C VAL B 508 -3.73 12.47 -22.69
N CYS B 509 -3.68 11.80 -23.84
CA CYS B 509 -2.93 10.57 -24.01
C CYS B 509 -2.31 10.55 -25.40
N GLY B 510 -1.38 9.62 -25.60
CA GLY B 510 -0.64 9.53 -26.84
C GLY B 510 -1.27 8.61 -27.86
N PRO B 511 -0.59 8.45 -29.01
CA PRO B 511 -1.14 7.59 -30.07
C PRO B 511 -0.88 6.11 -29.83
N LYS B 512 -1.72 5.45 -29.02
CA LYS B 512 -1.65 4.01 -28.82
C LYS B 512 -2.98 3.42 -29.29
N LYS B 513 -3.08 3.20 -30.60
CA LYS B 513 -4.26 2.57 -31.19
C LYS B 513 -3.90 1.64 -32.35
N SER B 514 -2.67 1.14 -32.38
CA SER B 514 -2.14 0.26 -33.43
C SER B 514 -2.17 0.93 -34.80
N THR B 515 -1.98 0.14 -35.87
CA THR B 515 -1.81 0.70 -37.20
C THR B 515 -2.89 0.26 -38.18
N ASN B 516 -3.15 -1.04 -38.30
CA ASN B 516 -3.98 -1.56 -39.39
C ASN B 516 -4.93 -2.61 -38.84
N LEU B 517 -5.54 -3.37 -39.75
CA LEU B 517 -6.53 -4.38 -39.41
C LEU B 517 -6.23 -5.68 -40.13
N VAL B 518 -6.66 -6.80 -39.54
CA VAL B 518 -6.56 -8.12 -40.14
C VAL B 518 -7.89 -8.83 -39.95
N LYS B 519 -8.44 -9.35 -41.05
CA LYS B 519 -9.71 -10.07 -41.02
C LYS B 519 -9.49 -11.55 -41.26
N ASN B 520 -10.47 -12.34 -40.83
CA ASN B 520 -10.49 -13.80 -41.00
C ASN B 520 -9.27 -14.46 -40.36
N LYS B 521 -8.84 -13.93 -39.21
CA LYS B 521 -7.72 -14.48 -38.47
C LYS B 521 -7.79 -13.99 -37.04
N CYS B 522 -7.61 -14.90 -36.08
CA CYS B 522 -7.65 -14.51 -34.68
C CYS B 522 -6.36 -13.80 -34.29
N VAL B 523 -6.49 -12.61 -33.71
CA VAL B 523 -5.36 -11.79 -33.31
C VAL B 523 -5.61 -11.28 -31.89
N ASN B 524 -4.52 -10.97 -31.19
CA ASN B 524 -4.60 -10.41 -29.84
C ASN B 524 -4.75 -8.90 -29.92
N PHE B 525 -5.97 -8.48 -30.29
CA PHE B 525 -6.25 -7.06 -30.44
C PHE B 525 -6.40 -6.39 -29.08
N ASN B 526 -6.38 -5.05 -29.10
CA ASN B 526 -6.56 -4.23 -27.91
C ASN B 526 -7.51 -3.09 -28.29
N PHE B 527 -8.81 -3.32 -28.10
CA PHE B 527 -9.83 -2.35 -28.48
C PHE B 527 -9.99 -1.33 -27.34
N ASN B 528 -9.12 -0.33 -27.37
CA ASN B 528 -9.12 0.78 -26.40
C ASN B 528 -9.01 0.28 -24.97
N GLY B 529 -8.07 -0.64 -24.75
CA GLY B 529 -7.82 -1.20 -23.44
C GLY B 529 -8.40 -2.58 -23.21
N LEU B 530 -9.26 -3.06 -24.09
CA LEU B 530 -9.86 -4.40 -23.99
C LEU B 530 -9.03 -5.35 -24.85
N LYS B 531 -8.21 -6.16 -24.20
CA LYS B 531 -7.32 -7.09 -24.90
C LYS B 531 -7.96 -8.47 -24.94
N GLY B 532 -8.02 -9.05 -26.13
CA GLY B 532 -8.60 -10.37 -26.31
C GLY B 532 -8.22 -10.94 -27.66
N THR B 533 -8.54 -12.22 -27.85
CA THR B 533 -8.22 -12.95 -29.07
C THR B 533 -9.50 -13.43 -29.73
N GLY B 534 -9.63 -13.14 -31.01
CA GLY B 534 -10.80 -13.59 -31.76
C GLY B 534 -10.68 -13.20 -33.22
N VAL B 535 -11.47 -13.88 -34.04
CA VAL B 535 -11.50 -13.65 -35.47
C VAL B 535 -12.50 -12.53 -35.77
N LEU B 536 -12.04 -11.51 -36.48
CA LEU B 536 -12.91 -10.39 -36.84
C LEU B 536 -13.80 -10.80 -38.00
N THR B 537 -15.12 -10.77 -37.79
CA THR B 537 -16.09 -11.19 -38.79
C THR B 537 -17.21 -10.16 -38.83
N GLU B 538 -17.74 -9.94 -40.03
CA GLU B 538 -18.86 -9.02 -40.18
C GLU B 538 -20.11 -9.57 -39.49
N SER B 539 -20.82 -8.70 -38.80
CA SER B 539 -21.97 -9.08 -37.99
C SER B 539 -23.25 -8.59 -38.65
N ASN B 540 -24.28 -9.44 -38.67
CA ASN B 540 -25.56 -9.09 -39.27
C ASN B 540 -26.36 -8.14 -38.39
N LYS B 541 -26.06 -8.07 -37.09
CA LYS B 541 -26.84 -7.27 -36.15
C LYS B 541 -26.64 -5.78 -36.43
N LYS B 542 -27.58 -4.99 -35.90
CA LYS B 542 -27.55 -3.54 -36.04
C LYS B 542 -27.19 -2.91 -34.70
N PHE B 543 -26.24 -1.98 -34.72
CA PHE B 543 -25.72 -1.34 -33.51
C PHE B 543 -26.19 0.11 -33.44
N LEU B 544 -26.62 0.51 -32.25
CA LEU B 544 -26.96 1.90 -32.01
C LEU B 544 -25.69 2.75 -32.01
N PRO B 545 -25.80 4.03 -32.41
CA PRO B 545 -24.58 4.85 -32.56
C PRO B 545 -23.77 5.04 -31.29
N PHE B 546 -24.42 5.09 -30.12
CA PHE B 546 -23.67 5.32 -28.89
C PHE B 546 -22.97 4.07 -28.38
N GLN B 547 -23.34 2.89 -28.86
CA GLN B 547 -22.73 1.65 -28.40
C GLN B 547 -21.28 1.55 -28.87
N GLN B 548 -20.46 0.90 -28.05
CA GLN B 548 -19.04 0.71 -28.34
C GLN B 548 -18.69 -0.75 -28.59
N PHE B 549 -19.03 -1.65 -27.67
CA PHE B 549 -18.74 -3.07 -27.83
C PHE B 549 -19.88 -3.89 -27.25
N GLY B 550 -20.01 -5.11 -27.73
CA GLY B 550 -21.09 -6.00 -27.32
C GLY B 550 -20.61 -7.07 -26.36
N ARG B 551 -21.54 -7.55 -25.53
CA ARG B 551 -21.26 -8.59 -24.56
C ARG B 551 -22.31 -9.69 -24.69
N ASP B 552 -21.85 -10.94 -24.64
CA ASP B 552 -22.71 -12.10 -24.75
C ASP B 552 -23.24 -12.48 -23.37
N ILE B 553 -23.83 -13.68 -23.27
CA ILE B 553 -24.30 -14.19 -21.97
C ILE B 553 -23.13 -14.41 -21.03
N ALA B 554 -21.94 -14.69 -21.57
CA ALA B 554 -20.74 -14.90 -20.76
C ALA B 554 -20.12 -13.60 -20.26
N ASP B 555 -20.72 -12.45 -20.56
CA ASP B 555 -20.21 -11.13 -20.19
C ASP B 555 -18.79 -10.91 -20.72
N THR B 556 -18.56 -11.34 -21.96
CA THR B 556 -17.28 -11.17 -22.63
C THR B 556 -17.49 -10.47 -23.97
N THR B 557 -16.43 -9.81 -24.44
CA THR B 557 -16.50 -9.02 -25.66
C THR B 557 -16.63 -9.95 -26.86
N ASP B 558 -17.83 -10.03 -27.43
CA ASP B 558 -18.07 -10.79 -28.64
C ASP B 558 -18.37 -9.92 -29.85
N ALA B 559 -18.72 -8.65 -29.64
CA ALA B 559 -18.92 -7.70 -30.73
C ALA B 559 -18.31 -6.37 -30.32
N VAL B 560 -17.90 -5.58 -31.31
CA VAL B 560 -17.23 -4.31 -31.06
C VAL B 560 -17.37 -3.46 -32.32
N ARG B 561 -17.27 -2.14 -32.16
CA ARG B 561 -17.13 -1.23 -33.26
C ARG B 561 -15.74 -0.61 -33.24
N ASP B 562 -15.25 -0.22 -34.42
CA ASP B 562 -13.90 0.31 -34.52
C ASP B 562 -13.84 1.73 -33.98
N PRO B 563 -12.72 2.11 -33.36
CA PRO B 563 -12.56 3.50 -32.90
C PRO B 563 -12.51 4.52 -34.03
N GLN B 564 -12.17 4.10 -35.24
CA GLN B 564 -12.08 5.00 -36.38
C GLN B 564 -13.18 4.79 -37.42
N THR B 565 -13.64 3.55 -37.60
CA THR B 565 -14.67 3.22 -38.56
C THR B 565 -15.98 2.92 -37.84
N LEU B 566 -17.09 3.44 -38.38
CA LEU B 566 -18.40 3.24 -37.78
C LEU B 566 -18.92 1.82 -37.92
N GLU B 567 -18.28 0.99 -38.75
CA GLU B 567 -18.72 -0.39 -38.92
C GLU B 567 -18.40 -1.20 -37.67
N ILE B 568 -19.08 -2.34 -37.56
CA ILE B 568 -19.04 -3.18 -36.36
C ILE B 568 -18.47 -4.55 -36.73
N LEU B 569 -17.67 -5.11 -35.84
CA LEU B 569 -17.04 -6.40 -36.03
C LEU B 569 -17.39 -7.33 -34.87
N ASP B 570 -17.33 -8.63 -35.14
CA ASP B 570 -17.61 -9.66 -34.16
C ASP B 570 -16.31 -10.29 -33.66
N ILE B 571 -16.31 -10.69 -32.39
CA ILE B 571 -15.20 -11.42 -31.80
C ILE B 571 -15.62 -12.87 -31.66
N THR B 572 -15.06 -13.73 -32.52
CA THR B 572 -15.23 -15.17 -32.41
C THR B 572 -13.84 -15.79 -32.36
N PRO B 573 -13.51 -16.55 -31.32
CA PRO B 573 -12.18 -17.17 -31.26
C PRO B 573 -12.00 -18.22 -32.35
N CYS B 574 -10.74 -18.40 -32.75
CA CYS B 574 -10.40 -19.38 -33.77
C CYS B 574 -10.44 -20.79 -33.18
N SER B 575 -9.94 -21.77 -33.93
CA SER B 575 -10.11 -23.19 -33.59
C SER B 575 -9.57 -23.55 -32.22
N PHE B 576 -10.48 -23.90 -31.30
CA PHE B 576 -10.12 -24.32 -29.95
C PHE B 576 -10.87 -25.59 -29.61
N GLY B 577 -10.36 -26.30 -28.62
CA GLY B 577 -11.00 -27.51 -28.12
C GLY B 577 -9.96 -28.57 -27.79
N GLY B 578 -10.40 -29.56 -27.01
CA GLY B 578 -9.53 -30.65 -26.64
C GLY B 578 -9.34 -31.65 -27.75
N VAL B 579 -8.37 -32.54 -27.55
CA VAL B 579 -8.06 -33.60 -28.48
C VAL B 579 -8.04 -34.92 -27.73
N SER B 580 -8.63 -35.96 -28.34
CA SER B 580 -8.69 -37.29 -27.74
C SER B 580 -7.96 -38.28 -28.65
N VAL B 581 -7.33 -39.27 -28.02
CA VAL B 581 -6.55 -40.28 -28.72
C VAL B 581 -7.20 -41.63 -28.47
N ILE B 582 -7.55 -42.33 -29.54
CA ILE B 582 -8.10 -43.68 -29.47
C ILE B 582 -6.98 -44.64 -29.82
N THR B 583 -6.57 -45.46 -28.86
CA THR B 583 -5.45 -46.36 -29.04
C THR B 583 -5.80 -47.73 -28.50
N PRO B 584 -5.23 -48.80 -29.09
CA PRO B 584 -5.35 -50.12 -28.47
C PRO B 584 -4.30 -50.32 -27.38
N GLY B 585 -4.21 -51.53 -26.84
CA GLY B 585 -3.18 -51.80 -25.85
C GLY B 585 -1.78 -51.69 -26.45
N THR B 586 -0.85 -51.19 -25.64
CA THR B 586 0.52 -51.02 -26.12
C THR B 586 1.21 -52.36 -26.36
N ASN B 587 0.76 -53.41 -25.69
CA ASN B 587 1.31 -54.74 -25.93
C ASN B 587 0.89 -55.32 -27.27
N THR B 588 -0.20 -54.81 -27.85
CA THR B 588 -0.70 -55.33 -29.12
C THR B 588 -0.08 -54.59 -30.31
N SER B 589 -0.26 -53.27 -30.37
CA SER B 589 0.25 -52.49 -31.48
C SER B 589 0.59 -51.09 -30.97
N ASN B 590 0.91 -50.18 -31.90
CA ASN B 590 1.27 -48.82 -31.55
C ASN B 590 0.54 -47.76 -32.37
N GLN B 591 -0.28 -48.16 -33.35
CA GLN B 591 -1.01 -47.19 -34.15
C GLN B 591 -2.08 -46.50 -33.32
N VAL B 592 -2.24 -45.19 -33.54
CA VAL B 592 -3.16 -44.39 -32.76
C VAL B 592 -4.06 -43.59 -33.70
N ALA B 593 -5.19 -43.15 -33.17
CA ALA B 593 -6.14 -42.31 -33.88
C ALA B 593 -6.31 -40.99 -33.15
N VAL B 594 -6.61 -39.94 -33.93
CA VAL B 594 -6.77 -38.60 -33.39
C VAL B 594 -8.20 -38.14 -33.66
N LEU B 595 -8.89 -37.73 -32.60
CA LEU B 595 -10.27 -37.26 -32.70
C LEU B 595 -10.38 -35.89 -32.06
N TYR B 596 -11.01 -34.96 -32.75
CA TYR B 596 -11.28 -33.62 -32.24
C TYR B 596 -12.75 -33.51 -31.86
N GLN B 597 -13.01 -33.11 -30.62
CA GLN B 597 -14.38 -33.05 -30.10
C GLN B 597 -15.02 -31.75 -30.56
N GLY B 598 -15.92 -31.83 -31.54
CA GLY B 598 -16.64 -30.67 -32.01
C GLY B 598 -15.85 -29.71 -32.87
N VAL B 599 -14.65 -30.09 -33.29
CA VAL B 599 -13.79 -29.25 -34.11
C VAL B 599 -13.73 -29.82 -35.51
N ASN B 600 -14.11 -29.01 -36.50
CA ASN B 600 -14.04 -29.43 -37.89
C ASN B 600 -12.61 -29.35 -38.38
N CYS B 601 -12.09 -30.46 -38.89
CA CYS B 601 -10.70 -30.55 -39.36
C CYS B 601 -10.56 -30.12 -40.81
N THR B 602 -11.59 -29.52 -41.40
CA THR B 602 -11.46 -28.97 -42.75
C THR B 602 -10.62 -27.70 -42.78
N GLU B 603 -10.40 -27.07 -41.63
CA GLU B 603 -9.58 -25.86 -41.53
C GLU B 603 -8.39 -26.05 -40.61
N VAL B 604 -7.98 -27.29 -40.37
CA VAL B 604 -6.87 -27.58 -39.48
C VAL B 604 -5.54 -27.22 -40.15
N ASN B 625 -7.22 -41.41 -44.48
CA ASN B 625 -8.33 -42.05 -43.78
C ASN B 625 -8.98 -41.08 -42.79
N VAL B 626 -9.92 -40.29 -43.28
CA VAL B 626 -10.64 -39.31 -42.47
C VAL B 626 -12.12 -39.64 -42.54
N PHE B 627 -12.75 -39.82 -41.37
CA PHE B 627 -14.18 -40.08 -41.26
C PHE B 627 -14.78 -39.05 -40.33
N GLN B 628 -15.92 -38.47 -40.74
CA GLN B 628 -16.57 -37.41 -40.01
C GLN B 628 -17.80 -37.95 -39.29
N THR B 629 -17.88 -37.70 -37.98
CA THR B 629 -19.01 -38.05 -37.14
C THR B 629 -19.66 -36.78 -36.59
N ARG B 630 -20.72 -36.97 -35.80
CA ARG B 630 -21.38 -35.83 -35.19
C ARG B 630 -20.50 -35.18 -34.13
N ALA B 631 -19.80 -35.99 -33.33
CA ALA B 631 -18.91 -35.45 -32.31
C ALA B 631 -17.64 -34.85 -32.90
N GLY B 632 -17.28 -35.23 -34.11
CA GLY B 632 -16.09 -34.71 -34.74
C GLY B 632 -15.59 -35.66 -35.80
N CYS B 633 -14.49 -35.24 -36.44
CA CYS B 633 -13.88 -36.02 -37.51
C CYS B 633 -12.71 -36.83 -36.94
N LEU B 634 -12.66 -38.11 -37.32
CA LEU B 634 -11.62 -39.02 -36.85
C LEU B 634 -10.44 -39.02 -37.82
N ILE B 635 -9.24 -38.93 -37.27
CA ILE B 635 -8.01 -38.90 -38.05
C ILE B 635 -7.19 -40.13 -37.70
N GLY B 636 -6.79 -40.90 -38.73
CA GLY B 636 -6.01 -42.09 -38.55
C GLY B 636 -6.77 -43.39 -38.62
N ALA B 637 -8.08 -43.35 -38.88
CA ALA B 637 -8.90 -44.54 -38.98
C ALA B 637 -9.86 -44.40 -40.15
N GLU B 638 -10.30 -45.53 -40.67
CA GLU B 638 -11.20 -45.58 -41.81
C GLU B 638 -12.55 -46.15 -41.40
N TYR B 639 -13.60 -45.66 -42.05
CA TYR B 639 -14.95 -46.12 -41.77
C TYR B 639 -15.24 -47.40 -42.53
N VAL B 640 -15.93 -48.33 -41.86
CA VAL B 640 -16.29 -49.63 -42.45
C VAL B 640 -17.80 -49.73 -42.44
N ASN B 641 -18.37 -50.11 -43.59
CA ASN B 641 -19.82 -50.29 -43.68
C ASN B 641 -20.31 -51.44 -42.82
N ASN B 642 -19.48 -52.47 -42.66
CA ASN B 642 -19.83 -53.59 -41.79
C ASN B 642 -19.83 -53.15 -40.33
N SER B 643 -20.65 -53.81 -39.53
CA SER B 643 -20.83 -53.48 -38.12
C SER B 643 -20.37 -54.65 -37.26
N TYR B 644 -19.65 -54.32 -36.19
CA TYR B 644 -19.18 -55.34 -35.24
C TYR B 644 -19.48 -54.89 -33.81
N GLU B 645 -18.95 -55.63 -32.84
CA GLU B 645 -19.10 -55.25 -31.44
C GLU B 645 -18.12 -54.13 -31.09
N CYS B 646 -18.61 -53.13 -30.37
CA CYS B 646 -17.78 -52.00 -30.00
C CYS B 646 -16.77 -52.39 -28.92
N ASP B 647 -15.56 -51.86 -29.05
CA ASP B 647 -14.49 -52.11 -28.10
C ASP B 647 -14.09 -50.84 -27.34
N ILE B 648 -13.74 -49.79 -28.06
CA ILE B 648 -13.37 -48.51 -27.45
C ILE B 648 -14.43 -47.47 -27.80
N PRO B 649 -15.27 -47.07 -26.86
CA PRO B 649 -16.34 -46.12 -27.19
C PRO B 649 -15.81 -44.74 -27.55
N ILE B 650 -16.52 -44.08 -28.45
CA ILE B 650 -16.17 -42.73 -28.89
C ILE B 650 -17.37 -41.82 -28.69
N GLY B 651 -18.52 -42.22 -29.24
CA GLY B 651 -19.74 -41.47 -29.15
C GLY B 651 -20.36 -41.18 -30.51
N ALA B 652 -21.58 -40.64 -30.45
CA ALA B 652 -22.34 -40.22 -31.63
C ALA B 652 -22.59 -41.38 -32.60
N GLY B 653 -22.70 -42.60 -32.08
CA GLY B 653 -23.03 -43.75 -32.89
C GLY B 653 -21.89 -44.40 -33.63
N ILE B 654 -20.67 -43.88 -33.52
CA ILE B 654 -19.49 -44.45 -34.17
C ILE B 654 -18.40 -44.60 -33.12
N CYS B 655 -17.82 -45.80 -33.02
CA CYS B 655 -16.70 -46.07 -32.14
C CYS B 655 -15.64 -46.85 -32.91
N ALA B 656 -14.41 -46.74 -32.44
CA ALA B 656 -13.27 -47.37 -33.10
C ALA B 656 -12.86 -48.66 -32.40
N SER B 657 -12.23 -49.55 -33.17
CA SER B 657 -11.74 -50.81 -32.67
C SER B 657 -10.51 -51.23 -33.48
N TYR B 658 -9.73 -52.13 -32.91
CA TYR B 658 -8.50 -52.61 -33.53
C TYR B 658 -8.70 -54.05 -33.99
N GLN B 659 -8.34 -54.33 -35.24
CA GLN B 659 -8.47 -55.67 -35.79
C GLN B 659 -7.13 -56.15 -36.37
N SER B 671 -4.90 -53.15 -38.24
CA SER B 671 -5.19 -51.72 -38.28
C SER B 671 -6.39 -51.38 -37.42
N ILE B 672 -6.66 -50.09 -37.27
CA ILE B 672 -7.77 -49.59 -36.46
C ILE B 672 -8.90 -49.16 -37.40
N ILE B 673 -10.13 -49.59 -37.09
CA ILE B 673 -11.30 -49.28 -37.89
C ILE B 673 -12.39 -48.75 -36.98
N ALA B 674 -13.31 -47.99 -37.58
CA ALA B 674 -14.45 -47.42 -36.88
C ALA B 674 -15.73 -47.83 -37.58
N TYR B 675 -16.77 -48.08 -36.80
CA TYR B 675 -18.03 -48.60 -37.35
C TYR B 675 -19.17 -48.27 -36.37
N THR B 676 -20.38 -48.59 -36.80
CA THR B 676 -21.59 -48.42 -36.00
C THR B 676 -21.79 -49.67 -35.14
N MET B 677 -22.36 -49.45 -33.95
CA MET B 677 -22.60 -50.56 -33.02
C MET B 677 -23.54 -51.60 -33.62
N SER B 678 -23.26 -52.86 -33.32
CA SER B 678 -24.18 -53.95 -33.59
C SER B 678 -25.01 -54.20 -32.34
N LEU B 679 -26.30 -53.86 -32.40
CA LEU B 679 -27.17 -54.02 -31.24
C LEU B 679 -27.41 -55.49 -30.90
N GLY B 680 -27.16 -56.39 -31.82
CA GLY B 680 -27.30 -57.81 -31.57
C GLY B 680 -27.71 -58.54 -32.83
N ALA B 681 -27.80 -59.86 -32.71
CA ALA B 681 -28.23 -60.69 -33.81
C ALA B 681 -29.73 -60.49 -34.06
N GLU B 682 -30.10 -60.26 -35.31
CA GLU B 682 -31.50 -60.06 -35.65
C GLU B 682 -32.27 -61.37 -35.52
N ASN B 683 -33.40 -61.31 -34.82
CA ASN B 683 -34.20 -62.52 -34.56
C ASN B 683 -35.67 -62.10 -34.58
N SER B 684 -36.34 -62.35 -35.69
CA SER B 684 -37.76 -62.07 -35.83
C SER B 684 -38.54 -63.32 -35.44
N VAL B 685 -39.19 -63.28 -34.27
CA VAL B 685 -39.93 -64.43 -33.78
C VAL B 685 -41.24 -64.57 -34.58
N ALA B 686 -41.55 -65.80 -34.97
CA ALA B 686 -42.76 -66.08 -35.74
C ALA B 686 -43.96 -66.06 -34.80
N TYR B 687 -44.78 -65.01 -34.88
CA TYR B 687 -45.94 -64.85 -34.04
C TYR B 687 -47.20 -65.14 -34.85
N SER B 688 -48.02 -66.07 -34.36
CA SER B 688 -49.28 -66.43 -34.97
C SER B 688 -50.37 -66.37 -33.92
N ASN B 689 -51.61 -66.64 -34.34
CA ASN B 689 -52.74 -66.53 -33.42
C ASN B 689 -52.81 -67.69 -32.43
N ASN B 690 -52.21 -68.85 -32.76
CA ASN B 690 -52.31 -70.01 -31.89
C ASN B 690 -50.98 -70.78 -31.80
N SER B 691 -49.86 -70.09 -31.99
CA SER B 691 -48.55 -70.73 -31.99
C SER B 691 -47.91 -70.58 -30.61
N ILE B 692 -47.41 -71.69 -30.07
CA ILE B 692 -46.77 -71.73 -28.77
C ILE B 692 -45.46 -72.51 -28.90
N ALA B 693 -44.44 -72.09 -28.14
CA ALA B 693 -43.14 -72.74 -28.12
C ALA B 693 -42.90 -73.27 -26.71
N ILE B 694 -43.05 -74.58 -26.54
CA ILE B 694 -42.85 -75.24 -25.25
C ILE B 694 -41.44 -75.81 -25.21
N PRO B 695 -40.62 -75.42 -24.24
CA PRO B 695 -39.26 -75.98 -24.16
C PRO B 695 -39.27 -77.46 -23.81
N THR B 696 -38.23 -78.16 -24.27
CA THR B 696 -38.08 -79.58 -24.00
C THR B 696 -36.83 -79.92 -23.21
N ASN B 697 -35.91 -78.97 -23.01
CA ASN B 697 -34.68 -79.24 -22.28
C ASN B 697 -34.30 -77.99 -21.50
N PHE B 698 -33.44 -78.18 -20.50
CA PHE B 698 -32.97 -77.09 -19.65
C PHE B 698 -31.46 -77.18 -19.49
N THR B 699 -30.83 -76.01 -19.34
CA THR B 699 -29.40 -75.90 -19.12
C THR B 699 -29.17 -75.21 -17.78
N ILE B 700 -28.40 -75.85 -16.91
CA ILE B 700 -28.10 -75.31 -15.58
C ILE B 700 -26.79 -74.54 -15.70
N SER B 701 -26.92 -73.25 -16.01
CA SER B 701 -25.76 -72.38 -16.16
C SER B 701 -25.39 -71.74 -14.82
N VAL B 702 -24.14 -71.30 -14.73
CA VAL B 702 -23.61 -70.64 -13.54
C VAL B 702 -23.01 -69.31 -13.96
N THR B 703 -23.45 -68.22 -13.35
CA THR B 703 -22.96 -66.88 -13.63
C THR B 703 -22.33 -66.29 -12.38
N THR B 704 -21.53 -65.24 -12.59
CA THR B 704 -20.82 -64.58 -11.51
C THR B 704 -21.19 -63.10 -11.47
N GLU B 705 -21.40 -62.59 -10.25
CA GLU B 705 -21.65 -61.18 -10.02
C GLU B 705 -20.67 -60.68 -8.97
N ILE B 706 -20.01 -59.55 -9.27
CA ILE B 706 -18.99 -58.98 -8.41
C ILE B 706 -19.48 -57.62 -7.93
N LEU B 707 -19.53 -57.43 -6.61
CA LEU B 707 -19.97 -56.19 -6.01
C LEU B 707 -18.96 -55.75 -4.96
N PRO B 708 -18.52 -54.50 -4.99
CA PRO B 708 -17.61 -54.02 -3.93
C PRO B 708 -18.30 -53.94 -2.58
N VAL B 709 -17.51 -54.11 -1.53
CA VAL B 709 -18.06 -54.16 -0.18
C VAL B 709 -17.52 -53.00 0.65
N SER B 710 -16.19 -52.90 0.77
CA SER B 710 -15.58 -51.90 1.63
C SER B 710 -14.17 -51.62 1.17
N MET B 711 -13.79 -50.34 1.11
CA MET B 711 -12.41 -49.98 0.81
C MET B 711 -11.58 -50.01 2.09
N THR B 712 -10.27 -49.82 1.93
CA THR B 712 -9.39 -49.71 3.07
C THR B 712 -9.66 -48.43 3.84
N LYS B 713 -9.75 -48.54 5.16
CA LYS B 713 -9.98 -47.37 6.00
C LYS B 713 -8.75 -46.48 6.03
N THR B 714 -8.97 -45.17 5.91
CA THR B 714 -7.89 -44.20 5.88
C THR B 714 -8.09 -43.17 6.97
N SER B 715 -7.04 -42.92 7.75
CA SER B 715 -7.05 -41.91 8.80
C SER B 715 -5.79 -41.08 8.69
N VAL B 716 -5.94 -39.75 8.70
CA VAL B 716 -4.82 -38.83 8.57
C VAL B 716 -4.89 -37.81 9.70
N ASP B 717 -3.75 -37.18 9.96
CA ASP B 717 -3.63 -36.13 10.96
C ASP B 717 -3.14 -34.85 10.29
N CYS B 718 -3.75 -33.73 10.67
CA CYS B 718 -3.44 -32.46 10.02
C CYS B 718 -2.02 -32.00 10.31
N THR B 719 -1.62 -32.06 11.59
CA THR B 719 -0.39 -31.41 12.02
C THR B 719 0.85 -32.02 11.37
N MET B 720 0.89 -33.35 11.23
CA MET B 720 2.05 -33.98 10.63
C MET B 720 1.99 -34.02 9.11
N TYR B 721 0.82 -34.32 8.54
CA TYR B 721 0.70 -34.42 7.08
C TYR B 721 0.92 -33.07 6.42
N ILE B 722 0.40 -32.00 7.00
CA ILE B 722 0.49 -30.69 6.35
C ILE B 722 1.90 -30.14 6.43
N CYS B 723 2.42 -29.95 7.65
CA CYS B 723 3.79 -29.48 7.82
C CYS B 723 4.67 -30.44 8.60
N GLY B 724 4.24 -30.88 9.78
CA GLY B 724 5.01 -31.84 10.55
C GLY B 724 5.64 -31.32 11.83
N ASP B 725 6.97 -31.24 11.84
CA ASP B 725 7.72 -30.96 13.07
C ASP B 725 7.62 -29.50 13.50
N SER B 726 7.36 -28.58 12.57
CA SER B 726 7.38 -27.15 12.86
C SER B 726 6.33 -26.76 13.90
N THR B 727 6.79 -26.33 15.07
CA THR B 727 5.88 -25.94 16.15
C THR B 727 5.17 -24.62 15.80
N GLU B 728 5.85 -23.71 15.12
CA GLU B 728 5.21 -22.47 14.70
C GLU B 728 4.11 -22.73 13.69
N CYS B 729 4.27 -23.75 12.84
CA CYS B 729 3.19 -24.14 11.93
C CYS B 729 1.98 -24.60 12.71
N SER B 730 2.19 -25.37 13.79
CA SER B 730 1.07 -25.76 14.64
C SER B 730 0.42 -24.56 15.32
N ASN B 731 1.24 -23.59 15.73
CA ASN B 731 0.69 -22.39 16.37
C ASN B 731 -0.17 -21.58 15.40
N LEU B 732 0.27 -21.45 14.15
CA LEU B 732 -0.56 -20.77 13.15
C LEU B 732 -1.76 -21.61 12.74
N LEU B 733 -1.65 -22.94 12.80
CA LEU B 733 -2.78 -23.79 12.41
C LEU B 733 -3.87 -23.78 13.47
N LEU B 734 -3.49 -23.69 14.75
CA LEU B 734 -4.50 -23.63 15.81
C LEU B 734 -5.30 -22.34 15.78
N GLN B 735 -4.83 -21.31 15.08
CA GLN B 735 -5.60 -20.09 14.91
C GLN B 735 -6.70 -20.22 13.87
N TYR B 736 -6.72 -21.30 13.09
CA TYR B 736 -7.69 -21.49 12.03
C TYR B 736 -8.97 -22.17 12.50
N GLY B 737 -9.01 -22.66 13.73
CA GLY B 737 -10.20 -23.33 14.23
C GLY B 737 -10.01 -24.82 14.44
N SER B 738 -11.01 -25.60 14.06
CA SER B 738 -11.01 -27.05 14.24
C SER B 738 -11.41 -27.75 12.95
N PHE B 739 -10.78 -27.34 11.84
CA PHE B 739 -11.07 -27.95 10.54
C PHE B 739 -10.61 -29.41 10.50
N CYS B 740 -9.36 -29.67 10.89
CA CYS B 740 -8.84 -31.02 10.81
C CYS B 740 -9.43 -31.93 11.90
N THR B 741 -9.91 -31.36 13.00
CA THR B 741 -10.68 -32.16 13.96
C THR B 741 -11.97 -32.67 13.32
N GLN B 742 -12.67 -31.80 12.58
CA GLN B 742 -13.85 -32.23 11.84
C GLN B 742 -13.49 -33.25 10.78
N LEU B 743 -12.34 -33.08 10.12
CA LEU B 743 -11.91 -34.04 9.11
C LEU B 743 -11.62 -35.41 9.72
N LYS B 744 -10.94 -35.44 10.87
CA LYS B 744 -10.68 -36.69 11.56
C LYS B 744 -11.97 -37.35 12.03
N ARG B 745 -12.92 -36.54 12.52
CA ARG B 745 -14.22 -37.08 12.94
C ARG B 745 -14.97 -37.68 11.75
N ALA B 746 -14.93 -37.01 10.60
CA ALA B 746 -15.56 -37.55 9.40
C ALA B 746 -14.89 -38.84 8.96
N LEU B 747 -13.55 -38.90 9.05
CA LEU B 747 -12.83 -40.12 8.70
C LEU B 747 -13.21 -41.28 9.62
N THR B 748 -13.32 -41.01 10.93
CA THR B 748 -13.72 -42.05 11.86
C THR B 748 -15.16 -42.50 11.61
N GLY B 749 -16.04 -41.55 11.27
CA GLY B 749 -17.40 -41.91 10.91
C GLY B 749 -17.46 -42.78 9.66
N ILE B 750 -16.63 -42.47 8.67
CA ILE B 750 -16.55 -43.29 7.47
C ILE B 750 -16.03 -44.68 7.80
N ALA B 751 -15.03 -44.75 8.68
CA ALA B 751 -14.47 -46.05 9.06
C ALA B 751 -15.50 -46.92 9.79
N VAL B 752 -16.25 -46.33 10.73
CA VAL B 752 -17.25 -47.11 11.44
C VAL B 752 -18.43 -47.44 10.53
N GLU B 753 -18.72 -46.58 9.54
CA GLU B 753 -19.72 -46.91 8.54
C GLU B 753 -19.30 -48.11 7.70
N GLN B 754 -18.03 -48.17 7.31
CA GLN B 754 -17.53 -49.32 6.56
C GLN B 754 -17.55 -50.58 7.41
N ASP B 755 -17.22 -50.46 8.70
CA ASP B 755 -17.29 -51.61 9.60
C ASP B 755 -18.73 -52.10 9.74
N LYS B 756 -19.69 -51.18 9.86
CA LYS B 756 -21.09 -51.57 9.93
C LYS B 756 -21.55 -52.21 8.62
N ASN B 757 -21.08 -51.71 7.49
CA ASN B 757 -21.42 -52.31 6.20
C ASN B 757 -20.88 -53.74 6.09
N THR B 758 -19.64 -53.95 6.54
CA THR B 758 -19.08 -55.30 6.52
C THR B 758 -19.83 -56.23 7.45
N GLN B 759 -20.22 -55.74 8.63
CA GLN B 759 -21.00 -56.55 9.56
C GLN B 759 -22.37 -56.89 8.99
N GLU B 760 -22.98 -55.96 8.27
CA GLU B 760 -24.29 -56.20 7.68
C GLU B 760 -24.20 -57.18 6.51
N VAL B 761 -23.12 -57.10 5.72
CA VAL B 761 -23.03 -57.94 4.53
C VAL B 761 -22.46 -59.33 4.83
N PHE B 762 -21.72 -59.49 5.93
CA PHE B 762 -21.10 -60.77 6.26
C PHE B 762 -21.69 -61.41 7.50
N ALA B 763 -21.72 -60.70 8.62
CA ALA B 763 -22.27 -61.24 9.88
C ALA B 763 -23.79 -61.18 9.80
N GLN B 764 -24.35 -62.18 9.12
CA GLN B 764 -25.79 -62.28 8.92
C GLN B 764 -26.45 -63.30 9.83
N VAL B 765 -25.78 -64.42 10.10
CA VAL B 765 -26.31 -65.48 10.94
C VAL B 765 -25.54 -65.50 12.25
N LYS B 766 -26.25 -65.73 13.35
CA LYS B 766 -25.63 -65.78 14.67
C LYS B 766 -25.02 -67.14 14.99
N GLN B 767 -25.32 -68.17 14.21
CA GLN B 767 -24.81 -69.51 14.42
C GLN B 767 -23.82 -69.85 13.31
N ILE B 768 -22.64 -70.34 13.70
CA ILE B 768 -21.60 -70.72 12.75
C ILE B 768 -21.78 -72.21 12.43
N TYR B 769 -22.28 -72.49 11.23
CA TYR B 769 -22.53 -73.86 10.81
C TYR B 769 -21.27 -74.45 10.16
N LYS B 770 -21.11 -75.76 10.30
CA LYS B 770 -19.96 -76.47 9.77
C LYS B 770 -20.42 -77.58 8.83
N THR B 771 -19.55 -77.91 7.88
CA THR B 771 -19.86 -78.94 6.90
C THR B 771 -19.89 -80.32 7.57
N PRO B 772 -20.72 -81.23 7.05
CA PRO B 772 -20.70 -82.60 7.57
C PRO B 772 -19.38 -83.28 7.24
N PRO B 773 -18.97 -84.27 8.04
CA PRO B 773 -17.69 -84.96 7.77
C PRO B 773 -17.64 -85.66 6.42
N ILE B 774 -18.76 -86.18 5.94
CA ILE B 774 -18.82 -86.83 4.63
C ILE B 774 -19.38 -85.84 3.61
N LYS B 775 -18.68 -85.71 2.49
CA LYS B 775 -19.07 -84.75 1.45
C LYS B 775 -19.79 -85.48 0.31
N TYR B 776 -21.02 -85.91 0.62
CA TYR B 776 -21.90 -86.52 -0.37
C TYR B 776 -23.24 -85.80 -0.34
N PHE B 777 -23.68 -85.32 -1.50
CA PHE B 777 -24.92 -84.56 -1.62
C PHE B 777 -25.71 -85.05 -2.83
N GLY B 778 -25.82 -86.37 -2.96
CA GLY B 778 -26.56 -86.96 -4.06
C GLY B 778 -25.96 -86.75 -5.43
N GLY B 779 -24.64 -86.89 -5.55
CA GLY B 779 -23.96 -86.73 -6.81
C GLY B 779 -23.50 -85.34 -7.14
N PHE B 780 -23.87 -84.34 -6.34
CA PHE B 780 -23.44 -82.97 -6.59
C PHE B 780 -22.06 -82.74 -5.99
N ASN B 781 -21.23 -82.02 -6.72
CA ASN B 781 -19.85 -81.75 -6.32
C ASN B 781 -19.76 -80.35 -5.75
N PHE B 782 -19.24 -80.25 -4.52
CA PHE B 782 -19.10 -78.96 -3.83
C PHE B 782 -17.67 -78.71 -3.36
N SER B 783 -16.69 -79.40 -3.96
CA SER B 783 -15.31 -79.24 -3.54
C SER B 783 -14.75 -77.88 -3.93
N GLN B 784 -15.27 -77.28 -5.00
CA GLN B 784 -14.76 -75.99 -5.46
C GLN B 784 -15.22 -74.83 -4.60
N ILE B 785 -16.30 -75.00 -3.83
CA ILE B 785 -16.82 -73.91 -3.02
C ILE B 785 -16.56 -74.11 -1.52
N LEU B 786 -16.43 -75.36 -1.06
CA LEU B 786 -16.08 -75.59 0.34
C LEU B 786 -14.61 -75.30 0.56
N PRO B 787 -14.24 -74.83 1.76
CA PRO B 787 -12.83 -74.55 2.05
C PRO B 787 -11.99 -75.82 2.03
N ASP B 788 -10.72 -75.66 1.64
CA ASP B 788 -9.80 -76.78 1.55
C ASP B 788 -9.12 -76.99 2.90
N PRO B 789 -9.30 -78.13 3.55
CA PRO B 789 -8.62 -78.36 4.84
C PRO B 789 -7.10 -78.46 4.71
N SER B 790 -6.58 -78.77 3.53
CA SER B 790 -5.13 -78.87 3.36
C SER B 790 -4.45 -77.51 3.47
N LYS B 791 -5.06 -76.47 2.91
CA LYS B 791 -4.49 -75.14 2.97
C LYS B 791 -4.62 -74.58 4.38
N PRO B 792 -3.57 -73.95 4.91
CA PRO B 792 -3.67 -73.37 6.26
C PRO B 792 -4.65 -72.22 6.37
N SER B 793 -4.93 -71.53 5.25
CA SER B 793 -5.87 -70.42 5.27
C SER B 793 -7.32 -70.87 5.36
N LYS B 794 -7.59 -72.16 5.09
CA LYS B 794 -8.94 -72.73 5.09
C LYS B 794 -9.87 -71.95 4.16
N ARG B 795 -9.44 -71.82 2.90
CA ARG B 795 -10.19 -71.07 1.90
C ARG B 795 -10.52 -71.97 0.71
N SER B 796 -11.63 -71.65 0.06
CA SER B 796 -12.03 -72.36 -1.14
C SER B 796 -11.06 -72.07 -2.28
N PRO B 797 -10.88 -73.00 -3.21
CA PRO B 797 -10.03 -72.72 -4.39
C PRO B 797 -10.51 -71.53 -5.20
N ILE B 798 -11.83 -71.33 -5.31
CA ILE B 798 -12.35 -70.14 -5.96
C ILE B 798 -11.99 -68.88 -5.16
N GLU B 799 -12.13 -68.96 -3.84
CA GLU B 799 -11.75 -67.83 -2.98
C GLU B 799 -10.25 -67.58 -3.04
N ASP B 800 -9.45 -68.65 -3.09
CA ASP B 800 -8.01 -68.50 -3.24
C ASP B 800 -7.65 -67.84 -4.56
N LEU B 801 -8.34 -68.22 -5.64
CA LEU B 801 -8.12 -67.61 -6.94
C LEU B 801 -8.50 -66.13 -6.92
N LEU B 802 -9.61 -65.80 -6.26
CA LEU B 802 -10.02 -64.40 -6.15
C LEU B 802 -9.02 -63.59 -5.35
N PHE B 803 -8.46 -64.18 -4.28
CA PHE B 803 -7.44 -63.49 -3.50
C PHE B 803 -6.15 -63.32 -4.29
N ASN B 804 -5.79 -64.31 -5.11
CA ASN B 804 -4.55 -64.24 -5.87
C ASN B 804 -4.67 -63.26 -7.04
N LYS B 805 -5.86 -63.12 -7.62
CA LYS B 805 -6.04 -62.24 -8.77
C LYS B 805 -6.18 -60.77 -8.37
N VAL B 806 -6.23 -60.46 -7.08
CA VAL B 806 -6.33 -59.09 -6.59
C VAL B 806 -5.05 -58.78 -5.83
N THR B 807 -4.36 -57.71 -6.23
CA THR B 807 -3.12 -57.31 -5.58
C THR B 807 -3.37 -56.15 -4.60
N LYS B 836 4.96 -40.72 6.61
CA LYS B 836 4.42 -39.87 5.55
C LYS B 836 3.17 -39.14 6.02
N GLY B 837 2.72 -39.47 7.23
CA GLY B 837 1.51 -38.88 7.77
C GLY B 837 0.22 -39.50 7.29
N LEU B 838 0.29 -40.55 6.47
CA LEU B 838 -0.89 -41.23 5.95
C LEU B 838 -0.86 -42.67 6.43
N THR B 839 -1.77 -43.02 7.33
CA THR B 839 -1.86 -44.35 7.90
C THR B 839 -3.15 -45.02 7.47
N VAL B 840 -3.06 -46.30 7.12
CA VAL B 840 -4.20 -47.09 6.69
C VAL B 840 -4.55 -48.05 7.83
N LEU B 841 -5.72 -47.85 8.43
CA LEU B 841 -6.14 -48.72 9.52
C LEU B 841 -6.55 -50.08 8.97
N PRO B 842 -6.14 -51.17 9.62
CA PRO B 842 -6.56 -52.49 9.16
C PRO B 842 -8.04 -52.70 9.40
N PRO B 843 -8.70 -53.51 8.57
CA PRO B 843 -10.13 -53.77 8.77
C PRO B 843 -10.38 -54.57 10.04
N LEU B 844 -11.57 -54.37 10.61
CA LEU B 844 -11.95 -55.09 11.81
C LEU B 844 -12.10 -56.58 11.54
N LEU B 845 -12.66 -56.93 10.39
CA LEU B 845 -12.86 -58.33 10.01
C LEU B 845 -11.73 -58.74 9.08
N THR B 846 -11.01 -59.80 9.45
CA THR B 846 -9.89 -60.29 8.65
C THR B 846 -10.39 -61.19 7.53
N ASP B 847 -9.45 -61.65 6.69
CA ASP B 847 -9.81 -62.53 5.59
C ASP B 847 -10.26 -63.90 6.09
N GLU B 848 -9.63 -64.39 7.16
CA GLU B 848 -10.02 -65.69 7.72
C GLU B 848 -11.43 -65.66 8.30
N MET B 849 -11.80 -64.55 8.96
CA MET B 849 -13.12 -64.48 9.57
C MET B 849 -14.22 -64.37 8.52
N ILE B 850 -14.00 -63.58 7.46
CA ILE B 850 -15.01 -63.51 6.40
C ILE B 850 -15.04 -64.82 5.61
N ALA B 851 -13.91 -65.51 5.50
CA ALA B 851 -13.91 -66.84 4.88
C ALA B 851 -14.73 -67.82 5.71
N GLN B 852 -14.60 -67.76 7.04
CA GLN B 852 -15.41 -68.61 7.91
C GLN B 852 -16.89 -68.24 7.83
N TYR B 853 -17.19 -66.94 7.68
CA TYR B 853 -18.57 -66.50 7.49
C TYR B 853 -19.15 -67.08 6.21
N THR B 854 -18.38 -67.03 5.12
CA THR B 854 -18.85 -67.60 3.85
C THR B 854 -19.00 -69.12 3.94
N SER B 855 -18.10 -69.78 4.66
CA SER B 855 -18.21 -71.22 4.84
C SER B 855 -19.46 -71.59 5.64
N ALA B 856 -19.75 -70.82 6.70
CA ALA B 856 -20.96 -71.06 7.49
C ALA B 856 -22.21 -70.80 6.66
N LEU B 857 -22.19 -69.75 5.84
CA LEU B 857 -23.34 -69.48 4.97
C LEU B 857 -23.54 -70.59 3.95
N LEU B 858 -22.43 -71.11 3.38
CA LEU B 858 -22.53 -72.21 2.43
C LEU B 858 -23.08 -73.47 3.10
N ALA B 859 -22.61 -73.77 4.32
CA ALA B 859 -23.12 -74.92 5.06
C ALA B 859 -24.60 -74.76 5.37
N GLY B 860 -25.03 -73.56 5.76
CA GLY B 860 -26.44 -73.33 6.03
C GLY B 860 -27.30 -73.45 4.79
N THR B 861 -26.80 -72.98 3.65
CA THR B 861 -27.57 -73.08 2.41
C THR B 861 -27.66 -74.52 1.92
N ILE B 862 -26.57 -75.28 2.05
CA ILE B 862 -26.54 -76.64 1.50
C ILE B 862 -27.27 -77.61 2.42
N THR B 863 -26.91 -77.63 3.70
CA THR B 863 -27.41 -78.64 4.62
C THR B 863 -28.74 -78.27 5.27
N SER B 864 -29.24 -77.05 5.08
CA SER B 864 -30.49 -76.66 5.71
C SER B 864 -31.41 -75.85 4.81
N GLY B 865 -31.05 -75.62 3.54
CA GLY B 865 -31.93 -74.87 2.65
C GLY B 865 -32.06 -73.42 3.07
N TRP B 866 -33.29 -72.91 3.01
CA TRP B 866 -33.59 -71.55 3.45
C TRP B 866 -34.13 -71.49 4.87
N THR B 867 -34.21 -72.63 5.57
CA THR B 867 -34.77 -72.65 6.90
C THR B 867 -33.82 -72.03 7.93
N PHE B 868 -32.52 -72.08 7.68
CA PHE B 868 -31.56 -71.52 8.63
C PHE B 868 -31.61 -69.99 8.63
N GLY B 869 -32.05 -69.38 7.53
CA GLY B 869 -32.22 -67.95 7.45
C GLY B 869 -33.55 -67.43 7.92
N ALA B 870 -34.42 -68.32 8.42
CA ALA B 870 -35.75 -67.95 8.89
C ALA B 870 -36.03 -68.59 10.25
N GLY B 871 -35.03 -68.54 11.14
CA GLY B 871 -35.17 -69.12 12.46
C GLY B 871 -34.16 -70.22 12.71
N PRO B 872 -34.55 -71.23 13.48
CA PRO B 872 -33.65 -72.35 13.74
C PRO B 872 -33.39 -73.16 12.48
N ALA B 873 -32.19 -73.75 12.42
CA ALA B 873 -31.79 -74.53 11.25
C ALA B 873 -32.51 -75.87 11.25
N LEU B 874 -33.03 -76.24 10.08
CA LEU B 874 -33.71 -77.52 9.89
C LEU B 874 -32.95 -78.31 8.83
N GLN B 875 -32.50 -79.50 9.19
CA GLN B 875 -31.73 -80.32 8.26
C GLN B 875 -32.61 -80.80 7.11
N ILE B 876 -32.03 -80.81 5.92
CA ILE B 876 -32.73 -81.29 4.71
C ILE B 876 -31.70 -81.70 3.68
N PRO B 877 -31.86 -82.85 3.03
CA PRO B 877 -30.92 -83.25 1.97
C PRO B 877 -31.07 -82.37 0.73
N PHE B 878 -30.06 -82.45 -0.12
CA PHE B 878 -30.05 -81.68 -1.36
C PHE B 878 -31.16 -82.02 -2.36
N PRO B 879 -31.53 -83.32 -2.63
CA PRO B 879 -32.51 -83.58 -3.70
C PRO B 879 -33.86 -82.89 -3.56
N MET B 880 -34.56 -83.08 -2.44
CA MET B 880 -35.86 -82.43 -2.29
C MET B 880 -35.74 -80.93 -2.05
N GLN B 881 -34.58 -80.43 -1.59
CA GLN B 881 -34.37 -78.99 -1.54
C GLN B 881 -34.33 -78.41 -2.96
N MET B 882 -33.60 -79.05 -3.86
CA MET B 882 -33.58 -78.62 -5.25
C MET B 882 -34.93 -78.82 -5.91
N ALA B 883 -35.68 -79.86 -5.50
CA ALA B 883 -37.04 -80.03 -5.98
C ALA B 883 -37.95 -78.89 -5.53
N TYR B 884 -37.77 -78.43 -4.28
CA TYR B 884 -38.51 -77.26 -3.81
C TYR B 884 -38.14 -76.02 -4.62
N ARG B 885 -36.85 -75.85 -4.93
CA ARG B 885 -36.43 -74.71 -5.73
C ARG B 885 -36.98 -74.78 -7.15
N PHE B 886 -37.10 -76.00 -7.72
CA PHE B 886 -37.77 -76.16 -9.01
C PHE B 886 -39.25 -75.84 -8.91
N ASN B 887 -39.88 -76.20 -7.77
CA ASN B 887 -41.28 -75.87 -7.55
C ASN B 887 -41.47 -74.36 -7.47
N GLY B 888 -40.49 -73.64 -6.92
CA GLY B 888 -40.59 -72.20 -6.80
C GLY B 888 -40.59 -71.45 -8.11
N ILE B 889 -40.09 -72.06 -9.19
CA ILE B 889 -40.09 -71.42 -10.50
C ILE B 889 -41.15 -72.08 -11.37
N GLY B 890 -42.16 -72.68 -10.74
CA GLY B 890 -43.26 -73.29 -11.47
C GLY B 890 -42.91 -74.50 -12.30
N VAL B 891 -42.01 -75.36 -11.80
CA VAL B 891 -41.63 -76.59 -12.47
C VAL B 891 -41.91 -77.75 -11.51
N THR B 892 -42.53 -78.81 -12.03
CA THR B 892 -42.85 -79.97 -11.22
C THR B 892 -41.57 -80.69 -10.78
N GLN B 893 -41.65 -81.35 -9.62
CA GLN B 893 -40.49 -81.98 -9.01
C GLN B 893 -40.15 -83.34 -9.61
N ASN B 894 -40.99 -83.86 -10.50
CA ASN B 894 -40.72 -85.19 -11.07
C ASN B 894 -39.57 -85.16 -12.07
N VAL B 895 -39.39 -84.03 -12.77
CA VAL B 895 -38.33 -83.94 -13.78
C VAL B 895 -36.95 -83.97 -13.13
N LEU B 896 -36.85 -83.54 -11.87
CA LEU B 896 -35.57 -83.63 -11.17
C LEU B 896 -35.24 -85.07 -10.85
N TYR B 897 -36.20 -85.83 -10.31
CA TYR B 897 -35.97 -87.23 -9.99
C TYR B 897 -35.85 -88.09 -11.25
N GLU B 898 -36.30 -87.60 -12.40
CA GLU B 898 -36.15 -88.36 -13.63
C GLU B 898 -34.71 -88.33 -14.14
N ASN B 899 -34.04 -87.19 -14.05
CA ASN B 899 -32.71 -86.99 -14.61
C ASN B 899 -31.80 -86.27 -13.62
N GLN B 900 -31.76 -86.78 -12.38
CA GLN B 900 -30.95 -86.15 -11.34
C GLN B 900 -29.47 -86.19 -11.67
N LYS B 901 -28.99 -87.32 -12.22
CA LYS B 901 -27.58 -87.44 -12.56
C LYS B 901 -27.19 -86.47 -13.67
N LEU B 902 -28.09 -86.25 -14.64
CA LEU B 902 -27.82 -85.28 -15.69
C LEU B 902 -27.69 -83.86 -15.13
N ILE B 903 -28.59 -83.50 -14.20
CA ILE B 903 -28.53 -82.18 -13.58
C ILE B 903 -27.24 -82.02 -12.77
N ALA B 904 -26.85 -83.07 -12.03
CA ALA B 904 -25.61 -83.01 -11.25
C ALA B 904 -24.39 -82.86 -12.15
N ASN B 905 -24.35 -83.62 -13.25
CA ASN B 905 -23.23 -83.51 -14.18
C ASN B 905 -23.18 -82.14 -14.84
N GLN B 906 -24.34 -81.60 -15.22
CA GLN B 906 -24.39 -80.26 -15.80
C GLN B 906 -23.92 -79.21 -14.81
N PHE B 907 -24.31 -79.34 -13.54
CA PHE B 907 -23.87 -78.39 -12.52
C PHE B 907 -22.37 -78.47 -12.29
N ASN B 908 -21.82 -79.70 -12.24
CA ASN B 908 -20.38 -79.84 -12.07
C ASN B 908 -19.61 -79.28 -13.25
N SER B 909 -20.08 -79.53 -14.47
CA SER B 909 -19.42 -78.99 -15.65
C SER B 909 -19.51 -77.47 -15.69
N ALA B 910 -20.65 -76.92 -15.29
CA ALA B 910 -20.79 -75.46 -15.23
C ALA B 910 -19.87 -74.85 -14.18
N ILE B 911 -19.72 -75.51 -13.03
CA ILE B 911 -18.82 -75.03 -11.99
C ILE B 911 -17.37 -75.04 -12.48
N GLY B 912 -16.97 -76.13 -13.14
CA GLY B 912 -15.62 -76.19 -13.68
C GLY B 912 -15.38 -75.15 -14.76
N LYS B 913 -16.37 -74.95 -15.64
CA LYS B 913 -16.24 -73.97 -16.72
C LYS B 913 -16.17 -72.55 -16.17
N ILE B 914 -16.98 -72.22 -15.16
CA ILE B 914 -16.95 -70.86 -14.63
C ILE B 914 -15.67 -70.64 -13.82
N GLN B 915 -15.14 -71.69 -13.18
CA GLN B 915 -13.84 -71.55 -12.51
C GLN B 915 -12.73 -71.30 -13.52
N ASP B 916 -12.74 -72.02 -14.64
CA ASP B 916 -11.74 -71.81 -15.69
C ASP B 916 -11.88 -70.43 -16.31
N SER B 917 -13.11 -69.95 -16.50
CA SER B 917 -13.34 -68.63 -17.05
C SER B 917 -12.87 -67.54 -16.08
N LEU B 918 -13.12 -67.73 -14.78
CA LEU B 918 -12.63 -66.78 -13.79
C LEU B 918 -11.11 -66.76 -13.74
N SER B 919 -10.47 -67.93 -13.89
CA SER B 919 -9.02 -67.97 -13.96
C SER B 919 -8.48 -67.27 -15.20
N SER B 920 -9.12 -67.49 -16.36
CA SER B 920 -8.62 -66.94 -17.61
C SER B 920 -8.90 -65.44 -17.73
N THR B 921 -10.10 -65.01 -17.37
CA THR B 921 -10.51 -63.63 -17.58
C THR B 921 -10.25 -62.80 -16.34
N PRO B 922 -9.38 -61.78 -16.40
CA PRO B 922 -9.16 -60.91 -15.24
C PRO B 922 -10.12 -59.74 -15.14
N SER B 923 -11.02 -59.55 -16.11
CA SER B 923 -11.94 -58.42 -16.11
C SER B 923 -13.11 -58.60 -15.16
N ALA B 924 -13.30 -59.80 -14.60
CA ALA B 924 -14.40 -60.01 -13.66
C ALA B 924 -14.20 -59.20 -12.37
N LEU B 925 -12.97 -59.15 -11.87
CA LEU B 925 -12.63 -58.37 -10.68
C LEU B 925 -12.28 -56.91 -11.03
N GLY B 926 -12.77 -56.42 -12.17
CA GLY B 926 -12.44 -55.08 -12.60
C GLY B 926 -12.98 -54.01 -11.66
N LYS B 927 -14.15 -54.23 -11.08
CA LYS B 927 -14.71 -53.25 -10.14
C LYS B 927 -13.85 -53.13 -8.87
N LEU B 928 -13.44 -54.27 -8.32
CA LEU B 928 -12.57 -54.24 -7.14
C LEU B 928 -11.21 -53.63 -7.47
N GLN B 929 -10.67 -53.97 -8.65
CA GLN B 929 -9.40 -53.38 -9.06
C GLN B 929 -9.53 -51.88 -9.26
N ASP B 930 -10.67 -51.42 -9.77
CA ASP B 930 -10.91 -49.99 -9.96
C ASP B 930 -11.05 -49.28 -8.62
N VAL B 931 -11.68 -49.93 -7.64
CA VAL B 931 -11.78 -49.34 -6.29
C VAL B 931 -10.39 -49.21 -5.66
N VAL B 932 -9.58 -50.26 -5.78
CA VAL B 932 -8.22 -50.23 -5.24
C VAL B 932 -7.39 -49.16 -5.96
N ASN B 933 -7.55 -49.05 -7.29
CA ASN B 933 -6.82 -48.05 -8.05
C ASN B 933 -7.27 -46.64 -7.69
N HIS B 934 -8.56 -46.44 -7.43
CA HIS B 934 -9.05 -45.14 -7.00
C HIS B 934 -8.46 -44.74 -5.66
N ASN B 935 -8.41 -45.69 -4.71
CA ASN B 935 -7.78 -45.41 -3.43
C ASN B 935 -6.30 -45.09 -3.60
N ALA B 936 -5.61 -45.85 -4.44
CA ALA B 936 -4.19 -45.61 -4.69
C ALA B 936 -3.94 -44.25 -5.33
N GLN B 937 -4.80 -43.87 -6.29
CA GLN B 937 -4.64 -42.58 -6.95
C GLN B 937 -4.96 -41.42 -6.00
N ALA B 938 -5.94 -41.60 -5.11
CA ALA B 938 -6.20 -40.58 -4.10
C ALA B 938 -5.01 -40.41 -3.16
N LEU B 939 -4.43 -41.52 -2.73
CA LEU B 939 -3.24 -41.45 -1.87
C LEU B 939 -2.06 -40.82 -2.60
N ASN B 940 -1.88 -41.16 -3.87
CA ASN B 940 -0.78 -40.59 -4.67
C ASN B 940 -1.00 -39.10 -4.90
N THR B 941 -2.24 -38.67 -5.08
CA THR B 941 -2.55 -37.24 -5.21
C THR B 941 -2.24 -36.51 -3.91
N LEU B 942 -2.57 -37.13 -2.76
CA LEU B 942 -2.23 -36.53 -1.48
C LEU B 942 -0.71 -36.41 -1.30
N VAL B 943 0.03 -37.44 -1.72
CA VAL B 943 1.49 -37.39 -1.64
C VAL B 943 2.05 -36.31 -2.55
N LYS B 944 1.54 -36.21 -3.78
CA LYS B 944 2.06 -35.26 -4.75
C LYS B 944 1.65 -33.83 -4.47
N GLN B 945 0.58 -33.61 -3.70
CA GLN B 945 0.16 -32.25 -3.38
C GLN B 945 1.16 -31.54 -2.48
N LEU B 946 1.99 -32.28 -1.74
CA LEU B 946 3.03 -31.65 -0.92
C LEU B 946 4.14 -31.06 -1.77
N SER B 947 4.31 -31.53 -3.01
CA SER B 947 5.34 -30.99 -3.90
C SER B 947 4.96 -29.63 -4.47
N SER B 948 3.67 -29.28 -4.45
CA SER B 948 3.23 -28.00 -5.00
C SER B 948 3.65 -26.85 -4.10
N LYS B 949 3.81 -25.68 -4.70
CA LYS B 949 4.22 -24.47 -3.99
C LYS B 949 3.05 -23.60 -3.57
N PHE B 950 1.93 -23.68 -4.29
CA PHE B 950 0.73 -22.86 -4.02
C PHE B 950 1.05 -21.37 -4.04
N GLY B 951 1.91 -20.95 -4.97
CA GLY B 951 2.30 -19.57 -5.09
C GLY B 951 3.45 -19.14 -4.21
N ALA B 952 3.95 -20.01 -3.34
CA ALA B 952 5.07 -19.67 -2.49
C ALA B 952 6.39 -19.85 -3.24
N ILE B 953 7.48 -19.43 -2.60
CA ILE B 953 8.79 -19.52 -3.22
C ILE B 953 9.44 -20.89 -3.02
N SER B 954 8.94 -21.69 -2.07
CA SER B 954 9.50 -23.00 -1.80
C SER B 954 8.42 -23.92 -1.26
N SER B 955 8.63 -25.22 -1.45
CA SER B 955 7.72 -26.24 -0.95
C SER B 955 8.10 -26.79 0.41
N VAL B 956 9.20 -26.31 0.99
CA VAL B 956 9.67 -26.75 2.29
C VAL B 956 9.46 -25.60 3.27
N LEU B 957 8.70 -25.86 4.34
CA LEU B 957 8.36 -24.81 5.30
C LEU B 957 9.56 -24.43 6.16
N ASN B 958 10.49 -25.37 6.37
CA ASN B 958 11.71 -25.06 7.11
C ASN B 958 12.56 -24.06 6.34
N ASP B 959 12.60 -24.18 5.01
CA ASP B 959 13.30 -23.21 4.18
C ASP B 959 12.67 -21.83 4.29
N ILE B 960 11.33 -21.78 4.34
CA ILE B 960 10.64 -20.50 4.51
C ILE B 960 10.97 -19.89 5.87
N PHE B 961 11.00 -20.72 6.92
CA PHE B 961 11.26 -20.21 8.26
C PHE B 961 12.71 -19.76 8.41
N SER B 962 13.66 -20.42 7.76
CA SER B 962 15.07 -20.10 7.90
C SER B 962 15.61 -19.27 6.74
N ARG B 963 14.74 -18.78 5.86
CA ARG B 963 15.19 -18.02 4.70
C ARG B 963 14.53 -16.65 4.62
N LEU B 964 13.26 -16.56 5.03
CA LEU B 964 12.47 -15.36 4.82
C LEU B 964 12.02 -14.79 6.16
N ASP B 965 11.80 -13.47 6.19
CA ASP B 965 11.53 -12.77 7.43
C ASP B 965 10.18 -13.20 8.02
N PRO B 966 10.11 -13.43 9.32
CA PRO B 966 8.89 -13.98 9.95
C PRO B 966 7.64 -13.13 9.77
N PRO B 967 7.72 -11.78 9.76
CA PRO B 967 6.48 -11.01 9.45
C PRO B 967 5.87 -11.34 8.10
N GLU B 968 6.67 -11.60 7.07
CA GLU B 968 6.14 -12.04 5.79
C GLU B 968 6.09 -13.55 5.66
N ALA B 969 6.92 -14.26 6.43
CA ALA B 969 6.78 -15.71 6.48
C ALA B 969 5.45 -16.12 7.09
N GLU B 970 4.85 -15.26 7.89
CA GLU B 970 3.51 -15.54 8.42
C GLU B 970 2.48 -15.62 7.31
N VAL B 971 2.49 -14.66 6.37
CA VAL B 971 1.50 -14.73 5.29
C VAL B 971 1.89 -15.80 4.28
N GLN B 972 3.20 -16.07 4.11
CA GLN B 972 3.62 -17.16 3.24
C GLN B 972 3.13 -18.51 3.77
N ILE B 973 3.31 -18.76 5.07
CA ILE B 973 2.85 -20.01 5.66
C ILE B 973 1.32 -20.03 5.70
N ASP B 974 0.67 -18.86 5.81
CA ASP B 974 -0.78 -18.84 5.74
C ASP B 974 -1.27 -19.31 4.38
N ARG B 975 -0.62 -18.84 3.31
CA ARG B 975 -0.97 -19.30 1.97
C ARG B 975 -0.70 -20.80 1.82
N LEU B 976 0.43 -21.28 2.35
CA LEU B 976 0.76 -22.70 2.24
C LEU B 976 -0.26 -23.57 2.97
N ILE B 977 -0.61 -23.19 4.21
CA ILE B 977 -1.54 -23.98 5.00
C ILE B 977 -2.94 -23.94 4.39
N THR B 978 -3.36 -22.78 3.86
CA THR B 978 -4.70 -22.74 3.27
C THR B 978 -4.76 -23.51 1.95
N GLY B 979 -3.66 -23.54 1.18
CA GLY B 979 -3.65 -24.38 -0.01
C GLY B 979 -3.71 -25.86 0.32
N ARG B 980 -2.91 -26.29 1.30
CA ARG B 980 -2.95 -27.69 1.72
C ARG B 980 -4.29 -28.05 2.36
N LEU B 981 -4.92 -27.10 3.06
CA LEU B 981 -6.23 -27.33 3.64
C LEU B 981 -7.30 -27.46 2.56
N GLN B 982 -7.21 -26.65 1.49
CA GLN B 982 -8.14 -26.81 0.37
C GLN B 982 -7.96 -28.17 -0.30
N SER B 983 -6.71 -28.60 -0.48
CA SER B 983 -6.45 -29.92 -1.04
C SER B 983 -7.01 -31.03 -0.15
N LEU B 984 -6.83 -30.89 1.17
CA LEU B 984 -7.36 -31.90 2.09
C LEU B 984 -8.88 -31.92 2.09
N GLN B 985 -9.52 -30.74 2.00
CA GLN B 985 -10.98 -30.68 1.91
C GLN B 985 -11.48 -31.35 0.65
N THR B 986 -10.79 -31.11 -0.48
CA THR B 986 -11.17 -31.77 -1.73
C THR B 986 -11.04 -33.28 -1.63
N TYR B 987 -9.94 -33.76 -1.03
CA TYR B 987 -9.73 -35.19 -0.85
C TYR B 987 -10.81 -35.78 0.06
N VAL B 988 -11.18 -35.06 1.12
CA VAL B 988 -12.18 -35.57 2.06
C VAL B 988 -13.55 -35.61 1.42
N THR B 989 -13.89 -34.61 0.59
CA THR B 989 -15.16 -34.66 -0.13
C THR B 989 -15.21 -35.81 -1.12
N GLN B 990 -14.10 -36.05 -1.83
CA GLN B 990 -14.03 -37.19 -2.73
C GLN B 990 -14.18 -38.51 -1.97
N GLN B 991 -13.53 -38.61 -0.81
CA GLN B 991 -13.65 -39.80 0.02
C GLN B 991 -15.06 -39.99 0.53
N LEU B 992 -15.75 -38.90 0.88
CA LEU B 992 -17.13 -38.99 1.33
C LEU B 992 -18.05 -39.48 0.22
N ILE B 993 -17.85 -38.99 -1.00
CA ILE B 993 -18.64 -39.47 -2.13
C ILE B 993 -18.36 -40.94 -2.41
N ARG B 994 -17.09 -41.33 -2.38
CA ARG B 994 -16.72 -42.73 -2.61
C ARG B 994 -17.27 -43.64 -1.51
N ALA B 995 -17.25 -43.17 -0.26
CA ALA B 995 -17.82 -43.93 0.83
C ALA B 995 -19.33 -44.05 0.71
N ALA B 996 -19.99 -43.00 0.21
CA ALA B 996 -21.43 -43.08 -0.02
C ALA B 996 -21.78 -44.11 -1.09
N GLU B 997 -21.06 -44.11 -2.21
CA GLU B 997 -21.36 -45.09 -3.26
C GLU B 997 -20.97 -46.50 -2.82
N ILE B 998 -19.89 -46.63 -2.04
CA ILE B 998 -19.52 -47.93 -1.50
C ILE B 998 -20.56 -48.43 -0.50
N ARG B 999 -21.11 -47.53 0.33
CA ARG B 999 -22.18 -47.91 1.25
C ARG B 999 -23.43 -48.35 0.50
N ALA B 1000 -23.76 -47.65 -0.59
CA ALA B 1000 -24.90 -48.04 -1.41
C ALA B 1000 -24.67 -49.42 -2.05
N SER B 1001 -23.46 -49.66 -2.55
CA SER B 1001 -23.15 -50.96 -3.14
C SER B 1001 -23.18 -52.07 -2.09
N ALA B 1002 -22.70 -51.78 -0.88
CA ALA B 1002 -22.74 -52.77 0.19
C ALA B 1002 -24.16 -53.05 0.64
N ASN B 1003 -25.01 -52.03 0.66
CA ASN B 1003 -26.42 -52.24 0.96
C ASN B 1003 -27.08 -53.10 -0.12
N LEU B 1004 -26.74 -52.87 -1.39
CA LEU B 1004 -27.26 -53.70 -2.47
C LEU B 1004 -26.77 -55.15 -2.33
N ALA B 1005 -25.50 -55.34 -1.97
CA ALA B 1005 -24.97 -56.68 -1.81
C ALA B 1005 -25.61 -57.40 -0.62
N ALA B 1006 -25.83 -56.70 0.49
CA ALA B 1006 -26.52 -57.28 1.62
C ALA B 1006 -27.96 -57.62 1.28
N THR B 1007 -28.61 -56.77 0.48
CA THR B 1007 -29.96 -57.08 0.02
C THR B 1007 -29.97 -58.33 -0.85
N LYS B 1008 -29.01 -58.47 -1.75
CA LYS B 1008 -28.92 -59.67 -2.59
C LYS B 1008 -28.67 -60.91 -1.75
N MET B 1009 -27.82 -60.79 -0.72
CA MET B 1009 -27.57 -61.91 0.18
C MET B 1009 -28.83 -62.29 0.95
N SER B 1010 -29.61 -61.29 1.39
CA SER B 1010 -30.86 -61.58 2.08
C SER B 1010 -31.94 -62.14 1.16
N GLU B 1011 -31.87 -61.82 -0.14
CA GLU B 1011 -32.91 -62.25 -1.07
C GLU B 1011 -32.62 -63.64 -1.67
N CYS B 1012 -31.50 -63.78 -2.38
CA CYS B 1012 -31.26 -64.97 -3.18
C CYS B 1012 -30.03 -65.75 -2.72
N VAL B 1013 -29.67 -65.61 -1.45
CA VAL B 1013 -28.70 -66.49 -0.79
C VAL B 1013 -29.31 -67.18 0.42
N LEU B 1014 -29.99 -66.42 1.27
CA LEU B 1014 -30.70 -66.99 2.41
C LEU B 1014 -32.03 -67.64 2.00
N GLY B 1015 -32.45 -67.48 0.75
CA GLY B 1015 -33.67 -68.09 0.30
C GLY B 1015 -33.78 -68.05 -1.20
N GLN B 1016 -34.98 -68.39 -1.69
CA GLN B 1016 -35.27 -68.37 -3.12
C GLN B 1016 -36.08 -67.12 -3.46
N SER B 1017 -35.62 -66.38 -4.46
CA SER B 1017 -36.24 -65.13 -4.86
C SER B 1017 -37.01 -65.32 -6.15
N LYS B 1018 -38.24 -64.82 -6.19
CA LYS B 1018 -39.06 -64.83 -7.38
C LYS B 1018 -38.73 -63.67 -8.33
N ARG B 1019 -37.80 -62.80 -7.94
CA ARG B 1019 -37.44 -61.66 -8.76
C ARG B 1019 -36.75 -62.11 -10.05
N VAL B 1020 -37.09 -61.45 -11.15
CA VAL B 1020 -36.56 -61.80 -12.47
C VAL B 1020 -35.34 -60.94 -12.75
N ASP B 1021 -34.21 -61.60 -13.02
CA ASP B 1021 -32.95 -60.98 -13.40
C ASP B 1021 -32.40 -60.03 -12.34
N PHE B 1022 -32.85 -60.16 -11.10
CA PHE B 1022 -32.31 -59.32 -10.02
C PHE B 1022 -30.88 -59.72 -9.69
N CYS B 1023 -30.64 -61.01 -9.49
CA CYS B 1023 -29.32 -61.52 -9.13
C CYS B 1023 -29.02 -62.77 -9.96
N GLY B 1024 -29.24 -62.69 -11.26
CA GLY B 1024 -28.94 -63.79 -12.15
C GLY B 1024 -29.81 -63.84 -13.39
N LYS B 1025 -29.19 -64.11 -14.54
CA LYS B 1025 -29.93 -64.16 -15.80
C LYS B 1025 -30.82 -65.39 -15.84
N GLY B 1026 -32.08 -65.21 -16.22
CA GLY B 1026 -33.02 -66.31 -16.26
C GLY B 1026 -33.62 -66.60 -14.90
N TYR B 1027 -34.30 -67.74 -14.82
CA TYR B 1027 -34.89 -68.18 -13.56
C TYR B 1027 -33.80 -68.54 -12.57
N HIS B 1028 -33.92 -68.05 -11.35
CA HIS B 1028 -32.90 -68.23 -10.33
C HIS B 1028 -33.25 -69.41 -9.44
N LEU B 1029 -32.25 -70.27 -9.18
CA LEU B 1029 -32.42 -71.40 -8.26
C LEU B 1029 -31.80 -71.11 -6.91
N MET B 1030 -30.49 -70.85 -6.87
CA MET B 1030 -29.78 -70.56 -5.63
C MET B 1030 -28.45 -69.91 -6.01
N SER B 1031 -27.67 -69.55 -4.99
CA SER B 1031 -26.39 -68.89 -5.22
C SER B 1031 -25.44 -69.21 -4.08
N PHE B 1032 -24.14 -69.05 -4.36
CA PHE B 1032 -23.09 -69.32 -3.39
C PHE B 1032 -22.36 -68.03 -3.06
N PRO B 1033 -22.31 -67.60 -1.80
CA PRO B 1033 -21.49 -66.43 -1.44
C PRO B 1033 -20.03 -66.82 -1.28
N GLN B 1034 -19.15 -66.05 -1.92
CA GLN B 1034 -17.72 -66.30 -1.87
C GLN B 1034 -16.99 -65.05 -1.39
N SER B 1035 -15.99 -65.25 -0.53
CA SER B 1035 -15.20 -64.14 -0.01
C SER B 1035 -14.24 -63.62 -1.07
N ALA B 1036 -14.12 -62.29 -1.15
CA ALA B 1036 -13.25 -61.62 -2.08
C ALA B 1036 -12.55 -60.47 -1.37
N PRO B 1037 -11.34 -60.11 -1.81
CA PRO B 1037 -10.66 -58.95 -1.21
C PRO B 1037 -11.39 -57.65 -1.54
N HIS B 1038 -11.92 -57.01 -0.50
CA HIS B 1038 -12.68 -55.76 -0.61
C HIS B 1038 -13.87 -55.90 -1.56
N GLY B 1039 -14.56 -57.03 -1.47
CA GLY B 1039 -15.70 -57.28 -2.33
C GLY B 1039 -16.32 -58.63 -2.02
N VAL B 1040 -17.38 -58.93 -2.75
CA VAL B 1040 -18.09 -60.19 -2.61
C VAL B 1040 -18.40 -60.73 -4.01
N VAL B 1041 -18.27 -62.05 -4.17
CA VAL B 1041 -18.51 -62.71 -5.45
C VAL B 1041 -19.58 -63.77 -5.23
N PHE B 1042 -20.62 -63.75 -6.05
CA PHE B 1042 -21.73 -64.68 -5.96
C PHE B 1042 -21.71 -65.62 -7.16
N LEU B 1043 -21.91 -66.91 -6.88
CA LEU B 1043 -21.97 -67.95 -7.90
C LEU B 1043 -23.45 -68.29 -8.13
N HIS B 1044 -24.06 -67.59 -9.09
CA HIS B 1044 -25.49 -67.69 -9.32
C HIS B 1044 -25.79 -68.93 -10.16
N VAL B 1045 -26.48 -69.90 -9.55
CA VAL B 1045 -26.97 -71.07 -10.27
C VAL B 1045 -28.35 -70.73 -10.81
N THR B 1046 -28.50 -70.75 -12.14
CA THR B 1046 -29.71 -70.28 -12.79
C THR B 1046 -30.33 -71.40 -13.63
N TYR B 1047 -31.60 -71.19 -13.99
CA TYR B 1047 -32.37 -72.13 -14.80
C TYR B 1047 -32.63 -71.47 -16.15
N VAL B 1048 -32.21 -72.14 -17.23
CA VAL B 1048 -32.35 -71.61 -18.58
C VAL B 1048 -32.96 -72.69 -19.47
N PRO B 1049 -34.13 -72.45 -20.06
CA PRO B 1049 -34.70 -73.44 -20.99
C PRO B 1049 -33.94 -73.47 -22.31
N ALA B 1050 -34.08 -74.59 -23.00
CA ALA B 1050 -33.40 -74.80 -24.27
C ALA B 1050 -34.18 -75.80 -25.10
N GLN B 1051 -33.83 -75.88 -26.39
CA GLN B 1051 -34.41 -76.82 -27.35
C GLN B 1051 -35.93 -76.66 -27.44
N GLU B 1052 -36.35 -75.49 -27.90
CA GLU B 1052 -37.77 -75.20 -28.06
C GLU B 1052 -38.34 -75.98 -29.24
N LYS B 1053 -39.63 -76.29 -29.13
CA LYS B 1053 -40.34 -77.04 -30.17
C LYS B 1053 -41.66 -76.34 -30.48
N ASN B 1054 -42.03 -76.32 -31.76
CA ASN B 1054 -43.27 -75.69 -32.18
C ASN B 1054 -44.46 -76.56 -31.81
N PHE B 1055 -45.54 -75.91 -31.38
CA PHE B 1055 -46.74 -76.61 -30.95
C PHE B 1055 -47.97 -75.77 -31.26
N THR B 1056 -49.13 -76.43 -31.26
CA THR B 1056 -50.42 -75.78 -31.47
C THR B 1056 -51.18 -75.79 -30.15
N THR B 1057 -51.75 -74.64 -29.79
CA THR B 1057 -52.44 -74.48 -28.52
C THR B 1057 -53.84 -73.93 -28.72
N ALA B 1058 -54.70 -74.18 -27.74
CA ALA B 1058 -56.07 -73.67 -27.72
C ALA B 1058 -56.35 -73.06 -26.35
N PRO B 1059 -57.15 -71.99 -26.30
CA PRO B 1059 -57.49 -71.39 -24.99
C PRO B 1059 -58.25 -72.32 -24.07
N ALA B 1060 -59.11 -73.18 -24.60
CA ALA B 1060 -59.92 -74.07 -23.78
C ALA B 1060 -60.39 -75.24 -24.64
N ILE B 1061 -61.13 -76.15 -24.02
CA ILE B 1061 -61.68 -77.34 -24.69
C ILE B 1061 -63.18 -77.37 -24.43
N CYS B 1062 -63.96 -77.45 -25.50
CA CYS B 1062 -65.41 -77.54 -25.41
C CYS B 1062 -65.81 -79.01 -25.44
N HIS B 1063 -66.19 -79.55 -24.28
CA HIS B 1063 -66.58 -80.95 -24.14
C HIS B 1063 -67.97 -81.01 -23.53
N ASP B 1064 -68.89 -81.69 -24.24
CA ASP B 1064 -70.28 -81.85 -23.82
C ASP B 1064 -70.96 -80.50 -23.57
N GLY B 1065 -70.64 -79.53 -24.41
CA GLY B 1065 -71.20 -78.20 -24.28
C GLY B 1065 -70.62 -77.36 -23.15
N LYS B 1066 -69.55 -77.82 -22.51
CA LYS B 1066 -68.93 -77.12 -21.40
C LYS B 1066 -67.48 -76.81 -21.73
N ALA B 1067 -67.02 -75.64 -21.30
CA ALA B 1067 -65.64 -75.21 -21.55
C ALA B 1067 -64.75 -75.67 -20.41
N HIS B 1068 -63.60 -76.25 -20.76
CA HIS B 1068 -62.63 -76.75 -19.80
C HIS B 1068 -61.36 -75.93 -19.90
N PHE B 1069 -60.91 -75.40 -18.77
CA PHE B 1069 -59.70 -74.61 -18.71
C PHE B 1069 -58.63 -75.32 -17.88
N PRO B 1070 -57.36 -75.22 -18.26
CA PRO B 1070 -56.31 -75.87 -17.46
C PRO B 1070 -56.12 -75.15 -16.13
N ARG B 1071 -55.97 -75.95 -15.07
CA ARG B 1071 -55.79 -75.37 -13.74
C ARG B 1071 -54.43 -74.70 -13.60
N GLU B 1072 -53.37 -75.38 -14.00
CA GLU B 1072 -52.02 -74.84 -13.91
C GLU B 1072 -51.20 -74.95 -15.19
N GLY B 1073 -51.62 -75.78 -16.15
CA GLY B 1073 -50.87 -76.02 -17.35
C GLY B 1073 -51.43 -75.27 -18.55
N VAL B 1074 -51.09 -75.79 -19.74
CA VAL B 1074 -51.55 -75.22 -21.00
C VAL B 1074 -51.88 -76.35 -21.95
N PHE B 1075 -52.95 -76.18 -22.73
CA PHE B 1075 -53.33 -77.17 -23.72
C PHE B 1075 -52.33 -77.15 -24.88
N VAL B 1076 -51.80 -78.32 -25.22
CA VAL B 1076 -50.79 -78.45 -26.26
C VAL B 1076 -51.19 -79.57 -27.22
N SER B 1077 -51.03 -79.33 -28.52
CA SER B 1077 -51.34 -80.31 -29.55
C SER B 1077 -50.09 -80.59 -30.37
N ASN B 1078 -49.84 -81.87 -30.63
CA ASN B 1078 -48.72 -82.28 -31.46
C ASN B 1078 -49.12 -82.51 -32.92
N GLY B 1079 -50.37 -82.25 -33.27
CA GLY B 1079 -50.84 -82.41 -34.63
C GLY B 1079 -52.11 -83.22 -34.74
N THR B 1080 -52.26 -84.23 -33.90
CA THR B 1080 -53.43 -85.10 -33.91
C THR B 1080 -54.23 -85.02 -32.64
N HIS B 1081 -53.60 -85.20 -31.48
CA HIS B 1081 -54.27 -85.21 -30.19
C HIS B 1081 -53.98 -83.90 -29.45
N TRP B 1082 -54.59 -83.76 -28.27
CA TRP B 1082 -54.41 -82.60 -27.42
C TRP B 1082 -53.95 -83.06 -26.04
N PHE B 1083 -52.97 -82.35 -25.48
CA PHE B 1083 -52.40 -82.71 -24.20
C PHE B 1083 -52.31 -81.46 -23.32
N VAL B 1084 -51.98 -81.68 -22.05
CA VAL B 1084 -51.77 -80.61 -21.09
C VAL B 1084 -50.40 -80.79 -20.46
N THR B 1085 -49.68 -79.68 -20.30
CA THR B 1085 -48.33 -79.71 -19.73
C THR B 1085 -48.02 -78.36 -19.11
N GLN B 1086 -46.97 -78.34 -18.29
CA GLN B 1086 -46.54 -77.10 -17.65
C GLN B 1086 -45.96 -76.14 -18.68
N ARG B 1087 -45.90 -74.87 -18.29
CA ARG B 1087 -45.43 -73.80 -19.16
C ARG B 1087 -43.91 -73.66 -19.17
N ASN B 1088 -43.20 -74.47 -18.38
CA ASN B 1088 -41.75 -74.42 -18.35
C ASN B 1088 -41.09 -75.72 -18.81
N PHE B 1089 -41.85 -76.77 -19.07
CA PHE B 1089 -41.28 -78.03 -19.52
C PHE B 1089 -42.33 -78.78 -20.34
N TYR B 1090 -41.86 -79.72 -21.15
CA TYR B 1090 -42.72 -80.52 -22.03
C TYR B 1090 -42.97 -81.87 -21.38
N GLU B 1091 -44.09 -81.99 -20.66
CA GLU B 1091 -44.53 -83.24 -20.05
C GLU B 1091 -46.00 -83.45 -20.43
N PRO B 1092 -46.27 -83.91 -21.64
CA PRO B 1092 -47.67 -84.05 -22.09
C PRO B 1092 -48.41 -85.12 -21.31
N GLN B 1093 -49.70 -84.87 -21.09
CA GLN B 1093 -50.57 -85.79 -20.36
C GLN B 1093 -51.95 -85.78 -20.99
N ILE B 1094 -52.69 -86.86 -20.76
CA ILE B 1094 -54.05 -86.97 -21.28
C ILE B 1094 -54.95 -85.98 -20.57
N ILE B 1095 -55.85 -85.35 -21.33
CA ILE B 1095 -56.78 -84.37 -20.76
C ILE B 1095 -57.71 -85.08 -19.79
N THR B 1096 -57.69 -84.66 -18.53
CA THR B 1096 -58.44 -85.31 -17.47
C THR B 1096 -59.02 -84.23 -16.56
N THR B 1097 -60.16 -84.52 -15.95
CA THR B 1097 -60.87 -83.57 -15.11
C THR B 1097 -60.13 -83.21 -13.82
N ASP B 1098 -59.08 -83.96 -13.46
CA ASP B 1098 -58.35 -83.65 -12.24
C ASP B 1098 -57.58 -82.34 -12.35
N ASN B 1099 -56.99 -82.07 -13.52
CA ASN B 1099 -56.18 -80.88 -13.75
C ASN B 1099 -56.93 -79.81 -14.53
N THR B 1100 -58.23 -79.96 -14.73
CA THR B 1100 -59.03 -78.99 -15.47
C THR B 1100 -60.29 -78.67 -14.66
N PHE B 1101 -60.84 -77.48 -14.90
CA PHE B 1101 -62.05 -77.04 -14.24
C PHE B 1101 -63.02 -76.47 -15.28
N VAL B 1102 -64.30 -76.52 -14.94
CA VAL B 1102 -65.38 -76.11 -15.85
C VAL B 1102 -65.98 -74.82 -15.33
N SER B 1103 -66.08 -73.82 -16.22
CA SER B 1103 -66.67 -72.53 -15.86
C SER B 1103 -67.40 -72.00 -17.10
N GLY B 1104 -68.72 -72.20 -17.14
CA GLY B 1104 -69.53 -71.71 -18.23
C GLY B 1104 -69.48 -72.64 -19.44
N ASN B 1105 -70.17 -72.20 -20.49
CA ASN B 1105 -70.25 -72.95 -21.74
C ASN B 1105 -69.09 -72.58 -22.65
N CYS B 1106 -69.05 -73.20 -23.83
CA CYS B 1106 -68.00 -72.96 -24.81
C CYS B 1106 -68.44 -72.06 -25.94
N ASP B 1107 -69.61 -71.42 -25.83
CA ASP B 1107 -70.13 -70.54 -26.86
C ASP B 1107 -69.75 -69.09 -26.66
N VAL B 1108 -69.04 -68.77 -25.58
CA VAL B 1108 -68.65 -67.40 -25.29
C VAL B 1108 -67.17 -67.13 -25.56
N VAL B 1109 -66.31 -68.14 -25.44
CA VAL B 1109 -64.88 -67.96 -25.63
C VAL B 1109 -64.57 -67.90 -27.12
N ILE B 1110 -63.36 -67.48 -27.47
CA ILE B 1110 -62.93 -67.33 -28.86
C ILE B 1110 -61.73 -68.24 -29.09
N GLY B 1111 -61.80 -69.05 -30.15
CA GLY B 1111 -60.69 -69.91 -30.51
C GLY B 1111 -60.74 -71.31 -29.94
N ILE B 1112 -61.88 -71.75 -29.41
CA ILE B 1112 -61.96 -73.07 -28.81
C ILE B 1112 -61.97 -74.15 -29.90
N VAL B 1113 -61.55 -75.35 -29.52
CA VAL B 1113 -61.57 -76.51 -30.41
C VAL B 1113 -62.38 -77.61 -29.73
N ASN B 1114 -62.66 -78.67 -30.48
CA ASN B 1114 -63.50 -79.77 -30.02
C ASN B 1114 -62.62 -80.98 -29.71
N ASN B 1115 -62.73 -81.48 -28.48
CA ASN B 1115 -62.03 -82.68 -28.07
C ASN B 1115 -62.72 -83.25 -26.84
N THR B 1116 -62.64 -84.57 -26.69
CA THR B 1116 -63.20 -85.24 -25.53
C THR B 1116 -62.28 -85.10 -24.32
N VAL B 1117 -62.86 -85.27 -23.14
CA VAL B 1117 -62.13 -85.19 -21.88
C VAL B 1117 -62.24 -86.54 -21.18
N TYR B 1118 -61.10 -87.13 -20.87
CA TYR B 1118 -61.08 -88.43 -20.21
C TYR B 1118 -61.51 -88.31 -18.75
N ASP B 1119 -62.31 -89.26 -18.30
CA ASP B 1119 -62.76 -89.31 -16.91
C ASP B 1119 -62.43 -90.69 -16.36
N PRO B 1120 -61.57 -90.80 -15.34
CA PRO B 1120 -61.23 -92.13 -14.81
C PRO B 1120 -62.37 -92.81 -14.08
N LEU B 1121 -63.44 -92.09 -13.72
CA LEU B 1121 -64.55 -92.69 -13.00
C LEU B 1121 -65.37 -93.62 -13.90
N GLN B 1122 -65.42 -93.32 -15.20
CA GLN B 1122 -66.20 -94.16 -16.12
C GLN B 1122 -65.64 -95.58 -16.26
N PRO B 1123 -64.34 -95.82 -16.47
CA PRO B 1123 -63.86 -97.21 -16.45
C PRO B 1123 -64.00 -97.88 -15.09
N GLU B 1124 -63.92 -97.12 -14.00
CA GLU B 1124 -64.10 -97.71 -12.68
C GLU B 1124 -65.52 -98.20 -12.48
N LEU B 1125 -66.51 -97.42 -12.91
CA LEU B 1125 -67.90 -97.87 -12.80
C LEU B 1125 -68.30 -98.85 -13.90
N ASP B 1126 -67.51 -98.93 -14.98
CA ASP B 1126 -67.84 -99.88 -16.05
C ASP B 1126 -67.53 -101.31 -15.65
N SER B 1127 -66.55 -101.50 -14.77
CA SER B 1127 -66.18 -102.85 -14.34
C SER B 1127 -66.47 -103.05 -12.86
N GLN C 1 16.97 -0.90 59.65
CA GLN C 1 17.27 -1.74 60.81
C GLN C 1 16.82 -3.18 60.58
N CYS C 2 17.77 -4.10 60.62
CA CYS C 2 17.51 -5.52 60.41
C CYS C 2 18.20 -6.32 61.50
N VAL C 3 17.55 -7.40 61.96
CA VAL C 3 18.07 -8.26 62.99
C VAL C 3 18.25 -9.66 62.40
N ASN C 4 19.48 -10.16 62.43
CA ASN C 4 19.77 -11.49 61.93
C ASN C 4 19.29 -12.54 62.92
N LEU C 5 18.85 -13.68 62.38
CA LEU C 5 18.36 -14.79 63.18
C LEU C 5 19.40 -15.91 63.22
N THR C 6 19.73 -16.36 64.42
CA THR C 6 20.70 -17.43 64.61
C THR C 6 20.10 -18.69 65.21
N THR C 7 18.80 -18.70 65.49
CA THR C 7 18.13 -19.86 66.07
C THR C 7 17.59 -20.80 65.01
N ARG C 8 17.81 -20.52 63.73
CA ARG C 8 17.32 -21.38 62.66
C ARG C 8 18.04 -22.73 62.69
N THR C 9 17.27 -23.80 62.51
CA THR C 9 17.79 -25.15 62.41
C THR C 9 17.63 -25.63 60.97
N GLN C 10 18.71 -26.14 60.39
CA GLN C 10 18.70 -26.52 58.99
C GLN C 10 17.93 -27.82 58.79
N LEU C 11 16.99 -27.80 57.83
CA LEU C 11 16.18 -28.96 57.50
C LEU C 11 15.87 -28.90 56.01
N PRO C 12 15.90 -30.03 55.31
CA PRO C 12 15.56 -30.01 53.89
C PRO C 12 14.08 -29.70 53.69
N PRO C 13 13.72 -29.06 52.58
CA PRO C 13 12.32 -28.77 52.32
C PRO C 13 11.50 -30.04 52.09
N ALA C 14 10.23 -29.97 52.48
CA ALA C 14 9.32 -31.09 52.36
C ALA C 14 8.55 -31.01 51.04
N TYR C 15 7.84 -32.08 50.73
CA TYR C 15 7.06 -32.19 49.49
C TYR C 15 5.66 -32.69 49.80
N THR C 16 4.69 -32.22 49.03
CA THR C 16 3.30 -32.63 49.18
C THR C 16 2.60 -32.48 47.83
N ASN C 17 1.45 -33.12 47.71
CA ASN C 17 0.74 -33.19 46.44
C ASN C 17 -0.21 -32.00 46.27
N SER C 18 -0.77 -31.91 45.06
CA SER C 18 -1.60 -30.80 44.60
C SER C 18 -2.85 -31.33 43.91
N PHE C 19 -3.57 -32.22 44.60
CA PHE C 19 -4.67 -33.01 44.03
C PHE C 19 -5.66 -32.15 43.24
N THR C 20 -6.33 -31.22 43.90
CA THR C 20 -7.39 -30.43 43.30
C THR C 20 -7.22 -28.95 43.63
N ARG C 21 -6.01 -28.44 43.45
CA ARG C 21 -5.70 -27.05 43.73
C ARG C 21 -5.07 -26.39 42.51
N GLY C 22 -5.15 -25.06 42.47
CA GLY C 22 -4.54 -24.27 41.42
C GLY C 22 -5.48 -23.81 40.32
N VAL C 23 -6.77 -24.12 40.42
CA VAL C 23 -7.73 -23.68 39.40
C VAL C 23 -8.20 -22.27 39.73
N TYR C 24 -8.44 -21.48 38.67
CA TYR C 24 -8.89 -20.11 38.83
C TYR C 24 -9.60 -19.66 37.55
N TYR C 25 -10.32 -18.55 37.66
CA TYR C 25 -11.03 -18.01 36.50
C TYR C 25 -10.03 -17.42 35.52
N PRO C 26 -10.05 -17.84 34.25
CA PRO C 26 -9.12 -17.26 33.26
C PRO C 26 -9.33 -15.77 33.05
N ASP C 27 -10.56 -15.28 33.12
CA ASP C 27 -10.86 -13.87 32.90
C ASP C 27 -12.17 -13.54 33.60
N LYS C 28 -12.73 -12.38 33.27
CA LYS C 28 -13.97 -11.90 33.87
C LYS C 28 -15.18 -12.20 32.99
N VAL C 29 -15.14 -13.30 32.24
CA VAL C 29 -16.22 -13.67 31.33
C VAL C 29 -17.15 -14.64 32.05
N PHE C 30 -18.44 -14.31 32.07
CA PHE C 30 -19.43 -15.16 32.71
C PHE C 30 -19.80 -16.33 31.81
N ARG C 31 -19.86 -17.52 32.42
CA ARG C 31 -20.27 -18.73 31.71
C ARG C 31 -21.17 -19.55 32.62
N SER C 32 -22.10 -20.27 32.01
CA SER C 32 -23.07 -21.06 32.76
C SER C 32 -23.45 -22.30 31.96
N SER C 33 -23.42 -23.46 32.63
CA SER C 33 -23.84 -24.74 32.06
C SER C 33 -23.07 -25.08 30.79
N VAL C 34 -21.77 -24.78 30.79
CA VAL C 34 -20.90 -25.07 29.65
C VAL C 34 -19.64 -25.75 30.16
N LEU C 35 -18.96 -26.42 29.23
CA LEU C 35 -17.66 -27.06 29.48
C LEU C 35 -16.67 -26.46 28.50
N HIS C 36 -16.02 -25.37 28.92
CA HIS C 36 -15.14 -24.60 28.06
C HIS C 36 -13.69 -25.01 28.26
N SER C 37 -12.97 -25.18 27.16
CA SER C 37 -11.56 -25.51 27.18
C SER C 37 -10.76 -24.27 26.77
N THR C 38 -9.80 -23.88 27.62
CA THR C 38 -9.01 -22.69 27.38
C THR C 38 -7.54 -22.99 27.69
N GLN C 39 -6.66 -22.19 27.11
CA GLN C 39 -5.22 -22.31 27.32
C GLN C 39 -4.74 -21.16 28.18
N ASP C 40 -4.17 -21.49 29.34
CA ASP C 40 -3.67 -20.49 30.27
C ASP C 40 -2.67 -21.16 31.20
N LEU C 41 -1.89 -20.33 31.89
CA LEU C 41 -0.93 -20.83 32.87
C LEU C 41 -1.68 -21.46 34.04
N PHE C 42 -1.56 -22.78 34.18
CA PHE C 42 -2.34 -23.53 35.16
C PHE C 42 -1.42 -24.48 35.93
N LEU C 43 -1.77 -24.70 37.20
CA LEU C 43 -1.06 -25.68 38.01
C LEU C 43 -1.53 -27.08 37.64
N PRO C 44 -0.64 -27.98 37.20
CA PRO C 44 -1.07 -29.33 36.84
C PRO C 44 -1.56 -30.12 38.05
N PHE C 45 -2.52 -31.00 37.80
CA PHE C 45 -3.05 -31.85 38.84
C PHE C 45 -2.07 -32.96 39.19
N PHE C 46 -2.07 -33.35 40.47
CA PHE C 46 -1.22 -34.41 41.01
C PHE C 46 0.27 -34.12 40.74
N SER C 47 0.67 -32.88 41.02
CA SER C 47 2.05 -32.44 40.87
C SER C 47 2.64 -32.13 42.23
N ASN C 48 3.91 -32.48 42.40
CA ASN C 48 4.59 -32.29 43.68
C ASN C 48 4.94 -30.81 43.87
N VAL C 49 4.59 -30.28 45.05
CA VAL C 49 4.89 -28.90 45.40
C VAL C 49 5.70 -28.89 46.69
N THR C 50 6.42 -27.79 46.91
CA THR C 50 7.30 -27.67 48.06
C THR C 50 6.49 -27.30 49.30
N TRP C 51 6.73 -28.00 50.41
CA TRP C 51 6.05 -27.76 51.66
C TRP C 51 7.04 -27.19 52.68
N PHE C 52 6.70 -26.03 53.25
CA PHE C 52 7.49 -25.38 54.29
C PHE C 52 6.65 -25.28 55.55
N HIS C 53 7.23 -25.69 56.68
CA HIS C 53 6.54 -25.65 57.97
C HIS C 53 7.29 -24.72 58.91
N VAL C 54 6.55 -23.84 59.58
CA VAL C 54 7.11 -22.87 60.51
C VAL C 54 6.50 -23.14 61.89
N ILE C 55 7.36 -23.32 62.89
CA ILE C 55 6.91 -23.54 64.26
C ILE C 55 7.85 -22.85 65.24
N LYS C 62 11.19 -24.93 66.85
CA LYS C 62 11.57 -23.60 66.38
C LYS C 62 12.13 -23.66 64.96
N ARG C 63 11.24 -23.72 63.98
CA ARG C 63 11.60 -23.79 62.58
C ARG C 63 11.18 -22.52 61.86
N PHE C 64 12.11 -21.89 61.16
CA PHE C 64 11.84 -20.70 60.36
C PHE C 64 12.17 -21.00 58.91
N ASP C 65 11.25 -20.65 58.01
CA ASP C 65 11.38 -20.95 56.58
C ASP C 65 11.21 -19.66 55.79
N ASN C 66 12.33 -19.02 55.44
CA ASN C 66 12.35 -17.82 54.61
C ASN C 66 13.35 -18.00 53.48
N PRO C 67 13.02 -18.80 52.47
CA PRO C 67 13.97 -19.10 51.40
C PRO C 67 13.83 -18.13 50.23
N VAL C 68 14.80 -18.22 49.32
CA VAL C 68 14.81 -17.45 48.08
C VAL C 68 14.96 -18.42 46.93
N LEU C 69 14.04 -18.35 45.96
CA LEU C 69 14.04 -19.25 44.82
C LEU C 69 13.58 -18.46 43.61
N PRO C 70 14.22 -18.62 42.46
CA PRO C 70 13.84 -17.82 41.28
C PRO C 70 12.47 -18.20 40.74
N PHE C 71 11.68 -17.18 40.40
CA PHE C 71 10.34 -17.36 39.86
C PHE C 71 10.11 -16.27 38.82
N ASN C 72 10.16 -16.65 37.54
CA ASN C 72 9.93 -15.68 36.47
C ASN C 72 8.49 -15.19 36.47
N ASP C 73 7.52 -16.09 36.50
CA ASP C 73 6.10 -15.74 36.60
C ASP C 73 5.34 -16.97 37.05
N GLY C 74 4.08 -16.75 37.44
CA GLY C 74 3.23 -17.84 37.84
C GLY C 74 3.60 -18.47 39.17
N VAL C 75 3.41 -17.75 40.26
CA VAL C 75 3.73 -18.24 41.60
C VAL C 75 2.42 -18.60 42.28
N TYR C 76 2.32 -19.84 42.75
CA TYR C 76 1.14 -20.33 43.46
C TYR C 76 1.46 -20.39 44.95
N PHE C 77 0.68 -19.66 45.74
CA PHE C 77 0.88 -19.59 47.19
C PHE C 77 -0.39 -20.04 47.89
N ALA C 78 -0.28 -21.09 48.69
CA ALA C 78 -1.37 -21.59 49.52
C ALA C 78 -0.86 -21.87 50.92
N SER C 79 -1.68 -21.61 51.92
CA SER C 79 -1.23 -21.74 53.30
C SER C 79 -2.42 -21.98 54.22
N ILE C 80 -2.31 -22.98 55.08
CA ILE C 80 -3.23 -23.10 56.21
C ILE C 80 -2.79 -22.10 57.28
N GLU C 81 -3.75 -21.35 57.81
CA GLU C 81 -3.42 -20.19 58.62
C GLU C 81 -4.34 -20.07 59.82
N LYS C 82 -3.75 -19.76 60.97
CA LYS C 82 -4.48 -19.47 62.20
C LYS C 82 -3.78 -18.32 62.93
N SER C 83 -4.58 -17.39 63.46
CA SER C 83 -4.13 -16.25 64.26
C SER C 83 -3.22 -15.30 63.48
N ASN C 84 -3.34 -15.29 62.16
CA ASN C 84 -2.70 -14.31 61.27
C ASN C 84 -1.17 -14.28 61.44
N ILE C 85 -0.55 -15.41 61.08
CA ILE C 85 0.90 -15.52 61.18
C ILE C 85 1.56 -15.02 59.90
N ILE C 86 1.03 -15.39 58.75
CA ILE C 86 1.57 -14.91 57.47
C ILE C 86 1.05 -13.50 57.22
N ARG C 87 1.95 -12.61 56.79
CA ARG C 87 1.58 -11.21 56.53
C ARG C 87 1.70 -10.84 55.06
N GLY C 88 2.87 -11.01 54.46
CA GLY C 88 3.06 -10.50 53.11
C GLY C 88 4.11 -11.21 52.26
N TRP C 89 4.40 -10.62 51.10
CA TRP C 89 5.30 -11.22 50.12
C TRP C 89 6.22 -10.16 49.55
N ILE C 90 7.34 -10.62 48.98
CA ILE C 90 8.32 -9.76 48.34
C ILE C 90 8.51 -10.24 46.90
N PHE C 91 8.55 -9.29 45.97
CA PHE C 91 8.78 -9.60 44.56
C PHE C 91 9.86 -8.67 44.02
N GLY C 92 10.66 -9.19 43.10
CA GLY C 92 11.73 -8.41 42.50
C GLY C 92 12.65 -9.30 41.69
N THR C 93 13.73 -8.69 41.19
CA THR C 93 14.72 -9.38 40.39
C THR C 93 16.00 -9.66 41.16
N THR C 94 16.63 -8.62 41.72
CA THR C 94 17.84 -8.78 42.50
C THR C 94 17.66 -8.46 43.97
N LEU C 95 16.52 -7.91 44.36
CA LEU C 95 16.15 -7.65 45.76
C LEU C 95 17.16 -6.70 46.43
N ASP C 96 17.32 -5.54 45.83
CA ASP C 96 18.18 -4.49 46.37
C ASP C 96 17.72 -3.15 45.81
N SER C 97 18.51 -2.10 46.06
CA SER C 97 18.15 -0.76 45.61
C SER C 97 18.46 -0.52 44.14
N LYS C 98 19.23 -1.39 43.49
CA LYS C 98 19.57 -1.21 42.08
C LYS C 98 18.45 -1.61 41.13
N THR C 99 17.43 -2.32 41.62
CA THR C 99 16.33 -2.78 40.80
C THR C 99 15.01 -2.51 41.50
N GLN C 100 13.95 -2.38 40.70
CA GLN C 100 12.62 -2.13 41.24
C GLN C 100 12.05 -3.41 41.85
N SER C 101 11.51 -3.27 43.06
CA SER C 101 10.93 -4.39 43.79
C SER C 101 9.53 -4.04 44.25
N LEU C 102 8.71 -5.07 44.46
CA LEU C 102 7.31 -4.90 44.83
C LEU C 102 7.11 -5.34 46.27
N LEU C 103 6.28 -4.60 47.00
CA LEU C 103 6.05 -4.83 48.42
C LEU C 103 4.57 -5.12 48.67
N ILE C 104 4.30 -6.12 49.51
CA ILE C 104 2.95 -6.44 49.96
C ILE C 104 3.00 -6.56 51.48
N VAL C 105 2.46 -5.56 52.17
CA VAL C 105 2.35 -5.58 53.62
C VAL C 105 0.94 -5.14 54.02
N ASN C 106 0.34 -5.90 54.93
CA ASN C 106 -0.93 -5.50 55.54
C ASN C 106 -0.82 -5.55 57.06
N ASN C 107 -1.13 -4.43 57.71
CA ASN C 107 -1.27 -4.41 59.16
C ASN C 107 -2.74 -4.62 59.50
N ALA C 108 -3.12 -4.35 60.75
CA ALA C 108 -4.48 -4.56 61.21
C ALA C 108 -5.50 -3.63 60.56
N THR C 109 -5.06 -2.59 59.86
CA THR C 109 -5.98 -1.65 59.23
C THR C 109 -6.35 -2.08 57.81
N ASN C 110 -5.35 -2.18 56.92
CA ASN C 110 -5.61 -2.45 55.51
C ASN C 110 -4.32 -2.93 54.85
N VAL C 111 -4.40 -3.23 53.55
CA VAL C 111 -3.26 -3.68 52.77
C VAL C 111 -2.53 -2.47 52.23
N VAL C 112 -1.22 -2.65 51.97
CA VAL C 112 -0.38 -1.61 51.42
C VAL C 112 0.41 -2.21 50.25
N ILE C 113 0.31 -1.58 49.08
CA ILE C 113 1.06 -2.00 47.90
C ILE C 113 1.98 -0.85 47.53
N LYS C 114 3.29 -1.12 47.50
CA LYS C 114 4.30 -0.09 47.24
C LYS C 114 5.43 -0.72 46.44
N VAL C 115 5.36 -0.60 45.12
CA VAL C 115 6.48 -1.02 44.27
C VAL C 115 7.54 0.08 44.29
N CYS C 116 8.77 -0.29 44.69
CA CYS C 116 9.80 0.71 44.90
C CYS C 116 11.16 0.03 44.97
N GLU C 117 12.22 0.82 44.77
CA GLU C 117 13.59 0.32 44.85
C GLU C 117 14.04 0.32 46.31
N PHE C 118 13.41 -0.57 47.08
CA PHE C 118 13.72 -0.69 48.50
C PHE C 118 15.05 -1.40 48.70
N GLN C 119 15.66 -1.13 49.85
CA GLN C 119 16.90 -1.80 50.26
C GLN C 119 16.54 -2.94 51.20
N PHE C 120 16.87 -4.16 50.79
CA PHE C 120 16.49 -5.36 51.53
C PHE C 120 17.68 -5.91 52.32
N CYS C 121 17.39 -6.41 53.52
CA CYS C 121 18.39 -7.04 54.35
C CYS C 121 18.32 -8.56 54.17
N ASN C 122 19.19 -9.27 54.89
CA ASN C 122 19.28 -10.71 54.71
C ASN C 122 18.11 -11.44 55.35
N ASP C 123 17.59 -10.95 56.46
CA ASP C 123 16.52 -11.63 57.21
C ASP C 123 15.39 -10.64 57.49
N PRO C 124 14.53 -10.39 56.51
CA PRO C 124 13.39 -9.50 56.76
C PRO C 124 12.17 -10.24 57.31
N PHE C 125 11.58 -9.71 58.37
CA PHE C 125 10.39 -10.31 58.97
C PHE C 125 9.62 -9.23 59.70
N LEU C 126 8.51 -9.64 60.31
CA LEU C 126 7.65 -8.74 61.07
C LEU C 126 7.63 -9.15 62.53
N ASP C 127 7.24 -8.22 63.40
CA ASP C 127 7.16 -8.49 64.83
C ASP C 127 5.87 -7.95 65.42
N MET C 135 0.92 -6.70 71.35
CA MET C 135 0.48 -6.19 70.07
C MET C 135 1.65 -6.06 69.10
N GLU C 136 1.33 -5.92 67.81
CA GLU C 136 2.34 -5.81 66.76
C GLU C 136 2.50 -4.34 66.38
N SER C 137 3.70 -3.80 66.61
CA SER C 137 3.99 -2.41 66.25
C SER C 137 5.38 -2.23 65.66
N GLU C 138 6.09 -3.31 65.36
CA GLU C 138 7.45 -3.23 64.84
C GLU C 138 7.44 -3.55 63.35
N PHE C 139 8.11 -2.70 62.57
CA PHE C 139 8.16 -2.82 61.11
C PHE C 139 9.62 -2.71 60.68
N ARG C 140 10.28 -3.85 60.51
CA ARG C 140 11.70 -3.90 60.14
C ARG C 140 11.87 -4.84 58.95
N VAL C 141 11.67 -4.31 57.74
CA VAL C 141 11.91 -5.07 56.52
C VAL C 141 12.78 -4.33 55.51
N TYR C 142 12.93 -3.02 55.61
CA TYR C 142 13.69 -2.25 54.64
C TYR C 142 14.33 -1.06 55.35
N SER C 143 15.12 -0.30 54.61
CA SER C 143 15.83 0.84 55.20
C SER C 143 15.61 2.14 54.45
N SER C 144 15.52 2.11 53.12
CA SER C 144 15.43 3.34 52.35
C SER C 144 14.68 3.08 51.04
N ALA C 145 14.23 4.18 50.43
CA ALA C 145 13.53 4.16 49.15
C ALA C 145 14.14 5.24 48.26
N ASN C 146 14.41 4.89 47.00
CA ASN C 146 15.11 5.80 46.09
C ASN C 146 14.30 6.18 44.87
N ASN C 147 13.80 5.20 44.11
CA ASN C 147 13.27 5.43 42.76
C ASN C 147 11.90 4.78 42.61
N CYS C 148 10.84 5.52 42.95
CA CYS C 148 9.48 5.05 42.77
C CYS C 148 8.50 6.21 42.84
N THR C 149 7.34 6.00 42.21
CA THR C 149 6.31 7.03 42.14
C THR C 149 4.89 6.46 42.26
N PHE C 150 4.74 5.17 42.56
CA PHE C 150 3.43 4.52 42.59
C PHE C 150 3.11 4.05 44.00
N GLU C 151 1.85 4.22 44.40
CA GLU C 151 1.38 3.77 45.70
C GLU C 151 -0.07 3.29 45.55
N TYR C 152 -0.39 2.19 46.24
CA TYR C 152 -1.73 1.62 46.18
C TYR C 152 -2.13 1.13 47.56
N VAL C 153 -3.34 1.49 47.98
CA VAL C 153 -3.92 1.06 49.25
C VAL C 153 -5.34 0.56 48.99
N SER C 154 -5.65 -0.65 49.46
CA SER C 154 -6.95 -1.24 49.20
C SER C 154 -7.56 -1.86 50.45
N GLN C 155 -8.67 -2.56 50.29
CA GLN C 155 -9.34 -3.21 51.40
C GLN C 155 -8.47 -4.35 51.94
N PRO C 156 -8.42 -4.54 53.26
CA PRO C 156 -7.66 -5.68 53.81
C PRO C 156 -8.22 -7.02 53.35
N PHE C 157 -7.32 -7.94 53.02
CA PHE C 157 -7.74 -9.24 52.50
C PHE C 157 -8.24 -10.17 53.60
N LEU C 158 -7.67 -10.07 54.79
CA LEU C 158 -8.05 -10.95 55.90
C LEU C 158 -9.12 -10.30 56.76
N ASN C 167 -5.39 -25.41 66.35
CA ASN C 167 -6.25 -26.10 65.40
C ASN C 167 -6.36 -25.33 64.09
N PHE C 168 -6.32 -26.05 62.97
CA PHE C 168 -6.45 -25.42 61.67
C PHE C 168 -7.89 -24.97 61.42
N LYS C 169 -8.03 -23.73 60.95
CA LYS C 169 -9.37 -23.18 60.70
C LYS C 169 -9.51 -22.43 59.38
N ASN C 170 -8.44 -21.92 58.78
CA ASN C 170 -8.54 -21.09 57.59
C ASN C 170 -7.51 -21.52 56.55
N LEU C 171 -7.87 -21.37 55.28
CA LEU C 171 -6.97 -21.62 54.16
C LEU C 171 -6.94 -20.38 53.27
N ARG C 172 -5.74 -19.93 52.94
CA ARG C 172 -5.53 -18.75 52.10
C ARG C 172 -4.69 -19.15 50.90
N GLU C 173 -5.30 -19.11 49.71
CA GLU C 173 -4.65 -19.48 48.46
C GLU C 173 -4.52 -18.24 47.57
N PHE C 174 -3.32 -18.01 47.05
CA PHE C 174 -3.05 -16.86 46.20
C PHE C 174 -2.26 -17.29 44.98
N VAL C 175 -2.60 -16.70 43.84
CA VAL C 175 -1.93 -16.96 42.57
C VAL C 175 -1.51 -15.62 41.97
N PHE C 176 -0.23 -15.48 41.65
CA PHE C 176 0.33 -14.26 41.08
C PHE C 176 0.82 -14.55 39.67
N LYS C 177 0.43 -13.70 38.72
CA LYS C 177 0.86 -13.83 37.34
C LYS C 177 1.25 -12.46 36.80
N ASN C 178 2.33 -12.43 36.02
CA ASN C 178 2.83 -11.21 35.40
C ASN C 178 2.84 -11.41 33.89
N ILE C 179 1.72 -11.12 33.25
CA ILE C 179 1.56 -11.29 31.81
C ILE C 179 1.16 -9.95 31.21
N ASP C 180 1.89 -9.52 30.17
CA ASP C 180 1.63 -8.28 29.44
C ASP C 180 1.64 -7.06 30.36
N GLY C 181 2.54 -7.07 31.35
CA GLY C 181 2.68 -5.95 32.25
C GLY C 181 1.61 -5.84 33.31
N TYR C 182 0.74 -6.84 33.45
CA TYR C 182 -0.33 -6.84 34.43
C TYR C 182 -0.05 -7.86 35.52
N PHE C 183 -0.12 -7.42 36.77
CA PHE C 183 0.10 -8.31 37.91
C PHE C 183 -1.26 -8.81 38.39
N LYS C 184 -1.66 -9.96 37.85
CA LYS C 184 -2.95 -10.54 38.21
C LYS C 184 -2.85 -11.27 39.54
N ILE C 185 -3.79 -10.97 40.44
CA ILE C 185 -3.83 -11.57 41.77
C ILE C 185 -5.17 -12.27 41.93
N TYR C 186 -5.12 -13.57 42.22
CA TYR C 186 -6.31 -14.38 42.47
C TYR C 186 -6.29 -14.82 43.93
N SER C 187 -7.43 -14.67 44.61
CA SER C 187 -7.52 -14.97 46.03
C SER C 187 -8.75 -15.83 46.31
N LYS C 188 -8.64 -16.65 47.35
CA LYS C 188 -9.76 -17.48 47.80
C LYS C 188 -9.51 -17.87 49.24
N HIS C 189 -10.45 -17.54 50.12
CA HIS C 189 -10.39 -17.91 51.52
C HIS C 189 -11.57 -18.79 51.87
N THR C 190 -11.31 -19.95 52.46
CA THR C 190 -12.35 -20.89 52.81
C THR C 190 -12.21 -21.32 54.26
N PRO C 191 -13.33 -21.60 54.94
CA PRO C 191 -13.24 -22.12 56.31
C PRO C 191 -12.98 -23.63 56.31
N ILE C 192 -11.91 -24.02 57.00
CA ILE C 192 -11.55 -25.44 57.09
C ILE C 192 -11.39 -25.86 58.54
N ASP C 199 -1.73 -31.12 55.64
CA ASP C 199 -1.73 -31.52 54.24
C ASP C 199 -2.77 -30.75 53.45
N LEU C 200 -2.75 -30.91 52.13
CA LEU C 200 -3.72 -30.23 51.27
C LEU C 200 -5.09 -30.83 51.46
N PRO C 201 -6.13 -30.02 51.72
CA PRO C 201 -7.48 -30.57 51.86
C PRO C 201 -8.01 -31.10 50.54
N GLN C 202 -8.88 -32.11 50.64
CA GLN C 202 -9.47 -32.75 49.47
C GLN C 202 -10.77 -32.03 49.15
N GLY C 203 -10.67 -30.98 48.32
CA GLY C 203 -11.83 -30.21 47.93
C GLY C 203 -11.52 -29.41 46.68
N PHE C 204 -12.56 -28.75 46.17
CA PHE C 204 -12.47 -27.95 44.96
C PHE C 204 -12.93 -26.53 45.25
N SER C 205 -12.07 -25.56 44.94
CA SER C 205 -12.39 -24.15 45.10
C SER C 205 -11.77 -23.37 43.95
N ALA C 206 -12.54 -22.46 43.37
CA ALA C 206 -12.09 -21.64 42.24
C ALA C 206 -11.60 -20.29 42.77
N LEU C 207 -10.35 -19.97 42.48
CA LEU C 207 -9.75 -18.73 42.98
C LEU C 207 -10.24 -17.56 42.11
N GLU C 208 -11.12 -16.74 42.68
CA GLU C 208 -11.62 -15.59 41.95
C GLU C 208 -10.54 -14.51 41.86
N PRO C 209 -10.56 -13.70 40.80
CA PRO C 209 -9.63 -12.57 40.73
C PRO C 209 -9.90 -11.55 41.82
N LEU C 210 -8.82 -10.90 42.28
CA LEU C 210 -8.88 -9.98 43.40
C LEU C 210 -8.58 -8.54 42.99
N VAL C 211 -7.42 -8.31 42.37
CA VAL C 211 -7.01 -6.96 42.01
C VAL C 211 -5.99 -7.08 40.88
N ASP C 212 -6.03 -6.11 39.97
CA ASP C 212 -5.09 -6.04 38.85
C ASP C 212 -4.16 -4.85 39.05
N LEU C 213 -2.85 -5.12 39.05
CA LEU C 213 -1.85 -4.09 39.29
C LEU C 213 -1.16 -3.74 37.98
N PRO C 214 -1.29 -2.52 37.47
CA PRO C 214 -0.62 -2.12 36.22
C PRO C 214 0.81 -1.62 36.46
N ILE C 215 1.64 -2.49 37.04
CA ILE C 215 3.01 -2.10 37.34
C ILE C 215 3.88 -2.17 36.10
N GLY C 216 3.81 -3.28 35.37
CA GLY C 216 4.59 -3.44 34.15
C GLY C 216 6.10 -3.53 34.37
N ILE C 217 6.54 -4.30 35.35
CA ILE C 217 7.96 -4.41 35.66
C ILE C 217 8.40 -5.88 35.54
N ASN C 218 9.68 -6.12 35.81
CA ASN C 218 10.27 -7.45 35.71
C ASN C 218 10.50 -8.02 37.10
N ILE C 219 10.13 -9.28 37.29
CA ILE C 219 10.31 -9.98 38.55
C ILE C 219 10.87 -11.37 38.26
N THR C 220 11.92 -11.75 39.01
CA THR C 220 12.50 -13.08 38.88
C THR C 220 12.84 -13.72 40.22
N ARG C 221 12.32 -13.19 41.33
CA ARG C 221 12.62 -13.74 42.65
C ARG C 221 11.47 -13.44 43.59
N PHE C 222 11.41 -14.18 44.69
CA PHE C 222 10.38 -14.00 45.70
C PHE C 222 10.96 -14.19 47.08
N GLN C 223 10.27 -13.64 48.07
CA GLN C 223 10.67 -13.76 49.47
C GLN C 223 9.43 -13.60 50.34
N THR C 224 9.28 -14.47 51.33
CA THR C 224 8.11 -14.51 52.19
C THR C 224 8.38 -13.76 53.49
N LEU C 225 7.48 -12.86 53.87
CA LEU C 225 7.57 -12.11 55.11
C LEU C 225 6.77 -12.81 56.20
N LEU C 226 7.34 -12.89 57.40
CA LEU C 226 6.78 -13.64 58.51
C LEU C 226 6.70 -12.74 59.74
N ALA C 227 5.69 -12.99 60.57
CA ALA C 227 5.46 -12.22 61.78
C ALA C 227 5.81 -13.06 63.00
N LEU C 228 6.59 -12.50 63.90
CA LEU C 228 7.04 -13.18 65.10
C LEU C 228 6.35 -12.57 66.32
N HIS C 229 5.80 -13.43 67.17
CA HIS C 229 5.13 -12.99 68.38
C HIS C 229 6.14 -12.72 69.49
N ARG C 230 5.94 -11.62 70.21
CA ARG C 230 6.81 -11.23 71.32
C ARG C 230 6.13 -11.59 72.63
N SER C 231 6.83 -12.34 73.47
CA SER C 231 6.29 -12.75 74.76
C SER C 231 7.20 -12.32 75.90
N GLY C 241 13.29 -14.98 73.48
CA GLY C 241 13.13 -13.65 72.92
C GLY C 241 11.83 -13.49 72.15
N TRP C 242 11.66 -14.31 71.11
CA TRP C 242 10.47 -14.27 70.28
C TRP C 242 9.92 -15.69 70.10
N THR C 243 8.61 -15.78 69.93
CA THR C 243 7.92 -17.04 69.73
C THR C 243 7.18 -17.03 68.41
N ALA C 244 7.15 -18.18 67.73
CA ALA C 244 6.49 -18.33 66.45
C ALA C 244 5.46 -19.44 66.55
N GLY C 245 4.26 -19.18 66.04
CA GLY C 245 3.19 -20.16 66.06
C GLY C 245 3.33 -21.19 64.96
N ALA C 246 2.40 -22.14 64.97
CA ALA C 246 2.39 -23.23 63.99
C ALA C 246 1.69 -22.73 62.72
N ALA C 247 2.46 -22.60 61.63
CA ALA C 247 1.91 -22.17 60.36
C ALA C 247 2.73 -22.78 59.23
N ALA C 248 2.04 -23.21 58.17
CA ALA C 248 2.69 -23.81 57.02
C ALA C 248 2.13 -23.20 55.75
N TYR C 249 2.99 -23.11 54.72
CA TYR C 249 2.60 -22.57 53.43
C TYR C 249 3.13 -23.47 52.33
N TYR C 250 2.47 -23.42 51.18
CA TYR C 250 2.80 -24.24 50.02
C TYR C 250 3.16 -23.36 48.84
N VAL C 251 4.19 -23.75 48.09
CA VAL C 251 4.63 -23.05 46.90
C VAL C 251 4.58 -24.02 45.73
N GLY C 252 3.87 -23.63 44.67
CA GLY C 252 3.70 -24.50 43.52
C GLY C 252 4.09 -23.79 42.24
N TYR C 253 4.44 -24.60 41.24
CA TYR C 253 4.85 -24.11 39.94
C TYR C 253 3.63 -23.95 39.03
N LEU C 254 3.79 -23.10 38.02
CA LEU C 254 2.75 -22.84 37.03
C LEU C 254 3.26 -23.25 35.66
N GLN C 255 2.43 -23.98 34.91
CA GLN C 255 2.81 -24.50 33.60
C GLN C 255 1.74 -24.14 32.58
N PRO C 256 2.13 -23.90 31.33
CA PRO C 256 1.15 -23.63 30.27
C PRO C 256 0.52 -24.91 29.75
N ARG C 257 -0.79 -25.05 30.00
CA ARG C 257 -1.54 -26.22 29.55
C ARG C 257 -3.00 -25.81 29.36
N THR C 258 -3.84 -26.80 29.06
CA THR C 258 -5.25 -26.58 28.80
C THR C 258 -6.09 -27.37 29.81
N PHE C 259 -7.09 -26.70 30.39
CA PHE C 259 -8.04 -27.34 31.29
C PHE C 259 -9.43 -27.36 30.66
N LEU C 260 -10.27 -28.23 31.20
CA LEU C 260 -11.68 -28.32 30.82
C LEU C 260 -12.50 -27.88 32.04
N LEU C 261 -12.80 -26.59 32.09
CA LEU C 261 -13.51 -26.02 33.23
C LEU C 261 -15.02 -26.20 33.06
N LYS C 262 -15.69 -26.52 34.16
CA LYS C 262 -17.13 -26.72 34.18
C LYS C 262 -17.79 -25.61 35.00
N TYR C 263 -18.77 -24.95 34.40
CA TYR C 263 -19.55 -23.91 35.07
C TYR C 263 -20.96 -24.44 35.32
N ASN C 264 -21.47 -24.18 36.52
CA ASN C 264 -22.78 -24.69 36.91
C ASN C 264 -23.87 -23.78 36.34
N GLU C 265 -25.11 -23.97 36.81
CA GLU C 265 -26.21 -23.15 36.33
C GLU C 265 -26.14 -21.72 36.84
N ASN C 266 -25.55 -21.51 38.02
CA ASN C 266 -25.53 -20.20 38.65
C ASN C 266 -24.12 -19.58 38.69
N GLY C 267 -23.23 -20.02 37.80
CA GLY C 267 -22.02 -19.30 37.50
C GLY C 267 -20.75 -19.79 38.17
N THR C 268 -20.86 -20.57 39.25
CA THR C 268 -19.66 -21.00 39.96
C THR C 268 -19.01 -22.19 39.26
N ILE C 269 -17.70 -22.30 39.41
CA ILE C 269 -16.94 -23.39 38.81
C ILE C 269 -17.11 -24.63 39.68
N THR C 270 -17.53 -25.74 39.05
CA THR C 270 -17.77 -26.97 39.77
C THR C 270 -16.57 -27.90 39.76
N ASP C 271 -16.03 -28.20 38.57
CA ASP C 271 -14.91 -29.12 38.45
C ASP C 271 -14.05 -28.71 37.26
N ALA C 272 -12.79 -29.16 37.30
CA ALA C 272 -11.86 -28.92 36.21
C ALA C 272 -11.14 -30.21 35.88
N VAL C 273 -10.77 -30.36 34.60
CA VAL C 273 -10.14 -31.58 34.09
C VAL C 273 -8.90 -31.19 33.31
N ASP C 274 -7.75 -31.73 33.72
CA ASP C 274 -6.52 -31.55 32.96
C ASP C 274 -6.60 -32.35 31.66
N CYS C 275 -6.06 -31.78 30.58
CA CYS C 275 -6.15 -32.40 29.27
C CYS C 275 -4.91 -33.19 28.88
N ALA C 276 -3.90 -33.29 29.76
CA ALA C 276 -2.69 -34.04 29.44
C ALA C 276 -2.17 -34.85 30.62
N LEU C 277 -3.01 -35.22 31.57
CA LEU C 277 -2.56 -35.95 32.75
C LEU C 277 -2.59 -37.47 32.53
N ASP C 278 -3.78 -38.01 32.25
CA ASP C 278 -3.97 -39.43 31.99
C ASP C 278 -4.94 -39.58 30.83
N PRO C 279 -4.90 -40.72 30.13
CA PRO C 279 -5.71 -40.86 28.90
C PRO C 279 -7.20 -40.71 29.09
N LEU C 280 -7.75 -41.04 30.27
CA LEU C 280 -9.18 -40.85 30.50
C LEU C 280 -9.55 -39.37 30.46
N SER C 281 -8.73 -38.53 31.08
CA SER C 281 -9.00 -37.10 31.03
C SER C 281 -8.69 -36.51 29.66
N GLU C 282 -7.76 -37.13 28.92
CA GLU C 282 -7.55 -36.72 27.53
C GLU C 282 -8.78 -37.01 26.67
N THR C 283 -9.41 -38.17 26.87
CA THR C 283 -10.65 -38.47 26.17
C THR C 283 -11.76 -37.53 26.59
N LYS C 284 -11.82 -37.18 27.89
CA LYS C 284 -12.82 -36.23 28.36
C LYS C 284 -12.62 -34.85 27.73
N CYS C 285 -11.36 -34.41 27.61
CA CYS C 285 -11.07 -33.13 26.99
C CYS C 285 -11.37 -33.15 25.50
N THR C 286 -11.08 -34.27 24.83
CA THR C 286 -11.33 -34.35 23.39
C THR C 286 -12.82 -34.36 23.08
N LEU C 287 -13.61 -35.11 23.85
CA LEU C 287 -15.05 -35.21 23.61
C LEU C 287 -15.84 -34.06 24.22
N LYS C 288 -15.17 -33.15 24.95
CA LYS C 288 -15.80 -31.99 25.58
C LYS C 288 -16.94 -32.40 26.52
N SER C 289 -16.73 -33.49 27.26
CA SER C 289 -17.71 -33.98 28.21
C SER C 289 -16.99 -34.66 29.37
N PHE C 290 -17.60 -34.62 30.55
CA PHE C 290 -17.01 -35.22 31.73
C PHE C 290 -17.26 -36.72 31.81
N THR C 291 -18.17 -37.25 31.00
CA THR C 291 -18.46 -38.69 30.97
C THR C 291 -18.27 -39.19 29.55
N VAL C 292 -17.54 -40.29 29.41
CA VAL C 292 -17.28 -40.89 28.10
C VAL C 292 -17.93 -42.26 28.05
N GLU C 293 -18.57 -42.57 26.92
CA GLU C 293 -19.23 -43.85 26.75
C GLU C 293 -18.22 -44.95 26.45
N LYS C 294 -18.69 -46.19 26.50
CA LYS C 294 -17.83 -47.34 26.25
C LYS C 294 -17.53 -47.44 24.76
N GLY C 295 -16.25 -47.44 24.42
CA GLY C 295 -15.84 -47.52 23.03
C GLY C 295 -14.41 -47.06 22.87
N ILE C 296 -13.94 -47.15 21.62
CA ILE C 296 -12.58 -46.76 21.25
C ILE C 296 -12.60 -45.31 20.78
N TYR C 297 -11.63 -44.53 21.25
CA TYR C 297 -11.53 -43.12 20.94
C TYR C 297 -10.12 -42.76 20.52
N GLN C 298 -9.99 -41.71 19.72
CA GLN C 298 -8.72 -41.18 19.28
C GLN C 298 -8.57 -39.75 19.79
N THR C 299 -7.44 -39.45 20.42
CA THR C 299 -7.22 -38.16 21.05
C THR C 299 -6.11 -37.37 20.35
N SER C 300 -4.91 -37.92 20.24
CA SER C 300 -3.77 -37.19 19.69
C SER C 300 -2.85 -38.19 19.01
N ASN C 301 -1.62 -37.76 18.72
CA ASN C 301 -0.63 -38.57 18.03
C ASN C 301 0.61 -38.70 18.91
N PHE C 302 1.26 -39.86 18.85
CA PHE C 302 2.48 -40.12 19.60
C PHE C 302 3.67 -39.60 18.80
N ARG C 303 4.33 -38.57 19.33
CA ARG C 303 5.48 -37.95 18.67
C ARG C 303 6.68 -38.00 19.60
N VAL C 304 7.86 -38.16 19.01
CA VAL C 304 9.11 -38.25 19.75
C VAL C 304 9.88 -36.95 19.56
N GLN C 305 10.17 -36.26 20.66
CA GLN C 305 10.89 -34.99 20.62
C GLN C 305 12.37 -35.23 20.35
N PRO C 306 13.03 -34.31 19.64
CA PRO C 306 14.48 -34.43 19.44
C PRO C 306 15.24 -34.21 20.74
N THR C 307 16.42 -34.82 20.81
CA THR C 307 17.25 -34.77 22.01
C THR C 307 18.42 -33.80 21.87
N GLU C 308 19.19 -33.91 20.80
CA GLU C 308 20.37 -33.07 20.61
C GLU C 308 20.38 -32.50 19.20
N SER C 309 21.07 -31.36 19.05
CA SER C 309 21.18 -30.67 17.78
C SER C 309 22.51 -31.03 17.12
N ILE C 310 22.46 -31.40 15.85
CA ILE C 310 23.63 -31.80 15.09
C ILE C 310 23.69 -30.91 13.85
N VAL C 311 24.60 -29.93 13.87
CA VAL C 311 24.79 -29.06 12.71
C VAL C 311 26.28 -28.76 12.61
N ARG C 312 26.95 -29.36 11.63
CA ARG C 312 28.36 -29.07 11.42
C ARG C 312 28.53 -28.44 10.05
N PHE C 313 29.77 -28.38 9.58
CA PHE C 313 30.03 -27.80 8.27
C PHE C 313 31.44 -28.16 7.86
N PRO C 314 31.74 -28.10 6.56
CA PRO C 314 33.14 -28.37 6.20
C PRO C 314 34.04 -27.54 7.09
N ASN C 315 34.92 -28.20 7.84
CA ASN C 315 35.77 -27.48 8.77
C ASN C 315 36.56 -26.39 8.08
N ILE C 316 36.98 -26.65 6.85
CA ILE C 316 37.79 -25.68 6.13
C ILE C 316 37.05 -24.36 5.91
N THR C 317 37.66 -23.25 6.33
CA THR C 317 37.07 -21.95 6.08
C THR C 317 38.03 -21.24 5.16
N ASN C 318 37.53 -20.54 4.16
CA ASN C 318 38.44 -19.94 3.19
C ASN C 318 38.38 -18.44 3.31
N LEU C 319 37.20 -17.89 3.59
CA LEU C 319 37.04 -16.44 3.76
C LEU C 319 37.17 -15.71 2.43
N CYS C 320 36.65 -14.50 2.36
CA CYS C 320 36.69 -13.75 1.12
C CYS C 320 37.12 -12.31 1.36
N PRO C 321 37.80 -11.70 0.38
CA PRO C 321 38.26 -10.32 0.52
C PRO C 321 37.13 -9.34 0.25
N PHE C 322 36.05 -9.45 1.01
CA PHE C 322 34.93 -8.53 0.85
C PHE C 322 35.43 -7.11 0.84
N ASP C 323 36.63 -6.89 1.38
CA ASP C 323 37.19 -5.54 1.44
C ASP C 323 37.48 -4.99 0.05
N GLU C 324 38.02 -5.83 -0.84
CA GLU C 324 38.37 -5.36 -2.17
C GLU C 324 37.16 -5.15 -3.07
N VAL C 325 35.99 -5.68 -2.70
CA VAL C 325 34.77 -5.45 -3.46
C VAL C 325 33.90 -4.37 -2.81
N PHE C 326 34.04 -4.12 -1.51
CA PHE C 326 33.33 -3.06 -0.83
C PHE C 326 34.14 -1.78 -0.73
N ASN C 327 35.33 -1.85 -0.17
CA ASN C 327 36.23 -0.69 -0.09
C ASN C 327 37.21 -0.69 -1.26
N ALA C 328 36.66 -0.56 -2.46
CA ALA C 328 37.44 -0.49 -3.68
C ALA C 328 37.65 0.96 -4.09
N THR C 329 38.86 1.28 -4.54
CA THR C 329 39.18 2.65 -4.93
C THR C 329 38.37 3.08 -6.15
N ARG C 330 38.21 2.18 -7.12
CA ARG C 330 37.51 2.49 -8.36
C ARG C 330 36.28 1.62 -8.50
N PHE C 331 35.15 2.23 -8.85
CA PHE C 331 33.91 1.54 -9.15
C PHE C 331 33.56 1.71 -10.62
N ALA C 332 33.07 0.64 -11.24
CA ALA C 332 32.69 0.70 -12.64
C ALA C 332 31.39 1.49 -12.81
N SER C 333 31.16 1.92 -14.05
CA SER C 333 29.98 2.72 -14.37
C SER C 333 28.74 1.83 -14.41
N VAL C 334 27.57 2.48 -14.47
CA VAL C 334 26.30 1.77 -14.43
C VAL C 334 26.08 0.99 -15.72
N TYR C 335 26.42 1.59 -16.87
CA TYR C 335 26.17 0.94 -18.15
C TYR C 335 27.04 -0.30 -18.34
N ALA C 336 28.22 -0.33 -17.71
CA ALA C 336 29.14 -1.47 -17.77
C ALA C 336 29.61 -1.77 -16.36
N TRP C 337 28.86 -2.62 -15.66
CA TRP C 337 29.19 -2.99 -14.29
C TRP C 337 30.08 -4.22 -14.25
N ASN C 338 30.99 -4.25 -13.29
CA ASN C 338 31.86 -5.41 -13.10
C ASN C 338 31.11 -6.51 -12.37
N ARG C 339 31.32 -7.75 -12.82
CA ARG C 339 30.69 -8.92 -12.23
C ARG C 339 31.76 -9.87 -11.73
N LYS C 340 31.67 -10.26 -10.46
CA LYS C 340 32.60 -11.18 -9.84
C LYS C 340 31.83 -12.34 -9.24
N ARG C 341 32.26 -13.57 -9.55
CA ARG C 341 31.64 -14.79 -9.06
C ARG C 341 32.41 -15.23 -7.82
N ILE C 342 32.02 -14.71 -6.66
CA ILE C 342 32.67 -15.06 -5.41
C ILE C 342 32.25 -16.45 -4.98
N SER C 343 33.22 -17.33 -4.74
CA SER C 343 32.94 -18.69 -4.36
C SER C 343 34.02 -19.20 -3.42
N ASN C 344 33.67 -20.24 -2.66
CA ASN C 344 34.57 -20.95 -1.75
C ASN C 344 35.14 -20.02 -0.68
N CYS C 345 34.24 -19.49 0.15
CA CYS C 345 34.63 -18.66 1.28
C CYS C 345 33.53 -18.74 2.33
N VAL C 346 33.55 -17.83 3.29
CA VAL C 346 32.54 -17.77 4.34
C VAL C 346 31.90 -16.39 4.32
N ALA C 347 30.65 -16.33 4.76
CA ALA C 347 29.88 -15.08 4.77
C ALA C 347 29.92 -14.48 6.18
N ASP C 348 30.94 -13.66 6.41
CA ASP C 348 31.12 -12.97 7.69
C ASP C 348 30.35 -11.64 7.62
N TYR C 349 29.04 -11.74 7.81
CA TYR C 349 28.19 -10.56 7.75
C TYR C 349 28.28 -9.72 9.02
N SER C 350 28.77 -10.30 10.12
CA SER C 350 28.89 -9.55 11.38
C SER C 350 29.90 -8.41 11.25
N VAL C 351 31.06 -8.69 10.64
CA VAL C 351 32.03 -7.63 10.42
C VAL C 351 31.56 -6.68 9.32
N LEU C 352 30.83 -7.20 8.33
CA LEU C 352 30.32 -6.34 7.26
C LEU C 352 29.26 -5.37 7.78
N TYR C 353 28.61 -5.70 8.89
CA TYR C 353 27.62 -4.80 9.48
C TYR C 353 28.23 -3.50 9.98
N ASN C 354 29.51 -3.53 10.38
CA ASN C 354 30.13 -2.33 10.95
C ASN C 354 31.45 -1.93 10.32
N LEU C 355 31.86 -2.55 9.20
CA LEU C 355 32.99 -1.99 8.46
C LEU C 355 32.62 -0.66 7.79
N ALA C 356 31.39 -0.54 7.31
CA ALA C 356 30.95 0.64 6.59
C ALA C 356 29.64 1.16 7.17
N PRO C 357 29.41 2.50 7.10
CA PRO C 357 28.14 3.08 7.55
C PRO C 357 27.03 2.99 6.49
N PHE C 358 26.78 1.78 6.00
CA PHE C 358 25.77 1.56 4.98
C PHE C 358 24.37 1.56 5.59
N PHE C 359 23.37 1.71 4.72
CA PHE C 359 21.99 1.77 5.15
C PHE C 359 21.55 0.42 5.73
N THR C 360 20.88 0.46 6.88
CA THR C 360 20.61 -0.75 7.65
C THR C 360 19.51 -1.63 7.02
N PHE C 361 19.86 -2.26 5.89
CA PHE C 361 19.07 -3.31 5.24
C PHE C 361 17.68 -2.79 4.84
N LYS C 362 17.70 -1.83 3.91
CA LYS C 362 16.47 -1.30 3.32
C LYS C 362 16.08 -2.07 2.06
N CYS C 363 16.00 -3.40 2.16
CA CYS C 363 15.75 -4.23 1.00
C CYS C 363 14.90 -5.43 1.41
N TYR C 364 14.19 -5.98 0.42
CA TYR C 364 13.30 -7.11 0.64
C TYR C 364 13.97 -8.41 0.20
N GLY C 365 13.68 -9.48 0.93
CA GLY C 365 14.25 -10.78 0.61
C GLY C 365 14.68 -11.59 1.81
N VAL C 366 15.97 -11.92 1.85
CA VAL C 366 16.53 -12.70 2.96
C VAL C 366 16.37 -11.92 4.26
N SER C 367 16.21 -12.66 5.38
CA SER C 367 16.10 -12.04 6.69
C SER C 367 17.37 -11.27 7.03
N PRO C 368 17.25 -10.11 7.70
CA PRO C 368 18.41 -9.26 7.96
C PRO C 368 19.45 -9.89 8.88
N THR C 369 19.03 -10.33 10.06
CA THR C 369 19.95 -10.84 11.07
C THR C 369 20.23 -12.33 10.94
N LYS C 370 19.55 -13.02 10.02
CA LYS C 370 19.73 -14.45 9.84
C LYS C 370 20.78 -14.80 8.80
N LEU C 371 21.44 -13.80 8.20
CA LEU C 371 22.35 -14.02 7.08
C LEU C 371 23.54 -14.92 7.44
N ASN C 372 23.86 -15.06 8.72
CA ASN C 372 24.91 -15.97 9.14
C ASN C 372 24.44 -17.42 9.20
N ASP C 373 23.15 -17.69 9.00
CA ASP C 373 22.58 -19.00 9.24
C ASP C 373 22.07 -19.69 7.97
N LEU C 374 22.18 -19.06 6.81
CA LEU C 374 21.79 -19.69 5.57
C LEU C 374 23.00 -20.32 4.88
N CYS C 375 22.73 -21.15 3.87
CA CYS C 375 23.76 -21.86 3.13
C CYS C 375 23.70 -21.56 1.63
N PHE C 376 23.58 -20.28 1.28
CA PHE C 376 23.42 -19.88 -0.12
C PHE C 376 24.70 -20.12 -0.91
N THR C 377 24.58 -20.04 -2.23
CA THR C 377 25.71 -20.24 -3.14
C THR C 377 25.48 -19.45 -4.42
N ASN C 378 26.54 -19.36 -5.23
CA ASN C 378 26.54 -18.70 -6.53
C ASN C 378 26.11 -17.24 -6.42
N VAL C 379 26.90 -16.44 -5.72
CA VAL C 379 26.57 -15.04 -5.48
C VAL C 379 27.14 -14.19 -6.62
N TYR C 380 26.54 -13.02 -6.80
CA TYR C 380 26.99 -12.04 -7.79
C TYR C 380 27.20 -10.71 -7.10
N ALA C 381 28.38 -10.13 -7.30
CA ALA C 381 28.76 -8.86 -6.67
C ALA C 381 28.99 -7.83 -7.77
N ASP C 382 27.97 -7.03 -8.05
CA ASP C 382 28.06 -5.95 -9.04
C ASP C 382 27.97 -4.61 -8.34
N SER C 383 28.94 -3.75 -8.58
CA SER C 383 29.04 -2.46 -7.92
C SER C 383 29.00 -1.33 -8.94
N PHE C 384 28.27 -0.27 -8.62
CA PHE C 384 28.15 0.89 -9.47
C PHE C 384 27.77 2.09 -8.60
N VAL C 385 27.95 3.28 -9.15
CA VAL C 385 27.64 4.52 -8.45
C VAL C 385 26.57 5.27 -9.23
N ILE C 386 25.57 5.79 -8.51
CA ILE C 386 24.45 6.49 -9.10
C ILE C 386 24.29 7.83 -8.38
N ARG C 387 23.25 8.58 -8.78
CA ARG C 387 23.05 9.94 -8.31
C ARG C 387 21.71 10.05 -7.57
N GLY C 388 21.78 10.16 -6.25
CA GLY C 388 20.63 10.53 -5.44
C GLY C 388 19.49 9.52 -5.40
N ASP C 389 18.33 9.93 -5.91
CA ASP C 389 17.09 9.18 -5.78
C ASP C 389 16.95 8.05 -6.81
N GLU C 390 18.04 7.57 -7.39
CA GLU C 390 17.99 6.42 -8.28
C GLU C 390 18.11 5.09 -7.53
N VAL C 391 18.28 5.11 -6.21
CA VAL C 391 18.33 3.87 -5.44
C VAL C 391 16.97 3.18 -5.45
N ARG C 392 15.88 3.96 -5.35
CA ARG C 392 14.55 3.40 -5.39
C ARG C 392 14.23 2.79 -6.75
N GLN C 393 14.90 3.25 -7.81
CA GLN C 393 14.73 2.64 -9.13
C GLN C 393 15.29 1.21 -9.16
N ILE C 394 16.33 0.94 -8.36
CA ILE C 394 16.89 -0.41 -8.30
C ILE C 394 16.06 -1.25 -7.35
N ALA C 395 15.05 -1.93 -7.89
CA ALA C 395 14.17 -2.77 -7.10
C ALA C 395 13.55 -3.81 -8.03
N PRO C 396 13.13 -4.97 -7.51
CA PRO C 396 12.48 -5.97 -8.36
C PRO C 396 11.16 -5.48 -8.92
N GLY C 397 11.10 -5.29 -10.24
CA GLY C 397 9.90 -4.81 -10.89
C GLY C 397 9.76 -3.30 -10.99
N GLN C 398 10.70 -2.54 -10.42
CA GLN C 398 10.61 -1.09 -10.48
C GLN C 398 10.94 -0.60 -11.90
N THR C 399 10.15 0.37 -12.37
CA THR C 399 10.32 0.95 -13.69
C THR C 399 10.76 2.41 -13.55
N GLY C 400 11.88 2.75 -14.17
CA GLY C 400 12.40 4.12 -14.13
C GLY C 400 13.25 4.39 -15.34
N ASN C 401 14.37 5.10 -15.12
CA ASN C 401 15.32 5.39 -16.19
C ASN C 401 16.51 4.44 -16.19
N ILE C 402 17.19 4.29 -15.05
CA ILE C 402 18.27 3.32 -14.94
C ILE C 402 17.73 1.89 -14.99
N ALA C 403 16.58 1.66 -14.34
CA ALA C 403 16.02 0.31 -14.26
C ALA C 403 15.51 -0.21 -15.60
N ASP C 404 15.31 0.67 -16.59
CA ASP C 404 14.81 0.25 -17.88
C ASP C 404 15.90 0.06 -18.93
N TYR C 405 16.97 0.85 -18.88
CA TYR C 405 18.00 0.82 -19.91
C TYR C 405 19.36 0.35 -19.42
N ASN C 406 19.72 0.63 -18.15
CA ASN C 406 21.06 0.35 -17.66
C ASN C 406 21.14 -0.97 -16.90
N TYR C 407 20.32 -1.13 -15.86
CA TYR C 407 20.36 -2.34 -15.03
C TYR C 407 18.94 -2.69 -14.64
N LYS C 408 18.42 -3.78 -15.17
CA LYS C 408 17.04 -4.21 -14.95
C LYS C 408 17.03 -5.45 -14.06
N LEU C 409 16.19 -5.40 -12.99
CA LEU C 409 16.04 -6.51 -12.07
C LEU C 409 14.83 -7.36 -12.45
N PRO C 410 14.93 -8.68 -12.29
CA PRO C 410 13.81 -9.57 -12.64
C PRO C 410 12.71 -9.51 -11.58
N ASP C 411 11.65 -10.27 -11.84
CA ASP C 411 10.52 -10.32 -10.91
C ASP C 411 10.92 -10.93 -9.58
N ASP C 412 11.68 -12.02 -9.60
CA ASP C 412 12.23 -12.62 -8.39
C ASP C 412 13.75 -12.47 -8.42
N PHE C 413 14.32 -11.99 -7.31
CA PHE C 413 15.74 -11.67 -7.25
C PHE C 413 16.52 -12.58 -6.32
N THR C 414 15.87 -13.16 -5.31
CA THR C 414 16.50 -14.04 -4.32
C THR C 414 17.68 -13.35 -3.63
N GLY C 415 17.36 -12.27 -2.94
CA GLY C 415 18.35 -11.42 -2.30
C GLY C 415 17.85 -9.99 -2.30
N CYS C 416 18.79 -9.06 -2.11
CA CYS C 416 18.45 -7.64 -2.14
C CYS C 416 19.71 -6.84 -2.45
N VAL C 417 19.63 -5.53 -2.28
CA VAL C 417 20.70 -4.62 -2.65
C VAL C 417 21.24 -3.94 -1.40
N ILE C 418 22.46 -3.39 -1.53
CA ILE C 418 23.12 -2.65 -0.46
C ILE C 418 23.60 -1.32 -1.04
N ALA C 419 23.21 -0.23 -0.40
CA ALA C 419 23.54 1.10 -0.88
C ALA C 419 23.99 1.98 0.28
N TRP C 420 24.87 2.94 -0.03
CA TRP C 420 25.32 3.91 0.95
C TRP C 420 25.80 5.16 0.23
N ASN C 421 25.89 6.25 0.98
CA ASN C 421 26.31 7.54 0.44
C ASN C 421 27.79 7.79 0.73
N SER C 422 28.49 8.32 -0.27
CA SER C 422 29.92 8.64 -0.14
C SER C 422 30.17 9.92 -0.93
N ASN C 423 30.16 11.05 -0.23
CA ASN C 423 30.43 12.35 -0.84
C ASN C 423 31.91 12.73 -0.77
N LYS C 424 32.76 11.85 -0.23
CA LYS C 424 34.18 12.11 -0.08
C LYS C 424 35.04 11.29 -1.02
N LEU C 425 34.67 10.04 -1.29
CA LEU C 425 35.46 9.15 -2.14
C LEU C 425 35.03 9.19 -3.60
N ASP C 426 34.00 9.97 -3.95
CA ASP C 426 33.52 10.07 -5.32
C ASP C 426 33.29 11.50 -5.77
N SER C 427 33.69 12.49 -4.98
CA SER C 427 33.53 13.90 -5.32
C SER C 427 34.86 14.61 -5.18
N LYS C 428 35.23 15.37 -6.20
CA LYS C 428 36.47 16.13 -6.21
C LYS C 428 36.16 17.63 -6.26
N VAL C 429 37.20 18.43 -5.99
CA VAL C 429 37.04 19.88 -6.04
C VAL C 429 36.70 20.33 -7.47
N SER C 430 37.39 19.77 -8.46
CA SER C 430 37.07 20.03 -9.86
C SER C 430 35.90 19.13 -10.27
N GLY C 431 35.56 19.16 -11.55
CA GLY C 431 34.46 18.35 -12.04
C GLY C 431 34.86 16.89 -12.13
N ASN C 432 34.08 16.03 -11.48
CA ASN C 432 34.32 14.58 -11.48
C ASN C 432 33.29 13.95 -12.41
N TYR C 433 33.64 13.85 -13.70
CA TYR C 433 32.75 13.33 -14.72
C TYR C 433 33.18 11.94 -15.19
N ASN C 434 33.69 11.12 -14.27
CA ASN C 434 34.20 9.80 -14.60
C ASN C 434 33.11 8.73 -14.66
N TYR C 435 31.87 9.07 -14.34
CA TYR C 435 30.76 8.12 -14.32
C TYR C 435 29.74 8.49 -15.39
N LEU C 436 29.38 7.53 -16.21
CA LEU C 436 28.39 7.73 -17.27
C LEU C 436 27.38 6.60 -17.26
N TYR C 437 26.20 6.88 -17.83
CA TYR C 437 25.13 5.90 -17.90
C TYR C 437 24.40 6.06 -19.23
N ARG C 438 23.92 4.95 -19.77
CA ARG C 438 23.19 4.96 -21.04
C ARG C 438 21.79 5.51 -20.82
N LEU C 439 21.41 6.49 -21.65
CA LEU C 439 20.10 7.12 -21.56
C LEU C 439 19.18 6.80 -22.73
N PHE C 440 19.73 6.46 -23.89
CA PHE C 440 18.95 6.18 -25.09
C PHE C 440 19.11 4.72 -25.49
N ARG C 441 18.00 4.09 -25.84
CA ARG C 441 18.04 2.69 -26.29
C ARG C 441 16.88 2.46 -27.24
N LYS C 442 17.08 1.51 -28.16
CA LYS C 442 16.03 1.15 -29.12
C LYS C 442 14.83 0.52 -28.42
N SER C 443 15.08 -0.34 -27.43
CA SER C 443 14.02 -1.05 -26.73
C SER C 443 14.45 -1.24 -25.28
N ASN C 444 13.74 -2.13 -24.58
CA ASN C 444 14.02 -2.40 -23.17
C ASN C 444 15.27 -3.26 -23.03
N LEU C 445 15.67 -3.51 -21.79
CA LEU C 445 16.88 -4.27 -21.48
C LEU C 445 16.52 -5.57 -20.80
N LYS C 446 17.12 -6.66 -21.26
CA LYS C 446 16.94 -7.95 -20.61
C LYS C 446 17.58 -7.93 -19.22
N PRO C 447 16.94 -8.54 -18.22
CA PRO C 447 17.55 -8.58 -16.88
C PRO C 447 18.84 -9.39 -16.86
N PHE C 448 19.74 -8.98 -15.95
CA PHE C 448 21.00 -9.67 -15.67
C PHE C 448 21.89 -9.78 -16.92
N GLU C 449 21.97 -8.70 -17.69
CA GLU C 449 22.92 -8.62 -18.79
C GLU C 449 23.19 -7.15 -19.08
N ARG C 450 24.43 -6.86 -19.47
CA ARG C 450 24.85 -5.50 -19.81
C ARG C 450 25.14 -5.42 -21.30
N ASP C 451 24.61 -4.40 -21.95
CA ASP C 451 24.81 -4.19 -23.39
C ASP C 451 25.72 -2.97 -23.56
N ILE C 452 27.03 -3.22 -23.53
CA ILE C 452 28.01 -2.16 -23.76
C ILE C 452 28.18 -2.02 -25.27
N SER C 453 27.64 -0.92 -25.82
CA SER C 453 27.67 -0.69 -27.26
C SER C 453 27.62 0.82 -27.48
N THR C 454 28.78 1.40 -27.80
CA THR C 454 28.89 2.83 -28.04
C THR C 454 28.43 3.12 -29.47
N GLU C 455 27.12 3.15 -29.64
CA GLU C 455 26.49 3.35 -30.94
C GLU C 455 25.57 4.57 -30.89
N ILE C 456 25.50 5.29 -32.01
CA ILE C 456 24.63 6.45 -32.11
C ILE C 456 23.18 5.98 -32.19
N TYR C 457 22.33 6.53 -31.32
CA TYR C 457 20.90 6.28 -31.39
C TYR C 457 20.27 7.29 -32.34
N GLN C 458 19.55 6.78 -33.34
CA GLN C 458 18.90 7.62 -34.34
C GLN C 458 17.42 7.76 -33.98
N ALA C 459 16.92 8.99 -34.02
CA ALA C 459 15.53 9.29 -33.71
C ALA C 459 14.70 9.53 -34.97
N GLY C 460 15.23 10.29 -35.92
CA GLY C 460 14.51 10.57 -37.15
C GLY C 460 14.57 9.42 -38.14
N ASN C 461 13.92 9.64 -39.29
CA ASN C 461 13.91 8.62 -40.32
C ASN C 461 15.27 8.43 -40.97
N LYS C 462 16.04 9.51 -41.09
CA LYS C 462 17.35 9.41 -41.72
C LYS C 462 18.34 8.73 -40.77
N PRO C 463 19.27 7.94 -41.30
CA PRO C 463 20.32 7.35 -40.47
C PRO C 463 21.56 8.23 -40.42
N CYS C 464 22.47 7.88 -39.51
CA CYS C 464 23.72 8.58 -39.34
C CYS C 464 24.88 7.61 -39.40
N ASN C 465 25.95 8.00 -40.09
CA ASN C 465 27.16 7.17 -40.20
C ASN C 465 28.18 7.57 -39.14
N GLY C 466 27.79 7.36 -37.89
CA GLY C 466 28.63 7.72 -36.75
C GLY C 466 28.86 9.21 -36.59
N VAL C 467 27.86 10.03 -36.91
CA VAL C 467 27.95 11.47 -36.79
C VAL C 467 26.75 11.96 -35.99
N ALA C 468 27.00 12.67 -34.90
CA ALA C 468 25.94 13.25 -34.08
C ALA C 468 25.53 14.57 -34.72
N GLY C 469 24.44 14.55 -35.48
CA GLY C 469 24.01 15.71 -36.22
C GLY C 469 22.72 16.35 -35.73
N PHE C 470 21.63 16.09 -36.45
CA PHE C 470 20.35 16.76 -36.17
C PHE C 470 19.48 15.94 -35.23
N ASN C 471 19.14 14.72 -35.61
CA ASN C 471 18.30 13.83 -34.80
C ASN C 471 19.07 12.65 -34.25
N CYS C 472 20.39 12.66 -34.36
CA CYS C 472 21.23 11.54 -33.93
C CYS C 472 21.96 11.92 -32.65
N TYR C 473 21.72 11.17 -31.57
CA TYR C 473 22.28 11.46 -30.26
C TYR C 473 22.97 10.23 -29.71
N PHE C 474 23.79 10.44 -28.64
CA PHE C 474 24.49 9.38 -27.94
C PHE C 474 23.77 9.02 -26.65
N PRO C 475 23.77 7.73 -26.27
CA PRO C 475 23.08 7.32 -25.04
C PRO C 475 23.81 7.70 -23.75
N LEU C 476 25.15 7.65 -23.77
CA LEU C 476 25.93 7.84 -22.55
C LEU C 476 25.92 9.30 -22.13
N ARG C 477 25.47 9.56 -20.90
CA ARG C 477 25.47 10.89 -20.32
C ARG C 477 26.19 10.85 -18.97
N SER C 478 26.94 11.92 -18.69
CA SER C 478 27.76 11.97 -17.49
C SER C 478 26.94 12.47 -16.29
N TYR C 479 27.53 12.33 -15.10
CA TYR C 479 26.93 12.75 -13.85
C TYR C 479 27.75 13.87 -13.23
N SER C 480 27.08 14.89 -12.73
CA SER C 480 27.73 16.02 -12.07
C SER C 480 27.83 15.72 -10.58
N PHE C 481 29.05 15.57 -10.08
CA PHE C 481 29.29 15.22 -8.69
C PHE C 481 30.26 16.23 -8.08
N ARG C 482 29.79 16.96 -7.07
CA ARG C 482 30.59 17.93 -6.34
C ARG C 482 30.31 17.78 -4.85
N PRO C 483 31.30 18.05 -3.99
CA PRO C 483 31.04 17.97 -2.54
C PRO C 483 30.05 19.00 -2.04
N THR C 484 29.86 20.12 -2.74
CA THR C 484 28.92 21.15 -2.35
C THR C 484 27.51 20.91 -2.88
N TYR C 485 27.30 19.83 -3.64
CA TYR C 485 25.99 19.57 -4.21
C TYR C 485 25.02 19.07 -3.14
N GLY C 486 23.73 19.11 -3.47
CA GLY C 486 22.68 18.68 -2.56
C GLY C 486 22.59 17.17 -2.48
N VAL C 487 21.64 16.73 -1.63
CA VAL C 487 21.49 15.29 -1.36
C VAL C 487 21.04 14.56 -2.62
N GLY C 488 20.20 15.19 -3.44
CA GLY C 488 19.77 14.58 -4.69
C GLY C 488 20.87 14.42 -5.71
N HIS C 489 21.95 15.21 -5.59
CA HIS C 489 23.09 15.12 -6.48
C HIS C 489 24.29 14.40 -5.86
N GLN C 490 24.15 13.88 -4.64
CA GLN C 490 25.25 13.14 -4.03
C GLN C 490 25.43 11.79 -4.72
N PRO C 491 26.67 11.34 -4.87
CA PRO C 491 26.90 10.01 -5.46
C PRO C 491 26.62 8.91 -4.45
N TYR C 492 25.85 7.91 -4.87
CA TYR C 492 25.46 6.80 -4.03
C TYR C 492 26.16 5.53 -4.50
N ARG C 493 26.92 4.90 -3.61
CA ARG C 493 27.61 3.65 -3.92
C ARG C 493 26.65 2.50 -3.66
N VAL C 494 26.25 1.81 -4.73
CA VAL C 494 25.25 0.74 -4.65
C VAL C 494 25.89 -0.54 -5.14
N VAL C 495 25.77 -1.60 -4.33
CA VAL C 495 26.24 -2.93 -4.70
C VAL C 495 25.08 -3.91 -4.51
N VAL C 496 24.94 -4.83 -5.47
CA VAL C 496 23.87 -5.81 -5.43
C VAL C 496 24.46 -7.17 -5.05
N LEU C 497 23.71 -7.92 -4.26
CA LEU C 497 24.10 -9.25 -3.82
C LEU C 497 22.95 -10.21 -4.06
N SER C 498 23.23 -11.32 -4.73
CA SER C 498 22.23 -12.33 -5.06
C SER C 498 22.54 -13.62 -4.32
N PHE C 499 21.51 -14.22 -3.74
CA PHE C 499 21.64 -15.43 -2.93
C PHE C 499 20.68 -16.51 -3.41
N GLU C 500 20.67 -16.76 -4.72
CA GLU C 500 19.80 -17.81 -5.27
C GLU C 500 20.29 -19.19 -4.82
N LEU C 501 19.35 -20.09 -4.60
CA LEU C 501 19.65 -21.43 -4.09
C LEU C 501 19.76 -22.40 -5.26
N LEU C 502 20.85 -23.14 -5.32
CA LEU C 502 21.11 -24.10 -6.38
C LEU C 502 21.16 -25.52 -5.83
N HIS C 503 21.09 -26.48 -6.75
CA HIS C 503 21.30 -27.88 -6.43
C HIS C 503 22.77 -28.25 -6.36
N ALA C 504 23.66 -27.35 -6.76
CA ALA C 504 25.09 -27.60 -6.70
C ALA C 504 25.57 -27.58 -5.25
N PRO C 505 26.70 -28.23 -4.96
CA PRO C 505 27.28 -28.13 -3.61
C PRO C 505 27.66 -26.70 -3.26
N ALA C 506 27.02 -26.18 -2.21
CA ALA C 506 27.22 -24.80 -1.83
C ALA C 506 28.57 -24.60 -1.15
N THR C 507 29.20 -23.46 -1.42
CA THR C 507 30.55 -23.19 -0.94
C THR C 507 30.69 -21.94 -0.10
N VAL C 508 29.70 -21.05 -0.07
CA VAL C 508 29.83 -19.77 0.63
C VAL C 508 28.81 -19.66 1.76
N CYS C 509 28.49 -20.80 2.39
CA CYS C 509 27.47 -20.82 3.43
C CYS C 509 27.89 -20.01 4.65
N GLY C 510 29.16 -20.11 5.07
CA GLY C 510 29.65 -19.31 6.16
C GLY C 510 29.88 -20.10 7.43
N PRO C 511 30.23 -19.39 8.51
CA PRO C 511 30.54 -20.08 9.78
C PRO C 511 29.27 -20.50 10.51
N LYS C 512 29.15 -21.81 10.77
CA LYS C 512 28.04 -22.33 11.56
C LYS C 512 28.48 -23.39 12.55
N LYS C 513 29.74 -23.30 13.01
CA LYS C 513 30.36 -24.24 13.95
C LYS C 513 30.35 -25.67 13.43
N SER C 514 30.61 -26.63 14.32
CA SER C 514 30.65 -28.03 13.92
C SER C 514 30.43 -28.90 15.16
N THR C 515 30.05 -30.15 14.91
CA THR C 515 29.81 -31.11 15.98
C THR C 515 29.95 -32.51 15.41
N ASN C 516 29.88 -33.50 16.29
CA ASN C 516 29.98 -34.89 15.88
C ASN C 516 28.64 -35.37 15.29
N LEU C 517 28.60 -36.65 14.93
CA LEU C 517 27.43 -37.24 14.30
C LEU C 517 26.84 -38.31 15.22
N VAL C 518 25.52 -38.30 15.37
CA VAL C 518 24.80 -39.29 16.15
C VAL C 518 23.96 -40.12 15.20
N LYS C 519 23.72 -41.38 15.57
CA LYS C 519 23.01 -42.33 14.72
C LYS C 519 21.85 -42.93 15.49
N ASN C 520 20.82 -43.36 14.74
CA ASN C 520 19.65 -44.08 15.23
C ASN C 520 18.85 -43.26 16.24
N LYS C 521 18.93 -41.93 16.19
CA LYS C 521 18.17 -41.07 17.09
C LYS C 521 17.41 -40.04 16.26
N CYS C 522 16.13 -39.87 16.55
CA CYS C 522 15.31 -38.85 15.89
C CYS C 522 15.69 -37.49 16.46
N VAL C 523 16.60 -36.80 15.79
CA VAL C 523 17.16 -35.54 16.27
C VAL C 523 17.04 -34.49 15.18
N ASN C 524 16.90 -33.23 15.61
CA ASN C 524 16.91 -32.13 14.67
C ASN C 524 18.32 -31.87 14.15
N PHE C 525 18.42 -31.44 12.90
CA PHE C 525 19.71 -31.24 12.27
C PHE C 525 19.61 -30.14 11.22
N ASN C 526 20.77 -29.59 10.85
CA ASN C 526 20.87 -28.54 9.84
C ASN C 526 22.00 -28.94 8.90
N PHE C 527 21.67 -29.70 7.86
CA PHE C 527 22.65 -30.19 6.89
C PHE C 527 22.61 -29.29 5.66
N ASN C 528 23.60 -28.40 5.55
CA ASN C 528 23.74 -27.48 4.43
C ASN C 528 22.50 -26.63 4.21
N GLY C 529 21.92 -26.12 5.31
CA GLY C 529 20.73 -25.30 5.25
C GLY C 529 19.42 -26.05 5.15
N LEU C 530 19.46 -27.38 5.16
CA LEU C 530 18.25 -28.20 5.04
C LEU C 530 17.88 -28.68 6.44
N LYS C 531 16.90 -28.01 7.05
CA LYS C 531 16.43 -28.38 8.38
C LYS C 531 15.53 -29.61 8.31
N GLY C 532 15.63 -30.44 9.34
CA GLY C 532 14.81 -31.64 9.41
C GLY C 532 15.01 -32.33 10.74
N THR C 533 14.18 -33.35 10.97
CA THR C 533 14.24 -34.14 12.19
C THR C 533 13.95 -35.60 11.86
N GLY C 534 14.86 -36.49 12.24
CA GLY C 534 14.67 -37.90 11.98
C GLY C 534 15.88 -38.68 12.40
N VAL C 535 15.82 -39.99 12.17
CA VAL C 535 16.95 -40.86 12.47
C VAL C 535 17.95 -40.83 11.31
N LEU C 536 19.22 -41.08 11.63
CA LEU C 536 20.31 -40.98 10.66
C LEU C 536 21.03 -42.32 10.65
N THR C 537 20.59 -43.23 9.78
CA THR C 537 21.11 -44.59 9.72
C THR C 537 21.80 -44.84 8.38
N GLU C 538 22.28 -46.07 8.22
CA GLU C 538 22.93 -46.50 6.99
C GLU C 538 21.89 -46.87 5.93
N SER C 539 22.37 -47.08 4.71
CA SER C 539 21.50 -47.48 3.61
C SER C 539 22.32 -48.23 2.57
N ASN C 540 21.62 -49.01 1.76
CA ASN C 540 22.24 -49.79 0.69
C ASN C 540 22.18 -49.10 -0.67
N LYS C 541 21.65 -47.87 -0.73
CA LYS C 541 21.51 -47.16 -1.99
C LYS C 541 22.83 -46.51 -2.35
N LYS C 542 23.45 -46.97 -3.44
CA LYS C 542 24.69 -46.37 -3.91
C LYS C 542 24.41 -45.05 -4.62
N PHE C 543 25.29 -44.08 -4.42
CA PHE C 543 25.14 -42.75 -4.99
C PHE C 543 26.21 -42.51 -6.05
N LEU C 544 25.79 -41.92 -7.17
CA LEU C 544 26.73 -41.45 -8.18
C LEU C 544 27.53 -40.27 -7.63
N PRO C 545 28.76 -40.07 -8.11
CA PRO C 545 29.61 -39.01 -7.52
C PRO C 545 29.03 -37.61 -7.60
N PHE C 546 28.21 -37.31 -8.62
CA PHE C 546 27.64 -35.97 -8.73
C PHE C 546 26.36 -35.81 -7.93
N GLN C 547 25.81 -36.89 -7.37
CA GLN C 547 24.53 -36.83 -6.65
C GLN C 547 24.77 -36.33 -5.22
N GLN C 548 24.11 -35.24 -4.86
CA GLN C 548 24.25 -34.64 -3.53
C GLN C 548 23.15 -35.10 -2.58
N PHE C 549 21.89 -34.82 -2.92
CA PHE C 549 20.78 -35.17 -2.05
C PHE C 549 19.63 -35.70 -2.89
N GLY C 550 18.85 -36.62 -2.31
CA GLY C 550 17.75 -37.25 -3.00
C GLY C 550 16.40 -36.67 -2.62
N ARG C 551 15.37 -37.19 -3.28
CA ARG C 551 13.99 -36.77 -3.03
C ARG C 551 13.07 -37.98 -3.21
N ASP C 552 11.96 -37.96 -2.48
CA ASP C 552 10.96 -39.01 -2.57
C ASP C 552 9.90 -38.64 -3.60
N ILE C 553 8.77 -39.36 -3.59
CA ILE C 553 7.65 -39.03 -4.46
C ILE C 553 7.09 -37.65 -4.10
N ALA C 554 7.00 -37.35 -2.80
CA ALA C 554 6.48 -36.07 -2.32
C ALA C 554 7.51 -34.94 -2.42
N ASP C 555 8.63 -35.15 -3.11
CA ASP C 555 9.72 -34.19 -3.30
C ASP C 555 10.39 -33.80 -1.99
N THR C 556 10.12 -34.50 -0.90
CA THR C 556 10.81 -34.27 0.36
C THR C 556 12.15 -34.99 0.34
N THR C 557 13.17 -34.35 0.92
CA THR C 557 14.50 -34.94 0.96
C THR C 557 14.48 -36.20 1.83
N ASP C 558 15.09 -37.27 1.31
CA ASP C 558 15.20 -38.53 2.04
C ASP C 558 16.63 -39.01 2.22
N ALA C 559 17.58 -38.43 1.50
CA ALA C 559 18.99 -38.79 1.64
C ALA C 559 19.84 -37.59 1.26
N VAL C 560 21.10 -37.60 1.70
CA VAL C 560 21.99 -36.49 1.39
C VAL C 560 23.44 -36.84 1.61
N ARG C 561 24.31 -36.34 0.75
CA ARG C 561 25.74 -36.59 0.91
C ARG C 561 26.25 -35.68 2.02
N ASP C 562 26.91 -36.25 3.01
CA ASP C 562 27.38 -35.45 4.14
C ASP C 562 28.22 -34.28 3.66
N PRO C 563 27.98 -33.09 4.21
CA PRO C 563 28.69 -31.89 3.77
C PRO C 563 30.19 -32.07 3.61
N GLN C 564 30.88 -32.55 4.63
CA GLN C 564 32.33 -32.68 4.55
C GLN C 564 32.78 -34.10 4.26
N THR C 565 31.86 -34.96 3.86
CA THR C 565 32.21 -36.33 3.50
C THR C 565 31.15 -37.03 2.66
N LEU C 566 31.56 -37.69 1.59
CA LEU C 566 30.60 -38.42 0.76
C LEU C 566 29.94 -39.50 1.59
N GLU C 567 28.63 -39.39 1.79
CA GLU C 567 27.94 -40.35 2.64
C GLU C 567 26.48 -40.52 2.27
N ILE C 568 25.85 -41.59 2.74
CA ILE C 568 24.43 -41.79 2.49
C ILE C 568 23.68 -41.87 3.80
N LEU C 569 22.99 -40.79 4.16
CA LEU C 569 22.26 -40.76 5.42
C LEU C 569 20.75 -40.74 5.13
N ASP C 570 19.96 -40.72 6.19
CA ASP C 570 18.51 -40.82 6.09
C ASP C 570 17.89 -39.50 6.54
N ILE C 571 17.19 -38.83 5.63
CA ILE C 571 16.36 -37.68 5.96
C ILE C 571 14.91 -38.10 6.18
N THR C 572 14.62 -39.39 6.04
CA THR C 572 13.29 -39.93 6.23
C THR C 572 12.84 -39.73 7.69
N PRO C 573 11.54 -39.54 7.93
CA PRO C 573 11.07 -39.22 9.28
C PRO C 573 11.22 -40.40 10.24
N CYS C 574 11.29 -40.06 11.52
CA CYS C 574 11.52 -41.03 12.58
C CYS C 574 10.19 -41.68 12.99
N SER C 575 10.20 -42.37 14.13
CA SER C 575 9.02 -43.09 14.59
C SER C 575 7.89 -42.14 14.92
N PHE C 576 6.68 -42.53 14.51
CA PHE C 576 5.48 -41.73 14.73
C PHE C 576 4.28 -42.66 14.74
N GLY C 577 3.18 -42.17 15.31
CA GLY C 577 1.96 -42.94 15.35
C GLY C 577 0.87 -42.17 16.06
N GLY C 578 -0.35 -42.70 15.95
CA GLY C 578 -1.50 -42.13 16.62
C GLY C 578 -1.90 -42.99 17.81
N VAL C 579 -2.06 -42.33 18.96
CA VAL C 579 -2.40 -43.01 20.19
C VAL C 579 -3.92 -43.13 20.30
N SER C 580 -4.39 -44.30 20.71
CA SER C 580 -5.80 -44.57 20.89
C SER C 580 -6.07 -45.04 22.31
N VAL C 581 -7.20 -44.62 22.86
CA VAL C 581 -7.58 -44.94 24.23
C VAL C 581 -8.86 -45.75 24.21
N ILE C 582 -8.85 -46.89 24.91
CA ILE C 582 -10.01 -47.76 25.02
C ILE C 582 -10.41 -47.83 26.48
N THR C 583 -11.65 -47.46 26.78
CA THR C 583 -12.14 -47.44 28.15
C THR C 583 -13.64 -47.71 28.13
N PRO C 584 -14.18 -48.30 29.20
CA PRO C 584 -15.63 -48.42 29.32
C PRO C 584 -16.27 -47.12 29.80
N GLY C 585 -17.57 -47.14 30.05
CA GLY C 585 -18.24 -45.95 30.53
C GLY C 585 -17.80 -45.56 31.94
N THR C 586 -17.86 -44.26 32.21
CA THR C 586 -17.45 -43.75 33.52
C THR C 586 -18.37 -44.19 34.64
N ASN C 587 -19.61 -44.56 34.32
CA ASN C 587 -20.53 -45.05 35.35
C ASN C 587 -20.10 -46.42 35.87
N THR C 588 -19.37 -47.19 35.06
CA THR C 588 -18.93 -48.52 35.46
C THR C 588 -17.54 -48.49 36.09
N SER C 589 -16.54 -47.98 35.37
CA SER C 589 -15.17 -47.96 35.86
C SER C 589 -14.43 -46.83 35.15
N ASN C 590 -13.18 -46.62 35.57
CA ASN C 590 -12.34 -45.57 34.99
C ASN C 590 -11.02 -46.10 34.43
N GLN C 591 -10.80 -47.41 34.42
CA GLN C 591 -9.57 -47.96 33.88
C GLN C 591 -9.52 -47.78 32.37
N VAL C 592 -8.32 -47.55 31.84
CA VAL C 592 -8.12 -47.25 30.44
C VAL C 592 -7.07 -48.18 29.85
N ALA C 593 -7.09 -48.30 28.53
CA ALA C 593 -6.11 -49.06 27.78
C ALA C 593 -5.50 -48.16 26.72
N VAL C 594 -4.17 -48.17 26.62
CA VAL C 594 -3.44 -47.31 25.69
C VAL C 594 -3.05 -48.14 24.47
N LEU C 595 -3.39 -47.64 23.30
CA LEU C 595 -3.13 -48.33 22.04
C LEU C 595 -2.35 -47.42 21.10
N TYR C 596 -1.37 -48.01 20.40
CA TYR C 596 -0.61 -47.31 19.38
C TYR C 596 -0.89 -47.97 18.04
N GLN C 597 -1.16 -47.16 17.02
CA GLN C 597 -1.67 -47.64 15.74
C GLN C 597 -0.52 -47.93 14.78
N GLY C 598 -0.36 -49.20 14.42
CA GLY C 598 0.54 -49.59 13.35
C GLY C 598 2.01 -49.59 13.69
N VAL C 599 2.38 -49.36 14.93
CA VAL C 599 3.78 -49.29 15.34
C VAL C 599 3.99 -50.17 16.57
N ASN C 600 4.97 -51.07 16.49
CA ASN C 600 5.37 -51.84 17.66
C ASN C 600 6.03 -50.91 18.67
N CYS C 601 5.60 -51.02 19.94
CA CYS C 601 6.03 -50.09 20.99
C CYS C 601 7.31 -50.53 21.67
N THR C 602 8.16 -51.30 21.00
CA THR C 602 9.47 -51.63 21.54
C THR C 602 10.40 -50.42 21.59
N GLU C 603 10.13 -49.39 20.78
CA GLU C 603 10.92 -48.17 20.75
C GLU C 603 10.18 -46.99 21.38
N VAL C 604 9.21 -47.27 22.25
CA VAL C 604 8.42 -46.24 22.88
C VAL C 604 9.28 -45.41 23.85
N ASN C 625 1.80 -55.90 31.18
CA ASN C 625 0.54 -56.05 30.46
C ASN C 625 0.63 -55.48 29.05
N VAL C 626 1.57 -56.01 28.27
CA VAL C 626 1.80 -55.58 26.90
C VAL C 626 1.46 -56.73 25.96
N PHE C 627 0.51 -56.49 25.07
CA PHE C 627 0.09 -57.47 24.07
C PHE C 627 0.25 -56.88 22.68
N GLN C 628 0.70 -57.69 21.74
CA GLN C 628 1.00 -57.26 20.38
C GLN C 628 -0.05 -57.78 19.41
N THR C 629 -0.61 -56.88 18.61
CA THR C 629 -1.58 -57.20 17.58
C THR C 629 -1.06 -56.72 16.23
N ARG C 630 -1.87 -56.95 15.18
CA ARG C 630 -1.50 -56.48 13.85
C ARG C 630 -1.60 -54.96 13.76
N ALA C 631 -2.62 -54.38 14.40
CA ALA C 631 -2.81 -52.94 14.39
C ALA C 631 -1.84 -52.20 15.30
N GLY C 632 -1.08 -52.91 16.13
CA GLY C 632 -0.15 -52.28 17.05
C GLY C 632 -0.04 -53.04 18.35
N CYS C 633 0.24 -52.32 19.44
CA CYS C 633 0.33 -52.93 20.76
C CYS C 633 -0.67 -52.27 21.71
N LEU C 634 -1.17 -53.06 22.65
CA LEU C 634 -2.13 -52.60 23.64
C LEU C 634 -1.48 -52.59 25.01
N ILE C 635 -1.59 -51.47 25.71
CA ILE C 635 -0.99 -51.28 27.02
C ILE C 635 -2.10 -51.23 28.06
N GLY C 636 -1.95 -52.02 29.13
CA GLY C 636 -2.93 -52.08 30.19
C GLY C 636 -3.99 -53.15 30.04
N ALA C 637 -3.91 -53.98 29.01
CA ALA C 637 -4.86 -55.05 28.78
C ALA C 637 -4.14 -56.39 28.67
N GLU C 638 -4.70 -57.41 29.31
CA GLU C 638 -4.12 -58.75 29.31
C GLU C 638 -4.81 -59.61 28.26
N TYR C 639 -4.05 -60.57 27.72
CA TYR C 639 -4.56 -61.45 26.69
C TYR C 639 -5.29 -62.64 27.33
N VAL C 640 -6.49 -62.93 26.84
CA VAL C 640 -7.31 -64.02 27.34
C VAL C 640 -7.60 -64.96 26.17
N ASN C 641 -7.40 -66.26 26.38
CA ASN C 641 -7.63 -67.25 25.34
C ASN C 641 -9.10 -67.60 25.16
N ASN C 642 -9.98 -67.11 26.04
CA ASN C 642 -11.40 -67.39 25.91
C ASN C 642 -12.01 -66.57 24.77
N SER C 643 -13.21 -66.96 24.36
CA SER C 643 -13.90 -66.33 23.24
C SER C 643 -15.17 -65.66 23.74
N TYR C 644 -15.35 -64.40 23.37
CA TYR C 644 -16.54 -63.64 23.71
C TYR C 644 -16.95 -62.78 22.51
N GLU C 645 -18.18 -62.31 22.53
CA GLU C 645 -18.66 -61.41 21.49
C GLU C 645 -17.96 -60.06 21.59
N CYS C 646 -17.80 -59.40 20.45
CA CYS C 646 -17.09 -58.13 20.39
C CYS C 646 -17.90 -57.03 21.05
N ASP C 647 -17.22 -56.23 21.89
CA ASP C 647 -17.83 -55.07 22.53
C ASP C 647 -17.19 -53.77 22.07
N ILE C 648 -15.88 -53.64 22.18
CA ILE C 648 -15.13 -52.49 21.71
C ILE C 648 -14.22 -52.96 20.58
N PRO C 649 -14.41 -52.48 19.35
CA PRO C 649 -13.57 -52.93 18.23
C PRO C 649 -12.15 -52.38 18.35
N ILE C 650 -11.18 -53.28 18.32
CA ILE C 650 -9.77 -52.92 18.36
C ILE C 650 -9.17 -52.88 16.96
N GLY C 651 -9.35 -53.94 16.19
CA GLY C 651 -8.80 -54.04 14.85
C GLY C 651 -8.14 -55.38 14.63
N ALA C 652 -8.19 -55.84 13.38
CA ALA C 652 -7.61 -57.13 12.96
C ALA C 652 -8.17 -58.29 13.77
N GLY C 653 -9.47 -58.24 14.06
CA GLY C 653 -10.15 -59.30 14.77
C GLY C 653 -10.02 -59.26 16.28
N ILE C 654 -9.31 -58.29 16.83
CA ILE C 654 -9.17 -58.16 18.27
C ILE C 654 -10.30 -57.29 18.80
N CYS C 655 -10.81 -57.62 19.98
CA CYS C 655 -11.85 -56.85 20.64
C CYS C 655 -11.57 -56.79 22.13
N ALA C 656 -11.79 -55.63 22.73
CA ALA C 656 -11.52 -55.38 24.14
C ALA C 656 -12.82 -55.32 24.92
N SER C 657 -12.84 -55.96 26.09
CA SER C 657 -14.00 -55.97 26.95
C SER C 657 -13.56 -55.74 28.39
N TYR C 658 -14.50 -55.27 29.21
CA TYR C 658 -14.26 -55.01 30.62
C TYR C 658 -14.99 -56.06 31.45
N GLN C 659 -14.28 -56.65 32.40
CA GLN C 659 -14.86 -57.67 33.29
C GLN C 659 -14.24 -57.61 34.67
N SER C 671 -11.32 -55.57 35.31
CA SER C 671 -10.20 -55.12 34.51
C SER C 671 -10.53 -55.18 33.02
N ILE C 672 -9.62 -54.65 32.20
CA ILE C 672 -9.79 -54.63 30.75
C ILE C 672 -9.02 -55.80 30.16
N ILE C 673 -9.71 -56.63 29.38
CA ILE C 673 -9.12 -57.81 28.77
C ILE C 673 -9.24 -57.70 27.25
N ALA C 674 -8.20 -58.13 26.56
CA ALA C 674 -8.17 -58.16 25.10
C ALA C 674 -8.10 -59.61 24.64
N TYR C 675 -8.91 -59.96 23.65
CA TYR C 675 -9.00 -61.33 23.17
C TYR C 675 -9.38 -61.34 21.70
N THR C 676 -9.44 -62.53 21.12
CA THR C 676 -9.93 -62.72 19.76
C THR C 676 -11.44 -62.88 19.81
N MET C 677 -12.15 -62.07 19.01
CA MET C 677 -13.61 -62.06 19.04
C MET C 677 -14.17 -63.38 18.53
N SER C 678 -15.33 -63.74 19.07
CA SER C 678 -16.04 -64.96 18.69
C SER C 678 -17.10 -64.62 17.66
N LEU C 679 -17.12 -65.39 16.56
CA LEU C 679 -18.12 -65.17 15.52
C LEU C 679 -19.53 -65.47 16.03
N GLY C 680 -19.68 -66.51 16.82
CA GLY C 680 -20.98 -66.86 17.36
C GLY C 680 -20.94 -68.22 18.00
N ALA C 681 -22.11 -68.67 18.45
CA ALA C 681 -22.23 -69.99 19.05
C ALA C 681 -22.11 -71.07 17.99
N GLU C 682 -21.26 -72.05 18.26
CA GLU C 682 -21.06 -73.15 17.31
C GLU C 682 -22.26 -74.07 17.30
N ASN C 683 -22.75 -74.39 16.10
CA ASN C 683 -23.92 -75.27 15.95
C ASN C 683 -23.77 -75.99 14.62
N SER C 684 -23.31 -77.24 14.67
CA SER C 684 -23.16 -78.08 13.49
C SER C 684 -24.40 -78.95 13.35
N VAL C 685 -25.15 -78.76 12.26
CA VAL C 685 -26.37 -79.51 12.02
C VAL C 685 -26.01 -80.91 11.55
N ALA C 686 -26.72 -81.91 12.09
CA ALA C 686 -26.49 -83.30 11.74
C ALA C 686 -27.13 -83.58 10.39
N TYR C 687 -26.37 -83.35 9.33
CA TYR C 687 -26.87 -83.55 7.97
C TYR C 687 -26.94 -85.04 7.64
N SER C 688 -28.08 -85.47 7.13
CA SER C 688 -28.27 -86.85 6.67
C SER C 688 -29.11 -86.82 5.42
N ASN C 689 -28.85 -87.78 4.52
CA ASN C 689 -29.56 -87.88 3.26
C ASN C 689 -30.81 -88.73 3.34
N ASN C 690 -31.35 -88.93 4.54
CA ASN C 690 -32.56 -89.73 4.73
C ASN C 690 -33.60 -89.09 5.64
N SER C 691 -33.23 -88.13 6.48
CA SER C 691 -34.15 -87.55 7.45
C SER C 691 -34.11 -86.03 7.38
N ILE C 692 -35.27 -85.41 7.62
CA ILE C 692 -35.40 -83.96 7.66
C ILE C 692 -35.99 -83.58 9.02
N ALA C 693 -35.97 -82.27 9.30
CA ALA C 693 -36.52 -81.71 10.52
C ALA C 693 -37.75 -80.90 10.17
N ILE C 694 -38.91 -81.33 10.67
CA ILE C 694 -40.19 -80.66 10.43
C ILE C 694 -40.61 -79.96 11.73
N PRO C 695 -40.86 -78.65 11.70
CA PRO C 695 -41.28 -77.97 12.92
C PRO C 695 -42.66 -78.42 13.38
N THR C 696 -42.85 -78.38 14.71
CA THR C 696 -44.12 -78.74 15.31
C THR C 696 -44.80 -77.57 16.02
N ASN C 697 -44.16 -76.41 16.07
CA ASN C 697 -44.71 -75.25 16.75
C ASN C 697 -44.19 -73.98 16.09
N PHE C 698 -44.87 -72.87 16.37
CA PHE C 698 -44.51 -71.58 15.82
C PHE C 698 -44.39 -70.56 16.95
N THR C 699 -43.91 -69.37 16.59
CA THR C 699 -43.76 -68.28 17.55
C THR C 699 -43.96 -66.96 16.83
N ILE C 700 -44.94 -66.19 17.27
CA ILE C 700 -45.23 -64.88 16.68
C ILE C 700 -44.32 -63.86 17.36
N SER C 701 -43.26 -63.46 16.65
CA SER C 701 -42.26 -62.53 17.18
C SER C 701 -42.42 -61.18 16.49
N VAL C 702 -42.42 -60.12 17.28
CA VAL C 702 -42.53 -58.75 16.78
C VAL C 702 -41.19 -58.06 16.99
N THR C 703 -40.62 -57.56 15.91
CA THR C 703 -39.32 -56.89 15.93
C THR C 703 -39.46 -55.46 15.44
N THR C 704 -38.62 -54.58 15.98
CA THR C 704 -38.64 -53.17 15.62
C THR C 704 -37.63 -52.87 14.53
N GLU C 705 -37.96 -51.88 13.70
CA GLU C 705 -37.06 -51.42 12.65
C GLU C 705 -37.24 -49.91 12.52
N ILE C 706 -36.20 -49.15 12.88
CA ILE C 706 -36.24 -47.70 12.88
C ILE C 706 -35.42 -47.21 11.69
N LEU C 707 -36.04 -46.40 10.84
CA LEU C 707 -35.40 -45.82 9.67
C LEU C 707 -35.65 -44.32 9.67
N PRO C 708 -34.62 -43.49 9.53
CA PRO C 708 -34.83 -42.04 9.46
C PRO C 708 -35.60 -41.65 8.22
N VAL C 709 -36.41 -40.60 8.35
CA VAL C 709 -37.26 -40.11 7.28
C VAL C 709 -36.73 -38.80 6.70
N SER C 710 -36.54 -37.78 7.54
CA SER C 710 -36.08 -36.48 7.07
C SER C 710 -35.33 -35.78 8.19
N MET C 711 -34.42 -34.90 7.80
CA MET C 711 -33.66 -34.10 8.74
C MET C 711 -34.32 -32.74 8.93
N THR C 712 -33.78 -31.97 9.88
CA THR C 712 -34.32 -30.65 10.16
C THR C 712 -33.98 -29.69 9.02
N LYS C 713 -35.00 -29.08 8.43
CA LYS C 713 -34.79 -28.13 7.35
C LYS C 713 -34.22 -26.83 7.90
N THR C 714 -33.10 -26.38 7.32
CA THR C 714 -32.41 -25.19 7.77
C THR C 714 -32.23 -24.22 6.60
N SER C 715 -32.25 -22.93 6.93
CA SER C 715 -31.98 -21.87 5.97
C SER C 715 -30.93 -20.94 6.55
N VAL C 716 -29.94 -20.58 5.74
CA VAL C 716 -28.81 -19.77 6.18
C VAL C 716 -28.75 -18.50 5.34
N ASP C 717 -28.53 -17.38 6.02
CA ASP C 717 -28.36 -16.09 5.35
C ASP C 717 -26.87 -15.83 5.15
N CYS C 718 -26.46 -15.62 3.90
CA CYS C 718 -25.05 -15.46 3.60
C CYS C 718 -24.49 -14.17 4.17
N THR C 719 -25.18 -13.05 3.93
CA THR C 719 -24.68 -11.74 4.35
C THR C 719 -24.62 -11.63 5.87
N MET C 720 -25.69 -12.07 6.55
CA MET C 720 -25.73 -11.99 8.01
C MET C 720 -24.67 -12.87 8.65
N TYR C 721 -24.48 -14.09 8.12
CA TYR C 721 -23.50 -15.00 8.71
C TYR C 721 -22.06 -14.53 8.45
N ILE C 722 -21.79 -14.01 7.25
CA ILE C 722 -20.42 -13.68 6.90
C ILE C 722 -20.04 -12.29 7.38
N CYS C 723 -20.77 -11.27 6.91
CA CYS C 723 -20.37 -9.89 7.16
C CYS C 723 -21.13 -9.23 8.31
N GLY C 724 -22.37 -9.61 8.55
CA GLY C 724 -23.13 -9.03 9.65
C GLY C 724 -23.76 -7.70 9.31
N ASP C 725 -23.39 -6.66 10.06
CA ASP C 725 -23.99 -5.33 9.91
C ASP C 725 -23.07 -4.33 9.22
N SER C 726 -22.00 -4.80 8.58
CA SER C 726 -21.06 -3.91 7.91
C SER C 726 -21.48 -3.74 6.45
N THR C 727 -21.73 -2.48 6.06
CA THR C 727 -22.14 -2.21 4.68
C THR C 727 -20.96 -2.37 3.71
N GLU C 728 -19.77 -1.95 4.13
CA GLU C 728 -18.59 -2.09 3.27
C GLU C 728 -18.24 -3.56 3.05
N CYS C 729 -18.43 -4.40 4.07
CA CYS C 729 -18.23 -5.83 3.89
C CYS C 729 -19.21 -6.40 2.89
N SER C 730 -20.47 -5.96 2.93
CA SER C 730 -21.46 -6.42 1.95
C SER C 730 -21.10 -5.96 0.55
N ASN C 731 -20.60 -4.72 0.42
CA ASN C 731 -20.17 -4.22 -0.88
C ASN C 731 -19.00 -5.03 -1.43
N LEU C 732 -18.06 -5.39 -0.55
CA LEU C 732 -16.94 -6.22 -0.99
C LEU C 732 -17.39 -7.64 -1.35
N LEU C 733 -18.37 -8.16 -0.63
CA LEU C 733 -18.87 -9.51 -0.89
C LEU C 733 -19.69 -9.56 -2.17
N LEU C 734 -20.32 -8.44 -2.55
CA LEU C 734 -21.13 -8.41 -3.78
C LEU C 734 -20.30 -8.61 -5.04
N GLN C 735 -18.98 -8.40 -4.98
CA GLN C 735 -18.12 -8.61 -6.13
C GLN C 735 -17.70 -10.08 -6.28
N TYR C 736 -18.06 -10.95 -5.34
CA TYR C 736 -17.65 -12.34 -5.40
C TYR C 736 -18.51 -13.19 -6.33
N GLY C 737 -19.64 -12.66 -6.81
CA GLY C 737 -20.50 -13.41 -7.71
C GLY C 737 -21.82 -13.81 -7.10
N SER C 738 -22.20 -15.07 -7.28
CA SER C 738 -23.47 -15.59 -6.80
C SER C 738 -23.26 -16.85 -5.97
N PHE C 739 -22.25 -16.82 -5.09
CA PHE C 739 -22.04 -17.95 -4.19
C PHE C 739 -23.17 -18.08 -3.18
N CYS C 740 -23.60 -16.97 -2.60
CA CYS C 740 -24.69 -16.99 -1.63
C CYS C 740 -26.01 -17.40 -2.30
N THR C 741 -26.24 -16.95 -3.53
CA THR C 741 -27.42 -17.38 -4.26
C THR C 741 -27.38 -18.87 -4.56
N GLN C 742 -26.21 -19.39 -4.94
CA GLN C 742 -26.06 -20.82 -5.17
C GLN C 742 -26.36 -21.63 -3.91
N LEU C 743 -25.83 -21.17 -2.77
CA LEU C 743 -26.03 -21.93 -1.53
C LEU C 743 -27.46 -21.80 -1.03
N LYS C 744 -28.11 -20.65 -1.23
CA LYS C 744 -29.52 -20.52 -0.90
C LYS C 744 -30.37 -21.46 -1.76
N ARG C 745 -30.05 -21.55 -3.05
CA ARG C 745 -30.75 -22.49 -3.93
C ARG C 745 -30.54 -23.92 -3.48
N ALA C 746 -29.31 -24.26 -3.08
CA ALA C 746 -29.02 -25.61 -2.62
C ALA C 746 -29.78 -25.96 -1.34
N LEU C 747 -29.83 -25.01 -0.39
CA LEU C 747 -30.56 -25.25 0.85
C LEU C 747 -32.06 -25.36 0.61
N THR C 748 -32.62 -24.53 -0.28
CA THR C 748 -34.04 -24.65 -0.60
C THR C 748 -34.33 -25.98 -1.30
N GLY C 749 -33.43 -26.43 -2.18
CA GLY C 749 -33.58 -27.73 -2.79
C GLY C 749 -33.53 -28.86 -1.78
N ILE C 750 -32.64 -28.74 -0.78
CA ILE C 750 -32.57 -29.73 0.28
C ILE C 750 -33.87 -29.75 1.09
N ALA C 751 -34.41 -28.57 1.40
CA ALA C 751 -35.64 -28.50 2.17
C ALA C 751 -36.83 -29.09 1.41
N VAL C 752 -36.95 -28.78 0.12
CA VAL C 752 -38.06 -29.34 -0.64
C VAL C 752 -37.84 -30.83 -0.88
N GLU C 753 -36.59 -31.29 -0.91
CA GLU C 753 -36.31 -32.72 -0.99
C GLU C 753 -36.79 -33.43 0.28
N GLN C 754 -36.53 -32.83 1.45
CA GLN C 754 -37.02 -33.41 2.70
C GLN C 754 -38.55 -33.43 2.73
N ASP C 755 -39.18 -32.35 2.27
CA ASP C 755 -40.64 -32.30 2.24
C ASP C 755 -41.21 -33.36 1.29
N LYS C 756 -40.58 -33.53 0.12
CA LYS C 756 -41.02 -34.55 -0.83
C LYS C 756 -40.84 -35.95 -0.26
N ASN C 757 -39.74 -36.19 0.46
CA ASN C 757 -39.53 -37.48 1.10
C ASN C 757 -40.58 -37.76 2.16
N THR C 758 -40.92 -36.76 2.98
CA THR C 758 -41.96 -36.94 3.98
C THR C 758 -43.31 -37.23 3.34
N GLN C 759 -43.64 -36.50 2.27
CA GLN C 759 -44.90 -36.72 1.56
C GLN C 759 -44.93 -38.11 0.92
N GLU C 760 -43.81 -38.57 0.38
CA GLU C 760 -43.77 -39.87 -0.27
C GLU C 760 -43.87 -41.01 0.74
N VAL C 761 -43.23 -40.87 1.90
CA VAL C 761 -43.21 -41.98 2.85
C VAL C 761 -44.50 -42.00 3.68
N PHE C 762 -45.15 -40.87 3.88
CA PHE C 762 -46.30 -40.80 4.78
C PHE C 762 -47.64 -40.73 4.06
N ALA C 763 -47.73 -39.99 2.96
CA ALA C 763 -48.99 -39.85 2.23
C ALA C 763 -49.06 -40.91 1.12
N GLN C 764 -49.10 -42.17 1.55
CA GLN C 764 -49.21 -43.29 0.63
C GLN C 764 -50.65 -43.51 0.15
N VAL C 765 -51.63 -42.97 0.85
CA VAL C 765 -53.03 -43.12 0.49
C VAL C 765 -53.70 -41.75 0.52
N LYS C 766 -54.82 -41.64 -0.20
CA LYS C 766 -55.58 -40.40 -0.26
C LYS C 766 -56.85 -40.43 0.58
N GLN C 767 -57.20 -41.58 1.16
CA GLN C 767 -58.39 -41.71 1.99
C GLN C 767 -57.97 -41.95 3.43
N ILE C 768 -58.50 -41.15 4.35
CA ILE C 768 -58.20 -41.26 5.77
C ILE C 768 -59.25 -42.17 6.39
N TYR C 769 -58.82 -43.36 6.79
CA TYR C 769 -59.72 -44.34 7.38
C TYR C 769 -59.83 -44.14 8.88
N LYS C 770 -60.97 -44.58 9.43
CA LYS C 770 -61.25 -44.45 10.85
C LYS C 770 -61.55 -45.82 11.44
N THR C 771 -61.01 -46.08 12.62
CA THR C 771 -61.25 -47.34 13.30
C THR C 771 -62.69 -47.43 13.78
N PRO C 772 -63.28 -48.63 13.76
CA PRO C 772 -64.63 -48.79 14.29
C PRO C 772 -64.64 -48.59 15.80
N PRO C 773 -65.77 -48.12 16.35
CA PRO C 773 -65.85 -47.96 17.82
C PRO C 773 -65.70 -49.27 18.58
N ILE C 774 -66.15 -50.38 18.03
CA ILE C 774 -66.00 -51.69 18.65
C ILE C 774 -64.63 -52.22 18.26
N LYS C 775 -63.67 -52.11 19.17
CA LYS C 775 -62.29 -52.52 18.90
C LYS C 775 -62.07 -53.99 19.31
N TYR C 776 -62.83 -54.87 18.69
CA TYR C 776 -62.72 -56.30 18.88
C TYR C 776 -62.30 -56.95 17.57
N PHE C 777 -61.23 -57.72 17.60
CA PHE C 777 -60.65 -58.36 16.41
C PHE C 777 -60.34 -59.82 16.70
N GLY C 778 -61.28 -60.52 17.30
CA GLY C 778 -61.09 -61.92 17.64
C GLY C 778 -60.07 -62.19 18.71
N GLY C 779 -60.06 -61.36 19.76
CA GLY C 779 -59.14 -61.52 20.86
C GLY C 779 -57.81 -60.81 20.70
N PHE C 780 -57.54 -60.22 19.54
CA PHE C 780 -56.30 -59.49 19.33
C PHE C 780 -56.39 -58.10 19.95
N ASN C 781 -55.27 -57.66 20.54
CA ASN C 781 -55.20 -56.37 21.21
C ASN C 781 -54.34 -55.42 20.39
N PHE C 782 -54.86 -54.23 20.12
CA PHE C 782 -54.15 -53.20 19.37
C PHE C 782 -54.23 -51.85 20.08
N SER C 783 -54.33 -51.87 21.41
CA SER C 783 -54.44 -50.63 22.17
C SER C 783 -53.13 -49.84 22.17
N GLN C 784 -52.00 -50.54 22.08
CA GLN C 784 -50.70 -49.88 22.11
C GLN C 784 -50.37 -49.15 20.81
N ILE C 785 -51.02 -49.52 19.70
CA ILE C 785 -50.76 -48.88 18.42
C ILE C 785 -51.87 -47.94 17.99
N LEU C 786 -53.10 -48.17 18.42
CA LEU C 786 -54.18 -47.25 18.11
C LEU C 786 -54.00 -45.96 18.91
N PRO C 787 -54.40 -44.82 18.35
CA PRO C 787 -54.30 -43.56 19.10
C PRO C 787 -55.16 -43.56 20.35
N ASP C 788 -54.65 -42.92 21.40
CA ASP C 788 -55.35 -42.87 22.67
C ASP C 788 -56.22 -41.61 22.73
N PRO C 789 -57.54 -41.74 22.87
CA PRO C 789 -58.39 -40.54 22.98
C PRO C 789 -58.13 -39.73 24.25
N SER C 790 -57.56 -40.34 25.29
CA SER C 790 -57.26 -39.59 26.51
C SER C 790 -56.18 -38.56 26.28
N LYS C 791 -55.15 -38.89 25.50
CA LYS C 791 -54.07 -37.95 25.23
C LYS C 791 -54.56 -36.87 24.27
N PRO C 792 -54.31 -35.59 24.56
CA PRO C 792 -54.75 -34.52 23.64
C PRO C 792 -54.03 -34.55 22.29
N SER C 793 -52.87 -35.18 22.21
CA SER C 793 -52.12 -35.24 20.95
C SER C 793 -52.62 -36.32 20.00
N LYS C 794 -53.58 -37.14 20.44
CA LYS C 794 -54.12 -38.24 19.65
C LYS C 794 -53.03 -39.20 19.17
N ARG C 795 -52.10 -39.52 20.07
CA ARG C 795 -50.97 -40.38 19.76
C ARG C 795 -51.08 -41.69 20.54
N SER C 796 -50.56 -42.75 19.94
CA SER C 796 -50.55 -44.05 20.59
C SER C 796 -49.57 -44.05 21.75
N PRO C 797 -49.77 -44.93 22.74
CA PRO C 797 -48.77 -45.06 23.82
C PRO C 797 -47.39 -45.43 23.31
N ILE C 798 -47.30 -46.27 22.27
CA ILE C 798 -46.02 -46.55 21.64
C ILE C 798 -45.48 -45.30 20.96
N GLU C 799 -46.35 -44.55 20.27
CA GLU C 799 -45.93 -43.31 19.65
C GLU C 799 -45.48 -42.28 20.68
N ASP C 800 -46.19 -42.21 21.81
CA ASP C 800 -45.79 -41.31 22.89
C ASP C 800 -44.45 -41.72 23.48
N LEU C 801 -44.23 -43.03 23.63
CA LEU C 801 -42.96 -43.51 24.17
C LEU C 801 -41.80 -43.19 23.23
N LEU C 802 -42.00 -43.38 21.92
CA LEU C 802 -40.97 -43.04 20.95
C LEU C 802 -40.72 -41.53 20.90
N PHE C 803 -41.78 -40.73 21.07
CA PHE C 803 -41.60 -39.28 21.12
C PHE C 803 -40.82 -38.86 22.36
N ASN C 804 -41.10 -39.48 23.51
CA ASN C 804 -40.41 -39.11 24.75
C ASN C 804 -38.98 -39.61 24.78
N LYS C 805 -38.70 -40.73 24.12
CA LYS C 805 -37.35 -41.30 24.13
C LYS C 805 -36.37 -40.51 23.25
N VAL C 806 -36.85 -39.61 22.41
CA VAL C 806 -36.00 -38.80 21.54
C VAL C 806 -36.02 -37.37 22.05
N THR C 807 -34.84 -36.82 22.33
CA THR C 807 -34.73 -35.44 22.82
C THR C 807 -33.96 -34.57 21.84
N LYS C 836 -27.86 -14.95 14.32
CA LYS C 836 -26.87 -15.96 13.94
C LYS C 836 -26.85 -16.17 12.44
N GLY C 837 -27.94 -15.78 11.78
CA GLY C 837 -28.07 -15.95 10.35
C GLY C 837 -28.62 -17.29 9.91
N LEU C 838 -28.89 -18.20 10.84
CA LEU C 838 -29.42 -19.52 10.53
C LEU C 838 -30.82 -19.65 11.11
N THR C 839 -31.77 -20.06 10.27
CA THR C 839 -33.15 -20.26 10.67
C THR C 839 -33.54 -21.71 10.43
N VAL C 840 -34.09 -22.36 11.44
CA VAL C 840 -34.53 -23.75 11.34
C VAL C 840 -35.98 -23.74 10.87
N LEU C 841 -36.18 -24.03 9.59
CA LEU C 841 -37.53 -24.04 9.02
C LEU C 841 -38.31 -25.24 9.55
N PRO C 842 -39.52 -25.04 10.08
CA PRO C 842 -40.31 -26.18 10.52
C PRO C 842 -40.76 -27.01 9.33
N PRO C 843 -41.00 -28.31 9.54
CA PRO C 843 -41.46 -29.15 8.43
C PRO C 843 -42.85 -28.77 7.97
N LEU C 844 -43.13 -29.05 6.68
CA LEU C 844 -44.44 -28.76 6.12
C LEU C 844 -45.53 -29.58 6.79
N LEU C 845 -45.25 -30.85 7.08
CA LEU C 845 -46.19 -31.74 7.74
C LEU C 845 -45.88 -31.78 9.23
N THR C 846 -46.86 -31.40 10.05
CA THR C 846 -46.68 -31.44 11.50
C THR C 846 -46.84 -32.86 12.02
N ASP C 847 -46.55 -33.02 13.31
CA ASP C 847 -46.62 -34.35 13.92
C ASP C 847 -48.06 -34.84 14.06
N GLU C 848 -49.03 -33.92 14.15
CA GLU C 848 -50.42 -34.32 14.30
C GLU C 848 -50.95 -34.99 13.03
N MET C 849 -50.68 -34.40 11.87
CA MET C 849 -51.15 -35.01 10.63
C MET C 849 -50.33 -36.25 10.27
N ILE C 850 -49.07 -36.32 10.71
CA ILE C 850 -48.31 -37.55 10.56
C ILE C 850 -48.92 -38.67 11.40
N ALA C 851 -49.32 -38.35 12.63
CA ALA C 851 -50.01 -39.32 13.48
C ALA C 851 -51.34 -39.74 12.86
N GLN C 852 -52.06 -38.79 12.25
CA GLN C 852 -53.30 -39.13 11.57
C GLN C 852 -53.06 -40.03 10.37
N TYR C 853 -51.97 -39.79 9.63
CA TYR C 853 -51.59 -40.67 8.53
C TYR C 853 -51.30 -42.08 9.02
N THR C 854 -50.56 -42.19 10.12
CA THR C 854 -50.26 -43.51 10.68
C THR C 854 -51.52 -44.21 11.17
N SER C 855 -52.44 -43.45 11.79
CA SER C 855 -53.70 -44.04 12.24
C SER C 855 -54.55 -44.52 11.07
N ALA C 856 -54.59 -43.74 9.99
CA ALA C 856 -55.32 -44.16 8.79
C ALA C 856 -54.70 -45.40 8.17
N LEU C 857 -53.37 -45.46 8.14
CA LEU C 857 -52.70 -46.66 7.61
C LEU C 857 -52.98 -47.88 8.46
N LEU C 858 -52.96 -47.71 9.79
CA LEU C 858 -53.28 -48.81 10.69
C LEU C 858 -54.72 -49.29 10.51
N ALA C 859 -55.66 -48.35 10.39
CA ALA C 859 -57.05 -48.72 10.17
C ALA C 859 -57.23 -49.45 8.84
N GLY C 860 -56.54 -48.98 7.80
CA GLY C 860 -56.63 -49.64 6.51
C GLY C 860 -56.04 -51.04 6.51
N THR C 861 -54.89 -51.21 7.19
CA THR C 861 -54.22 -52.51 7.21
C THR C 861 -54.82 -53.47 8.23
N ILE C 862 -55.67 -53.00 9.14
CA ILE C 862 -56.34 -53.86 10.10
C ILE C 862 -57.75 -54.22 9.64
N THR C 863 -58.56 -53.21 9.29
CA THR C 863 -59.95 -53.45 8.93
C THR C 863 -60.12 -53.87 7.47
N SER C 864 -59.39 -53.23 6.55
CA SER C 864 -59.57 -53.49 5.13
C SER C 864 -58.50 -54.39 4.54
N GLY C 865 -57.56 -54.88 5.35
CA GLY C 865 -56.53 -55.74 4.81
C GLY C 865 -55.50 -54.96 3.99
N TRP C 866 -54.94 -55.65 3.00
CA TRP C 866 -53.92 -55.06 2.14
C TRP C 866 -54.49 -54.48 0.84
N THR C 867 -55.79 -54.61 0.61
CA THR C 867 -56.38 -54.15 -0.64
C THR C 867 -56.70 -52.66 -0.65
N PHE C 868 -56.55 -51.97 0.47
CA PHE C 868 -56.80 -50.53 0.48
C PHE C 868 -55.72 -49.76 -0.28
N GLY C 869 -54.50 -50.30 -0.34
CA GLY C 869 -53.44 -49.71 -1.11
C GLY C 869 -53.43 -50.06 -2.57
N ALA C 870 -54.38 -50.87 -3.02
CA ALA C 870 -54.49 -51.30 -4.41
C ALA C 870 -55.86 -50.97 -4.99
N GLY C 871 -56.38 -49.79 -4.65
CA GLY C 871 -57.67 -49.37 -5.11
C GLY C 871 -58.64 -49.13 -3.98
N PRO C 872 -59.92 -49.48 -4.20
CA PRO C 872 -60.91 -49.32 -3.14
C PRO C 872 -60.67 -50.28 -1.99
N ALA C 873 -61.09 -49.85 -0.79
CA ALA C 873 -60.92 -50.65 0.42
C ALA C 873 -62.06 -51.65 0.55
N LEU C 874 -61.70 -52.91 0.81
CA LEU C 874 -62.66 -53.99 0.99
C LEU C 874 -62.62 -54.46 2.43
N GLN C 875 -63.77 -54.47 3.09
CA GLN C 875 -63.82 -54.88 4.48
C GLN C 875 -63.54 -56.38 4.61
N ILE C 876 -62.73 -56.73 5.60
CA ILE C 876 -62.36 -58.12 5.86
C ILE C 876 -62.10 -58.30 7.35
N PRO C 877 -62.72 -59.30 7.99
CA PRO C 877 -62.42 -59.55 9.40
C PRO C 877 -60.99 -60.03 9.61
N PHE C 878 -60.48 -59.77 10.81
CA PHE C 878 -59.09 -60.11 11.12
C PHE C 878 -58.74 -61.60 11.03
N PRO C 879 -59.56 -62.55 11.51
CA PRO C 879 -59.15 -63.97 11.39
C PRO C 879 -58.93 -64.44 9.96
N MET C 880 -59.81 -64.07 9.03
CA MET C 880 -59.60 -64.48 7.64
C MET C 880 -58.43 -63.74 7.00
N GLN C 881 -58.17 -62.50 7.40
CA GLN C 881 -56.98 -61.79 6.92
C GLN C 881 -55.71 -62.50 7.40
N MET C 882 -55.68 -62.93 8.66
CA MET C 882 -54.54 -63.67 9.17
C MET C 882 -54.41 -65.03 8.49
N ALA C 883 -55.54 -65.67 8.18
CA ALA C 883 -55.50 -66.92 7.45
C ALA C 883 -54.92 -66.74 6.06
N TYR C 884 -55.31 -65.67 5.37
CA TYR C 884 -54.74 -65.36 4.05
C TYR C 884 -53.25 -65.07 4.16
N ARG C 885 -52.84 -64.34 5.20
CA ARG C 885 -51.42 -64.03 5.38
C ARG C 885 -50.62 -65.29 5.68
N PHE C 886 -51.20 -66.24 6.43
CA PHE C 886 -50.54 -67.53 6.63
C PHE C 886 -50.47 -68.33 5.34
N ASN C 887 -51.51 -68.23 4.51
CA ASN C 887 -51.49 -68.91 3.22
C ASN C 887 -50.41 -68.31 2.31
N GLY C 888 -50.12 -67.02 2.48
CA GLY C 888 -49.08 -66.37 1.68
C GLY C 888 -47.69 -66.92 1.91
N ILE C 889 -47.45 -67.58 3.03
CA ILE C 889 -46.18 -68.24 3.29
C ILE C 889 -46.33 -69.76 3.28
N GLY C 890 -47.35 -70.27 2.58
CA GLY C 890 -47.56 -71.70 2.46
C GLY C 890 -47.97 -72.41 3.73
N VAL C 891 -48.82 -71.79 4.53
CA VAL C 891 -49.36 -72.39 5.75
C VAL C 891 -50.88 -72.36 5.67
N THR C 892 -51.50 -73.52 5.86
CA THR C 892 -52.96 -73.61 5.77
C THR C 892 -53.62 -72.91 6.94
N GLN C 893 -54.92 -72.62 6.77
CA GLN C 893 -55.68 -71.90 7.77
C GLN C 893 -56.21 -72.78 8.89
N ASN C 894 -56.13 -74.10 8.74
CA ASN C 894 -56.66 -75.00 9.76
C ASN C 894 -55.90 -74.87 11.08
N VAL C 895 -54.57 -74.74 11.00
CA VAL C 895 -53.77 -74.61 12.22
C VAL C 895 -54.00 -73.25 12.87
N LEU C 896 -54.30 -72.23 12.07
CA LEU C 896 -54.63 -70.92 12.65
C LEU C 896 -55.99 -70.96 13.35
N TYR C 897 -56.97 -71.62 12.73
CA TYR C 897 -58.30 -71.69 13.35
C TYR C 897 -58.34 -72.65 14.52
N GLU C 898 -57.41 -73.61 14.60
CA GLU C 898 -57.36 -74.51 15.74
C GLU C 898 -56.60 -73.92 16.91
N ASN C 899 -55.81 -72.86 16.69
CA ASN C 899 -55.03 -72.23 17.74
C ASN C 899 -55.15 -70.71 17.66
N GLN C 900 -56.37 -70.21 17.44
CA GLN C 900 -56.58 -68.78 17.33
C GLN C 900 -56.34 -68.07 18.66
N LYS C 901 -56.82 -68.66 19.76
CA LYS C 901 -56.60 -68.06 21.08
C LYS C 901 -55.12 -68.04 21.45
N LEU C 902 -54.42 -69.13 21.15
CA LEU C 902 -52.97 -69.18 21.43
C LEU C 902 -52.22 -68.15 20.60
N ILE C 903 -52.60 -67.99 19.33
CA ILE C 903 -51.96 -67.00 18.47
C ILE C 903 -52.21 -65.58 18.99
N ALA C 904 -53.45 -65.30 19.41
CA ALA C 904 -53.78 -63.98 19.95
C ALA C 904 -53.03 -63.70 21.24
N ASN C 905 -52.94 -64.70 22.13
CA ASN C 905 -52.21 -64.52 23.38
C ASN C 905 -50.72 -64.31 23.12
N GLN C 906 -50.14 -65.06 22.19
CA GLN C 906 -48.73 -64.88 21.84
C GLN C 906 -48.50 -63.51 21.23
N PHE C 907 -49.42 -63.03 20.40
CA PHE C 907 -49.29 -61.70 19.81
C PHE C 907 -49.35 -60.61 20.88
N ASN C 908 -50.28 -60.74 21.83
CA ASN C 908 -50.38 -59.77 22.91
C ASN C 908 -49.13 -59.78 23.79
N SER C 909 -48.61 -60.97 24.08
CA SER C 909 -47.38 -61.09 24.87
C SER C 909 -46.20 -60.48 24.13
N ALA C 910 -46.12 -60.69 22.81
CA ALA C 910 -45.05 -60.10 22.02
C ALA C 910 -45.15 -58.58 21.98
N ILE C 911 -46.39 -58.05 21.87
CA ILE C 911 -46.57 -56.61 21.88
C ILE C 911 -46.14 -56.01 23.22
N GLY C 912 -46.54 -56.65 24.33
CA GLY C 912 -46.11 -56.18 25.64
C GLY C 912 -44.61 -56.26 25.82
N LYS C 913 -44.00 -57.34 25.35
CA LYS C 913 -42.56 -57.51 25.49
C LYS C 913 -41.79 -56.49 24.66
N ILE C 914 -42.25 -56.21 23.43
CA ILE C 914 -41.54 -55.23 22.61
C ILE C 914 -41.76 -53.82 23.13
N GLN C 915 -42.92 -53.54 23.73
CA GLN C 915 -43.12 -52.25 24.39
C GLN C 915 -42.18 -52.08 25.58
N ASP C 916 -42.05 -53.13 26.40
CA ASP C 916 -41.14 -53.08 27.53
C ASP C 916 -39.69 -52.94 27.08
N SER C 917 -39.32 -53.63 25.99
CA SER C 917 -37.97 -53.52 25.46
C SER C 917 -37.70 -52.12 24.92
N LEU C 918 -38.67 -51.52 24.23
CA LEU C 918 -38.49 -50.15 23.73
C LEU C 918 -38.42 -49.16 24.88
N SER C 919 -39.14 -49.41 25.97
CA SER C 919 -39.06 -48.53 27.13
C SER C 919 -37.72 -48.66 27.84
N SER C 920 -37.19 -49.88 27.94
CA SER C 920 -36.01 -50.15 28.75
C SER C 920 -34.69 -50.07 28.00
N THR C 921 -34.71 -49.89 26.68
CA THR C 921 -33.47 -49.85 25.91
C THR C 921 -33.25 -48.45 25.34
N PRO C 922 -32.34 -47.65 25.90
CA PRO C 922 -32.07 -46.33 25.31
C PRO C 922 -31.27 -46.39 24.01
N SER C 923 -30.60 -47.50 23.73
CA SER C 923 -29.79 -47.62 22.53
C SER C 923 -30.60 -48.03 21.30
N ALA C 924 -31.89 -48.33 21.47
CA ALA C 924 -32.72 -48.70 20.32
C ALA C 924 -33.02 -47.50 19.41
N LEU C 925 -32.87 -46.28 19.92
CA LEU C 925 -33.10 -45.07 19.14
C LEU C 925 -31.80 -44.45 18.65
N GLY C 926 -30.84 -45.30 18.27
CA GLY C 926 -29.52 -44.82 17.93
C GLY C 926 -29.48 -43.99 16.65
N LYS C 927 -30.25 -44.38 15.63
CA LYS C 927 -30.15 -43.73 14.33
C LYS C 927 -30.72 -42.31 14.36
N LEU C 928 -31.92 -42.14 14.92
CA LEU C 928 -32.53 -40.82 14.98
C LEU C 928 -31.74 -39.88 15.89
N GLN C 929 -31.29 -40.39 17.04
CA GLN C 929 -30.46 -39.58 17.93
C GLN C 929 -29.14 -39.20 17.27
N ASP C 930 -28.55 -40.12 16.51
CA ASP C 930 -27.32 -39.82 15.80
C ASP C 930 -27.53 -38.75 14.74
N VAL C 931 -28.65 -38.82 14.02
CA VAL C 931 -28.95 -37.81 12.99
C VAL C 931 -29.15 -36.44 13.64
N VAL C 932 -29.92 -36.40 14.74
CA VAL C 932 -30.17 -35.14 15.43
C VAL C 932 -28.87 -34.57 15.99
N ASN C 933 -28.03 -35.42 16.59
CA ASN C 933 -26.75 -34.97 17.12
C ASN C 933 -25.83 -34.47 16.01
N HIS C 934 -25.83 -35.14 14.85
CA HIS C 934 -25.01 -34.69 13.74
C HIS C 934 -25.46 -33.32 13.23
N ASN C 935 -26.77 -33.11 13.11
CA ASN C 935 -27.28 -31.82 12.66
C ASN C 935 -26.95 -30.71 13.66
N ALA C 936 -27.16 -30.98 14.96
CA ALA C 936 -26.86 -29.99 15.98
C ALA C 936 -25.37 -29.69 16.04
N GLN C 937 -24.52 -30.71 15.88
CA GLN C 937 -23.09 -30.51 15.93
C GLN C 937 -22.59 -29.74 14.71
N ALA C 938 -23.19 -29.99 13.54
CA ALA C 938 -22.87 -29.20 12.35
C ALA C 938 -23.27 -27.74 12.54
N LEU C 939 -24.45 -27.49 13.12
CA LEU C 939 -24.86 -26.11 13.39
C LEU C 939 -23.92 -25.44 14.40
N ASN C 940 -23.53 -26.17 15.45
CA ASN C 940 -22.62 -25.63 16.45
C ASN C 940 -21.25 -25.33 15.85
N THR C 941 -20.76 -26.21 14.97
CA THR C 941 -19.47 -25.97 14.31
C THR C 941 -19.53 -24.76 13.40
N LEU C 942 -20.62 -24.61 12.64
CA LEU C 942 -20.77 -23.43 11.80
C LEU C 942 -20.88 -22.15 12.62
N VAL C 943 -21.52 -22.22 13.79
CA VAL C 943 -21.58 -21.05 14.67
C VAL C 943 -20.19 -20.72 15.22
N LYS C 944 -19.46 -21.75 15.68
CA LYS C 944 -18.16 -21.54 16.28
C LYS C 944 -17.09 -21.15 15.27
N GLN C 945 -17.32 -21.41 13.98
CA GLN C 945 -16.35 -21.02 12.95
C GLN C 945 -16.20 -19.50 12.83
N LEU C 946 -17.17 -18.73 13.35
CA LEU C 946 -17.03 -17.28 13.32
C LEU C 946 -15.93 -16.79 14.25
N SER C 947 -15.65 -17.52 15.33
CA SER C 947 -14.63 -17.13 16.28
C SER C 947 -13.21 -17.38 15.77
N SER C 948 -13.05 -18.10 14.67
CA SER C 948 -11.73 -18.38 14.14
C SER C 948 -11.12 -17.11 13.54
N LYS C 949 -9.85 -16.85 13.86
CA LYS C 949 -9.18 -15.66 13.34
C LYS C 949 -8.82 -15.79 11.87
N PHE C 950 -8.69 -17.02 11.36
CA PHE C 950 -8.32 -17.30 9.97
C PHE C 950 -6.99 -16.64 9.59
N GLY C 951 -6.06 -16.64 10.54
CA GLY C 951 -4.73 -16.09 10.29
C GLY C 951 -4.64 -14.58 10.31
N ALA C 952 -5.70 -13.89 10.72
CA ALA C 952 -5.71 -12.44 10.75
C ALA C 952 -5.42 -11.94 12.17
N ILE C 953 -5.43 -10.63 12.34
CA ILE C 953 -5.16 -10.03 13.64
C ILE C 953 -6.31 -10.31 14.61
N SER C 954 -7.55 -10.10 14.17
CA SER C 954 -8.71 -10.29 15.02
C SER C 954 -9.79 -11.05 14.27
N SER C 955 -10.65 -11.72 15.03
CA SER C 955 -11.78 -12.46 14.47
C SER C 955 -13.05 -11.62 14.41
N VAL C 956 -13.00 -10.36 14.82
CA VAL C 956 -14.15 -9.45 14.79
C VAL C 956 -13.90 -8.40 13.73
N LEU C 957 -14.91 -8.19 12.87
CA LEU C 957 -14.76 -7.23 11.78
C LEU C 957 -14.69 -5.79 12.30
N ASN C 958 -15.34 -5.52 13.43
CA ASN C 958 -15.33 -4.16 14.00
C ASN C 958 -13.93 -3.73 14.39
N ASP C 959 -13.14 -4.64 14.98
CA ASP C 959 -11.80 -4.29 15.42
C ASP C 959 -10.91 -3.91 14.25
N ILE C 960 -10.97 -4.67 13.15
CA ILE C 960 -10.15 -4.34 12.00
C ILE C 960 -10.72 -3.18 11.19
N PHE C 961 -12.02 -2.88 11.33
CA PHE C 961 -12.58 -1.72 10.65
C PHE C 961 -12.24 -0.42 11.38
N SER C 962 -12.18 -0.45 12.71
CA SER C 962 -11.94 0.76 13.50
C SER C 962 -10.55 0.80 14.12
N ARG C 963 -9.66 -0.12 13.73
CA ARG C 963 -8.32 -0.17 14.31
C ARG C 963 -7.18 -0.15 13.30
N LEU C 964 -7.47 -0.23 11.99
CA LEU C 964 -6.42 -0.30 10.99
C LEU C 964 -6.82 0.50 9.76
N ASP C 965 -5.83 0.84 8.94
CA ASP C 965 -6.06 1.60 7.74
C ASP C 965 -6.83 0.77 6.71
N PRO C 966 -7.65 1.41 5.88
CA PRO C 966 -8.44 0.69 4.86
C PRO C 966 -7.60 -0.10 3.87
N PRO C 967 -6.39 0.35 3.47
CA PRO C 967 -5.57 -0.53 2.59
C PRO C 967 -5.26 -1.90 3.18
N GLU C 968 -5.05 -2.00 4.48
CA GLU C 968 -4.85 -3.31 5.10
C GLU C 968 -6.16 -3.91 5.61
N ALA C 969 -7.12 -3.06 5.98
CA ALA C 969 -8.42 -3.55 6.43
C ALA C 969 -9.16 -4.27 5.31
N GLU C 970 -8.99 -3.82 4.07
CA GLU C 970 -9.63 -4.51 2.94
C GLU C 970 -9.07 -5.93 2.78
N VAL C 971 -7.75 -6.08 2.91
CA VAL C 971 -7.13 -7.40 2.81
C VAL C 971 -7.58 -8.30 3.95
N GLN C 972 -7.63 -7.76 5.17
CA GLN C 972 -8.10 -8.54 6.31
C GLN C 972 -9.55 -8.96 6.15
N ILE C 973 -10.40 -8.05 5.67
CA ILE C 973 -11.81 -8.35 5.44
C ILE C 973 -11.95 -9.43 4.37
N ASP C 974 -11.13 -9.35 3.31
CA ASP C 974 -11.13 -10.38 2.28
C ASP C 974 -10.74 -11.73 2.87
N ARG C 975 -9.73 -11.76 3.74
CA ARG C 975 -9.32 -13.01 4.37
C ARG C 975 -10.44 -13.61 5.24
N LEU C 976 -11.09 -12.78 6.06
CA LEU C 976 -12.19 -13.27 6.88
C LEU C 976 -13.35 -13.77 6.03
N ILE C 977 -13.72 -13.04 4.97
CA ILE C 977 -14.88 -13.46 4.19
C ILE C 977 -14.56 -14.71 3.37
N THR C 978 -13.32 -14.88 2.90
CA THR C 978 -13.01 -16.11 2.18
C THR C 978 -12.89 -17.29 3.12
N GLY C 979 -12.44 -17.09 4.37
CA GLY C 979 -12.45 -18.17 5.33
C GLY C 979 -13.86 -18.59 5.71
N ARG C 980 -14.74 -17.60 5.95
CA ARG C 980 -16.13 -17.91 6.27
C ARG C 980 -16.83 -18.56 5.08
N LEU C 981 -16.51 -18.13 3.85
CA LEU C 981 -17.09 -18.74 2.67
C LEU C 981 -16.63 -20.19 2.52
N GLN C 982 -15.35 -20.46 2.79
CA GLN C 982 -14.87 -21.84 2.75
C GLN C 982 -15.55 -22.71 3.79
N SER C 983 -15.70 -22.18 5.02
CA SER C 983 -16.39 -22.93 6.07
C SER C 983 -17.84 -23.21 5.70
N LEU C 984 -18.53 -22.21 5.15
CA LEU C 984 -19.93 -22.38 4.77
C LEU C 984 -20.08 -23.31 3.57
N GLN C 985 -19.11 -23.30 2.64
CA GLN C 985 -19.12 -24.26 1.55
C GLN C 985 -18.92 -25.68 2.04
N THR C 986 -18.03 -25.87 3.02
CA THR C 986 -17.85 -27.19 3.62
C THR C 986 -19.11 -27.64 4.33
N TYR C 987 -19.78 -26.73 5.05
CA TYR C 987 -21.04 -27.06 5.70
C TYR C 987 -22.11 -27.43 4.69
N VAL C 988 -22.17 -26.71 3.57
CA VAL C 988 -23.15 -27.01 2.53
C VAL C 988 -22.87 -28.38 1.91
N THR C 989 -21.60 -28.70 1.68
CA THR C 989 -21.25 -30.01 1.13
C THR C 989 -21.63 -31.14 2.09
N GLN C 990 -21.36 -30.95 3.39
CA GLN C 990 -21.74 -31.95 4.38
C GLN C 990 -23.27 -32.10 4.44
N GLN C 991 -23.99 -30.97 4.37
CA GLN C 991 -25.45 -31.02 4.38
C GLN C 991 -25.98 -31.73 3.15
N LEU C 992 -25.36 -31.52 1.99
CA LEU C 992 -25.80 -32.19 0.77
C LEU C 992 -25.55 -33.68 0.84
N ILE C 993 -24.40 -34.10 1.38
CA ILE C 993 -24.11 -35.53 1.52
C ILE C 993 -25.09 -36.18 2.49
N ARG C 994 -25.36 -35.51 3.62
CA ARG C 994 -26.32 -36.04 4.59
C ARG C 994 -27.72 -36.08 4.00
N ALA C 995 -28.07 -35.08 3.18
CA ALA C 995 -29.38 -35.07 2.53
C ALA C 995 -29.50 -36.20 1.52
N ALA C 996 -28.42 -36.51 0.79
CA ALA C 996 -28.46 -37.66 -0.11
C ALA C 996 -28.62 -38.97 0.65
N GLU C 997 -27.92 -39.10 1.77
CA GLU C 997 -28.07 -40.31 2.59
C GLU C 997 -29.49 -40.42 3.15
N ILE C 998 -30.07 -39.31 3.59
CA ILE C 998 -31.44 -39.31 4.08
C ILE C 998 -32.41 -39.60 2.95
N ARG C 999 -32.10 -39.14 1.73
CA ARG C 999 -32.91 -39.47 0.57
C ARG C 999 -32.93 -40.96 0.30
N ALA C 1000 -31.75 -41.60 0.37
CA ALA C 1000 -31.68 -43.05 0.18
C ALA C 1000 -32.44 -43.79 1.29
N SER C 1001 -32.28 -43.34 2.54
CA SER C 1001 -32.97 -43.98 3.66
C SER C 1001 -34.48 -43.81 3.55
N ALA C 1002 -34.94 -42.64 3.10
CA ALA C 1002 -36.36 -42.40 2.95
C ALA C 1002 -36.95 -43.19 1.79
N ASN C 1003 -36.17 -43.37 0.71
CA ASN C 1003 -36.61 -44.25 -0.37
C ASN C 1003 -36.74 -45.70 0.11
N LEU C 1004 -35.78 -46.15 0.92
CA LEU C 1004 -35.87 -47.50 1.49
C LEU C 1004 -37.08 -47.63 2.40
N ALA C 1005 -37.34 -46.61 3.23
CA ALA C 1005 -38.49 -46.64 4.13
C ALA C 1005 -39.80 -46.63 3.36
N ALA C 1006 -39.87 -45.86 2.27
CA ALA C 1006 -41.06 -45.84 1.43
C ALA C 1006 -41.28 -47.19 0.76
N THR C 1007 -40.19 -47.84 0.32
CA THR C 1007 -40.31 -49.17 -0.25
C THR C 1007 -40.82 -50.17 0.79
N LYS C 1008 -40.31 -50.09 2.02
CA LYS C 1008 -40.77 -50.98 3.08
C LYS C 1008 -42.24 -50.73 3.42
N MET C 1009 -42.65 -49.46 3.43
CA MET C 1009 -44.06 -49.13 3.67
C MET C 1009 -44.94 -49.66 2.55
N SER C 1010 -44.47 -49.57 1.30
CA SER C 1010 -45.25 -50.06 0.17
C SER C 1010 -45.31 -51.59 0.15
N GLU C 1011 -44.31 -52.27 0.71
CA GLU C 1011 -44.27 -53.73 0.66
C GLU C 1011 -44.70 -54.38 1.97
N CYS C 1012 -44.09 -54.01 3.09
CA CYS C 1012 -44.42 -54.66 4.36
C CYS C 1012 -45.78 -54.24 4.90
N VAL C 1013 -46.16 -52.98 4.73
CA VAL C 1013 -47.40 -52.47 5.32
C VAL C 1013 -48.57 -52.62 4.38
N LEU C 1014 -48.41 -52.25 3.11
CA LEU C 1014 -49.49 -52.31 2.14
C LEU C 1014 -49.73 -53.72 1.59
N GLY C 1015 -49.00 -54.72 2.07
CA GLY C 1015 -49.20 -56.07 1.62
C GLY C 1015 -48.26 -57.02 2.35
N GLN C 1016 -48.17 -58.23 1.82
CA GLN C 1016 -47.21 -59.22 2.30
C GLN C 1016 -46.13 -59.42 1.25
N SER C 1017 -44.87 -59.39 1.70
CA SER C 1017 -43.73 -59.55 0.82
C SER C 1017 -43.14 -60.94 1.01
N LYS C 1018 -43.02 -61.68 -0.09
CA LYS C 1018 -42.37 -62.99 -0.07
C LYS C 1018 -40.86 -62.90 0.04
N ARG C 1019 -40.30 -61.69 -0.06
CA ARG C 1019 -38.87 -61.51 0.05
C ARG C 1019 -38.37 -61.84 1.45
N VAL C 1020 -37.21 -62.48 1.52
CA VAL C 1020 -36.62 -62.91 2.78
C VAL C 1020 -35.82 -61.75 3.35
N ASP C 1021 -36.02 -61.47 4.65
CA ASP C 1021 -35.30 -60.46 5.42
C ASP C 1021 -35.52 -59.04 4.92
N PHE C 1022 -36.53 -58.81 4.07
CA PHE C 1022 -36.88 -57.45 3.69
C PHE C 1022 -37.74 -56.78 4.75
N CYS C 1023 -38.55 -57.55 5.47
CA CYS C 1023 -39.51 -57.02 6.44
C CYS C 1023 -39.31 -57.70 7.79
N GLY C 1024 -38.06 -57.91 8.16
CA GLY C 1024 -37.73 -58.52 9.44
C GLY C 1024 -37.21 -59.94 9.31
N LYS C 1025 -36.85 -60.50 10.47
CA LYS C 1025 -36.34 -61.86 10.52
C LYS C 1025 -37.42 -62.87 10.18
N GLY C 1026 -37.04 -63.93 9.47
CA GLY C 1026 -37.96 -65.01 9.17
C GLY C 1026 -39.03 -64.63 8.16
N TYR C 1027 -40.06 -65.47 8.11
CA TYR C 1027 -41.19 -65.22 7.25
C TYR C 1027 -41.99 -64.02 7.75
N HIS C 1028 -42.40 -63.17 6.81
CA HIS C 1028 -43.10 -61.94 7.13
C HIS C 1028 -44.61 -62.12 6.94
N LEU C 1029 -45.38 -61.72 7.96
CA LEU C 1029 -46.83 -61.77 7.88
C LEU C 1029 -47.42 -60.39 7.58
N MET C 1030 -47.14 -59.41 8.43
CA MET C 1030 -47.65 -58.04 8.30
C MET C 1030 -46.81 -57.16 9.21
N SER C 1031 -47.14 -55.86 9.23
CA SER C 1031 -46.37 -54.91 10.01
C SER C 1031 -47.24 -53.71 10.37
N PHE C 1032 -46.75 -52.93 11.32
CA PHE C 1032 -47.42 -51.74 11.81
C PHE C 1032 -46.56 -50.51 11.56
N PRO C 1033 -47.08 -49.48 10.89
CA PRO C 1033 -46.33 -48.22 10.77
C PRO C 1033 -46.57 -47.29 11.95
N GLN C 1034 -45.49 -46.78 12.54
CA GLN C 1034 -45.59 -45.90 13.71
C GLN C 1034 -44.79 -44.64 13.46
N SER C 1035 -45.34 -43.50 13.89
CA SER C 1035 -44.69 -42.22 13.72
C SER C 1035 -43.55 -42.06 14.73
N ALA C 1036 -42.51 -41.34 14.31
CA ALA C 1036 -41.35 -41.08 15.15
C ALA C 1036 -40.86 -39.67 14.84
N PRO C 1037 -40.20 -39.01 15.81
CA PRO C 1037 -39.60 -37.70 15.51
C PRO C 1037 -38.47 -37.80 14.50
N HIS C 1038 -38.66 -37.20 13.32
CA HIS C 1038 -37.71 -37.23 12.22
C HIS C 1038 -37.35 -38.67 11.82
N GLY C 1039 -38.36 -39.54 11.79
CA GLY C 1039 -38.14 -40.92 11.42
C GLY C 1039 -39.45 -41.68 11.45
N VAL C 1040 -39.34 -42.98 11.16
CA VAL C 1040 -40.47 -43.89 11.16
C VAL C 1040 -40.05 -45.18 11.85
N VAL C 1041 -40.99 -45.79 12.58
CA VAL C 1041 -40.75 -47.03 13.32
C VAL C 1041 -41.72 -48.08 12.80
N PHE C 1042 -41.17 -49.24 12.42
CA PHE C 1042 -41.96 -50.35 11.93
C PHE C 1042 -42.00 -51.46 12.97
N LEU C 1043 -43.17 -52.08 13.13
CA LEU C 1043 -43.38 -53.20 14.04
C LEU C 1043 -43.72 -54.42 13.19
N HIS C 1044 -42.68 -55.13 12.75
CA HIS C 1044 -42.86 -56.25 11.84
C HIS C 1044 -43.37 -57.47 12.61
N VAL C 1045 -44.47 -58.05 12.15
CA VAL C 1045 -44.99 -59.29 12.70
C VAL C 1045 -44.42 -60.45 11.90
N THR C 1046 -43.67 -61.32 12.56
CA THR C 1046 -42.91 -62.36 11.89
C THR C 1046 -43.41 -63.74 12.31
N TYR C 1047 -43.08 -64.73 11.48
CA TYR C 1047 -43.40 -66.13 11.73
C TYR C 1047 -42.11 -66.89 11.97
N VAL C 1048 -41.98 -67.47 13.16
CA VAL C 1048 -40.76 -68.19 13.53
C VAL C 1048 -41.11 -69.61 13.94
N PRO C 1049 -40.66 -70.63 13.19
CA PRO C 1049 -40.89 -72.01 13.59
C PRO C 1049 -40.05 -72.38 14.81
N ALA C 1050 -40.52 -73.39 15.53
CA ALA C 1050 -39.84 -73.86 16.73
C ALA C 1050 -40.22 -75.30 16.99
N GLN C 1051 -39.44 -75.96 17.86
CA GLN C 1051 -39.68 -77.33 18.32
C GLN C 1051 -39.69 -78.31 17.14
N GLU C 1052 -38.54 -78.42 16.48
CA GLU C 1052 -38.40 -79.34 15.36
C GLU C 1052 -38.31 -80.78 15.86
N LYS C 1053 -38.58 -81.71 14.95
CA LYS C 1053 -38.55 -83.13 15.26
C LYS C 1053 -37.98 -83.90 14.07
N ASN C 1054 -37.12 -84.87 14.35
CA ASN C 1054 -36.55 -85.70 13.31
C ASN C 1054 -37.61 -86.61 12.70
N PHE C 1055 -37.56 -86.77 11.38
CA PHE C 1055 -38.54 -87.57 10.66
C PHE C 1055 -37.91 -88.18 9.43
N THR C 1056 -38.23 -89.44 9.17
CA THR C 1056 -37.72 -90.15 7.99
C THR C 1056 -38.54 -89.78 6.77
N THR C 1057 -37.86 -89.50 5.66
CA THR C 1057 -38.49 -89.07 4.42
C THR C 1057 -38.10 -89.99 3.28
N ALA C 1058 -38.77 -89.78 2.14
CA ALA C 1058 -38.50 -90.51 0.91
C ALA C 1058 -38.96 -89.64 -0.26
N PRO C 1059 -38.19 -89.60 -1.35
CA PRO C 1059 -38.60 -88.77 -2.50
C PRO C 1059 -39.92 -89.18 -3.13
N ALA C 1060 -40.25 -90.47 -3.13
CA ALA C 1060 -41.46 -90.94 -3.79
C ALA C 1060 -41.95 -92.22 -3.13
N ILE C 1061 -43.19 -92.59 -3.45
CA ILE C 1061 -43.82 -93.80 -2.95
C ILE C 1061 -44.20 -94.66 -4.14
N CYS C 1062 -43.82 -95.93 -4.10
CA CYS C 1062 -44.14 -96.87 -5.17
C CYS C 1062 -45.44 -97.59 -4.87
N HIS C 1063 -46.35 -97.60 -5.83
CA HIS C 1063 -47.65 -98.27 -5.67
C HIS C 1063 -48.09 -98.78 -7.03
N ASP C 1064 -48.15 -100.11 -7.16
CA ASP C 1064 -48.56 -100.79 -8.41
C ASP C 1064 -47.67 -100.37 -9.59
N GLY C 1065 -46.37 -100.22 -9.33
CA GLY C 1065 -45.43 -99.84 -10.35
C GLY C 1065 -45.47 -98.38 -10.74
N LYS C 1066 -46.14 -97.54 -9.96
CA LYS C 1066 -46.24 -96.11 -10.25
C LYS C 1066 -45.56 -95.31 -9.15
N ALA C 1067 -44.87 -94.24 -9.55
CA ALA C 1067 -44.17 -93.37 -8.61
C ALA C 1067 -45.09 -92.23 -8.22
N HIS C 1068 -45.29 -92.06 -6.91
CA HIS C 1068 -46.18 -91.04 -6.37
C HIS C 1068 -45.37 -89.89 -5.80
N PHE C 1069 -45.74 -88.66 -6.17
CA PHE C 1069 -45.07 -87.46 -5.69
C PHE C 1069 -46.06 -86.56 -4.98
N PRO C 1070 -45.64 -85.87 -3.92
CA PRO C 1070 -46.57 -85.00 -3.19
C PRO C 1070 -46.97 -83.78 -4.02
N ARG C 1071 -48.22 -83.36 -3.86
CA ARG C 1071 -48.71 -82.20 -4.60
C ARG C 1071 -48.14 -80.90 -4.04
N GLU C 1072 -48.12 -80.76 -2.71
CA GLU C 1072 -47.64 -79.53 -2.07
C GLU C 1072 -46.70 -79.75 -0.91
N GLY C 1073 -46.71 -80.93 -0.28
CA GLY C 1073 -45.87 -81.16 0.88
C GLY C 1073 -44.74 -82.14 0.63
N VAL C 1074 -44.42 -82.95 1.64
CA VAL C 1074 -43.37 -83.96 1.55
C VAL C 1074 -43.80 -85.18 2.33
N PHE C 1075 -43.33 -86.35 1.89
CA PHE C 1075 -43.62 -87.59 2.59
C PHE C 1075 -42.88 -87.62 3.93
N VAL C 1076 -43.60 -87.95 4.99
CA VAL C 1076 -43.07 -87.95 6.35
C VAL C 1076 -43.35 -89.29 6.99
N SER C 1077 -42.37 -89.79 7.76
CA SER C 1077 -42.51 -91.06 8.45
C SER C 1077 -41.94 -90.94 9.86
N ASN C 1078 -42.65 -91.50 10.84
CA ASN C 1078 -42.20 -91.52 12.21
C ASN C 1078 -41.51 -92.84 12.58
N GLY C 1079 -41.36 -93.76 11.62
CA GLY C 1079 -40.71 -95.02 11.89
C GLY C 1079 -41.48 -96.23 11.39
N THR C 1080 -42.81 -96.19 11.48
CA THR C 1080 -43.65 -97.31 11.07
C THR C 1080 -44.52 -96.95 9.87
N HIS C 1081 -45.31 -95.88 9.95
CA HIS C 1081 -46.20 -95.49 8.89
C HIS C 1081 -45.64 -94.29 8.12
N TRP C 1082 -46.28 -93.98 7.00
CA TRP C 1082 -45.87 -92.88 6.14
C TRP C 1082 -47.04 -91.93 5.93
N PHE C 1083 -46.79 -90.64 6.09
CA PHE C 1083 -47.79 -89.60 5.92
C PHE C 1083 -47.23 -88.49 5.04
N VAL C 1084 -48.04 -87.45 4.82
CA VAL C 1084 -47.61 -86.26 4.10
C VAL C 1084 -48.01 -85.05 4.94
N THR C 1085 -47.09 -84.08 5.03
CA THR C 1085 -47.31 -82.90 5.85
C THR C 1085 -46.75 -81.67 5.14
N GLN C 1086 -47.12 -80.51 5.65
CA GLN C 1086 -46.63 -79.25 5.10
C GLN C 1086 -45.14 -79.06 5.42
N ARG C 1087 -44.50 -78.17 4.67
CA ARG C 1087 -43.08 -77.91 4.87
C ARG C 1087 -42.81 -77.09 6.11
N ASN C 1088 -43.69 -76.15 6.46
CA ASN C 1088 -43.46 -75.25 7.57
C ASN C 1088 -44.20 -75.65 8.84
N PHE C 1089 -44.94 -76.75 8.83
CA PHE C 1089 -45.65 -77.21 10.02
C PHE C 1089 -45.88 -78.70 9.92
N TYR C 1090 -46.03 -79.34 11.08
CA TYR C 1090 -46.26 -80.78 11.17
C TYR C 1090 -47.77 -81.04 11.18
N GLU C 1091 -48.27 -81.64 10.11
CA GLU C 1091 -49.69 -82.00 10.01
C GLU C 1091 -49.78 -83.27 9.19
N PRO C 1092 -49.64 -84.44 9.83
CA PRO C 1092 -49.70 -85.70 9.09
C PRO C 1092 -51.09 -85.97 8.53
N GLN C 1093 -51.12 -86.67 7.40
CA GLN C 1093 -52.37 -87.03 6.74
C GLN C 1093 -52.15 -88.32 5.97
N ILE C 1094 -53.26 -89.02 5.70
CA ILE C 1094 -53.20 -90.27 4.96
C ILE C 1094 -52.83 -89.97 3.51
N ILE C 1095 -51.86 -90.72 2.98
CA ILE C 1095 -51.38 -90.52 1.62
C ILE C 1095 -52.43 -91.11 0.68
N THR C 1096 -53.25 -90.24 0.10
CA THR C 1096 -54.28 -90.63 -0.85
C THR C 1096 -53.91 -90.17 -2.25
N THR C 1097 -54.82 -90.40 -3.19
CA THR C 1097 -54.61 -89.96 -4.57
C THR C 1097 -55.00 -88.50 -4.78
N ASP C 1098 -55.69 -87.88 -3.82
CA ASP C 1098 -56.09 -86.49 -3.98
C ASP C 1098 -54.91 -85.53 -3.82
N ASN C 1099 -54.03 -85.81 -2.84
CA ASN C 1099 -52.90 -84.95 -2.56
C ASN C 1099 -51.60 -85.45 -3.17
N THR C 1100 -51.66 -86.45 -4.06
CA THR C 1100 -50.48 -86.97 -4.74
C THR C 1100 -50.79 -87.12 -6.22
N PHE C 1101 -49.74 -87.05 -7.03
CA PHE C 1101 -49.84 -87.24 -8.47
C PHE C 1101 -48.78 -88.23 -8.93
N VAL C 1102 -49.13 -89.01 -9.94
CA VAL C 1102 -48.27 -90.08 -10.45
C VAL C 1102 -47.51 -89.59 -11.67
N SER C 1103 -46.25 -90.00 -11.78
CA SER C 1103 -45.42 -89.63 -12.93
C SER C 1103 -44.33 -90.68 -13.08
N GLY C 1104 -44.51 -91.59 -14.05
CA GLY C 1104 -43.51 -92.60 -14.33
C GLY C 1104 -43.55 -93.76 -13.36
N ASN C 1105 -42.56 -94.64 -13.51
CA ASN C 1105 -42.42 -95.84 -12.71
C ASN C 1105 -41.35 -95.65 -11.62
N CYS C 1106 -41.05 -96.72 -10.90
CA CYS C 1106 -40.26 -96.64 -9.68
C CYS C 1106 -38.79 -96.97 -9.85
N ASP C 1107 -38.36 -97.39 -11.05
CA ASP C 1107 -36.96 -97.75 -11.25
C ASP C 1107 -36.09 -96.58 -11.71
N VAL C 1108 -36.68 -95.41 -11.90
CA VAL C 1108 -35.94 -94.21 -12.30
C VAL C 1108 -35.58 -93.35 -11.10
N VAL C 1109 -36.53 -93.18 -10.16
CA VAL C 1109 -36.26 -92.38 -8.98
C VAL C 1109 -35.32 -93.13 -8.04
N ILE C 1110 -34.60 -92.38 -7.22
CA ILE C 1110 -33.62 -92.92 -6.29
C ILE C 1110 -34.08 -92.61 -4.86
N GLY C 1111 -34.11 -93.65 -4.03
CA GLY C 1111 -34.55 -93.51 -2.65
C GLY C 1111 -36.00 -93.82 -2.39
N ILE C 1112 -36.69 -94.44 -3.35
CA ILE C 1112 -38.11 -94.73 -3.20
C ILE C 1112 -38.29 -95.88 -2.21
N VAL C 1113 -39.34 -95.80 -1.40
CA VAL C 1113 -39.65 -96.85 -0.42
C VAL C 1113 -40.97 -97.50 -0.82
N ASN C 1114 -41.37 -98.54 -0.08
CA ASN C 1114 -42.54 -99.34 -0.40
C ASN C 1114 -43.66 -99.03 0.58
N ASN C 1115 -44.80 -98.57 0.06
CA ASN C 1115 -45.99 -98.35 0.86
C ASN C 1115 -47.19 -98.34 -0.07
N THR C 1116 -48.36 -98.58 0.52
CA THR C 1116 -49.61 -98.56 -0.24
C THR C 1116 -50.22 -97.17 -0.22
N VAL C 1117 -51.01 -96.87 -1.25
CA VAL C 1117 -51.69 -95.59 -1.38
C VAL C 1117 -53.18 -95.83 -1.22
N TYR C 1118 -53.77 -95.20 -0.20
CA TYR C 1118 -55.20 -95.35 0.04
C TYR C 1118 -56.00 -94.63 -1.04
N ASP C 1119 -57.14 -95.20 -1.40
CA ASP C 1119 -58.04 -94.61 -2.39
C ASP C 1119 -59.36 -94.27 -1.74
N PRO C 1120 -59.69 -92.99 -1.54
CA PRO C 1120 -61.02 -92.65 -1.00
C PRO C 1120 -62.17 -93.05 -1.91
N LEU C 1121 -61.93 -93.21 -3.20
CA LEU C 1121 -62.98 -93.62 -4.13
C LEU C 1121 -63.33 -95.10 -3.95
N GLN C 1122 -62.37 -95.90 -3.46
CA GLN C 1122 -62.56 -97.35 -3.39
C GLN C 1122 -63.71 -97.80 -2.48
N PRO C 1123 -63.86 -97.29 -1.24
CA PRO C 1123 -65.00 -97.75 -0.42
C PRO C 1123 -66.35 -97.33 -0.97
N GLU C 1124 -66.42 -96.35 -1.87
CA GLU C 1124 -67.69 -95.94 -2.44
C GLU C 1124 -68.30 -97.04 -3.30
N LEU C 1125 -67.50 -97.68 -4.15
CA LEU C 1125 -67.99 -98.78 -4.97
C LEU C 1125 -67.68 -100.14 -4.35
N ASP C 1126 -66.96 -100.19 -3.23
CA ASP C 1126 -66.73 -101.45 -2.56
C ASP C 1126 -68.03 -102.04 -2.00
N SER C 1127 -68.88 -101.19 -1.44
CA SER C 1127 -70.16 -101.64 -0.89
C SER C 1127 -71.17 -101.89 -2.00
N ASP D 1 -1.83 75.77 -9.34
CA ASP D 1 -0.90 76.72 -9.93
C ASP D 1 -0.14 77.49 -8.86
N ILE D 2 1.19 77.53 -8.99
CA ILE D 2 2.07 78.25 -8.07
C ILE D 2 2.78 79.34 -8.86
N VAL D 3 2.65 80.58 -8.40
CA VAL D 3 3.37 81.68 -9.03
C VAL D 3 4.87 81.50 -8.80
N LEU D 4 5.66 81.68 -9.86
CA LEU D 4 7.07 81.32 -9.80
C LEU D 4 7.82 82.12 -10.85
N THR D 5 8.53 83.16 -10.42
CA THR D 5 9.40 83.95 -11.27
C THR D 5 10.79 83.97 -10.66
N GLN D 6 11.80 83.65 -11.48
CA GLN D 6 13.18 83.57 -10.96
C GLN D 6 13.90 84.91 -11.15
N SER D 7 14.13 85.28 -12.41
CA SER D 7 14.80 86.52 -12.79
C SER D 7 14.54 86.81 -14.27
N PRO D 8 13.47 87.51 -14.63
CA PRO D 8 13.16 87.72 -16.05
C PRO D 8 14.06 88.75 -16.72
N LEU D 9 15.37 88.64 -16.52
CA LEU D 9 16.37 89.51 -17.13
C LEU D 9 17.65 88.71 -17.30
N SER D 10 18.75 89.42 -17.53
CA SER D 10 20.08 88.83 -17.62
C SER D 10 20.88 89.28 -16.39
N LEU D 11 21.41 88.30 -15.64
CA LEU D 11 22.13 88.60 -14.41
C LEU D 11 23.63 88.47 -14.68
N PRO D 12 24.40 89.55 -14.59
CA PRO D 12 25.83 89.46 -14.87
C PRO D 12 26.56 88.70 -13.77
N VAL D 13 27.41 87.75 -14.18
CA VAL D 13 28.20 86.95 -13.26
C VAL D 13 29.67 87.10 -13.66
N THR D 14 30.48 87.62 -12.74
CA THR D 14 31.91 87.70 -13.02
C THR D 14 32.56 86.35 -12.76
N PRO D 15 33.56 85.97 -13.56
CA PRO D 15 34.26 84.70 -13.32
C PRO D 15 35.01 84.72 -12.00
N GLY D 16 35.05 83.55 -11.36
CA GLY D 16 35.70 83.42 -10.07
C GLY D 16 34.87 83.88 -8.89
N GLU D 17 33.62 84.30 -9.11
CA GLU D 17 32.74 84.77 -8.06
C GLU D 17 31.51 83.89 -7.99
N PRO D 18 31.11 83.41 -6.81
CA PRO D 18 29.90 82.58 -6.71
C PRO D 18 28.65 83.37 -7.09
N ALA D 19 27.70 82.68 -7.71
CA ALA D 19 26.43 83.25 -8.12
C ALA D 19 25.30 82.43 -7.54
N SER D 20 24.26 83.11 -7.04
CA SER D 20 23.12 82.46 -6.42
C SER D 20 21.83 83.02 -7.01
N ILE D 21 20.89 82.13 -7.33
CA ILE D 21 19.58 82.50 -7.82
C ILE D 21 18.54 81.88 -6.91
N SER D 22 17.51 82.66 -6.56
CA SER D 22 16.54 82.25 -5.55
C SER D 22 15.13 82.28 -6.13
N CYS D 23 14.29 81.37 -5.65
CA CYS D 23 12.87 81.37 -5.98
C CYS D 23 12.07 80.99 -4.74
N ARG D 24 10.84 81.47 -4.67
CA ARG D 24 9.94 81.20 -3.57
C ARG D 24 8.65 80.60 -4.08
N SER D 25 8.12 79.62 -3.36
CA SER D 25 6.90 78.93 -3.73
C SER D 25 5.75 79.42 -2.86
N SER D 26 4.63 79.78 -3.50
CA SER D 26 3.46 80.25 -2.76
C SER D 26 2.83 79.16 -1.92
N GLN D 27 2.95 77.89 -2.31
CA GLN D 27 2.40 76.76 -1.58
C GLN D 27 3.53 75.95 -0.97
N SER D 28 3.32 75.48 0.25
CA SER D 28 4.33 74.70 0.96
C SER D 28 4.53 73.34 0.29
N LEU D 29 5.79 72.94 0.16
CA LEU D 29 6.14 71.66 -0.43
C LEU D 29 6.19 70.59 0.66
N LEU D 30 6.83 69.46 0.37
CA LEU D 30 7.00 68.42 1.37
C LEU D 30 5.69 67.89 1.95
N ARG D 31 4.59 68.06 1.23
CA ARG D 31 3.31 67.53 1.70
C ARG D 31 3.15 66.06 1.36
N SER D 32 3.79 65.57 0.30
CA SER D 32 3.68 64.16 -0.07
C SER D 32 4.62 63.29 0.74
N ASN D 33 5.84 63.78 1.01
CA ASN D 33 6.83 63.01 1.75
C ASN D 33 7.82 63.97 2.38
N GLY D 34 8.65 63.43 3.28
CA GLY D 34 9.60 64.27 4.01
C GLY D 34 10.72 64.83 3.17
N TYR D 35 10.98 64.24 2.01
CA TYR D 35 12.02 64.76 1.14
C TYR D 35 11.52 65.98 0.37
N ASN D 36 12.40 66.97 0.21
CA ASN D 36 12.07 68.15 -0.57
C ASN D 36 11.92 67.78 -2.05
N TYR D 37 10.90 68.36 -2.69
CA TYR D 37 10.54 68.03 -4.06
C TYR D 37 10.72 69.26 -4.94
N LEU D 38 11.94 69.45 -5.45
CA LEU D 38 12.19 70.48 -6.45
C LEU D 38 13.43 70.10 -7.24
N ASP D 39 13.35 70.32 -8.55
CA ASP D 39 14.40 69.96 -9.49
C ASP D 39 15.05 71.23 -10.03
N TRP D 40 16.37 71.21 -10.17
CA TRP D 40 17.11 72.31 -10.78
C TRP D 40 17.60 71.91 -12.16
N TYR D 41 17.38 72.78 -13.15
CA TYR D 41 17.77 72.52 -14.53
C TYR D 41 18.65 73.66 -15.05
N LEU D 42 19.54 73.31 -15.97
CA LEU D 42 20.33 74.28 -16.72
C LEU D 42 20.11 74.02 -18.21
N GLN D 43 19.65 75.04 -18.93
CA GLN D 43 19.34 74.91 -20.35
C GLN D 43 20.23 75.86 -21.13
N LYS D 44 21.36 75.35 -21.61
CA LYS D 44 22.20 76.12 -22.52
C LYS D 44 21.50 76.25 -23.86
N PRO D 45 21.44 77.45 -24.45
CA PRO D 45 20.67 77.63 -25.69
C PRO D 45 21.38 77.02 -26.88
N GLY D 46 20.62 76.30 -27.69
CA GLY D 46 21.10 75.82 -28.97
C GLY D 46 21.01 74.32 -29.21
N GLN D 47 21.37 73.51 -28.21
CA GLN D 47 21.37 72.06 -28.40
C GLN D 47 20.37 71.34 -27.49
N SER D 48 20.49 71.48 -26.16
CA SER D 48 19.68 70.70 -25.22
C SER D 48 19.90 71.18 -23.78
N PRO D 49 18.87 71.12 -22.94
CA PRO D 49 19.08 71.38 -21.51
C PRO D 49 19.81 70.23 -20.83
N HIS D 50 20.35 70.52 -19.66
CA HIS D 50 21.06 69.54 -18.84
C HIS D 50 20.59 69.62 -17.40
N LEU D 51 20.34 68.45 -16.81
CA LEU D 51 19.90 68.38 -15.42
C LEU D 51 21.09 68.47 -14.48
N LEU D 52 20.95 69.27 -13.42
CA LEU D 52 22.01 69.44 -12.43
C LEU D 52 21.63 68.86 -11.08
N ILE D 53 20.53 69.30 -10.48
CA ILE D 53 20.13 68.89 -9.15
C ILE D 53 18.68 68.41 -9.21
N TYR D 54 18.42 67.19 -8.75
CA TYR D 54 17.07 66.68 -8.65
C TYR D 54 16.52 66.99 -7.26
N LEU D 55 15.41 66.34 -6.90
CA LEU D 55 14.72 66.65 -5.65
C LEU D 55 15.62 66.36 -4.45
N GLY D 56 15.49 67.20 -3.43
CA GLY D 56 16.37 67.13 -2.28
C GLY D 56 17.70 67.79 -2.57
N SER D 57 18.66 67.54 -1.67
CA SER D 57 20.02 68.04 -1.79
C SER D 57 20.92 66.85 -2.13
N ASN D 58 20.99 66.53 -3.42
CA ASN D 58 21.77 65.39 -3.88
C ASN D 58 22.35 65.72 -5.25
N ARG D 59 23.12 64.78 -5.80
CA ARG D 59 23.78 64.94 -7.08
C ARG D 59 23.45 63.77 -7.99
N ALA D 60 23.25 64.06 -9.27
CA ALA D 60 22.91 63.03 -10.24
C ALA D 60 23.24 63.53 -11.64
N SER D 61 23.24 62.59 -12.59
CA SER D 61 23.47 62.84 -14.01
C SER D 61 24.82 63.49 -14.28
N GLY D 62 25.83 63.13 -13.49
CA GLY D 62 27.17 63.64 -13.69
C GLY D 62 27.32 65.13 -13.49
N VAL D 63 26.58 65.71 -12.55
CA VAL D 63 26.68 67.15 -12.28
C VAL D 63 28.01 67.44 -11.60
N PRO D 64 28.69 68.54 -11.95
CA PRO D 64 29.90 68.92 -11.19
C PRO D 64 29.56 69.30 -9.76
N ASP D 65 30.54 69.11 -8.88
CA ASP D 65 30.37 69.41 -7.47
C ASP D 65 30.24 70.90 -7.17
N ARG D 66 30.52 71.76 -8.16
CA ARG D 66 30.36 73.20 -7.97
C ARG D 66 28.91 73.57 -7.70
N PHE D 67 27.98 72.95 -8.43
CA PHE D 67 26.57 73.21 -8.22
C PHE D 67 26.10 72.57 -6.91
N SER D 68 25.37 73.34 -6.11
CA SER D 68 24.90 72.85 -4.82
C SER D 68 23.66 73.64 -4.42
N GLY D 69 22.50 72.99 -4.47
CA GLY D 69 21.28 73.63 -4.02
C GLY D 69 21.09 73.55 -2.52
N SER D 70 20.31 74.49 -1.99
CA SER D 70 20.08 74.57 -0.55
C SER D 70 18.78 75.30 -0.30
N GLY D 71 18.28 75.16 0.92
CA GLY D 71 17.09 75.86 1.36
C GLY D 71 15.89 74.94 1.49
N SER D 72 14.92 75.39 2.29
CA SER D 72 13.69 74.65 2.51
C SER D 72 12.57 75.64 2.84
N GLY D 73 11.34 75.16 2.73
CA GLY D 73 10.20 76.04 2.97
C GLY D 73 10.04 77.03 1.84
N THR D 74 9.71 78.27 2.20
CA THR D 74 9.63 79.35 1.21
C THR D 74 10.95 80.12 1.16
N ASP D 75 12.04 79.37 0.98
CA ASP D 75 13.37 79.96 0.84
C ASP D 75 14.25 78.95 0.10
N PHE D 76 14.43 79.15 -1.20
CA PHE D 76 15.22 78.27 -2.05
C PHE D 76 16.36 79.05 -2.69
N THR D 77 17.49 78.37 -2.91
CA THR D 77 18.66 79.03 -3.46
C THR D 77 19.59 78.00 -4.08
N LEU D 78 20.54 78.50 -4.86
CA LEU D 78 21.63 77.70 -5.43
C LEU D 78 22.97 78.25 -4.96
N LYS D 79 24.04 77.58 -5.40
CA LYS D 79 25.40 78.01 -5.11
C LYS D 79 26.34 77.34 -6.09
N ILE D 80 27.09 78.15 -6.84
CA ILE D 80 28.10 77.66 -7.78
C ILE D 80 29.45 78.16 -7.31
N SER D 81 30.39 77.24 -7.08
CA SER D 81 31.70 77.63 -6.56
C SER D 81 32.51 78.37 -7.61
N ARG D 82 32.42 77.96 -8.87
CA ARG D 82 33.18 78.58 -9.94
C ARG D 82 32.42 78.45 -11.25
N VAL D 83 32.06 79.58 -11.84
CA VAL D 83 31.35 79.58 -13.11
C VAL D 83 32.36 79.40 -14.25
N GLU D 84 31.87 78.90 -15.39
CA GLU D 84 32.72 78.64 -16.54
C GLU D 84 31.99 79.10 -17.80
N ALA D 85 32.64 78.92 -18.95
CA ALA D 85 32.04 79.29 -20.22
C ALA D 85 30.89 78.37 -20.60
N GLU D 86 30.93 77.12 -20.13
CA GLU D 86 29.85 76.16 -20.38
C GLU D 86 28.67 76.34 -19.43
N ASP D 87 28.77 77.23 -18.45
CA ASP D 87 27.69 77.47 -17.50
C ASP D 87 26.65 78.47 -18.01
N VAL D 88 26.83 79.01 -19.22
CA VAL D 88 25.89 79.98 -19.75
C VAL D 88 24.60 79.26 -20.15
N GLY D 89 23.48 79.74 -19.63
CA GLY D 89 22.19 79.14 -19.92
C GLY D 89 21.17 79.58 -18.90
N VAL D 90 19.91 79.30 -19.23
CA VAL D 90 18.79 79.69 -18.38
C VAL D 90 18.57 78.62 -17.32
N TYR D 91 18.11 79.07 -16.14
CA TYR D 91 17.92 78.20 -14.99
C TYR D 91 16.45 78.18 -14.59
N TYR D 92 16.02 77.04 -14.05
CA TYR D 92 14.65 76.85 -13.60
C TYR D 92 14.63 76.05 -12.31
N CYS D 93 13.77 76.46 -11.38
CA CYS D 93 13.41 75.65 -10.23
C CYS D 93 11.99 75.13 -10.44
N MET D 94 11.79 73.83 -10.25
CA MET D 94 10.55 73.18 -10.65
C MET D 94 10.11 72.23 -9.55
N GLN D 95 8.98 72.52 -8.91
CA GLN D 95 8.44 71.66 -7.87
C GLN D 95 7.66 70.51 -8.47
N ALA D 96 7.74 69.35 -7.83
CA ALA D 96 7.21 68.10 -8.39
C ALA D 96 5.71 67.94 -8.21
N LEU D 97 4.99 68.97 -7.80
CA LEU D 97 3.55 68.91 -7.59
C LEU D 97 2.85 69.87 -8.55
N GLN D 98 1.54 70.04 -8.36
CA GLN D 98 0.71 70.96 -9.14
C GLN D 98 0.75 70.60 -10.63
N THR D 99 0.11 69.45 -10.93
CA THR D 99 -0.07 68.84 -12.25
C THR D 99 -0.31 69.86 -13.37
N PRO D 100 -1.11 70.94 -13.18
CA PRO D 100 -1.03 72.04 -14.14
C PRO D 100 0.30 72.76 -14.04
N TYR D 101 1.34 72.15 -14.63
CA TYR D 101 2.73 72.55 -14.41
C TYR D 101 3.00 73.87 -15.12
N THR D 102 2.95 74.97 -14.36
CA THR D 102 3.45 76.24 -14.85
C THR D 102 4.95 76.34 -14.58
N PHE D 103 5.64 77.08 -15.44
CA PHE D 103 7.09 77.16 -15.39
C PHE D 103 7.53 78.58 -15.05
N GLY D 104 8.80 78.70 -14.64
CA GLY D 104 9.37 79.99 -14.33
C GLY D 104 10.15 80.58 -15.49
N GLN D 105 10.68 81.78 -15.27
CA GLN D 105 11.48 82.47 -16.27
C GLN D 105 12.95 82.19 -16.06
N GLY D 106 13.66 81.92 -17.15
CA GLY D 106 15.06 81.57 -17.06
C GLY D 106 15.94 82.74 -16.66
N THR D 107 17.10 82.41 -16.10
CA THR D 107 18.09 83.39 -15.65
C THR D 107 19.37 83.19 -16.45
N ASN D 108 19.83 84.26 -17.09
CA ASN D 108 21.09 84.22 -17.83
C ASN D 108 22.25 84.49 -16.88
N LEU D 109 23.23 83.58 -16.88
CA LEU D 109 24.37 83.68 -15.97
C LEU D 109 25.67 83.66 -16.75
N GLU D 110 25.75 84.47 -17.81
CA GLU D 110 26.94 84.53 -18.64
C GLU D 110 28.12 85.12 -17.87
N ILE D 111 29.32 84.70 -18.26
CA ILE D 111 30.54 85.18 -17.60
C ILE D 111 30.78 86.64 -17.99
N LYS D 112 31.05 87.48 -16.99
CA LYS D 112 31.28 88.91 -17.21
C LYS D 112 32.76 89.12 -17.52
N ARG D 113 33.08 89.11 -18.81
CA ARG D 113 34.44 89.33 -19.26
C ARG D 113 34.80 90.81 -19.19
N THR D 114 36.05 91.12 -19.53
CA THR D 114 36.49 92.51 -19.53
C THR D 114 35.81 93.29 -20.64
N VAL D 115 35.67 94.60 -20.42
CA VAL D 115 34.96 95.46 -21.35
C VAL D 115 35.81 95.69 -22.60
N ALA D 116 35.18 95.66 -23.76
CA ALA D 116 35.84 95.90 -25.04
C ALA D 116 35.04 96.95 -25.82
N ALA D 117 35.76 97.85 -26.46
CA ALA D 117 35.10 98.89 -27.26
C ALA D 117 34.49 98.27 -28.52
N PRO D 118 33.21 98.55 -28.80
CA PRO D 118 32.60 97.98 -30.00
C PRO D 118 33.17 98.57 -31.28
N SER D 119 33.16 97.76 -32.33
CA SER D 119 33.57 98.19 -33.66
C SER D 119 32.29 98.40 -34.47
N VAL D 120 31.77 99.62 -34.41
CA VAL D 120 30.51 99.94 -35.09
C VAL D 120 30.71 99.91 -36.59
N PHE D 121 29.79 99.24 -37.29
CA PHE D 121 29.87 99.08 -38.73
C PHE D 121 28.58 99.56 -39.37
N ILE D 122 28.71 100.19 -40.54
CA ILE D 122 27.57 100.65 -41.32
C ILE D 122 27.71 100.10 -42.74
N PHE D 123 26.62 99.56 -43.27
CA PHE D 123 26.60 98.98 -44.61
C PHE D 123 25.51 99.65 -45.44
N PRO D 124 25.84 100.53 -46.37
CA PRO D 124 24.79 101.14 -47.20
C PRO D 124 24.16 100.12 -48.12
N PRO D 125 22.88 100.29 -48.45
CA PRO D 125 22.22 99.33 -49.35
C PRO D 125 22.80 99.39 -50.76
N SER D 126 22.78 98.24 -51.43
CA SER D 126 23.29 98.14 -52.79
C SER D 126 22.25 98.62 -53.80
N ASP D 127 22.74 98.90 -55.02
CA ASP D 127 21.84 99.36 -56.08
C ASP D 127 20.93 98.24 -56.56
N GLU D 128 21.40 96.99 -56.53
CA GLU D 128 20.57 95.86 -56.94
C GLU D 128 19.37 95.70 -56.01
N GLN D 129 19.58 95.86 -54.70
CA GLN D 129 18.46 95.84 -53.78
C GLN D 129 17.63 97.10 -53.85
N LEU D 130 18.27 98.25 -54.18
CA LEU D 130 17.54 99.50 -54.27
C LEU D 130 16.56 99.50 -55.44
N LYS D 131 16.93 98.88 -56.56
CA LYS D 131 16.04 98.81 -57.71
C LYS D 131 14.88 97.84 -57.50
N SER D 132 14.90 97.03 -56.46
CA SER D 132 13.83 96.09 -56.17
C SER D 132 12.70 96.71 -55.35
N GLY D 133 12.84 97.96 -54.93
CA GLY D 133 11.81 98.65 -54.17
C GLY D 133 11.92 98.49 -52.68
N THR D 134 12.86 97.70 -52.18
CA THR D 134 13.06 97.51 -50.74
C THR D 134 14.50 97.83 -50.40
N ALA D 135 14.70 98.75 -49.45
CA ALA D 135 16.02 99.18 -49.04
C ALA D 135 16.28 98.73 -47.61
N SER D 136 17.39 98.04 -47.40
CA SER D 136 17.76 97.52 -46.08
C SER D 136 19.17 98.00 -45.74
N VAL D 137 19.32 98.64 -44.59
CA VAL D 137 20.60 99.09 -44.10
C VAL D 137 20.79 98.52 -42.68
N VAL D 138 21.97 98.00 -42.41
CA VAL D 138 22.23 97.27 -41.17
C VAL D 138 23.26 98.03 -40.34
N CYS D 139 23.15 97.88 -39.02
CA CYS D 139 24.07 98.46 -38.06
C CYS D 139 24.72 97.33 -37.28
N LEU D 140 26.02 97.16 -37.44
CA LEU D 140 26.73 96.01 -36.89
C LEU D 140 27.70 96.45 -35.79
N LEU D 141 27.66 95.73 -34.67
CA LEU D 141 28.61 95.90 -33.57
C LEU D 141 29.53 94.70 -33.52
N ASN D 142 30.82 94.95 -33.30
CA ASN D 142 31.82 93.89 -33.27
C ASN D 142 32.73 94.05 -32.07
N ASN D 143 33.01 92.93 -31.40
CA ASN D 143 33.94 92.86 -30.26
C ASN D 143 33.52 93.80 -29.14
N PHE D 144 32.34 93.52 -28.57
CA PHE D 144 31.78 94.36 -27.51
C PHE D 144 31.30 93.48 -26.37
N TYR D 145 31.31 94.05 -25.15
CA TYR D 145 30.80 93.41 -23.95
C TYR D 145 30.54 94.50 -22.93
N PRO D 146 29.43 94.45 -22.19
CA PRO D 146 28.38 93.42 -22.16
C PRO D 146 27.41 93.50 -23.34
N ARG D 147 26.46 92.55 -23.40
CA ARG D 147 25.58 92.45 -24.56
C ARG D 147 24.52 93.56 -24.58
N GLU D 148 24.16 94.10 -23.42
CA GLU D 148 23.10 95.09 -23.38
C GLU D 148 23.56 96.41 -23.99
N ALA D 149 22.75 96.95 -24.89
CA ALA D 149 23.04 98.18 -25.61
C ALA D 149 21.77 98.69 -26.26
N LYS D 150 21.59 100.01 -26.25
CA LYS D 150 20.44 100.64 -26.87
C LYS D 150 20.82 101.07 -28.28
N VAL D 151 20.27 100.38 -29.28
CA VAL D 151 20.56 100.65 -30.69
C VAL D 151 19.26 101.10 -31.35
N GLN D 152 19.27 102.30 -31.94
CA GLN D 152 18.12 102.84 -32.62
C GLN D 152 18.55 103.46 -33.94
N TRP D 153 17.61 103.60 -34.86
CA TRP D 153 17.85 104.21 -36.15
C TRP D 153 17.27 105.61 -36.18
N LYS D 154 18.11 106.59 -36.52
CA LYS D 154 17.71 107.99 -36.57
C LYS D 154 17.84 108.50 -37.99
N VAL D 155 16.75 109.06 -38.52
CA VAL D 155 16.72 109.58 -39.88
C VAL D 155 16.37 111.06 -39.79
N ASP D 156 17.34 111.93 -40.09
CA ASP D 156 17.17 113.39 -40.06
C ASP D 156 16.68 113.87 -38.69
N ASN D 157 17.39 113.44 -37.65
CA ASN D 157 17.07 113.79 -36.25
C ASN D 157 15.65 113.39 -35.87
N ALA D 158 15.21 112.24 -36.35
CA ALA D 158 13.89 111.70 -36.02
C ALA D 158 14.03 110.23 -35.69
N LEU D 159 13.40 109.81 -34.59
CA LEU D 159 13.47 108.42 -34.17
C LEU D 159 12.59 107.54 -35.06
N GLN D 160 13.10 106.36 -35.38
CA GLN D 160 12.37 105.39 -36.19
C GLN D 160 12.07 104.15 -35.36
N SER D 161 10.80 103.76 -35.33
CA SER D 161 10.36 102.59 -34.57
C SER D 161 9.44 101.74 -35.43
N GLY D 162 9.51 100.43 -35.20
CA GLY D 162 8.68 99.49 -35.93
C GLY D 162 9.22 99.06 -37.28
N ASN D 163 10.37 99.59 -37.70
CA ASN D 163 10.97 99.23 -38.98
C ASN D 163 12.36 98.65 -38.84
N SER D 164 12.77 98.30 -37.62
CA SER D 164 14.10 97.78 -37.36
C SER D 164 14.00 96.43 -36.65
N GLN D 165 15.00 95.60 -36.85
CA GLN D 165 15.06 94.27 -36.25
C GLN D 165 16.44 94.03 -35.67
N GLU D 166 16.51 93.16 -34.67
CA GLU D 166 17.73 92.89 -33.92
C GLU D 166 18.16 91.44 -34.11
N SER D 167 19.45 91.24 -34.30
CA SER D 167 20.04 89.90 -34.42
C SER D 167 21.30 89.86 -33.56
N VAL D 168 21.41 88.81 -32.73
CA VAL D 168 22.53 88.65 -31.82
C VAL D 168 23.04 87.23 -31.93
N THR D 169 24.37 87.08 -31.88
CA THR D 169 25.02 85.78 -31.99
C THR D 169 25.28 85.20 -30.59
N GLU D 170 25.81 83.98 -30.56
CA GLU D 170 26.10 83.30 -29.32
C GLU D 170 27.50 83.68 -28.84
N GLN D 171 27.98 82.98 -27.81
CA GLN D 171 29.28 83.27 -27.24
C GLN D 171 30.40 82.74 -28.14
N ASP D 172 31.43 83.56 -28.33
CA ASP D 172 32.58 83.16 -29.13
C ASP D 172 33.47 82.20 -28.34
N SER D 173 34.05 81.24 -29.05
CA SER D 173 34.94 80.26 -28.44
C SER D 173 36.38 80.73 -28.35
N LYS D 174 36.72 81.88 -28.94
CA LYS D 174 38.08 82.40 -28.93
C LYS D 174 38.29 83.45 -27.86
N ASP D 175 37.47 84.52 -27.87
CA ASP D 175 37.60 85.60 -26.91
C ASP D 175 36.27 86.00 -26.29
N SER D 176 35.21 85.21 -26.50
CA SER D 176 33.88 85.45 -25.94
C SER D 176 33.36 86.84 -26.31
N THR D 177 33.57 87.24 -27.56
CA THR D 177 33.14 88.54 -28.06
C THR D 177 31.85 88.37 -28.85
N TYR D 178 30.86 89.21 -28.53
CA TYR D 178 29.56 89.16 -29.20
C TYR D 178 29.58 89.99 -30.47
N SER D 179 28.54 89.82 -31.28
CA SER D 179 28.36 90.58 -32.52
C SER D 179 26.88 90.88 -32.66
N LEU D 180 26.52 92.16 -32.56
CA LEU D 180 25.13 92.60 -32.65
C LEU D 180 24.90 93.29 -33.98
N SER D 181 23.94 92.80 -34.74
CA SER D 181 23.58 93.38 -36.04
C SER D 181 22.13 93.83 -35.98
N SER D 182 21.91 95.12 -36.22
CA SER D 182 20.57 95.72 -36.21
C SER D 182 20.17 96.01 -37.64
N THR D 183 19.16 95.30 -38.14
CA THR D 183 18.72 95.41 -39.52
C THR D 183 17.49 96.31 -39.60
N LEU D 184 17.57 97.35 -40.43
CA LEU D 184 16.48 98.28 -40.66
C LEU D 184 15.92 98.02 -42.05
N THR D 185 14.71 97.47 -42.10
CA THR D 185 14.04 97.16 -43.36
C THR D 185 13.03 98.25 -43.68
N LEU D 186 13.08 98.76 -44.91
CA LEU D 186 12.24 99.88 -45.30
C LEU D 186 11.91 99.79 -46.78
N SER D 187 10.80 100.41 -47.15
CA SER D 187 10.41 100.50 -48.56
C SER D 187 11.08 101.69 -49.22
N LYS D 188 11.11 101.67 -50.56
CA LYS D 188 11.81 102.71 -51.31
C LYS D 188 11.06 104.05 -51.24
N ALA D 189 9.73 103.99 -51.28
CA ALA D 189 8.93 105.23 -51.27
C ALA D 189 9.14 106.03 -49.98
N ASP D 190 9.54 105.36 -48.91
CA ASP D 190 9.93 106.03 -47.68
C ASP D 190 11.45 106.19 -47.58
N TYR D 191 12.20 105.63 -48.53
CA TYR D 191 13.67 105.65 -48.48
C TYR D 191 14.28 106.79 -49.28
N GLU D 192 13.98 106.87 -50.58
CA GLU D 192 14.56 107.96 -51.36
C GLU D 192 13.95 109.33 -51.07
N LYS D 193 12.89 109.40 -50.28
CA LYS D 193 12.37 110.71 -49.87
C LYS D 193 13.24 111.37 -48.80
N HIS D 194 14.13 110.61 -48.16
CA HIS D 194 15.03 111.13 -47.15
C HIS D 194 16.47 111.16 -47.68
N LYS D 195 17.32 111.89 -46.99
CA LYS D 195 18.70 112.09 -47.40
C LYS D 195 19.73 111.57 -46.40
N VAL D 196 19.54 111.85 -45.11
CA VAL D 196 20.52 111.52 -44.08
C VAL D 196 20.03 110.32 -43.29
N TYR D 197 20.86 109.28 -43.22
CA TYR D 197 20.56 108.08 -42.44
C TYR D 197 21.73 107.81 -41.49
N ALA D 198 21.39 107.48 -40.24
CA ALA D 198 22.42 107.28 -39.22
C ALA D 198 21.95 106.23 -38.23
N CYS D 199 22.92 105.64 -37.53
CA CYS D 199 22.68 104.66 -36.49
C CYS D 199 23.37 105.10 -35.21
N GLU D 200 22.67 104.95 -34.09
CA GLU D 200 23.21 105.31 -32.79
C GLU D 200 23.45 104.06 -31.95
N VAL D 201 24.54 104.05 -31.20
CA VAL D 201 24.90 102.95 -30.32
C VAL D 201 25.19 103.51 -28.94
N THR D 202 24.42 103.07 -27.95
CA THR D 202 24.62 103.46 -26.56
C THR D 202 25.12 102.25 -25.78
N HIS D 203 26.32 102.36 -25.21
CA HIS D 203 26.95 101.27 -24.50
C HIS D 203 27.50 101.76 -23.18
N GLN D 204 27.41 100.91 -22.14
CA GLN D 204 27.88 101.29 -20.82
C GLN D 204 29.41 101.40 -20.77
N GLY D 205 30.11 100.61 -21.57
CA GLY D 205 31.56 100.64 -21.58
C GLY D 205 32.15 101.83 -22.31
N LEU D 206 31.34 102.57 -23.05
CA LEU D 206 31.79 103.77 -23.75
C LEU D 206 31.47 105.01 -22.93
N SER D 207 32.40 105.95 -22.90
CA SER D 207 32.18 107.21 -22.19
C SER D 207 31.04 108.01 -22.83
N SER D 208 30.99 108.03 -24.16
CA SER D 208 29.93 108.71 -24.90
C SER D 208 29.39 107.78 -25.96
N PRO D 209 28.10 107.87 -26.29
CA PRO D 209 27.55 107.06 -27.37
C PRO D 209 28.15 107.43 -28.72
N VAL D 210 28.27 106.42 -29.58
CA VAL D 210 28.85 106.59 -30.92
C VAL D 210 27.72 106.60 -31.95
N THR D 211 27.78 107.55 -32.87
CA THR D 211 26.78 107.67 -33.92
C THR D 211 27.48 108.00 -35.23
N LYS D 212 27.30 107.14 -36.22
CA LYS D 212 27.89 107.33 -37.54
C LYS D 212 26.79 107.71 -38.53
N SER D 213 27.01 108.81 -39.25
CA SER D 213 26.03 109.35 -40.17
C SER D 213 26.55 109.29 -41.59
N PHE D 214 25.68 108.91 -42.52
CA PHE D 214 26.01 108.83 -43.94
C PHE D 214 24.83 109.33 -44.76
N ASN D 215 25.13 109.72 -45.99
CA ASN D 215 24.13 110.23 -46.92
C ASN D 215 23.95 109.26 -48.08
N ARG D 216 22.71 109.07 -48.49
CA ARG D 216 22.41 108.17 -49.59
C ARG D 216 22.86 108.77 -50.92
N GLY D 217 23.13 107.89 -51.88
CA GLY D 217 23.58 108.29 -53.20
C GLY D 217 25.09 108.39 -53.35
N GLU D 218 25.85 108.23 -52.28
CA GLU D 218 27.31 108.29 -52.31
C GLU D 218 27.87 106.88 -52.18
N CYS D 219 28.75 106.51 -53.09
CA CYS D 219 29.37 105.20 -53.08
C CYS D 219 30.49 105.13 -52.05
N GLN E 3 17.65 45.93 56.43
CA GLN E 3 17.24 45.93 57.83
C GLN E 3 17.01 47.37 58.31
N LEU E 4 15.77 47.66 58.71
CA LEU E 4 15.39 49.01 59.13
C LEU E 4 15.05 49.07 60.60
N VAL E 5 14.09 48.28 61.07
CA VAL E 5 13.64 48.30 62.46
C VAL E 5 13.54 46.87 62.95
N GLU E 6 14.20 46.58 64.06
CA GLU E 6 14.14 45.26 64.70
C GLU E 6 13.28 45.36 65.95
N SER E 7 12.35 44.42 66.10
CA SER E 7 11.40 44.42 67.20
C SER E 7 11.90 43.52 68.34
N GLY E 8 11.31 43.73 69.51
CA GLY E 8 11.67 42.97 70.69
C GLY E 8 12.54 43.75 71.66
N GLY E 9 11.92 44.28 72.71
CA GLY E 9 12.66 45.07 73.68
C GLY E 9 11.82 45.50 74.87
N GLY E 10 12.45 45.63 76.03
CA GLY E 10 11.77 46.03 77.23
C GLY E 10 12.43 45.40 78.44
N LEU E 11 11.74 45.49 79.57
CA LEU E 11 12.21 44.90 80.81
C LEU E 11 11.79 43.43 80.87
N VAL E 12 12.76 42.55 81.11
CA VAL E 12 12.50 41.11 81.24
C VAL E 12 13.20 40.62 82.49
N LYS E 13 12.52 39.76 83.24
CA LYS E 13 13.10 39.15 84.41
C LYS E 13 14.22 38.19 84.00
N PRO E 14 15.22 37.98 84.87
CA PRO E 14 16.27 37.00 84.55
C PRO E 14 15.75 35.58 84.35
N GLY E 15 14.69 35.19 85.06
CA GLY E 15 14.07 33.91 84.87
C GLY E 15 13.03 33.85 83.77
N GLY E 16 12.77 34.97 83.10
CA GLY E 16 11.77 35.02 82.06
C GLY E 16 12.31 34.62 80.70
N SER E 17 11.50 34.88 79.67
CA SER E 17 11.86 34.56 78.30
C SER E 17 11.90 35.83 77.47
N LEU E 18 12.74 35.83 76.44
CA LEU E 18 12.91 36.96 75.55
C LEU E 18 12.50 36.57 74.13
N ARG E 19 11.91 37.53 73.42
CA ARG E 19 11.53 37.34 72.02
C ARG E 19 12.16 38.45 71.19
N LEU E 20 12.97 38.07 70.20
CA LEU E 20 13.62 39.02 69.31
C LEU E 20 13.22 38.71 67.88
N SER E 21 12.82 39.73 67.14
CA SER E 21 12.40 39.57 65.75
C SER E 21 12.93 40.72 64.90
N CYS E 22 13.33 40.39 63.68
CA CYS E 22 13.82 41.37 62.72
C CYS E 22 12.73 41.69 61.70
N ALA E 23 12.70 42.95 61.27
CA ALA E 23 11.79 43.40 60.22
C ALA E 23 12.57 44.28 59.25
N ALA E 24 12.31 44.11 57.97
CA ALA E 24 13.05 44.83 56.95
C ALA E 24 12.14 45.06 55.74
N SER E 25 12.74 45.45 54.62
CA SER E 25 12.03 45.70 53.37
C SER E 25 12.37 44.58 52.38
N GLY E 26 11.91 44.74 51.14
CA GLY E 26 12.14 43.74 50.11
C GLY E 26 13.59 43.49 49.79
N PHE E 27 14.02 42.24 49.94
CA PHE E 27 15.39 41.84 49.67
C PHE E 27 15.42 40.34 49.44
N SER E 28 16.53 39.85 48.90
CA SER E 28 16.74 38.41 48.70
C SER E 28 17.10 37.80 50.05
N PHE E 29 16.09 37.69 50.91
CA PHE E 29 16.30 37.33 52.31
C PHE E 29 16.61 35.85 52.51
N ILE E 30 16.23 34.99 51.56
CA ILE E 30 16.44 33.56 51.72
C ILE E 30 17.78 33.08 51.18
N THR E 31 18.63 34.00 50.71
CA THR E 31 19.92 33.64 50.13
C THR E 31 21.08 34.25 50.89
N TYR E 32 20.94 34.38 52.21
CA TYR E 32 22.01 34.97 53.02
C TYR E 32 22.05 34.27 54.37
N ASN E 33 23.27 34.05 54.86
CA ASN E 33 23.49 33.36 56.13
C ASN E 33 23.74 34.39 57.22
N MET E 34 22.67 35.03 57.65
CA MET E 34 22.76 36.12 58.63
C MET E 34 23.16 35.59 60.01
N ASN E 35 23.65 36.50 60.85
CA ASN E 35 24.14 36.15 62.17
C ASN E 35 23.73 37.24 63.15
N TRP E 36 24.10 37.05 64.42
CA TRP E 36 23.80 38.00 65.49
C TRP E 36 25.11 38.51 66.08
N VAL E 37 25.18 39.83 66.29
CA VAL E 37 26.36 40.46 66.87
C VAL E 37 25.90 41.39 67.99
N ARG E 38 26.49 41.22 69.18
CA ARG E 38 26.22 42.09 70.31
C ARG E 38 27.25 43.22 70.38
N GLN E 39 27.07 44.12 71.34
CA GLN E 39 27.91 45.29 71.49
C GLN E 39 27.98 45.67 72.97
N ALA E 40 29.14 46.23 73.39
CA ALA E 40 29.29 46.75 74.73
C ALA E 40 29.42 48.27 74.72
N PRO E 41 28.99 48.95 75.78
CA PRO E 41 29.22 50.41 75.87
C PRO E 41 30.70 50.77 75.88
N GLY E 42 31.55 49.92 76.45
CA GLY E 42 32.98 50.09 76.36
C GLY E 42 33.54 49.46 75.10
N LYS E 43 34.86 49.42 75.04
CA LYS E 43 35.55 48.82 73.91
C LYS E 43 35.43 47.30 73.95
N GLY E 44 35.11 46.71 72.80
CA GLY E 44 34.96 45.26 72.71
C GLY E 44 33.53 44.80 72.54
N LEU E 45 33.16 44.36 71.35
CA LEU E 45 31.82 43.90 71.06
C LEU E 45 31.73 42.39 71.33
N GLU E 46 30.63 41.77 70.91
CA GLU E 46 30.41 40.35 71.19
C GLU E 46 29.62 39.75 70.04
N TRP E 47 29.83 38.46 69.79
CA TRP E 47 29.13 37.73 68.75
C TRP E 47 28.23 36.69 69.38
N VAL E 48 26.94 36.74 69.04
CA VAL E 48 25.95 35.90 69.71
C VAL E 48 25.80 34.55 69.01
N SER E 49 25.36 34.56 67.76
CA SER E 49 25.09 33.30 67.07
C SER E 49 25.12 33.54 65.56
N SER E 50 25.24 32.44 64.82
CA SER E 50 25.24 32.47 63.37
C SER E 50 24.38 31.32 62.85
N ILE E 51 23.72 31.57 61.71
CA ILE E 51 22.87 30.57 61.07
C ILE E 51 23.07 30.66 59.56
N SER E 52 22.68 29.61 58.86
CA SER E 52 22.83 29.51 57.41
C SER E 52 21.47 29.39 56.74
N SER E 53 21.38 29.93 55.53
CA SER E 53 20.14 29.87 54.76
C SER E 53 19.92 28.46 54.22
N ASN E 54 18.66 28.17 53.89
CA ASN E 54 18.27 26.85 53.40
C ASN E 54 18.34 26.71 51.89
N ILE E 55 18.75 27.76 51.17
CA ILE E 55 18.88 27.67 49.73
C ILE E 55 20.24 27.11 49.31
N LEU E 56 21.23 27.13 50.20
CA LEU E 56 22.55 26.58 49.90
C LEU E 56 22.71 25.15 50.41
N SER E 57 22.08 24.79 51.51
CA SER E 57 22.13 23.45 52.06
C SER E 57 20.72 22.99 52.42
N SER E 58 20.52 21.67 52.36
CA SER E 58 19.20 21.11 52.63
C SER E 58 18.80 21.28 54.10
N THR E 59 19.74 21.04 55.01
CA THR E 59 19.48 21.15 56.44
C THR E 59 20.23 22.32 57.08
N SER E 60 20.87 23.15 56.27
CA SER E 60 21.67 24.31 56.69
C SER E 60 22.82 23.92 57.62
N TYR E 61 23.47 24.92 58.22
CA TYR E 61 24.66 24.74 59.03
C TYR E 61 24.46 25.38 60.39
N ILE E 62 25.15 24.84 61.39
CA ILE E 62 25.02 25.29 62.78
C ILE E 62 26.39 25.74 63.27
N TYR E 63 26.45 26.95 63.84
CA TYR E 63 27.68 27.51 64.38
C TYR E 63 27.40 28.11 65.75
N TYR E 64 27.78 27.38 66.80
CA TYR E 64 27.55 27.80 68.17
C TYR E 64 28.87 27.83 68.93
N ALA E 65 28.98 28.78 69.86
CA ALA E 65 30.03 28.79 70.86
C ALA E 65 29.59 27.94 72.05
N ASP E 66 30.28 28.05 73.18
CA ASP E 66 29.91 27.25 74.34
C ASP E 66 28.74 27.86 75.11
N SER E 67 28.89 29.11 75.55
CA SER E 67 27.87 29.75 76.37
C SER E 67 26.59 29.99 75.58
N VAL E 68 26.70 30.36 74.30
CA VAL E 68 25.51 30.61 73.51
C VAL E 68 24.83 29.31 73.09
N LYS E 69 25.54 28.18 73.08
CA LYS E 69 24.87 26.89 72.97
C LYS E 69 24.15 26.53 74.25
N GLY E 70 24.78 26.80 75.40
CA GLY E 70 24.17 26.44 76.66
C GLY E 70 22.98 27.30 77.05
N ARG E 71 22.92 28.53 76.53
CA ARG E 71 21.87 29.46 76.92
C ARG E 71 21.00 29.91 75.76
N PHE E 72 21.60 30.35 74.65
CA PHE E 72 20.85 30.99 73.58
C PHE E 72 20.32 29.96 72.59
N THR E 73 19.27 30.34 71.87
CA THR E 73 18.68 29.52 70.81
C THR E 73 18.36 30.40 69.62
N ILE E 74 18.36 29.79 68.43
CA ILE E 74 18.08 30.50 67.19
C ILE E 74 17.04 29.71 66.41
N SER E 75 16.33 30.40 65.52
CA SER E 75 15.34 29.77 64.66
C SER E 75 15.16 30.61 63.41
N ARG E 76 14.61 29.97 62.37
CA ARG E 76 14.32 30.62 61.10
C ARG E 76 12.88 30.33 60.70
N ASP E 77 12.44 31.01 59.64
CA ASP E 77 11.10 30.84 59.10
C ASP E 77 11.09 30.43 57.63
N ASP E 78 12.00 30.98 56.83
CA ASP E 78 12.14 30.68 55.40
C ASP E 78 10.90 31.02 54.59
N ALA E 79 9.99 31.83 55.15
CA ALA E 79 8.80 32.26 54.43
C ALA E 79 8.49 33.74 54.59
N ALA E 80 9.10 34.43 55.55
CA ALA E 80 8.86 35.85 55.76
C ALA E 80 10.18 36.52 56.11
N ASN E 81 10.13 37.84 56.30
CA ASN E 81 11.31 38.64 56.61
C ASN E 81 11.50 38.79 58.11
N SER E 82 11.57 37.68 58.83
CA SER E 82 11.70 37.68 60.28
C SER E 82 12.73 36.66 60.72
N LEU E 83 13.43 36.95 61.81
CA LEU E 83 14.40 36.06 62.41
C LEU E 83 14.08 35.91 63.89
N PHE E 84 14.18 34.68 64.40
CA PHE E 84 13.79 34.38 65.78
C PHE E 84 15.03 34.12 66.62
N LEU E 85 15.07 34.76 67.79
CA LEU E 85 16.16 34.58 68.76
C LEU E 85 15.53 34.48 70.14
N GLN E 86 15.31 33.25 70.61
CA GLN E 86 14.67 33.00 71.90
C GLN E 86 15.71 32.90 73.01
N MET E 87 15.24 32.98 74.24
CA MET E 87 16.09 32.88 75.43
C MET E 87 15.27 32.23 76.54
N ASN E 88 15.51 30.93 76.74
CA ASN E 88 14.81 30.19 77.80
C ASN E 88 15.27 30.62 79.18
N SER E 89 16.56 30.92 79.34
CA SER E 89 17.11 31.36 80.60
C SER E 89 18.11 32.48 80.35
N LEU E 90 18.31 33.31 81.38
CA LEU E 90 19.24 34.43 81.29
C LEU E 90 19.97 34.55 82.63
N ARG E 91 21.29 34.39 82.60
CA ARG E 91 22.09 34.50 83.81
C ARG E 91 22.65 35.91 84.01
N VAL E 92 23.48 36.36 83.07
CA VAL E 92 24.06 37.71 83.12
C VAL E 92 23.96 38.33 81.74
N GLU E 93 23.02 39.27 81.56
CA GLU E 93 22.87 40.00 80.31
C GLU E 93 22.33 41.38 80.64
N ASP E 94 23.23 42.35 80.76
CA ASP E 94 22.84 43.71 81.12
C ASP E 94 22.41 44.49 79.88
N THR E 95 23.26 44.53 78.87
CA THR E 95 23.00 45.24 77.63
C THR E 95 23.11 44.30 76.45
N ALA E 96 22.23 44.50 75.47
CA ALA E 96 22.16 43.62 74.30
C ALA E 96 21.47 44.36 73.18
N GLN E 97 22.20 44.58 72.08
CA GLN E 97 21.68 45.24 70.91
C GLN E 97 21.26 44.28 69.80
N TYR E 98 21.99 43.17 69.63
CA TYR E 98 21.62 42.07 68.74
C TYR E 98 21.49 42.55 67.28
N TYR E 99 22.64 42.94 66.73
CA TYR E 99 22.69 43.44 65.36
C TYR E 99 22.23 42.38 64.38
N CYS E 100 21.44 42.81 63.39
CA CYS E 100 20.69 41.92 62.50
C CYS E 100 21.39 41.83 61.15
N ALA E 101 22.71 41.77 61.16
CA ALA E 101 23.50 41.85 59.94
C ALA E 101 23.48 40.53 59.16
N ARG E 102 23.61 40.65 57.84
CA ARG E 102 23.77 39.51 56.95
C ARG E 102 25.25 39.27 56.69
N THR E 103 25.57 38.38 55.75
CA THR E 103 26.93 38.18 55.29
C THR E 103 27.02 38.50 53.81
N ARG E 104 28.21 38.91 53.38
CA ARG E 104 28.46 39.24 51.96
C ARG E 104 29.00 37.99 51.25
N SER E 105 28.20 36.93 51.35
CA SER E 105 28.57 35.64 50.75
C SER E 105 27.29 34.89 50.40
N ARG E 106 26.90 34.96 49.13
CA ARG E 106 25.78 34.17 48.63
C ARG E 106 26.17 32.74 48.33
N SER E 107 27.47 32.43 48.29
CA SER E 107 27.97 31.08 48.10
C SER E 107 28.76 30.67 49.33
N VAL E 108 28.55 29.43 49.78
CA VAL E 108 29.26 28.86 50.90
C VAL E 108 30.03 27.63 50.42
N ARG E 109 31.33 27.58 50.75
CA ARG E 109 32.20 26.48 50.35
C ARG E 109 33.08 26.07 51.51
N ASN E 110 33.47 24.79 51.50
CA ASN E 110 34.38 24.15 52.46
C ASN E 110 34.12 24.58 53.90
N CYS E 111 32.85 24.57 54.28
CA CYS E 111 32.43 24.94 55.63
C CYS E 111 31.88 23.70 56.34
N THR E 112 32.53 23.33 57.44
CA THR E 112 32.11 22.20 58.25
C THR E 112 31.17 22.68 59.35
N SER E 113 30.89 21.79 60.32
CA SER E 113 29.98 22.11 61.41
C SER E 113 30.60 23.05 62.45
N ALA E 114 31.90 23.31 62.38
CA ALA E 114 32.55 24.15 63.38
C ALA E 114 33.53 25.16 62.80
N THR E 115 33.59 25.31 61.48
CA THR E 115 34.52 26.26 60.87
C THR E 115 33.93 26.76 59.56
N CYS E 116 33.78 28.08 59.44
CA CYS E 116 33.25 28.68 58.22
C CYS E 116 33.74 30.12 58.09
N PRO E 117 34.53 30.41 57.06
CA PRO E 117 34.94 31.80 56.81
C PRO E 117 33.75 32.67 56.41
N VAL E 118 33.83 33.95 56.79
CA VAL E 118 32.83 34.93 56.42
C VAL E 118 33.51 36.05 55.65
N ASP E 119 32.73 36.75 54.83
CA ASP E 119 33.29 37.77 53.96
C ASP E 119 33.17 39.17 54.56
N ALA E 120 31.93 39.61 54.83
CA ALA E 120 31.66 40.93 55.39
C ALA E 120 30.21 40.99 55.82
N PHE E 121 29.94 41.82 56.84
CA PHE E 121 28.58 42.08 57.31
C PHE E 121 28.24 43.52 56.96
N ASP E 122 27.25 43.71 56.10
CA ASP E 122 26.94 45.03 55.55
C ASP E 122 25.50 45.47 55.77
N LEU E 123 24.73 44.77 56.61
CA LEU E 123 23.34 45.12 56.87
C LEU E 123 23.06 45.14 58.36
N TRP E 124 23.93 45.82 59.12
CA TRP E 124 23.79 45.92 60.56
C TRP E 124 22.51 46.67 60.92
N GLY E 125 21.85 46.20 61.97
CA GLY E 125 20.57 46.77 62.36
C GLY E 125 20.47 47.18 63.81
N GLN E 126 19.93 48.38 64.05
CA GLN E 126 19.77 48.92 65.39
C GLN E 126 18.34 49.39 65.57
N GLY E 127 17.95 49.57 66.83
CA GLY E 127 16.61 50.05 67.14
C GLY E 127 15.95 49.32 68.29
N THR E 128 16.67 48.41 68.93
CA THR E 128 16.13 47.66 70.06
C THR E 128 17.11 47.75 71.23
N MET E 129 16.57 47.53 72.42
CA MET E 129 17.35 47.60 73.65
C MET E 129 16.63 46.83 74.74
N VAL E 130 17.37 45.94 75.42
CA VAL E 130 16.82 45.16 76.52
C VAL E 130 17.68 45.41 77.77
N ILE E 131 17.01 45.65 78.89
CA ILE E 131 17.66 45.85 80.18
C ILE E 131 16.95 44.98 81.21
N VAL E 132 17.72 44.24 82.00
CA VAL E 132 17.17 43.42 83.07
C VAL E 132 17.34 44.14 84.39
N SER E 133 16.43 43.86 85.33
CA SER E 133 16.42 44.48 86.66
C SER E 133 16.37 46.00 86.57
N SER E 134 15.53 46.52 85.68
CA SER E 134 15.40 47.94 85.43
C SER E 134 14.22 48.56 86.17
N ALA E 135 13.57 47.81 87.06
CA ALA E 135 12.43 48.25 87.88
C ALA E 135 11.30 48.65 86.93
N SER E 136 10.72 49.84 87.07
CA SER E 136 9.64 50.30 86.22
C SER E 136 9.87 51.76 85.85
N THR E 137 8.98 52.29 85.01
CA THR E 137 9.12 53.65 84.52
C THR E 137 8.93 54.65 85.66
N LYS E 138 9.81 55.65 85.71
CA LYS E 138 9.78 56.68 86.75
C LYS E 138 9.67 58.04 86.09
N GLY E 139 8.78 58.89 86.62
CA GLY E 139 8.59 60.23 86.10
C GLY E 139 9.81 61.11 86.26
N PRO E 140 10.11 61.91 85.24
CA PRO E 140 11.28 62.79 85.31
C PRO E 140 11.07 63.94 86.28
N SER E 141 12.19 64.42 86.83
CA SER E 141 12.21 65.59 87.70
C SER E 141 13.07 66.66 87.06
N VAL E 142 12.53 67.87 86.90
CA VAL E 142 13.18 68.95 86.20
C VAL E 142 13.64 69.98 87.22
N PHE E 143 14.92 70.35 87.15
CA PHE E 143 15.50 71.36 88.02
C PHE E 143 16.14 72.46 87.19
N PRO E 144 15.74 73.72 87.35
CA PRO E 144 16.34 74.79 86.54
C PRO E 144 17.68 75.23 87.11
N LEU E 145 18.61 75.53 86.21
CA LEU E 145 19.95 75.98 86.58
C LEU E 145 20.08 77.48 86.31
N ALA E 146 20.54 78.22 87.31
CA ALA E 146 20.67 79.66 87.18
C ALA E 146 21.79 80.01 86.19
N PRO E 147 21.59 81.03 85.36
CA PRO E 147 22.64 81.42 84.42
C PRO E 147 23.85 82.00 85.11
N SER E 148 25.02 81.79 84.50
CA SER E 148 26.28 82.31 85.01
C SER E 148 26.98 83.07 83.89
N SER E 149 27.27 84.35 84.12
CA SER E 149 27.91 85.21 83.12
C SER E 149 29.43 85.24 83.29
N LYS E 150 30.07 84.07 83.29
CA LYS E 150 31.52 83.98 83.43
C LYS E 150 32.18 83.37 82.20
N SER E 151 31.74 82.19 81.78
CA SER E 151 32.34 81.56 80.60
C SER E 151 31.92 82.28 79.32
N THR E 152 30.67 82.71 79.25
CA THR E 152 30.17 83.50 78.12
C THR E 152 30.31 85.00 78.35
N SER E 153 31.23 85.42 79.21
CA SER E 153 31.51 86.81 79.55
C SER E 153 30.31 87.51 80.15
N GLY E 154 30.43 88.83 80.37
CA GLY E 154 29.34 89.57 80.98
C GLY E 154 28.13 89.71 80.08
N GLY E 155 28.35 89.88 78.77
CA GLY E 155 27.27 90.19 77.86
C GLY E 155 26.35 89.03 77.55
N THR E 156 26.81 87.80 77.75
CA THR E 156 26.03 86.61 77.43
C THR E 156 25.96 85.70 78.65
N ALA E 157 24.79 85.13 78.89
CA ALA E 157 24.55 84.22 80.01
C ALA E 157 23.99 82.92 79.49
N ALA E 158 24.48 81.81 80.04
CA ALA E 158 24.07 80.47 79.62
C ALA E 158 23.27 79.84 80.76
N LEU E 159 22.03 79.46 80.46
CA LEU E 159 21.16 78.81 81.43
C LEU E 159 20.58 77.54 80.81
N GLY E 160 20.23 76.58 81.67
CA GLY E 160 19.75 75.30 81.17
C GLY E 160 18.83 74.61 82.17
N CYS E 161 18.17 73.57 81.68
CA CYS E 161 17.29 72.74 82.48
C CYS E 161 17.88 71.34 82.60
N LEU E 162 17.99 70.86 83.84
CA LEU E 162 18.55 69.55 84.12
C LEU E 162 17.43 68.61 84.56
N VAL E 163 17.34 67.46 83.89
CA VAL E 163 16.34 66.45 84.21
C VAL E 163 17.03 65.28 84.90
N LYS E 164 16.32 64.66 85.84
CA LYS E 164 16.89 63.64 86.70
C LYS E 164 15.86 62.55 86.95
N ASP E 165 16.34 61.30 87.06
CA ASP E 165 15.54 60.14 87.45
C ASP E 165 14.39 59.90 86.47
N TYR E 166 14.76 59.58 85.23
CA TYR E 166 13.79 59.33 84.18
C TYR E 166 14.10 58.02 83.47
N PHE E 167 13.02 57.32 83.07
CA PHE E 167 13.05 56.10 82.27
C PHE E 167 12.08 56.26 81.11
N PRO E 168 12.42 55.78 79.90
CA PRO E 168 13.71 55.25 79.43
C PRO E 168 14.58 56.33 78.80
N GLU E 169 15.56 55.91 78.00
CA GLU E 169 16.49 56.82 77.34
C GLU E 169 15.85 57.92 76.49
N PRO E 170 14.88 57.66 75.60
CA PRO E 170 14.38 58.75 74.73
C PRO E 170 13.65 59.82 75.52
N VAL E 171 13.99 61.07 75.22
CA VAL E 171 13.39 62.23 75.87
C VAL E 171 13.55 63.43 74.94
N THR E 172 12.61 64.37 75.00
CA THR E 172 12.62 65.55 74.16
C THR E 172 12.69 66.80 75.03
N VAL E 173 13.66 67.66 74.74
CA VAL E 173 13.85 68.93 75.44
C VAL E 173 13.84 70.04 74.41
N SER E 174 13.01 71.05 74.63
CA SER E 174 12.90 72.20 73.74
C SER E 174 12.86 73.49 74.56
N TRP E 175 13.30 74.57 73.94
CA TRP E 175 13.36 75.88 74.57
C TRP E 175 12.40 76.84 73.87
N ASN E 176 11.54 77.48 74.66
CA ASN E 176 10.55 78.45 74.17
C ASN E 176 9.65 77.85 73.09
N SER E 177 9.29 76.58 73.27
CA SER E 177 8.47 75.81 72.33
C SER E 177 9.09 75.80 70.93
N GLY E 178 10.42 75.68 70.88
CA GLY E 178 11.13 75.62 69.62
C GLY E 178 11.43 76.97 68.98
N ALA E 179 11.03 78.08 69.60
CA ALA E 179 11.29 79.38 69.01
C ALA E 179 12.76 79.76 69.13
N LEU E 180 13.40 79.40 70.24
CA LEU E 180 14.79 79.74 70.48
C LEU E 180 15.68 78.64 69.91
N THR E 181 16.47 78.98 68.90
CA THR E 181 17.37 78.03 68.26
C THR E 181 18.83 78.46 68.28
N SER E 182 19.15 79.60 68.89
CA SER E 182 20.52 80.10 68.94
C SER E 182 21.11 79.79 70.30
N GLY E 183 22.25 79.09 70.30
CA GLY E 183 22.95 78.75 71.52
C GLY E 183 22.45 77.50 72.22
N VAL E 184 21.41 76.86 71.70
CA VAL E 184 20.85 75.66 72.33
C VAL E 184 21.76 74.47 72.01
N HIS E 185 22.00 73.64 73.02
CA HIS E 185 22.82 72.44 72.86
C HIS E 185 22.32 71.37 73.81
N THR E 186 21.91 70.24 73.26
CA THR E 186 21.39 69.12 74.04
C THR E 186 22.47 68.03 74.14
N PHE E 187 22.87 67.68 75.37
CA PHE E 187 23.88 66.66 75.57
C PHE E 187 23.24 65.30 75.78
N PRO E 188 23.89 64.22 75.32
CA PRO E 188 23.37 62.88 75.58
C PRO E 188 23.47 62.52 77.06
N ALA E 189 22.61 61.59 77.47
CA ALA E 189 22.56 61.17 78.86
C ALA E 189 23.67 60.16 79.16
N VAL E 190 23.75 59.77 80.44
CA VAL E 190 24.71 58.79 80.90
C VAL E 190 23.98 57.78 81.78
N LEU E 191 24.56 56.58 81.89
CA LEU E 191 23.96 55.50 82.68
C LEU E 191 24.53 55.55 84.08
N GLN E 192 23.66 55.79 85.06
CA GLN E 192 24.09 55.89 86.45
C GLN E 192 24.18 54.50 87.09
N SER E 193 24.80 54.46 88.28
CA SER E 193 24.93 53.21 89.01
C SER E 193 23.58 52.66 89.45
N SER E 194 22.66 53.54 89.88
CA SER E 194 21.31 53.12 90.21
C SER E 194 20.48 52.81 88.96
N GLY E 195 20.99 53.14 87.78
CA GLY E 195 20.31 52.87 86.53
C GLY E 195 19.48 54.02 85.98
N LEU E 196 19.16 55.00 86.81
CA LEU E 196 18.28 56.10 86.42
C LEU E 196 19.10 57.16 85.70
N TYR E 197 18.70 57.49 84.47
CA TYR E 197 19.49 58.37 83.61
C TYR E 197 19.31 59.83 84.02
N SER E 198 20.28 60.65 83.62
CA SER E 198 20.24 62.09 83.83
C SER E 198 20.73 62.78 82.57
N LEU E 199 20.05 63.85 82.17
CA LEU E 199 20.37 64.56 80.93
C LEU E 199 20.40 66.06 81.20
N SER E 200 21.23 66.76 80.43
CA SER E 200 21.37 68.20 80.54
C SER E 200 21.17 68.84 79.17
N SER E 201 20.72 70.10 79.20
CA SER E 201 20.50 70.86 77.96
C SER E 201 20.51 72.33 78.33
N VAL E 202 21.45 73.09 77.76
CA VAL E 202 21.63 74.50 78.09
C VAL E 202 21.52 75.33 76.82
N VAL E 203 21.21 76.61 77.02
CA VAL E 203 21.10 77.58 75.93
C VAL E 203 21.73 78.88 76.39
N THR E 204 22.45 79.54 75.48
CA THR E 204 23.14 80.80 75.76
C THR E 204 22.32 81.96 75.21
N VAL E 205 22.03 82.93 76.07
CA VAL E 205 21.24 84.10 75.69
C VAL E 205 21.99 85.37 76.13
N PRO E 206 21.82 86.49 75.44
CA PRO E 206 22.47 87.73 75.89
C PRO E 206 21.93 88.19 77.24
N SER E 207 22.81 88.83 78.02
CA SER E 207 22.46 89.24 79.38
C SER E 207 21.47 90.39 79.41
N SER E 208 21.31 91.12 78.31
CA SER E 208 20.36 92.23 78.27
C SER E 208 18.92 91.75 78.24
N SER E 209 18.67 90.51 77.83
CA SER E 209 17.33 89.97 77.72
C SER E 209 16.92 89.15 78.94
N LEU E 210 17.79 89.04 79.95
CA LEU E 210 17.42 88.29 81.16
C LEU E 210 16.31 89.01 81.93
N GLY E 211 16.37 90.33 82.01
CA GLY E 211 15.39 91.10 82.75
C GLY E 211 14.13 91.45 82.01
N THR E 212 14.00 91.05 80.74
CA THR E 212 12.83 91.38 79.94
C THR E 212 12.24 90.21 79.18
N GLN E 213 12.93 89.07 79.08
CA GLN E 213 12.44 87.91 78.37
C GLN E 213 12.40 86.71 79.30
N THR E 214 11.32 85.94 79.22
CA THR E 214 11.13 84.76 80.05
C THR E 214 11.55 83.52 79.27
N TYR E 215 12.39 82.69 79.88
CA TYR E 215 12.89 81.47 79.27
C TYR E 215 12.23 80.27 79.95
N ILE E 216 11.47 79.50 79.18
CA ILE E 216 10.76 78.32 79.67
C ILE E 216 11.20 77.12 78.85
N CYS E 217 11.66 76.08 79.54
CA CYS E 217 12.06 74.84 78.89
C CYS E 217 10.91 73.83 78.93
N ASN E 218 10.73 73.10 77.84
CA ASN E 218 9.69 72.09 77.72
C ASN E 218 10.34 70.72 77.68
N VAL E 219 9.99 69.86 78.64
CA VAL E 219 10.51 68.51 78.72
C VAL E 219 9.37 67.53 78.44
N ASN E 220 9.48 66.79 77.34
CA ASN E 220 8.46 65.85 76.92
C ASN E 220 9.04 64.44 76.99
N HIS E 221 8.29 63.53 77.61
CA HIS E 221 8.68 62.13 77.74
C HIS E 221 7.55 61.28 77.19
N LYS E 222 7.71 60.77 75.97
CA LYS E 222 6.65 60.03 75.31
C LYS E 222 6.29 58.71 76.01
N PRO E 223 7.23 57.83 76.40
CA PRO E 223 6.79 56.58 77.06
C PRO E 223 6.10 56.79 78.40
N SER E 224 6.50 57.80 79.17
CA SER E 224 5.89 58.07 80.46
C SER E 224 4.75 59.08 80.37
N ASN E 225 4.51 59.66 79.20
CA ASN E 225 3.43 60.64 78.97
C ASN E 225 3.53 61.82 79.94
N THR E 226 4.75 62.31 80.16
CA THR E 226 5.00 63.41 81.08
C THR E 226 5.44 64.64 80.30
N LYS E 227 4.78 65.76 80.56
CA LYS E 227 5.11 67.04 79.92
C LYS E 227 5.27 68.08 81.02
N VAL E 228 6.50 68.55 81.21
CA VAL E 228 6.83 69.51 82.26
C VAL E 228 7.37 70.77 81.60
N ASP E 229 6.79 71.92 81.96
CA ASP E 229 7.25 73.23 81.49
C ASP E 229 7.81 73.98 82.69
N LYS E 230 9.12 74.23 82.67
CA LYS E 230 9.83 74.86 83.78
C LYS E 230 10.42 76.18 83.31
N LYS E 231 10.19 77.24 84.10
CA LYS E 231 10.76 78.55 83.80
C LYS E 231 12.06 78.74 84.57
N VAL E 232 13.05 79.29 83.89
CA VAL E 232 14.38 79.51 84.44
C VAL E 232 14.55 80.98 84.78
N GLU E 233 14.91 81.27 86.01
CA GLU E 233 15.16 82.62 86.48
C GLU E 233 16.48 82.68 87.22
N PRO E 234 17.21 83.81 87.15
CA PRO E 234 18.49 83.93 87.85
C PRO E 234 18.31 84.11 89.36
N ASP F 1 49.47 12.16 -51.23
CA ASP F 1 48.59 12.86 -50.29
C ASP F 1 47.51 13.64 -51.03
N ILE F 2 47.04 14.72 -50.41
CA ILE F 2 46.01 15.58 -50.97
C ILE F 2 46.50 17.02 -50.91
N VAL F 3 46.13 17.81 -51.91
CA VAL F 3 46.44 19.25 -51.95
C VAL F 3 45.12 20.01 -51.77
N LEU F 4 45.15 21.02 -50.91
CA LEU F 4 43.98 21.85 -50.61
C LEU F 4 44.42 23.31 -50.69
N THR F 5 44.26 23.91 -51.86
CA THR F 5 44.70 25.28 -52.09
C THR F 5 43.51 26.24 -52.00
N GLN F 6 43.79 27.44 -51.51
CA GLN F 6 42.80 28.51 -51.43
C GLN F 6 43.08 29.49 -52.57
N SER F 7 42.31 29.38 -53.65
CA SER F 7 42.46 30.31 -54.76
C SER F 7 42.20 31.76 -54.38
N PRO F 8 41.13 32.12 -53.64
CA PRO F 8 41.03 33.50 -53.13
C PRO F 8 41.72 33.67 -51.77
N LEU F 9 43.03 33.39 -51.75
CA LEU F 9 43.77 33.51 -50.49
C LEU F 9 44.00 34.97 -50.11
N SER F 10 44.07 35.87 -51.09
CA SER F 10 44.27 37.29 -50.85
C SER F 10 43.14 38.06 -51.52
N LEU F 11 42.28 38.68 -50.71
CA LEU F 11 41.18 39.47 -51.25
C LEU F 11 40.81 40.56 -50.25
N PRO F 12 40.74 41.82 -50.69
CA PRO F 12 40.22 42.87 -49.81
C PRO F 12 38.71 43.02 -49.94
N VAL F 13 37.99 42.89 -48.82
CA VAL F 13 36.54 42.99 -48.80
C VAL F 13 36.12 43.96 -47.70
N THR F 14 35.16 44.83 -48.02
CA THR F 14 34.56 45.75 -47.07
C THR F 14 33.22 45.20 -46.59
N PRO F 15 32.81 45.55 -45.37
CA PRO F 15 31.47 45.13 -44.91
C PRO F 15 30.37 45.68 -45.81
N GLY F 16 29.40 44.82 -46.10
CA GLY F 16 28.28 45.21 -46.94
C GLY F 16 28.03 44.27 -48.11
N GLU F 17 29.10 43.68 -48.65
CA GLU F 17 29.01 42.79 -49.79
C GLU F 17 29.50 41.41 -49.41
N PRO F 18 28.96 40.36 -50.04
CA PRO F 18 29.41 39.00 -49.75
C PRO F 18 30.82 38.75 -50.25
N ALA F 19 31.46 37.76 -49.62
CA ALA F 19 32.79 37.30 -50.01
C ALA F 19 32.79 35.78 -50.09
N SER F 20 33.62 35.24 -50.98
CA SER F 20 33.67 33.81 -51.23
C SER F 20 35.11 33.33 -51.24
N ILE F 21 35.32 32.11 -50.73
CA ILE F 21 36.62 31.45 -50.73
C ILE F 21 36.42 30.00 -51.17
N SER F 22 37.34 29.49 -51.97
CA SER F 22 37.21 28.17 -52.56
C SER F 22 38.41 27.30 -52.22
N CYS F 23 38.14 26.03 -51.92
CA CYS F 23 39.17 25.02 -51.69
C CYS F 23 38.91 23.84 -52.63
N ARG F 24 40.00 23.26 -53.13
CA ARG F 24 39.92 22.16 -54.09
C ARG F 24 40.49 20.89 -53.47
N SER F 25 39.85 19.76 -53.75
CA SER F 25 40.26 18.45 -53.26
C SER F 25 40.85 17.64 -54.41
N SER F 26 42.05 17.09 -54.19
CA SER F 26 42.70 16.30 -55.22
C SER F 26 41.95 15.00 -55.49
N GLN F 27 41.47 14.35 -54.45
CA GLN F 27 40.75 13.09 -54.57
C GLN F 27 39.24 13.32 -54.41
N SER F 28 38.47 12.43 -55.02
CA SER F 28 37.02 12.55 -54.96
C SER F 28 36.50 12.18 -53.57
N LEU F 29 35.49 12.92 -53.10
CA LEU F 29 34.87 12.70 -51.81
C LEU F 29 33.39 12.33 -51.97
N LEU F 30 33.03 11.76 -53.12
CA LEU F 30 31.63 11.41 -53.39
C LEU F 30 31.18 10.18 -52.64
N ARG F 31 32.09 9.40 -52.05
CA ARG F 31 31.71 8.24 -51.27
C ARG F 31 31.11 8.68 -49.93
N SER F 32 29.79 8.83 -49.89
CA SER F 32 29.12 9.34 -48.69
C SER F 32 27.65 8.95 -48.75
N ASN F 33 27.08 8.65 -47.58
CA ASN F 33 25.66 8.35 -47.47
C ASN F 33 24.89 9.59 -47.02
N GLY F 34 24.92 10.61 -47.88
CA GLY F 34 24.23 11.86 -47.62
C GLY F 34 24.95 12.81 -46.69
N TYR F 35 26.16 12.50 -46.26
CA TYR F 35 26.95 13.34 -45.36
C TYR F 35 28.26 13.69 -46.07
N ASN F 36 28.33 14.89 -46.65
CA ASN F 36 29.53 15.32 -47.34
C ASN F 36 30.69 15.47 -46.35
N TYR F 37 31.84 14.93 -46.72
CA TYR F 37 32.99 14.84 -45.82
C TYR F 37 33.91 16.04 -46.07
N LEU F 38 33.49 17.21 -45.58
CA LEU F 38 34.30 18.41 -45.63
C LEU F 38 33.77 19.40 -44.61
N ASP F 39 34.68 20.13 -43.97
CA ASP F 39 34.31 21.12 -42.98
C ASP F 39 35.26 22.31 -43.07
N TRP F 40 34.76 23.46 -42.64
CA TRP F 40 35.52 24.71 -42.67
C TRP F 40 35.90 25.13 -41.26
N TYR F 41 36.97 25.93 -41.17
CA TYR F 41 37.49 26.42 -39.90
C TYR F 41 37.73 27.92 -39.98
N LEU F 42 37.72 28.56 -38.82
CA LEU F 42 38.07 29.96 -38.66
C LEU F 42 39.15 30.08 -37.61
N GLN F 43 40.22 30.81 -37.90
CA GLN F 43 41.34 30.97 -36.98
C GLN F 43 41.47 32.45 -36.63
N LYS F 44 40.91 32.84 -35.49
CA LYS F 44 41.12 34.19 -34.99
C LYS F 44 42.55 34.31 -34.49
N PRO F 45 43.33 35.27 -35.00
CA PRO F 45 44.76 35.34 -34.64
C PRO F 45 44.97 35.86 -33.23
N GLY F 46 45.62 35.04 -32.41
CA GLY F 46 46.06 35.50 -31.10
C GLY F 46 45.70 34.60 -29.93
N GLN F 47 44.51 34.01 -29.92
CA GLN F 47 44.09 33.18 -28.79
C GLN F 47 43.80 31.74 -29.20
N SER F 48 42.94 31.50 -30.20
CA SER F 48 42.49 30.16 -30.57
C SER F 48 41.65 30.21 -31.85
N PRO F 49 41.68 29.16 -32.66
CA PRO F 49 40.77 29.08 -33.81
C PRO F 49 39.36 28.72 -33.37
N HIS F 50 38.44 28.70 -34.34
CA HIS F 50 37.04 28.40 -34.07
C HIS F 50 36.48 27.54 -35.19
N LEU F 51 35.44 26.78 -34.88
CA LEU F 51 34.76 25.92 -35.84
C LEU F 51 33.44 26.55 -36.23
N LEU F 52 33.20 26.67 -37.54
CA LEU F 52 31.95 27.24 -38.04
C LEU F 52 30.98 26.17 -38.51
N ILE F 53 31.37 25.37 -39.48
CA ILE F 53 30.49 24.36 -40.08
C ILE F 53 31.23 23.03 -40.13
N TYR F 54 30.58 21.97 -39.65
CA TYR F 54 31.15 20.64 -39.65
C TYR F 54 30.76 19.93 -40.96
N LEU F 55 30.93 18.60 -41.02
CA LEU F 55 30.68 17.84 -42.23
C LEU F 55 29.24 18.03 -42.71
N GLY F 56 29.08 18.17 -44.03
CA GLY F 56 27.79 18.49 -44.59
C GLY F 56 27.52 19.99 -44.55
N SER F 57 26.23 20.34 -44.58
CA SER F 57 25.79 21.73 -44.48
C SER F 57 24.76 21.80 -43.35
N ASN F 58 25.26 21.95 -42.12
CA ASN F 58 24.43 21.98 -40.93
C ASN F 58 24.96 23.06 -40.00
N ARG F 59 24.48 23.07 -38.76
CA ARG F 59 24.82 24.09 -37.78
C ARG F 59 25.26 23.43 -36.48
N ALA F 60 26.32 23.98 -35.87
CA ALA F 60 26.82 23.43 -34.61
C ALA F 60 27.64 24.48 -33.88
N SER F 61 27.82 24.25 -32.59
CA SER F 61 28.69 25.04 -31.71
C SER F 61 28.28 26.51 -31.63
N GLY F 62 27.00 26.79 -31.85
CA GLY F 62 26.49 28.14 -31.73
C GLY F 62 27.07 29.12 -32.73
N VAL F 63 27.40 28.67 -33.92
CA VAL F 63 27.92 29.58 -34.95
C VAL F 63 26.80 30.49 -35.44
N PRO F 64 27.08 31.77 -35.72
CA PRO F 64 26.03 32.66 -36.21
C PRO F 64 25.53 32.27 -37.60
N ASP F 65 24.34 32.79 -37.92
CA ASP F 65 23.67 32.49 -39.17
C ASP F 65 24.34 33.13 -40.38
N ARG F 66 25.29 34.05 -40.16
CA ARG F 66 25.93 34.73 -41.28
C ARG F 66 26.79 33.77 -42.10
N PHE F 67 27.54 32.90 -41.44
CA PHE F 67 28.38 31.94 -42.14
C PHE F 67 27.54 30.79 -42.69
N SER F 68 27.79 30.42 -43.94
CA SER F 68 27.08 29.33 -44.58
C SER F 68 27.95 28.76 -45.70
N GLY F 69 28.00 27.43 -45.79
CA GLY F 69 28.79 26.78 -46.81
C GLY F 69 28.00 25.78 -47.63
N SER F 70 28.48 25.49 -48.84
CA SER F 70 27.79 24.56 -49.73
C SER F 70 28.79 24.01 -50.73
N GLY F 71 28.39 22.94 -51.39
CA GLY F 71 29.22 22.30 -52.41
C GLY F 71 28.97 20.81 -52.46
N SER F 72 29.11 20.25 -53.66
CA SER F 72 28.95 18.82 -53.88
C SER F 72 29.80 18.43 -55.09
N GLY F 73 30.89 17.71 -54.84
CA GLY F 73 31.82 17.34 -55.89
C GLY F 73 33.15 18.05 -55.71
N THR F 74 33.78 18.44 -56.82
CA THR F 74 35.03 19.20 -56.77
C THR F 74 34.71 20.70 -56.89
N ASP F 75 33.97 21.18 -55.89
CA ASP F 75 33.59 22.59 -55.80
C ASP F 75 33.10 22.86 -54.38
N PHE F 76 33.75 23.82 -53.71
CA PHE F 76 33.36 24.19 -52.36
C PHE F 76 33.52 25.69 -52.20
N THR F 77 32.58 26.32 -51.51
CA THR F 77 32.60 27.76 -51.31
C THR F 77 31.97 28.10 -49.96
N LEU F 78 32.32 29.27 -49.46
CA LEU F 78 31.79 29.79 -48.20
C LEU F 78 31.06 31.10 -48.48
N LYS F 79 29.84 31.22 -47.98
CA LYS F 79 29.00 32.39 -48.20
C LYS F 79 28.84 33.17 -46.92
N ILE F 80 29.14 34.47 -46.98
CA ILE F 80 28.96 35.38 -45.86
C ILE F 80 28.01 36.50 -46.31
N SER F 81 27.04 36.83 -45.47
CA SER F 81 26.10 37.89 -45.81
C SER F 81 26.76 39.25 -45.71
N ARG F 82 27.47 39.49 -44.62
CA ARG F 82 28.16 40.77 -44.40
C ARG F 82 29.22 40.55 -43.32
N VAL F 83 30.48 40.84 -43.65
CA VAL F 83 31.55 40.69 -42.69
C VAL F 83 31.51 41.84 -41.68
N GLU F 84 32.13 41.62 -40.52
CA GLU F 84 32.18 42.64 -39.49
C GLU F 84 33.59 42.78 -38.92
N ALA F 85 33.74 43.59 -37.87
CA ALA F 85 35.04 43.78 -37.25
C ALA F 85 35.49 42.56 -36.45
N GLU F 86 34.55 41.72 -36.01
CA GLU F 86 34.89 40.51 -35.27
C GLU F 86 35.19 39.32 -36.17
N ASP F 87 35.11 39.49 -37.49
CA ASP F 87 35.37 38.43 -38.43
C ASP F 87 36.82 38.40 -38.90
N VAL F 88 37.72 39.12 -38.22
CA VAL F 88 39.13 39.10 -38.58
C VAL F 88 39.71 37.75 -38.20
N GLY F 89 39.94 36.90 -39.20
CA GLY F 89 40.46 35.57 -38.97
C GLY F 89 40.52 34.75 -40.23
N VAL F 90 41.63 34.02 -40.43
CA VAL F 90 41.86 33.27 -41.64
C VAL F 90 41.03 31.98 -41.62
N TYR F 91 40.91 31.33 -42.77
CA TYR F 91 40.08 30.14 -42.92
C TYR F 91 40.91 28.99 -43.46
N TYR F 92 40.43 27.77 -43.21
CA TYR F 92 41.08 26.57 -43.69
C TYR F 92 40.03 25.57 -44.17
N CYS F 93 40.43 24.70 -45.09
CA CYS F 93 39.57 23.68 -45.67
C CYS F 93 40.14 22.31 -45.36
N MET F 94 39.28 21.38 -44.96
CA MET F 94 39.71 20.04 -44.60
C MET F 94 38.59 19.07 -44.93
N GLN F 95 38.96 17.87 -45.35
CA GLN F 95 38.03 16.78 -45.59
C GLN F 95 38.19 15.69 -44.53
N ALA F 96 37.29 14.72 -44.54
CA ALA F 96 37.15 13.75 -43.46
C ALA F 96 37.63 12.35 -43.84
N LEU F 97 38.72 12.27 -44.58
CA LEU F 97 39.42 11.02 -44.82
C LEU F 97 40.92 11.31 -44.76
N GLN F 98 41.73 10.32 -45.17
CA GLN F 98 43.18 10.48 -45.28
C GLN F 98 43.79 10.88 -43.92
N THR F 99 43.76 9.90 -43.00
CA THR F 99 44.17 9.97 -41.60
C THR F 99 45.37 10.88 -41.34
N PRO F 100 46.45 10.89 -42.17
CA PRO F 100 47.40 12.01 -42.06
C PRO F 100 46.80 13.30 -42.61
N TYR F 101 46.00 13.98 -41.79
CA TYR F 101 45.27 15.17 -42.22
C TYR F 101 46.24 16.31 -42.48
N THR F 102 46.55 16.56 -43.75
CA THR F 102 47.43 17.65 -44.14
C THR F 102 46.59 18.89 -44.40
N PHE F 103 46.66 19.86 -43.48
CA PHE F 103 45.94 21.12 -43.67
C PHE F 103 46.56 21.90 -44.81
N GLY F 104 45.72 22.54 -45.61
CA GLY F 104 46.18 23.38 -46.70
C GLY F 104 46.59 24.76 -46.22
N GLN F 105 46.95 25.60 -47.19
CA GLN F 105 47.30 26.98 -46.87
C GLN F 105 46.04 27.77 -46.51
N GLY F 106 46.26 28.93 -45.89
CA GLY F 106 45.18 29.78 -45.42
C GLY F 106 45.06 31.07 -46.20
N THR F 107 44.04 31.83 -45.83
CA THR F 107 43.74 33.11 -46.45
C THR F 107 44.42 34.23 -45.66
N ASN F 108 44.05 35.48 -45.93
CA ASN F 108 44.58 36.62 -45.19
C ASN F 108 43.50 37.41 -44.48
N LEU F 109 42.34 37.61 -45.11
CA LEU F 109 41.21 38.36 -44.54
C LEU F 109 41.62 39.76 -44.12
N GLU F 110 42.16 40.53 -45.07
CA GLU F 110 42.44 41.94 -44.88
C GLU F 110 41.20 42.72 -45.30
N ILE F 111 40.50 43.29 -44.32
CA ILE F 111 39.25 44.01 -44.60
C ILE F 111 39.56 45.28 -45.38
N LYS F 112 38.79 45.53 -46.43
CA LYS F 112 38.96 46.73 -47.26
C LYS F 112 38.17 47.90 -46.69
N ARG F 113 38.39 48.21 -45.42
CA ARG F 113 37.71 49.32 -44.78
C ARG F 113 38.36 50.63 -45.24
N THR F 114 37.70 51.76 -44.95
CA THR F 114 38.09 53.06 -45.47
C THR F 114 39.54 53.39 -45.13
N VAL F 115 40.23 53.99 -46.10
CA VAL F 115 41.67 54.16 -46.03
C VAL F 115 42.03 55.21 -44.97
N ALA F 116 43.02 54.88 -44.14
CA ALA F 116 43.57 55.80 -43.16
C ALA F 116 44.98 56.19 -43.57
N ALA F 117 45.26 57.49 -43.58
CA ALA F 117 46.56 57.96 -44.02
C ALA F 117 47.64 57.59 -43.00
N PRO F 118 48.75 56.99 -43.44
CA PRO F 118 49.81 56.64 -42.49
C PRO F 118 50.48 57.88 -41.91
N SER F 119 50.96 57.74 -40.68
CA SER F 119 51.71 58.79 -39.99
C SER F 119 53.16 58.34 -39.92
N VAL F 120 53.98 58.90 -40.82
CA VAL F 120 55.38 58.48 -40.93
C VAL F 120 56.20 59.19 -39.87
N PHE F 121 56.85 58.41 -39.01
CA PHE F 121 57.75 58.94 -37.99
C PHE F 121 59.16 58.42 -38.25
N ILE F 122 60.15 59.24 -37.86
CA ILE F 122 61.55 58.88 -37.98
C ILE F 122 62.18 58.91 -36.60
N PHE F 123 63.06 57.94 -36.34
CA PHE F 123 63.73 57.81 -35.04
C PHE F 123 65.22 57.58 -35.29
N PRO F 124 66.01 58.65 -35.33
CA PRO F 124 67.45 58.49 -35.51
C PRO F 124 68.06 57.81 -34.29
N PRO F 125 69.17 57.09 -34.47
CA PRO F 125 69.83 56.46 -33.32
C PRO F 125 70.35 57.49 -32.34
N SER F 126 70.24 57.16 -31.05
CA SER F 126 70.68 58.07 -30.00
C SER F 126 72.20 57.97 -29.81
N ASP F 127 72.74 58.94 -29.08
CA ASP F 127 74.17 58.92 -28.78
C ASP F 127 74.54 57.74 -27.90
N GLU F 128 73.71 57.43 -26.91
CA GLU F 128 73.98 56.30 -26.02
C GLU F 128 73.93 54.99 -26.77
N GLN F 129 73.02 54.86 -27.74
CA GLN F 129 73.01 53.69 -28.61
C GLN F 129 74.24 53.66 -29.51
N LEU F 130 74.74 54.84 -29.91
CA LEU F 130 75.94 54.90 -30.74
C LEU F 130 77.20 54.55 -29.95
N LYS F 131 77.19 54.70 -28.62
CA LYS F 131 78.33 54.30 -27.82
C LYS F 131 78.55 52.79 -27.84
N SER F 132 77.48 52.02 -28.06
CA SER F 132 77.57 50.56 -28.07
C SER F 132 78.04 49.99 -29.40
N GLY F 133 78.26 50.83 -30.41
CA GLY F 133 78.71 50.37 -31.70
C GLY F 133 77.63 49.87 -32.63
N THR F 134 76.37 49.95 -32.23
CA THR F 134 75.25 49.52 -33.08
C THR F 134 74.27 50.68 -33.20
N ALA F 135 73.97 51.08 -34.43
CA ALA F 135 73.05 52.17 -34.71
C ALA F 135 71.80 51.61 -35.36
N SER F 136 70.65 51.92 -34.77
CA SER F 136 69.36 51.43 -35.26
C SER F 136 68.42 52.60 -35.50
N VAL F 137 67.89 52.70 -36.71
CA VAL F 137 66.93 53.72 -37.08
C VAL F 137 65.59 53.05 -37.36
N VAL F 138 64.51 53.62 -36.83
CA VAL F 138 63.18 53.04 -36.91
C VAL F 138 62.26 54.00 -37.67
N CYS F 139 61.61 53.49 -38.70
CA CYS F 139 60.55 54.21 -39.40
C CYS F 139 59.22 53.68 -38.92
N LEU F 140 58.37 54.57 -38.40
CA LEU F 140 57.14 54.18 -37.70
C LEU F 140 55.93 54.61 -38.52
N LEU F 141 54.98 53.70 -38.67
CA LEU F 141 53.70 53.98 -39.31
C LEU F 141 52.63 53.92 -38.23
N ASN F 142 51.97 55.04 -37.96
CA ASN F 142 50.97 55.14 -36.91
C ASN F 142 49.60 55.28 -37.53
N ASN F 143 48.69 54.36 -37.17
CA ASN F 143 47.29 54.37 -37.59
C ASN F 143 47.16 54.39 -39.12
N PHE F 144 47.69 53.33 -39.74
CA PHE F 144 47.64 53.18 -41.18
C PHE F 144 46.76 51.98 -41.55
N TYR F 145 46.06 52.11 -42.67
CA TYR F 145 45.16 51.06 -43.15
C TYR F 145 44.95 51.27 -44.64
N PRO F 146 44.99 50.20 -45.47
CA PRO F 146 45.05 48.76 -45.15
C PRO F 146 46.40 48.29 -44.60
N ARG F 147 46.42 47.07 -44.03
CA ARG F 147 47.61 46.59 -43.34
C ARG F 147 48.76 46.32 -44.30
N GLU F 148 48.46 45.94 -45.54
CA GLU F 148 49.53 45.71 -46.51
C GLU F 148 50.17 47.02 -46.91
N ALA F 149 51.50 46.99 -47.08
CA ALA F 149 52.27 48.18 -47.43
C ALA F 149 53.63 47.71 -47.94
N LYS F 150 54.53 48.67 -48.17
CA LYS F 150 55.89 48.36 -48.61
C LYS F 150 56.82 49.39 -47.99
N VAL F 151 57.63 48.96 -47.03
CA VAL F 151 58.58 49.84 -46.34
C VAL F 151 59.97 49.50 -46.84
N GLN F 152 60.66 50.50 -47.39
CA GLN F 152 61.99 50.31 -47.94
C GLN F 152 62.94 51.34 -47.33
N TRP F 153 64.17 50.92 -47.08
CA TRP F 153 65.20 51.79 -46.52
C TRP F 153 66.18 52.18 -47.61
N LYS F 154 66.43 53.47 -47.74
CA LYS F 154 67.37 54.01 -48.71
C LYS F 154 68.50 54.75 -47.99
N VAL F 155 69.73 54.37 -48.29
CA VAL F 155 70.92 55.02 -47.73
C VAL F 155 71.76 55.52 -48.90
N ASP F 156 71.91 56.84 -48.99
CA ASP F 156 72.60 57.50 -50.11
C ASP F 156 71.99 57.09 -51.44
N ASN F 157 70.65 57.07 -51.48
CA ASN F 157 69.86 56.68 -52.67
C ASN F 157 70.21 55.28 -53.14
N ALA F 158 70.43 54.37 -52.18
CA ALA F 158 70.69 52.97 -52.47
C ALA F 158 69.78 52.10 -51.62
N LEU F 159 69.10 51.15 -52.26
CA LEU F 159 68.17 50.28 -51.54
C LEU F 159 68.93 49.32 -50.62
N GLN F 160 68.39 49.12 -49.42
CA GLN F 160 68.96 48.22 -48.44
C GLN F 160 68.07 47.01 -48.26
N SER F 161 68.65 45.83 -48.35
CA SER F 161 67.92 44.57 -48.20
C SER F 161 68.69 43.63 -47.28
N GLY F 162 67.94 42.79 -46.57
CA GLY F 162 68.53 41.82 -45.68
C GLY F 162 68.91 42.34 -44.31
N ASN F 163 68.59 43.59 -44.00
CA ASN F 163 68.92 44.18 -42.70
C ASN F 163 67.74 44.92 -42.07
N SER F 164 66.53 44.73 -42.59
CA SER F 164 65.34 45.40 -42.08
C SER F 164 64.30 44.37 -41.65
N GLN F 165 63.67 44.62 -40.52
CA GLN F 165 62.64 43.75 -39.97
C GLN F 165 61.40 44.57 -39.64
N GLU F 166 60.23 43.98 -39.86
CA GLU F 166 58.96 44.67 -39.66
C GLU F 166 58.13 43.95 -38.60
N SER F 167 57.34 44.73 -37.87
CA SER F 167 56.44 44.20 -36.86
C SER F 167 55.17 45.04 -36.84
N VAL F 168 54.02 44.37 -36.79
CA VAL F 168 52.72 45.01 -36.86
C VAL F 168 51.83 44.45 -35.75
N THR F 169 51.02 45.33 -35.16
CA THR F 169 50.08 44.91 -34.12
C THR F 169 48.82 44.32 -34.76
N GLU F 170 47.80 44.08 -33.94
CA GLU F 170 46.53 43.57 -34.41
C GLU F 170 45.59 44.72 -34.72
N GLN F 171 44.36 44.39 -35.11
CA GLN F 171 43.35 45.40 -35.38
C GLN F 171 42.86 46.02 -34.08
N ASP F 172 42.81 47.35 -34.04
CA ASP F 172 42.42 48.06 -32.83
C ASP F 172 40.93 47.93 -32.58
N SER F 173 40.51 48.31 -31.38
CA SER F 173 39.12 48.24 -30.98
C SER F 173 38.41 49.60 -31.00
N LYS F 174 39.14 50.69 -31.20
CA LYS F 174 38.55 52.03 -31.24
C LYS F 174 38.47 52.57 -32.66
N ASP F 175 39.60 52.61 -33.37
CA ASP F 175 39.61 53.02 -34.76
C ASP F 175 39.97 51.90 -35.72
N SER F 176 40.38 50.74 -35.20
CA SER F 176 40.69 49.53 -35.96
C SER F 176 41.80 49.74 -36.98
N THR F 177 42.68 50.72 -36.75
CA THR F 177 43.75 51.04 -37.67
C THR F 177 45.03 50.31 -37.26
N TYR F 178 45.65 49.63 -38.21
CA TYR F 178 46.90 48.93 -37.95
C TYR F 178 48.05 49.92 -37.81
N SER F 179 49.17 49.43 -37.30
CA SER F 179 50.38 50.24 -37.15
C SER F 179 51.59 49.32 -37.27
N LEU F 180 52.52 49.70 -38.15
CA LEU F 180 53.71 48.90 -38.43
C LEU F 180 54.95 49.72 -38.13
N SER F 181 55.95 49.06 -37.55
CA SER F 181 57.25 49.67 -37.26
C SER F 181 58.34 48.82 -37.90
N SER F 182 59.24 49.48 -38.62
CA SER F 182 60.33 48.82 -39.31
C SER F 182 61.64 49.14 -38.61
N THR F 183 62.37 48.10 -38.20
CA THR F 183 63.64 48.24 -37.49
C THR F 183 64.79 47.93 -38.43
N LEU F 184 65.66 48.90 -38.64
CA LEU F 184 66.85 48.74 -39.48
C LEU F 184 68.07 48.95 -38.59
N THR F 185 68.85 47.89 -38.39
CA THR F 185 70.03 47.94 -37.55
C THR F 185 71.28 47.75 -38.38
N LEU F 186 72.36 48.43 -37.97
CA LEU F 186 73.63 48.39 -38.68
C LEU F 186 74.76 48.63 -37.69
N SER F 187 75.96 48.24 -38.10
CA SER F 187 77.14 48.45 -37.27
C SER F 187 77.57 49.92 -37.33
N LYS F 188 78.44 50.30 -36.39
CA LYS F 188 78.93 51.66 -36.33
C LYS F 188 79.82 52.00 -37.53
N ALA F 189 80.62 51.02 -37.99
CA ALA F 189 81.47 51.24 -39.14
C ALA F 189 80.64 51.48 -40.41
N ASP F 190 79.56 50.72 -40.57
CA ASP F 190 78.68 50.92 -41.71
C ASP F 190 77.79 52.15 -41.55
N TYR F 191 77.65 52.68 -40.34
CA TYR F 191 76.83 53.85 -40.10
C TYR F 191 77.61 55.15 -40.29
N GLU F 192 78.87 55.18 -39.86
CA GLU F 192 79.67 56.39 -39.98
C GLU F 192 80.14 56.66 -41.41
N LYS F 193 80.07 55.66 -42.30
CA LYS F 193 80.53 55.84 -43.67
C LYS F 193 79.50 56.52 -44.55
N HIS F 194 78.28 56.72 -44.07
CA HIS F 194 77.23 57.37 -44.85
C HIS F 194 76.51 58.38 -43.97
N LYS F 195 75.90 59.37 -44.62
CA LYS F 195 75.20 60.45 -43.92
C LYS F 195 73.72 60.52 -44.24
N VAL F 196 73.33 60.24 -45.48
CA VAL F 196 71.94 60.34 -45.91
C VAL F 196 71.23 59.05 -45.55
N TYR F 197 70.20 59.16 -44.70
CA TYR F 197 69.39 58.02 -44.30
C TYR F 197 67.92 58.40 -44.39
N ALA F 198 67.11 57.51 -44.95
CA ALA F 198 65.69 57.79 -45.13
C ALA F 198 64.94 56.47 -45.25
N CYS F 199 63.63 56.54 -45.02
CA CYS F 199 62.73 55.40 -45.17
C CYS F 199 61.60 55.77 -46.13
N GLU F 200 61.28 54.84 -47.02
CA GLU F 200 60.24 55.04 -48.02
C GLU F 200 59.03 54.19 -47.67
N VAL F 201 57.85 54.81 -47.66
CA VAL F 201 56.60 54.15 -47.32
C VAL F 201 55.71 54.14 -48.55
N THR F 202 55.31 52.95 -48.99
CA THR F 202 54.39 52.78 -50.11
C THR F 202 53.05 52.30 -49.57
N HIS F 203 51.98 52.97 -49.98
CA HIS F 203 50.65 52.70 -49.44
C HIS F 203 49.64 52.64 -50.56
N GLN F 204 48.56 51.89 -50.32
CA GLN F 204 47.48 51.80 -51.31
C GLN F 204 46.77 53.14 -51.48
N GLY F 205 46.52 53.85 -50.38
CA GLY F 205 45.87 55.13 -50.42
C GLY F 205 46.74 56.29 -50.81
N LEU F 206 48.04 56.06 -51.00
CA LEU F 206 48.98 57.10 -51.39
C LEU F 206 49.27 56.98 -52.88
N SER F 207 49.07 58.08 -53.62
CA SER F 207 49.37 58.08 -55.04
C SER F 207 50.86 57.91 -55.29
N SER F 208 51.69 58.55 -54.48
CA SER F 208 53.14 58.45 -54.57
C SER F 208 53.71 58.13 -53.20
N PRO F 209 54.81 57.37 -53.15
CA PRO F 209 55.45 57.08 -51.86
C PRO F 209 56.02 58.33 -51.21
N VAL F 210 56.03 58.33 -49.88
CA VAL F 210 56.55 59.43 -49.09
C VAL F 210 57.89 59.03 -48.51
N THR F 211 58.84 59.95 -48.54
CA THR F 211 60.19 59.71 -48.04
C THR F 211 60.54 60.77 -47.00
N LYS F 212 60.86 60.34 -45.79
CA LYS F 212 61.30 61.22 -44.73
C LYS F 212 62.80 61.07 -44.54
N SER F 213 63.53 62.16 -44.76
CA SER F 213 64.99 62.14 -44.77
C SER F 213 65.55 62.86 -43.55
N PHE F 214 66.72 62.40 -43.12
CA PHE F 214 67.44 63.03 -42.01
C PHE F 214 68.93 62.78 -42.21
N ASN F 215 69.74 63.58 -41.52
CA ASN F 215 71.19 63.50 -41.63
C ASN F 215 71.82 63.38 -40.25
N ARG F 216 72.97 62.71 -40.20
CA ARG F 216 73.69 62.54 -38.95
C ARG F 216 74.41 63.83 -38.58
N GLY F 217 74.39 64.17 -37.30
CA GLY F 217 75.04 65.37 -36.82
C GLY F 217 74.14 66.23 -35.95
N GLU F 218 72.83 66.04 -36.07
CA GLU F 218 71.86 66.80 -35.31
C GLU F 218 71.27 65.94 -34.19
N CYS F 219 70.76 66.63 -33.17
CA CYS F 219 70.17 65.95 -32.02
C CYS F 219 68.82 65.35 -32.37
N ASP G 1 41.83 31.41 73.79
CA ASP G 1 41.04 31.75 72.61
C ASP G 1 41.88 32.51 71.58
N ILE G 2 41.26 33.50 70.95
CA ILE G 2 41.90 34.31 69.93
C ILE G 2 41.88 35.79 70.30
N VAL G 3 41.73 36.09 71.60
CA VAL G 3 41.70 37.47 72.06
C VAL G 3 43.06 38.12 71.81
N LEU G 4 43.02 39.33 71.25
CA LEU G 4 44.23 40.05 70.86
C LEU G 4 44.05 41.53 71.17
N THR G 5 45.18 42.23 71.24
CA THR G 5 45.20 43.66 71.52
C THR G 5 45.57 44.41 70.26
N GLN G 6 44.75 45.39 69.89
CA GLN G 6 45.00 46.24 68.74
C GLN G 6 45.98 47.35 69.08
N SER G 7 46.06 48.37 68.23
CA SER G 7 46.92 49.52 68.46
C SER G 7 46.51 50.23 69.76
N PRO G 8 47.44 50.93 70.41
CA PRO G 8 47.12 51.59 71.69
C PRO G 8 46.02 52.64 71.58
N LEU G 9 45.73 53.15 70.38
CA LEU G 9 44.62 54.02 70.04
C LEU G 9 44.71 55.41 70.66
N SER G 10 45.75 55.71 71.43
CA SER G 10 45.99 57.06 71.91
C SER G 10 46.90 57.84 70.97
N LEU G 11 46.54 57.84 69.69
CA LEU G 11 47.37 58.44 68.65
C LEU G 11 46.84 59.82 68.28
N PRO G 12 47.65 60.87 68.38
CA PRO G 12 47.22 62.20 67.92
C PRO G 12 47.36 62.30 66.40
N VAL G 13 46.24 62.53 65.71
CA VAL G 13 46.21 62.61 64.27
C VAL G 13 45.76 64.01 63.87
N THR G 14 46.51 64.63 62.96
CA THR G 14 46.18 65.94 62.42
C THR G 14 45.83 65.80 60.94
N PRO G 15 44.99 66.71 60.41
CA PRO G 15 44.74 66.69 58.97
C PRO G 15 46.01 66.91 58.17
N GLY G 16 46.09 66.24 57.03
CA GLY G 16 47.28 66.26 56.20
C GLY G 16 48.32 65.23 56.55
N GLU G 17 48.10 64.42 57.60
CA GLU G 17 49.02 63.38 58.01
C GLU G 17 48.33 62.02 58.01
N PRO G 18 48.93 61.01 57.38
CA PRO G 18 48.34 59.68 57.39
C PRO G 18 48.30 59.06 58.78
N ALA G 19 47.30 58.20 58.99
CA ALA G 19 47.12 57.50 60.25
C ALA G 19 47.17 56.00 60.01
N SER G 20 48.04 55.31 60.75
CA SER G 20 48.22 53.88 60.62
C SER G 20 47.78 53.19 61.90
N ILE G 21 46.85 52.25 61.79
CA ILE G 21 46.38 51.45 62.91
C ILE G 21 46.63 49.98 62.58
N SER G 22 47.35 49.29 63.46
CA SER G 22 47.79 47.92 63.21
C SER G 22 47.36 47.01 64.33
N CYS G 23 46.82 45.84 63.96
CA CYS G 23 46.55 44.76 64.90
C CYS G 23 47.24 43.50 64.42
N ARG G 24 47.83 42.76 65.35
CA ARG G 24 48.59 41.57 65.00
C ARG G 24 47.70 40.32 65.08
N SER G 25 48.31 39.16 64.84
CA SER G 25 47.61 37.89 64.82
C SER G 25 48.36 36.88 65.67
N SER G 26 47.62 36.13 66.49
CA SER G 26 48.25 35.08 67.30
C SER G 26 48.68 33.90 66.43
N GLN G 27 47.87 33.54 65.44
CA GLN G 27 48.18 32.45 64.53
C GLN G 27 47.99 32.91 63.09
N SER G 28 48.42 32.07 62.16
CA SER G 28 48.36 32.41 60.75
C SER G 28 46.93 32.45 60.24
N LEU G 29 46.64 33.45 59.41
CA LEU G 29 45.33 33.58 58.76
C LEU G 29 45.37 32.89 57.40
N LEU G 30 45.39 31.55 57.46
CA LEU G 30 45.47 30.74 56.25
C LEU G 30 44.59 29.51 56.42
N ARG G 31 43.41 29.54 55.81
CA ARG G 31 42.52 28.39 55.76
C ARG G 31 41.95 28.27 54.36
N SER G 32 41.77 27.02 53.91
CA SER G 32 41.28 26.68 52.58
C SER G 32 42.16 27.30 51.49
N ASN G 33 41.76 28.46 50.98
CA ASN G 33 42.49 29.14 49.92
C ASN G 33 43.39 30.21 50.53
N GLY G 34 44.36 30.67 49.74
CA GLY G 34 45.36 31.62 50.17
C GLY G 34 44.93 33.07 50.24
N TYR G 35 43.64 33.35 50.15
CA TYR G 35 43.15 34.72 50.28
C TYR G 35 43.37 35.24 51.70
N ASN G 36 43.53 36.57 51.80
CA ASN G 36 43.71 37.22 53.09
C ASN G 36 42.33 37.46 53.69
N TYR G 37 41.89 36.53 54.52
CA TYR G 37 40.56 36.60 55.14
C TYR G 37 40.63 37.48 56.39
N LEU G 38 40.77 38.78 56.15
CA LEU G 38 40.80 39.77 57.22
C LEU G 38 39.98 40.97 56.77
N ASP G 39 39.21 41.54 57.70
CA ASP G 39 38.29 42.63 57.41
C ASP G 39 38.59 43.81 58.31
N TRP G 40 38.01 44.96 57.97
CA TRP G 40 38.05 46.13 58.84
C TRP G 40 36.70 46.82 58.75
N TYR G 41 36.14 47.15 59.92
CA TYR G 41 34.82 47.75 60.00
C TYR G 41 34.92 49.16 60.56
N LEU G 42 34.23 50.11 59.91
CA LEU G 42 34.17 51.49 60.38
C LEU G 42 32.89 51.64 61.20
N GLN G 43 33.04 51.64 62.52
CA GLN G 43 31.90 51.76 63.43
C GLN G 43 31.83 53.21 63.90
N LYS G 44 31.20 54.05 63.08
CA LYS G 44 30.91 55.40 63.51
C LYS G 44 29.78 55.38 64.52
N PRO G 45 29.89 56.10 65.64
CA PRO G 45 28.90 55.96 66.72
C PRO G 45 27.57 56.57 66.35
N GLY G 46 26.50 55.94 66.83
CA GLY G 46 25.16 56.48 66.71
C GLY G 46 24.18 55.62 65.93
N GLN G 47 24.57 55.16 64.74
CA GLN G 47 23.64 54.43 63.89
C GLN G 47 24.05 52.99 63.61
N SER G 48 25.28 52.74 63.14
CA SER G 48 25.60 51.39 62.67
C SER G 48 27.11 51.17 62.53
N PRO G 49 27.59 49.93 62.80
CA PRO G 49 29.00 49.57 62.53
C PRO G 49 29.22 49.09 61.10
N HIS G 50 29.37 50.05 60.18
CA HIS G 50 29.57 49.74 58.78
C HIS G 50 30.99 49.24 58.53
N LEU G 51 31.29 48.94 57.26
CA LEU G 51 32.56 48.37 56.86
C LEU G 51 33.26 49.29 55.87
N LEU G 52 34.57 49.12 55.75
CA LEU G 52 35.37 49.89 54.81
C LEU G 52 36.21 49.03 53.87
N ILE G 53 36.81 47.96 54.35
CA ILE G 53 37.58 47.04 53.51
C ILE G 53 37.24 45.60 53.89
N TYR G 54 36.86 44.80 52.91
CA TYR G 54 36.54 43.40 53.12
C TYR G 54 37.81 42.55 52.96
N LEU G 55 37.65 41.23 52.85
CA LEU G 55 38.81 40.34 52.76
C LEU G 55 39.61 40.62 51.49
N GLY G 56 40.94 40.52 51.61
CA GLY G 56 41.82 40.83 50.51
C GLY G 56 42.11 42.31 50.40
N SER G 57 43.03 42.64 49.50
CA SER G 57 43.41 44.03 49.24
C SER G 57 42.59 44.60 48.09
N ASN G 58 41.27 44.57 48.27
CA ASN G 58 40.32 45.06 47.28
C ASN G 58 39.34 46.00 47.96
N ARG G 59 38.52 46.66 47.15
CA ARG G 59 37.57 47.67 47.62
C ARG G 59 36.15 47.25 47.27
N ALA G 60 35.21 47.56 48.16
CA ALA G 60 33.83 47.16 47.97
C ALA G 60 32.92 48.10 48.76
N SER G 61 31.62 48.02 48.47
CA SER G 61 30.56 48.75 49.15
C SER G 61 30.73 50.28 49.04
N GLY G 62 31.33 50.72 47.94
CA GLY G 62 31.47 52.16 47.69
C GLY G 62 32.32 52.90 48.69
N VAL G 63 33.38 52.26 49.20
CA VAL G 63 34.27 52.92 50.15
C VAL G 63 35.12 53.94 49.42
N PRO G 64 35.40 55.11 50.00
CA PRO G 64 36.35 56.04 49.38
C PRO G 64 37.75 55.42 49.26
N ASP G 65 38.48 55.85 48.23
CA ASP G 65 39.78 55.29 47.92
C ASP G 65 40.87 55.67 48.92
N ARG G 66 40.58 56.58 49.84
CA ARG G 66 41.60 56.98 50.82
C ARG G 66 41.97 55.82 51.75
N PHE G 67 41.03 54.95 52.06
CA PHE G 67 41.28 53.79 52.91
C PHE G 67 41.74 52.61 52.06
N SER G 68 42.82 51.96 52.47
CA SER G 68 43.35 50.81 51.75
C SER G 68 44.13 49.93 52.72
N GLY G 69 44.01 48.62 52.54
CA GLY G 69 44.71 47.68 53.39
C GLY G 69 45.98 47.13 52.76
N SER G 70 46.90 46.69 53.61
CA SER G 70 48.17 46.14 53.16
C SER G 70 48.69 45.17 54.21
N GLY G 71 49.56 44.27 53.77
CA GLY G 71 50.19 43.31 54.65
C GLY G 71 49.42 41.99 54.71
N SER G 72 50.13 40.97 55.20
CA SER G 72 49.56 39.63 55.33
C SER G 72 50.30 38.88 56.43
N GLY G 73 49.70 37.78 56.87
CA GLY G 73 50.29 37.02 57.96
C GLY G 73 50.19 37.77 59.28
N THR G 74 51.28 37.78 60.03
CA THR G 74 51.34 38.55 61.28
C THR G 74 51.90 39.95 60.99
N ASP G 75 51.26 40.63 60.04
CA ASP G 75 51.64 41.98 59.66
C ASP G 75 50.48 42.59 58.88
N PHE G 76 49.86 43.63 59.44
CA PHE G 76 48.73 44.28 58.77
C PHE G 76 48.61 45.70 59.29
N THR G 77 48.25 46.61 58.40
CA THR G 77 48.09 48.01 58.75
C THR G 77 47.18 48.67 57.73
N LEU G 78 46.74 49.89 58.05
CA LEU G 78 45.91 50.69 57.18
C LEU G 78 46.62 52.00 56.84
N LYS G 79 46.25 52.57 55.70
CA LYS G 79 46.77 53.86 55.25
C LYS G 79 45.60 54.76 54.88
N ILE G 80 45.60 55.98 55.41
CA ILE G 80 44.57 56.97 55.12
C ILE G 80 45.24 58.16 54.45
N SER G 81 44.73 58.56 53.28
CA SER G 81 45.30 59.68 52.56
C SER G 81 45.09 60.99 53.31
N ARG G 82 43.87 61.22 53.79
CA ARG G 82 43.55 62.45 54.52
C ARG G 82 42.32 62.20 55.38
N VAL G 83 42.44 62.41 56.68
CA VAL G 83 41.29 62.23 57.58
C VAL G 83 40.30 63.37 57.40
N GLU G 84 39.02 63.04 57.52
CA GLU G 84 37.94 64.01 57.38
C GLU G 84 37.12 64.04 58.67
N ALA G 85 36.10 64.91 58.68
CA ALA G 85 35.26 65.06 59.86
C ALA G 85 34.20 63.97 59.98
N GLU G 86 33.97 63.20 58.92
CA GLU G 86 32.96 62.14 58.91
C GLU G 86 33.56 60.76 59.11
N ASP G 87 34.86 60.68 59.40
CA ASP G 87 35.56 59.40 59.59
C ASP G 87 35.64 58.98 61.05
N VAL G 88 35.01 59.73 61.95
CA VAL G 88 35.14 59.46 63.38
C VAL G 88 34.37 58.18 63.73
N GLY G 89 35.03 57.29 64.46
CA GLY G 89 34.41 56.05 64.88
C GLY G 89 35.44 55.06 65.39
N VAL G 90 34.97 54.12 66.20
CA VAL G 90 35.86 53.10 66.75
C VAL G 90 36.25 52.11 65.66
N TYR G 91 37.42 51.50 65.82
CA TYR G 91 38.00 50.62 64.83
C TYR G 91 38.10 49.19 65.34
N TYR G 92 38.15 48.25 64.40
CA TYR G 92 38.14 46.82 64.72
C TYR G 92 38.58 46.04 63.48
N CYS G 93 39.44 45.04 63.68
CA CYS G 93 39.87 44.15 62.62
C CYS G 93 39.22 42.79 62.81
N MET G 94 38.60 42.28 61.75
CA MET G 94 37.67 41.15 61.79
C MET G 94 38.31 39.98 61.05
N GLN G 95 38.65 38.91 61.78
CA GLN G 95 39.39 37.79 61.23
C GLN G 95 38.46 36.61 60.95
N ALA G 96 38.55 36.04 59.75
CA ALA G 96 37.54 35.15 59.21
C ALA G 96 37.96 33.69 59.21
N LEU G 97 38.61 33.25 60.30
CA LEU G 97 38.95 31.84 60.44
C LEU G 97 37.74 31.01 60.84
N GLN G 98 37.15 31.33 62.00
CA GLN G 98 36.02 30.58 62.53
C GLN G 98 34.96 31.53 63.04
N THR G 99 33.72 31.04 63.09
CA THR G 99 32.58 31.80 63.57
C THR G 99 32.61 32.12 65.07
N PRO G 100 33.20 31.27 65.95
CA PRO G 100 33.40 31.82 67.31
C PRO G 100 34.61 32.73 67.42
N TYR G 101 34.43 33.98 66.99
CA TYR G 101 35.51 34.96 67.00
C TYR G 101 35.33 35.93 68.16
N THR G 102 36.46 36.45 68.64
CA THR G 102 36.48 37.47 69.68
C THR G 102 36.67 38.86 69.05
N PHE G 103 36.51 39.88 69.89
CA PHE G 103 36.57 41.25 69.43
C PHE G 103 37.76 41.98 70.05
N GLY G 104 38.23 43.00 69.34
CA GLY G 104 39.33 43.83 69.78
C GLY G 104 38.86 45.07 70.51
N GLN G 105 39.74 46.07 70.55
CA GLN G 105 39.48 47.33 71.24
C GLN G 105 39.50 48.48 70.24
N GLY G 106 38.57 49.42 70.38
CA GLY G 106 38.46 50.53 69.47
C GLY G 106 38.24 51.85 70.21
N THR G 107 38.67 52.93 69.56
CA THR G 107 38.51 54.27 70.09
C THR G 107 38.18 55.20 68.92
N ASN G 108 37.41 56.25 69.21
CA ASN G 108 37.00 57.20 68.19
C ASN G 108 38.21 57.98 67.66
N LEU G 109 38.05 58.52 66.45
CA LEU G 109 39.13 59.25 65.80
C LEU G 109 39.44 60.56 66.53
N GLU G 110 40.68 60.99 66.40
CA GLU G 110 41.17 62.21 67.04
C GLU G 110 41.70 63.14 65.96
N ILE G 111 41.17 64.36 65.92
CA ILE G 111 41.59 65.38 64.96
C ILE G 111 42.04 66.59 65.76
N LYS G 112 43.26 67.06 65.51
CA LYS G 112 43.89 68.13 66.28
C LYS G 112 43.71 69.45 65.52
N ARG G 113 42.64 70.16 65.84
CA ARG G 113 42.47 71.51 65.30
C ARG G 113 43.41 72.50 65.99
N THR G 114 43.57 72.36 67.31
CA THR G 114 44.46 73.18 68.15
C THR G 114 44.17 74.66 68.05
N VAL G 115 42.94 75.04 67.70
CA VAL G 115 42.56 76.46 67.63
C VAL G 115 41.30 76.77 68.41
N ALA G 116 40.43 75.81 68.69
CA ALA G 116 39.17 76.06 69.39
C ALA G 116 39.43 76.02 70.90
N ALA G 117 39.44 77.20 71.53
CA ALA G 117 39.63 77.26 72.97
C ALA G 117 38.39 76.74 73.68
N PRO G 118 38.55 75.85 74.67
CA PRO G 118 37.38 75.33 75.38
C PRO G 118 36.70 76.39 76.22
N SER G 119 35.38 76.24 76.37
CA SER G 119 34.58 77.08 77.25
C SER G 119 34.03 76.19 78.36
N VAL G 120 34.48 76.44 79.58
CA VAL G 120 34.15 75.59 80.72
C VAL G 120 33.05 76.26 81.53
N PHE G 121 31.93 75.54 81.71
CA PHE G 121 30.81 76.02 82.49
C PHE G 121 30.66 75.17 83.75
N ILE G 122 30.33 75.81 84.86
CA ILE G 122 30.04 75.13 86.12
C ILE G 122 28.74 75.68 86.68
N PHE G 123 27.88 74.79 87.14
CA PHE G 123 26.55 75.16 87.63
C PHE G 123 26.36 74.63 89.04
N PRO G 124 26.14 75.47 90.04
CA PRO G 124 25.89 74.97 91.39
C PRO G 124 24.55 74.28 91.46
N PRO G 125 24.39 73.31 92.37
CA PRO G 125 23.08 72.68 92.56
C PRO G 125 22.04 73.66 93.08
N SER G 126 20.79 73.43 92.67
CA SER G 126 19.70 74.31 93.06
C SER G 126 19.21 73.97 94.47
N ASP G 127 18.38 74.86 95.01
CA ASP G 127 17.82 74.63 96.35
C ASP G 127 16.83 73.48 96.35
N GLU G 128 16.13 73.27 95.24
CA GLU G 128 15.20 72.14 95.16
C GLU G 128 15.95 70.81 95.23
N GLN G 129 17.10 70.72 94.56
CA GLN G 129 17.92 69.52 94.65
C GLN G 129 18.46 69.32 96.06
N LEU G 130 18.82 70.39 96.75
CA LEU G 130 19.27 70.29 98.13
C LEU G 130 18.15 69.81 99.04
N LYS G 131 16.92 70.27 98.80
CA LYS G 131 15.78 69.79 99.56
C LYS G 131 15.48 68.33 99.25
N SER G 132 15.69 67.91 98.00
CA SER G 132 15.45 66.52 97.63
C SER G 132 16.47 65.56 98.23
N GLY G 133 17.61 66.07 98.70
CA GLY G 133 18.62 65.25 99.31
C GLY G 133 19.76 64.81 98.41
N THR G 134 19.71 65.15 97.12
CA THR G 134 20.77 64.83 96.18
C THR G 134 21.31 66.12 95.58
N ALA G 135 22.60 66.36 95.78
CA ALA G 135 23.27 67.54 95.26
C ALA G 135 24.03 67.17 94.00
N SER G 136 23.54 67.65 92.86
CA SER G 136 24.13 67.36 91.55
C SER G 136 24.78 68.63 91.01
N VAL G 137 26.09 68.56 90.77
CA VAL G 137 26.85 69.67 90.20
C VAL G 137 27.38 69.21 88.84
N VAL G 138 27.28 70.07 87.84
CA VAL G 138 27.60 69.73 86.46
C VAL G 138 28.69 70.66 85.96
N CYS G 139 29.74 70.08 85.40
CA CYS G 139 30.81 70.83 84.74
C CYS G 139 30.68 70.60 83.23
N LEU G 140 30.45 71.67 82.50
CA LEU G 140 30.21 71.59 81.06
C LEU G 140 31.44 72.04 80.27
N LEU G 141 31.58 71.46 79.08
CA LEU G 141 32.62 71.85 78.14
C LEU G 141 31.95 72.21 76.81
N ASN G 142 32.27 73.38 76.28
CA ASN G 142 31.65 73.88 75.06
C ASN G 142 32.71 74.40 74.10
N ASN G 143 32.50 74.15 72.81
CA ASN G 143 33.35 74.64 71.72
C ASN G 143 34.81 74.23 71.90
N PHE G 144 35.01 72.93 72.16
CA PHE G 144 36.35 72.37 72.29
C PHE G 144 36.49 71.17 71.36
N TYR G 145 37.72 70.95 70.91
CA TYR G 145 38.03 69.93 69.92
C TYR G 145 39.46 69.48 70.14
N PRO G 146 39.76 68.18 70.10
CA PRO G 146 38.85 67.05 69.84
C PRO G 146 38.07 66.60 71.07
N ARG G 147 37.57 65.36 71.07
CA ARG G 147 36.65 64.91 72.12
C ARG G 147 37.37 64.62 73.43
N GLU G 148 38.65 64.27 73.38
CA GLU G 148 39.36 63.90 74.60
C GLU G 148 39.60 65.11 75.49
N ALA G 149 39.32 64.94 76.79
CA ALA G 149 39.50 66.00 77.76
C ALA G 149 39.57 65.38 79.14
N LYS G 150 40.65 65.66 79.87
CA LYS G 150 40.83 65.13 81.23
C LYS G 150 40.08 66.05 82.20
N VAL G 151 38.94 65.57 82.68
CA VAL G 151 38.09 66.33 83.60
C VAL G 151 38.06 65.60 84.93
N GLN G 152 38.44 66.29 86.00
CA GLN G 152 38.45 65.73 87.35
C GLN G 152 37.81 66.72 88.31
N TRP G 153 37.29 66.18 89.40
CA TRP G 153 36.64 66.95 90.45
C TRP G 153 37.54 66.97 91.68
N LYS G 154 37.79 68.15 92.23
CA LYS G 154 38.59 68.27 93.45
C LYS G 154 37.70 68.83 94.57
N VAL G 155 37.75 68.18 95.73
CA VAL G 155 37.02 68.61 96.91
C VAL G 155 38.00 68.61 98.07
N ASP G 156 38.25 69.81 98.63
CA ASP G 156 39.13 70.01 99.78
C ASP G 156 40.53 69.43 99.52
N ASN G 157 41.08 69.78 98.35
CA ASN G 157 42.41 69.34 97.91
C ASN G 157 42.53 67.83 97.88
N ALA G 158 41.46 67.16 97.46
CA ALA G 158 41.44 65.70 97.34
C ALA G 158 40.75 65.33 96.03
N LEU G 159 41.36 64.42 95.29
CA LEU G 159 40.77 63.95 94.03
C LEU G 159 39.54 63.09 94.31
N GLN G 160 38.54 63.22 93.45
CA GLN G 160 37.29 62.48 93.58
C GLN G 160 37.13 61.53 92.40
N SER G 161 36.83 60.28 92.69
CA SER G 161 36.64 59.27 91.66
C SER G 161 35.49 58.36 92.06
N GLY G 162 34.88 57.73 91.06
CA GLY G 162 33.77 56.82 91.29
C GLY G 162 32.41 57.49 91.44
N ASN G 163 32.34 58.81 91.30
CA ASN G 163 31.08 59.53 91.43
C ASN G 163 30.89 60.56 90.32
N SER G 164 31.71 60.52 89.27
CA SER G 164 31.62 61.46 88.16
C SER G 164 31.44 60.69 86.86
N GLN G 165 30.59 61.22 85.98
CA GLN G 165 30.29 60.59 84.71
C GLN G 165 30.40 61.62 83.59
N GLU G 166 30.94 61.19 82.45
CA GLU G 166 31.20 62.07 81.32
C GLU G 166 30.38 61.61 80.12
N SER G 167 29.75 62.57 79.45
CA SER G 167 28.98 62.32 78.23
C SER G 167 29.48 63.24 77.13
N VAL G 168 29.80 62.66 75.97
CA VAL G 168 30.39 63.39 74.86
C VAL G 168 29.35 63.50 73.75
N THR G 169 29.12 64.73 73.28
CA THR G 169 28.20 64.97 72.18
C THR G 169 28.84 64.59 70.85
N GLU G 170 28.02 64.48 69.83
CA GLU G 170 28.50 64.22 68.48
C GLU G 170 29.09 65.49 67.88
N GLN G 171 29.83 65.31 66.78
CA GLN G 171 30.45 66.45 66.11
C GLN G 171 29.39 67.29 65.41
N ASP G 172 29.47 68.61 65.62
CA ASP G 172 28.49 69.52 65.03
C ASP G 172 28.71 69.63 63.53
N SER G 173 27.62 69.84 62.80
CA SER G 173 27.66 70.01 61.36
C SER G 173 27.86 71.46 60.93
N LYS G 174 27.89 72.40 61.87
CA LYS G 174 28.05 73.81 61.56
C LYS G 174 29.48 74.29 61.75
N ASP G 175 30.03 74.12 62.95
CA ASP G 175 31.38 74.56 63.26
C ASP G 175 32.35 73.43 63.57
N SER G 176 31.87 72.18 63.60
CA SER G 176 32.69 70.99 63.87
C SER G 176 33.40 71.09 65.21
N THR G 177 32.59 71.18 66.27
CA THR G 177 33.10 71.26 67.64
C THR G 177 32.38 70.25 68.52
N TYR G 178 33.13 69.70 69.48
CA TYR G 178 32.58 68.75 70.42
C TYR G 178 32.12 69.46 71.69
N SER G 179 31.31 68.75 72.48
CA SER G 179 30.87 69.25 73.77
C SER G 179 30.86 68.09 74.76
N LEU G 180 31.23 68.38 76.01
CA LEU G 180 31.35 67.38 77.05
C LEU G 180 30.60 67.81 78.30
N SER G 181 29.83 66.90 78.87
CA SER G 181 29.07 67.14 80.10
C SER G 181 29.63 66.23 81.19
N SER G 182 30.02 66.83 82.31
CA SER G 182 30.55 66.10 83.46
C SER G 182 29.64 66.36 84.65
N THR G 183 28.84 65.36 85.01
CA THR G 183 27.89 65.48 86.11
C THR G 183 28.40 64.70 87.32
N LEU G 184 28.46 65.38 88.46
CA LEU G 184 28.90 64.78 89.72
C LEU G 184 27.72 64.71 90.68
N THR G 185 27.46 63.52 91.22
CA THR G 185 26.36 63.29 92.14
C THR G 185 26.93 62.96 93.53
N LEU G 186 26.47 63.69 94.54
CA LEU G 186 26.92 63.49 95.90
C LEU G 186 25.72 63.61 96.84
N SER G 187 25.81 62.92 97.99
CA SER G 187 24.76 62.98 98.98
C SER G 187 24.73 64.35 99.66
N LYS G 188 23.57 64.69 100.21
CA LYS G 188 23.41 65.98 100.88
C LYS G 188 24.28 66.07 102.14
N ALA G 189 24.36 64.98 102.90
CA ALA G 189 25.16 64.98 104.13
C ALA G 189 26.63 65.20 103.81
N ASP G 190 27.13 64.58 102.76
CA ASP G 190 28.51 64.83 102.34
C ASP G 190 28.65 66.21 101.70
N TYR G 191 27.57 66.75 101.13
CA TYR G 191 27.65 68.07 100.50
C TYR G 191 27.78 69.17 101.55
N GLU G 192 27.02 69.10 102.64
CA GLU G 192 27.15 70.09 103.69
C GLU G 192 28.43 69.93 104.51
N LYS G 193 29.10 68.78 104.40
CA LYS G 193 30.33 68.56 105.15
C LYS G 193 31.54 69.25 104.52
N HIS G 194 31.43 69.70 103.27
CA HIS G 194 32.53 70.37 102.58
C HIS G 194 32.16 71.82 102.28
N LYS G 195 33.14 72.56 101.78
CA LYS G 195 32.98 73.99 101.55
C LYS G 195 33.28 74.41 100.11
N VAL G 196 34.26 73.79 99.46
CA VAL G 196 34.71 74.19 98.14
C VAL G 196 34.50 73.02 97.18
N TYR G 197 33.91 73.31 96.02
CA TYR G 197 33.70 72.35 94.95
C TYR G 197 34.14 72.97 93.63
N ALA G 198 34.84 72.20 92.82
CA ALA G 198 35.33 72.70 91.54
C ALA G 198 35.64 71.55 90.61
N CYS G 199 35.80 71.88 89.32
CA CYS G 199 36.17 70.92 88.29
C CYS G 199 37.37 71.46 87.52
N GLU G 200 38.30 70.57 87.20
CA GLU G 200 39.51 70.91 86.46
C GLU G 200 39.44 70.31 85.07
N VAL G 201 39.68 71.13 84.05
CA VAL G 201 39.59 70.71 82.66
C VAL G 201 40.99 70.80 82.04
N THR G 202 41.46 69.68 81.50
CA THR G 202 42.76 69.62 80.83
C THR G 202 42.54 69.28 79.37
N HIS G 203 43.12 70.10 78.49
CA HIS G 203 42.99 69.91 77.05
C HIS G 203 44.32 70.23 76.38
N GLN G 204 44.51 69.66 75.18
CA GLN G 204 45.74 69.89 74.43
C GLN G 204 45.80 71.31 73.85
N GLY G 205 44.67 72.01 73.77
CA GLY G 205 44.65 73.36 73.27
C GLY G 205 44.97 74.43 74.30
N LEU G 206 45.27 74.04 75.53
CA LEU G 206 45.59 74.97 76.60
C LEU G 206 47.01 74.73 77.09
N SER G 207 47.74 75.81 77.33
CA SER G 207 49.07 75.69 77.92
C SER G 207 48.99 75.18 79.35
N SER G 208 47.97 75.62 80.10
CA SER G 208 47.73 75.19 81.46
C SER G 208 46.27 74.79 81.62
N PRO G 209 45.97 73.84 82.51
CA PRO G 209 44.57 73.47 82.73
C PRO G 209 43.77 74.61 83.34
N VAL G 210 42.48 74.64 82.99
CA VAL G 210 41.58 75.69 83.45
C VAL G 210 40.85 75.21 84.69
N THR G 211 41.07 75.88 85.81
CA THR G 211 40.43 75.55 87.08
C THR G 211 39.65 76.76 87.57
N LYS G 212 38.34 76.59 87.75
CA LYS G 212 37.48 77.62 88.31
C LYS G 212 36.80 77.06 89.54
N SER G 213 36.84 77.80 90.65
CA SER G 213 36.37 77.34 91.94
C SER G 213 35.21 78.20 92.41
N PHE G 214 34.17 77.54 92.95
CA PHE G 214 33.03 78.21 93.54
C PHE G 214 32.72 77.57 94.89
N ASN G 215 32.11 78.36 95.77
CA ASN G 215 31.76 77.91 97.11
C ASN G 215 30.24 77.75 97.22
N ARG G 216 29.81 76.69 97.89
CA ARG G 216 28.39 76.42 98.05
C ARG G 216 27.78 77.42 99.03
N GLY G 217 26.46 77.63 98.88
CA GLY G 217 25.71 78.53 99.70
C GLY G 217 25.42 79.88 99.08
N GLU G 218 26.12 80.23 97.99
CA GLU G 218 25.89 81.49 97.32
C GLU G 218 24.59 81.45 96.53
N CYS G 219 23.93 82.59 96.43
CA CYS G 219 22.67 82.71 95.70
C CYS G 219 22.92 82.77 94.20
N GLN H 3 39.73 21.32 -22.79
CA GLN H 3 41.01 21.94 -22.48
C GLN H 3 40.82 23.28 -21.77
N LEU H 4 41.50 23.44 -20.63
CA LEU H 4 41.49 24.70 -19.89
C LEU H 4 42.88 25.33 -19.81
N VAL H 5 43.88 24.57 -19.35
CA VAL H 5 45.26 25.04 -19.26
C VAL H 5 46.17 23.98 -19.85
N GLU H 6 47.44 24.35 -20.04
CA GLU H 6 48.44 23.46 -20.60
C GLU H 6 49.70 23.52 -19.77
N SER H 7 50.49 22.45 -19.83
CA SER H 7 51.75 22.35 -19.12
C SER H 7 52.88 22.11 -20.12
N GLY H 8 54.02 22.72 -19.86
CA GLY H 8 55.18 22.64 -20.73
C GLY H 8 55.53 23.98 -21.33
N GLY H 9 56.54 23.95 -22.19
CA GLY H 9 57.02 25.16 -22.83
C GLY H 9 58.39 25.58 -22.35
N GLY H 10 59.41 25.33 -23.14
CA GLY H 10 60.76 25.64 -22.74
C GLY H 10 61.75 25.27 -23.83
N LEU H 11 63.03 25.33 -23.47
CA LEU H 11 64.12 25.05 -24.39
C LEU H 11 64.63 23.63 -24.14
N VAL H 12 64.63 22.81 -25.19
CA VAL H 12 65.09 21.43 -25.13
C VAL H 12 66.00 21.18 -26.33
N LYS H 13 67.11 20.49 -26.09
CA LYS H 13 68.02 20.13 -27.16
C LYS H 13 67.35 19.12 -28.09
N PRO H 14 67.71 19.11 -29.37
CA PRO H 14 67.12 18.14 -30.31
C PRO H 14 67.36 16.68 -29.94
N GLY H 15 68.49 16.38 -29.32
CA GLY H 15 68.77 15.01 -28.90
C GLY H 15 68.11 14.58 -27.61
N GLY H 16 67.45 15.49 -26.92
CA GLY H 16 66.80 15.19 -25.66
C GLY H 16 65.38 14.69 -25.84
N SER H 17 64.69 14.55 -24.70
CA SER H 17 63.32 14.08 -24.67
C SER H 17 62.36 15.24 -24.46
N LEU H 18 61.22 15.20 -25.13
CA LEU H 18 60.22 16.27 -25.08
C LEU H 18 58.99 15.76 -24.33
N ARG H 19 58.49 16.58 -23.41
CA ARG H 19 57.32 16.25 -22.61
C ARG H 19 56.25 17.30 -22.83
N LEU H 20 55.13 16.90 -23.44
CA LEU H 20 53.98 17.77 -23.64
C LEU H 20 52.74 17.08 -23.10
N SER H 21 51.85 17.87 -22.48
CA SER H 21 50.66 17.31 -21.88
C SER H 21 49.54 18.35 -21.89
N CYS H 22 48.31 17.85 -21.77
CA CYS H 22 47.11 18.69 -21.68
C CYS H 22 46.48 18.54 -20.30
N ALA H 23 45.96 19.65 -19.78
CA ALA H 23 45.28 19.65 -18.49
C ALA H 23 43.84 20.11 -18.70
N ALA H 24 42.91 19.46 -17.99
CA ALA H 24 41.50 19.73 -18.21
C ALA H 24 40.77 20.07 -16.92
N SER H 25 39.44 20.13 -16.98
CA SER H 25 38.58 20.49 -15.86
C SER H 25 37.28 19.70 -16.01
N GLY H 26 36.22 20.17 -15.36
CA GLY H 26 34.93 19.53 -15.44
C GLY H 26 34.41 19.42 -16.86
N PHE H 27 34.45 18.20 -17.40
CA PHE H 27 34.20 17.92 -18.80
C PHE H 27 34.16 16.41 -18.98
N SER H 28 33.51 15.96 -20.06
CA SER H 28 33.44 14.54 -20.39
C SER H 28 34.72 14.12 -21.11
N PHE H 29 35.84 14.26 -20.40
CA PHE H 29 37.15 14.13 -21.03
C PHE H 29 37.45 12.68 -21.43
N ILE H 30 37.01 11.72 -20.63
CA ILE H 30 37.46 10.34 -20.81
C ILE H 30 36.79 9.63 -21.98
N THR H 31 35.62 10.09 -22.43
CA THR H 31 34.82 9.37 -23.41
C THR H 31 34.99 9.91 -24.83
N TYR H 32 35.96 10.78 -25.06
CA TYR H 32 36.21 11.34 -26.38
C TYR H 32 37.59 10.94 -26.87
N ASN H 33 37.88 11.32 -28.11
CA ASN H 33 39.16 11.00 -28.76
C ASN H 33 39.93 12.31 -28.94
N MET H 34 40.78 12.62 -27.97
CA MET H 34 41.60 13.83 -28.03
C MET H 34 42.75 13.65 -29.02
N ASN H 35 43.25 14.78 -29.52
CA ASN H 35 44.36 14.76 -30.46
C ASN H 35 45.13 16.07 -30.36
N TRP H 36 46.32 16.09 -30.95
CA TRP H 36 47.21 17.24 -30.95
C TRP H 36 47.25 17.88 -32.33
N VAL H 37 47.26 19.21 -32.36
CA VAL H 37 47.35 19.98 -33.59
C VAL H 37 48.49 20.98 -33.43
N ARG H 38 49.42 20.98 -34.39
CA ARG H 38 50.55 21.89 -34.36
C ARG H 38 50.47 22.87 -35.53
N GLN H 39 51.10 24.03 -35.34
CA GLN H 39 51.09 25.10 -36.33
C GLN H 39 52.50 25.62 -36.52
N ALA H 40 52.78 26.10 -37.73
CA ALA H 40 54.05 26.71 -38.09
C ALA H 40 53.92 28.22 -38.14
N PRO H 41 55.02 28.97 -37.93
CA PRO H 41 54.97 30.42 -38.14
C PRO H 41 54.60 30.80 -39.57
N GLY H 42 54.99 29.99 -40.54
CA GLY H 42 54.52 30.19 -41.90
C GLY H 42 53.08 29.76 -42.05
N LYS H 43 52.52 30.06 -43.22
CA LYS H 43 51.11 29.77 -43.49
C LYS H 43 50.89 28.28 -43.68
N GLY H 44 49.90 27.73 -42.98
CA GLY H 44 49.57 26.33 -43.12
C GLY H 44 49.77 25.51 -41.86
N LEU H 45 48.69 24.92 -41.35
CA LEU H 45 48.75 24.03 -40.21
C LEU H 45 49.01 22.60 -40.67
N GLU H 46 49.15 21.69 -39.71
CA GLU H 46 49.27 20.27 -39.99
C GLU H 46 48.83 19.47 -38.77
N TRP H 47 48.28 18.29 -39.02
CA TRP H 47 47.93 17.37 -37.95
C TRP H 47 49.14 16.51 -37.59
N VAL H 48 49.34 16.30 -36.28
CA VAL H 48 50.56 15.66 -35.79
C VAL H 48 50.27 14.33 -35.10
N SER H 49 49.18 14.22 -34.34
CA SER H 49 48.92 13.00 -33.59
C SER H 49 47.43 12.87 -33.30
N SER H 50 47.04 11.64 -32.96
CA SER H 50 45.65 11.35 -32.59
C SER H 50 45.62 10.08 -31.75
N ILE H 51 44.63 10.01 -30.86
CA ILE H 51 44.46 8.84 -30.00
C ILE H 51 42.99 8.77 -29.60
N SER H 52 42.46 7.54 -29.56
CA SER H 52 41.09 7.29 -29.15
C SER H 52 41.07 6.87 -27.68
N SER H 53 39.91 6.43 -27.21
CA SER H 53 39.73 6.02 -25.82
C SER H 53 39.32 4.56 -25.75
N ASN H 54 39.65 3.91 -24.63
CA ASN H 54 39.33 2.50 -24.43
C ASN H 54 37.87 2.27 -24.07
N ILE H 55 37.11 3.33 -23.80
CA ILE H 55 35.68 3.18 -23.54
C ILE H 55 34.96 2.75 -24.82
N LEU H 56 35.40 3.26 -25.98
CA LEU H 56 34.80 2.87 -27.25
C LEU H 56 34.95 1.38 -27.50
N SER H 57 36.17 0.86 -27.39
CA SER H 57 36.43 -0.57 -27.50
C SER H 57 37.80 -0.86 -26.87
N SER H 58 38.13 -2.16 -26.80
CA SER H 58 39.38 -2.57 -26.18
C SER H 58 40.59 -2.07 -26.97
N THR H 59 40.56 -2.18 -28.29
CA THR H 59 41.67 -1.71 -29.11
C THR H 59 41.67 -0.19 -29.19
N SER H 60 42.87 0.37 -29.32
CA SER H 60 43.06 1.82 -29.22
C SER H 60 42.85 2.56 -30.54
N TYR H 61 43.04 1.88 -31.67
CA TYR H 61 42.98 2.50 -33.01
C TYR H 61 43.98 3.67 -33.11
N ILE H 62 45.26 3.31 -33.03
CA ILE H 62 46.31 4.32 -33.12
C ILE H 62 46.37 4.87 -34.55
N TYR H 63 46.56 6.18 -34.66
CA TYR H 63 46.55 6.87 -35.95
C TYR H 63 47.75 7.81 -36.00
N TYR H 64 48.73 7.47 -36.84
CA TYR H 64 49.98 8.21 -36.93
C TYR H 64 50.31 8.53 -38.39
N ALA H 65 51.06 9.62 -38.57
CA ALA H 65 51.73 9.95 -39.82
C ALA H 65 53.16 9.42 -39.78
N ASP H 66 53.89 9.60 -40.87
CA ASP H 66 55.26 9.06 -40.95
C ASP H 66 56.18 9.59 -39.85
N SER H 67 56.39 10.89 -39.80
CA SER H 67 57.33 11.46 -38.84
C SER H 67 56.99 11.07 -37.40
N VAL H 68 55.73 11.23 -37.01
CA VAL H 68 55.33 10.92 -35.65
C VAL H 68 55.44 9.43 -35.39
N LYS H 69 55.10 8.62 -36.40
CA LYS H 69 55.25 7.18 -36.23
C LYS H 69 56.71 6.88 -35.97
N GLY H 70 57.59 7.72 -36.50
CA GLY H 70 59.02 7.52 -36.30
C GLY H 70 59.57 8.06 -35.00
N ARG H 71 59.26 9.32 -34.67
CA ARG H 71 59.83 9.92 -33.47
C ARG H 71 58.80 10.40 -32.45
N PHE H 72 57.56 9.91 -32.52
CA PHE H 72 56.53 10.30 -31.56
C PHE H 72 55.92 9.07 -30.89
N THR H 73 55.28 9.31 -29.74
CA THR H 73 54.49 8.29 -29.08
C THR H 73 53.43 8.97 -28.23
N ILE H 74 52.38 8.22 -27.90
CA ILE H 74 51.26 8.73 -27.13
C ILE H 74 50.97 7.76 -25.99
N SER H 75 50.29 8.28 -24.96
CA SER H 75 49.88 7.48 -23.82
C SER H 75 48.72 8.19 -23.12
N ARG H 76 47.73 7.41 -22.69
CA ARG H 76 46.56 7.93 -21.99
C ARG H 76 46.53 7.38 -20.57
N ASP H 77 46.31 8.27 -19.60
CA ASP H 77 46.26 7.85 -18.21
C ASP H 77 45.02 7.00 -17.93
N ASP H 78 43.91 7.34 -18.56
CA ASP H 78 42.61 6.65 -18.43
C ASP H 78 42.06 6.66 -17.01
N ALA H 79 42.58 7.51 -16.14
CA ALA H 79 42.09 7.64 -14.77
C ALA H 79 41.78 9.08 -14.40
N ALA H 80 42.57 10.04 -14.88
CA ALA H 80 42.37 11.45 -14.60
C ALA H 80 42.15 12.20 -15.92
N ASN H 81 42.09 13.53 -15.82
CA ASN H 81 41.87 14.38 -16.99
C ASN H 81 43.22 14.89 -17.49
N SER H 82 43.91 14.04 -18.23
CA SER H 82 45.22 14.39 -18.79
C SER H 82 45.48 13.52 -20.01
N LEU H 83 46.43 13.99 -20.83
CA LEU H 83 46.87 13.24 -22.01
C LEU H 83 48.36 13.54 -22.21
N PHE H 84 49.15 12.49 -22.34
CA PHE H 84 50.61 12.61 -22.39
C PHE H 84 51.12 12.36 -23.80
N LEU H 85 51.96 13.25 -24.30
CA LEU H 85 52.62 13.12 -25.58
C LEU H 85 54.12 13.26 -25.38
N GLN H 86 54.88 12.27 -25.84
CA GLN H 86 56.32 12.19 -25.61
C GLN H 86 57.05 12.07 -26.93
N MET H 87 58.11 12.86 -27.09
CA MET H 87 58.99 12.79 -28.26
C MET H 87 60.37 12.37 -27.79
N ASN H 88 60.80 11.17 -28.21
CA ASN H 88 62.11 10.67 -27.82
C ASN H 88 63.22 11.43 -28.53
N SER H 89 63.00 11.79 -29.80
CA SER H 89 64.00 12.50 -30.58
C SER H 89 63.34 13.64 -31.34
N LEU H 90 64.10 14.71 -31.55
CA LEU H 90 63.63 15.89 -32.29
C LEU H 90 64.54 16.06 -33.50
N ARG H 91 64.06 15.64 -34.67
CA ARG H 91 64.86 15.78 -35.89
C ARG H 91 64.83 17.22 -36.40
N VAL H 92 63.65 17.70 -36.80
CA VAL H 92 63.49 19.10 -37.18
C VAL H 92 62.15 19.64 -36.67
N GLU H 93 62.21 20.39 -35.57
CA GLU H 93 61.03 21.00 -34.97
C GLU H 93 61.47 22.29 -34.30
N ASP H 94 61.08 23.43 -34.88
CA ASP H 94 61.50 24.73 -34.34
C ASP H 94 60.47 25.28 -33.36
N THR H 95 59.25 25.51 -33.82
CA THR H 95 58.18 26.03 -32.97
C THR H 95 56.90 25.27 -33.25
N ALA H 96 56.14 25.01 -32.20
CA ALA H 96 54.87 24.29 -32.33
C ALA H 96 53.93 24.72 -31.21
N GLN H 97 52.71 25.09 -31.60
CA GLN H 97 51.69 25.45 -30.61
C GLN H 97 51.21 24.23 -29.82
N TYR H 98 51.07 23.08 -30.50
CA TYR H 98 50.72 21.80 -29.89
C TYR H 98 49.37 21.89 -29.16
N TYR H 99 48.33 22.09 -29.96
CA TYR H 99 46.96 22.20 -29.46
C TYR H 99 46.51 20.90 -28.80
N CYS H 100 45.37 20.98 -28.13
CA CYS H 100 44.77 19.83 -27.47
C CYS H 100 43.34 19.64 -27.97
N ALA H 101 43.18 19.65 -29.29
CA ALA H 101 41.87 19.63 -29.92
C ALA H 101 41.11 18.35 -29.60
N ARG H 102 39.78 18.43 -29.70
CA ARG H 102 38.88 17.34 -29.39
C ARG H 102 38.05 17.00 -30.61
N THR H 103 38.04 15.71 -30.98
CA THR H 103 37.23 15.27 -32.11
C THR H 103 35.77 15.21 -31.71
N ARG H 104 34.90 15.80 -32.52
CA ARG H 104 33.47 15.84 -32.25
C ARG H 104 32.75 14.63 -32.84
N SER H 105 33.26 13.44 -32.53
CA SER H 105 32.68 12.18 -33.01
C SER H 105 32.77 11.18 -31.87
N ARG H 106 31.67 11.06 -31.11
CA ARG H 106 31.64 10.20 -29.94
C ARG H 106 31.56 8.72 -30.28
N SER H 107 31.30 8.37 -31.54
CA SER H 107 31.24 6.99 -31.99
C SER H 107 32.29 6.73 -33.05
N VAL H 108 32.69 5.47 -33.17
CA VAL H 108 33.64 5.02 -34.18
C VAL H 108 32.95 3.96 -35.03
N ARG H 109 33.07 4.08 -36.35
CA ARG H 109 32.42 3.16 -37.28
C ARG H 109 33.13 3.23 -38.61
N ASN H 110 33.26 2.07 -39.26
CA ASN H 110 33.93 1.93 -40.57
C ASN H 110 35.36 2.45 -40.51
N CYS H 111 36.04 2.19 -39.39
CA CYS H 111 37.41 2.64 -39.17
C CYS H 111 38.32 1.43 -39.00
N THR H 112 39.44 1.44 -39.71
CA THR H 112 40.47 0.41 -39.59
C THR H 112 41.75 1.05 -39.04
N SER H 113 42.82 0.26 -39.00
CA SER H 113 44.11 0.76 -38.54
C SER H 113 44.76 1.72 -39.54
N ALA H 114 44.23 1.82 -40.76
CA ALA H 114 44.79 2.70 -41.79
C ALA H 114 44.00 3.99 -41.96
N THR H 115 42.69 3.89 -42.18
CA THR H 115 41.86 5.06 -42.41
C THR H 115 40.67 5.08 -41.47
N CYS H 116 40.22 6.29 -41.12
CA CYS H 116 39.07 6.51 -40.26
C CYS H 116 38.58 7.95 -40.40
N PRO H 117 37.29 8.16 -40.66
CA PRO H 117 36.78 9.54 -40.75
C PRO H 117 36.80 10.25 -39.41
N VAL H 118 36.91 11.57 -39.47
CA VAL H 118 36.86 12.44 -38.30
C VAL H 118 35.84 13.54 -38.56
N ASP H 119 35.07 13.89 -37.53
CA ASP H 119 33.96 14.81 -37.73
C ASP H 119 34.43 16.26 -37.78
N ALA H 120 34.96 16.77 -36.68
CA ALA H 120 35.36 18.18 -36.54
C ALA H 120 36.12 18.35 -35.24
N PHE H 121 36.57 19.58 -34.99
CA PHE H 121 37.25 19.94 -33.75
C PHE H 121 36.65 21.24 -33.23
N ASP H 122 36.37 21.28 -31.92
CA ASP H 122 35.74 22.46 -31.33
C ASP H 122 36.29 22.85 -29.97
N LEU H 123 37.35 22.21 -29.48
CA LEU H 123 37.92 22.47 -28.16
C LEU H 123 39.40 22.80 -28.27
N TRP H 124 39.73 23.71 -29.18
CA TRP H 124 41.11 24.14 -29.36
C TRP H 124 41.61 24.90 -28.14
N GLY H 125 42.91 24.76 -27.85
CA GLY H 125 43.48 25.43 -26.70
C GLY H 125 44.96 25.75 -26.84
N GLN H 126 45.36 26.94 -26.40
CA GLN H 126 46.72 27.42 -26.50
C GLN H 126 47.36 27.50 -25.11
N GLY H 127 48.68 27.66 -25.09
CA GLY H 127 49.41 27.75 -23.84
C GLY H 127 50.79 27.12 -23.87
N THR H 128 51.12 26.43 -24.96
CA THR H 128 52.41 25.76 -25.09
C THR H 128 53.21 26.40 -26.22
N MET H 129 54.47 26.72 -25.93
CA MET H 129 55.38 27.32 -26.91
C MET H 129 56.76 26.73 -26.67
N VAL H 130 57.30 26.02 -27.66
CA VAL H 130 58.58 25.33 -27.55
C VAL H 130 59.62 26.05 -28.40
N ILE H 131 60.84 26.15 -27.88
CA ILE H 131 61.96 26.79 -28.57
C ILE H 131 63.17 25.88 -28.50
N VAL H 132 64.05 26.03 -29.48
CA VAL H 132 65.28 25.23 -29.55
C VAL H 132 66.41 26.27 -29.58
N SER H 133 66.17 27.40 -28.91
CA SER H 133 67.11 28.51 -28.92
C SER H 133 68.21 28.29 -27.88
N SER H 134 68.99 29.34 -27.60
CA SER H 134 70.08 29.26 -26.66
C SER H 134 69.56 29.07 -25.23
N ALA H 135 70.43 28.55 -24.37
CA ALA H 135 70.05 28.18 -23.01
C ALA H 135 70.05 29.35 -22.03
N SER H 136 70.53 30.52 -22.44
CA SER H 136 70.63 31.67 -21.55
C SER H 136 69.78 32.82 -22.05
N THR H 137 69.29 33.64 -21.12
CA THR H 137 68.51 34.83 -21.40
C THR H 137 69.35 36.07 -21.13
N LYS H 138 68.90 37.19 -21.68
CA LYS H 138 69.62 38.46 -21.57
C LYS H 138 68.66 39.55 -21.12
N GLY H 139 69.16 40.47 -20.29
CA GLY H 139 68.38 41.57 -19.81
C GLY H 139 68.15 42.62 -20.88
N PRO H 140 67.05 43.36 -20.78
CA PRO H 140 66.72 44.36 -21.80
C PRO H 140 67.53 45.63 -21.64
N SER H 141 67.66 46.35 -22.76
CA SER H 141 68.31 47.64 -22.79
C SER H 141 67.31 48.67 -23.30
N VAL H 142 67.10 49.73 -22.54
CA VAL H 142 66.11 50.77 -22.85
C VAL H 142 66.84 52.04 -23.21
N PHE H 143 66.50 52.60 -24.37
CA PHE H 143 67.08 53.84 -24.86
C PHE H 143 65.99 54.86 -25.12
N PRO H 144 66.08 56.06 -24.56
CA PRO H 144 65.05 57.08 -24.82
C PRO H 144 65.17 57.62 -26.24
N LEU H 145 64.02 57.76 -26.90
CA LEU H 145 63.97 58.28 -28.27
C LEU H 145 63.57 59.74 -28.24
N ALA H 146 64.35 60.57 -28.93
CA ALA H 146 64.08 62.01 -28.95
C ALA H 146 62.79 62.29 -29.71
N PRO H 147 61.87 63.08 -29.13
CA PRO H 147 60.62 63.38 -29.83
C PRO H 147 60.84 64.26 -31.06
N SER H 148 59.98 64.07 -32.05
CA SER H 148 60.01 64.85 -33.28
C SER H 148 58.60 65.31 -33.60
N SER H 149 58.41 66.62 -33.72
CA SER H 149 57.09 67.20 -33.99
C SER H 149 56.95 67.48 -35.48
N LYS H 150 56.86 66.38 -36.25
CA LYS H 150 56.71 66.47 -37.70
C LYS H 150 55.39 65.89 -38.18
N SER H 151 55.07 64.66 -37.82
CA SER H 151 53.87 64.00 -38.28
C SER H 151 52.69 64.29 -37.35
N THR H 152 51.49 63.89 -37.79
CA THR H 152 50.21 64.13 -37.12
C THR H 152 50.08 65.64 -36.88
N SER H 153 49.71 66.09 -35.68
CA SER H 153 49.64 67.51 -35.41
C SER H 153 51.04 68.11 -35.33
N GLY H 154 51.16 69.37 -35.76
CA GLY H 154 52.44 70.06 -35.69
C GLY H 154 52.91 70.29 -34.27
N GLY H 155 51.99 70.55 -33.35
CA GLY H 155 52.32 70.74 -31.96
C GLY H 155 52.40 69.48 -31.13
N THR H 156 52.26 68.31 -31.76
CA THR H 156 52.34 67.03 -31.06
C THR H 156 53.62 66.32 -31.48
N ALA H 157 54.44 65.96 -30.50
CA ALA H 157 55.69 65.26 -30.74
C ALA H 157 55.62 63.87 -30.12
N ALA H 158 56.07 62.86 -30.87
CA ALA H 158 56.00 61.48 -30.43
C ALA H 158 57.33 61.05 -29.87
N LEU H 159 57.34 60.67 -28.59
CA LEU H 159 58.53 60.18 -27.90
C LEU H 159 58.27 58.77 -27.38
N GLY H 160 59.32 57.97 -27.28
CA GLY H 160 59.18 56.60 -26.86
C GLY H 160 60.43 56.03 -26.23
N CYS H 161 60.28 54.82 -25.69
CA CYS H 161 61.38 54.08 -25.10
C CYS H 161 61.69 52.89 -25.99
N LEU H 162 62.95 52.79 -26.43
CA LEU H 162 63.38 51.74 -27.35
C LEU H 162 63.99 50.60 -26.53
N VAL H 163 63.24 49.50 -26.40
CA VAL H 163 63.72 48.32 -25.70
C VAL H 163 64.41 47.42 -26.72
N LYS H 164 65.70 47.15 -26.49
CA LYS H 164 66.51 46.41 -27.45
C LYS H 164 67.31 45.34 -26.72
N ASP H 165 67.64 44.27 -27.46
CA ASP H 165 68.51 43.19 -27.01
C ASP H 165 67.96 42.52 -25.75
N TYR H 166 66.78 41.93 -25.89
CA TYR H 166 66.13 41.23 -24.79
C TYR H 166 65.68 39.84 -25.25
N PHE H 167 65.49 38.95 -24.28
CA PHE H 167 65.05 37.59 -24.54
C PHE H 167 64.46 37.00 -23.26
N PRO H 168 63.26 36.39 -23.32
CA PRO H 168 62.38 36.15 -24.47
C PRO H 168 61.42 37.30 -24.78
N GLU H 169 60.32 36.99 -25.47
CA GLU H 169 59.35 38.00 -25.88
C GLU H 169 58.78 38.86 -24.76
N PRO H 170 58.28 38.30 -23.61
CA PRO H 170 57.46 39.15 -22.72
C PRO H 170 58.23 40.25 -22.00
N VAL H 171 58.03 41.49 -22.45
CA VAL H 171 58.45 42.69 -21.73
C VAL H 171 57.25 43.63 -21.67
N THR H 172 57.08 44.29 -20.54
CA THR H 172 55.96 45.18 -20.31
C THR H 172 56.45 46.61 -20.18
N VAL H 173 55.77 47.53 -20.86
CA VAL H 173 56.08 48.95 -20.83
C VAL H 173 54.86 49.73 -20.37
N SER H 174 55.08 50.70 -19.48
CA SER H 174 54.00 51.54 -18.97
C SER H 174 54.50 52.97 -18.89
N TRP H 175 53.65 53.91 -19.30
CA TRP H 175 53.99 55.33 -19.32
C TRP H 175 53.36 56.00 -18.11
N ASN H 176 54.21 56.66 -17.30
CA ASN H 176 53.79 57.35 -16.07
C ASN H 176 53.09 56.40 -15.11
N SER H 177 53.57 55.16 -15.05
CA SER H 177 53.02 54.10 -14.19
C SER H 177 51.52 53.89 -14.44
N GLY H 178 51.13 53.93 -15.72
CA GLY H 178 49.76 53.71 -16.11
C GLY H 178 48.90 54.97 -16.16
N ALA H 179 49.42 56.12 -15.70
CA ALA H 179 48.65 57.35 -15.76
C ALA H 179 48.51 57.85 -17.20
N LEU H 180 49.54 57.66 -18.02
CA LEU H 180 49.52 58.06 -19.42
C LEU H 180 49.16 56.85 -20.27
N THR H 181 47.95 56.82 -20.81
CA THR H 181 47.47 55.72 -21.62
C THR H 181 47.01 56.13 -23.01
N SER H 182 46.55 57.36 -23.20
CA SER H 182 46.12 57.81 -24.52
C SER H 182 47.33 58.01 -25.42
N GLY H 183 47.27 57.45 -26.63
CA GLY H 183 48.36 57.53 -27.56
C GLY H 183 49.47 56.53 -27.34
N VAL H 184 49.35 55.66 -26.35
CA VAL H 184 50.39 54.68 -26.04
C VAL H 184 50.23 53.49 -27.01
N HIS H 185 51.30 53.19 -27.75
CA HIS H 185 51.30 52.10 -28.70
C HIS H 185 52.56 51.27 -28.50
N THR H 186 52.39 49.94 -28.48
CA THR H 186 53.50 49.01 -28.26
C THR H 186 53.50 47.98 -29.37
N PHE H 187 54.54 47.99 -30.20
CA PHE H 187 54.68 47.02 -31.27
C PHE H 187 55.17 45.67 -30.73
N PRO H 188 54.80 44.57 -31.37
CA PRO H 188 55.22 43.25 -30.88
C PRO H 188 56.70 42.99 -31.15
N ALA H 189 57.19 41.93 -30.52
CA ALA H 189 58.59 41.54 -30.68
C ALA H 189 58.84 40.98 -32.07
N VAL H 190 60.09 41.13 -32.54
CA VAL H 190 60.52 40.65 -33.84
C VAL H 190 61.74 39.74 -33.62
N LEU H 191 61.83 38.68 -34.41
CA LEU H 191 62.88 37.68 -34.25
C LEU H 191 64.07 38.05 -35.12
N GLN H 192 65.22 38.26 -34.49
CA GLN H 192 66.46 38.59 -35.20
C GLN H 192 67.21 37.32 -35.55
N SER H 193 68.28 37.49 -36.35
CA SER H 193 69.08 36.34 -36.77
C SER H 193 69.86 35.74 -35.62
N SER H 194 70.19 36.53 -34.60
CA SER H 194 70.92 36.03 -33.45
C SER H 194 70.02 35.43 -32.39
N GLY H 195 68.70 35.44 -32.60
CA GLY H 195 67.77 34.93 -31.63
C GLY H 195 67.27 35.95 -30.62
N LEU H 196 67.84 37.16 -30.61
CA LEU H 196 67.40 38.19 -29.71
C LEU H 196 66.22 38.96 -30.32
N TYR H 197 65.52 39.72 -29.49
CA TYR H 197 64.24 40.31 -29.84
C TYR H 197 64.29 41.82 -29.65
N SER H 198 63.45 42.53 -30.41
CA SER H 198 63.42 43.98 -30.42
C SER H 198 61.99 44.48 -30.28
N LEU H 199 61.85 45.69 -29.74
CA LEU H 199 60.55 46.29 -29.54
C LEU H 199 60.68 47.81 -29.58
N SER H 200 59.64 48.45 -30.10
CA SER H 200 59.51 49.91 -30.09
C SER H 200 58.16 50.26 -29.50
N SER H 201 58.14 51.20 -28.55
CA SER H 201 56.92 51.64 -27.91
C SER H 201 56.98 53.15 -27.71
N VAL H 202 56.06 53.87 -28.36
CA VAL H 202 56.07 55.33 -28.35
C VAL H 202 54.70 55.84 -27.89
N VAL H 203 54.69 57.11 -27.50
CA VAL H 203 53.47 57.81 -27.10
C VAL H 203 53.52 59.22 -27.68
N THR H 204 52.39 59.68 -28.20
CA THR H 204 52.28 61.00 -28.80
C THR H 204 51.77 61.99 -27.76
N VAL H 205 52.56 63.03 -27.49
CA VAL H 205 52.21 64.04 -26.50
C VAL H 205 52.34 65.43 -27.14
N PRO H 206 51.57 66.42 -26.69
CA PRO H 206 51.75 67.78 -27.22
C PRO H 206 53.07 68.38 -26.79
N SER H 207 53.59 69.28 -27.63
CA SER H 207 54.85 69.95 -27.35
C SER H 207 54.70 71.12 -26.39
N SER H 208 53.47 71.58 -26.13
CA SER H 208 53.26 72.65 -25.17
C SER H 208 53.61 72.22 -23.76
N SER H 209 53.23 70.99 -23.38
CA SER H 209 53.53 70.43 -22.08
C SER H 209 54.78 69.56 -22.08
N LEU H 210 55.48 69.49 -23.21
CA LEU H 210 56.69 68.67 -23.29
C LEU H 210 57.80 69.20 -22.38
N GLY H 211 57.94 70.52 -22.30
CA GLY H 211 58.96 71.11 -21.46
C GLY H 211 58.63 71.16 -19.98
N THR H 212 57.39 70.87 -19.60
CA THR H 212 56.96 70.89 -18.21
C THR H 212 56.60 69.50 -17.70
N GLN H 213 55.69 68.81 -18.37
CA GLN H 213 55.28 67.48 -17.93
C GLN H 213 56.36 66.47 -18.27
N THR H 214 56.71 65.62 -17.30
CA THR H 214 57.74 64.61 -17.47
C THR H 214 57.10 63.26 -17.78
N TYR H 215 57.62 62.58 -18.80
CA TYR H 215 57.13 61.28 -19.21
C TYR H 215 58.20 60.25 -18.91
N ILE H 216 57.91 59.34 -17.98
CA ILE H 216 58.85 58.30 -17.55
C ILE H 216 58.23 56.95 -17.89
N CYS H 217 58.97 56.13 -18.64
CA CYS H 217 58.53 54.79 -19.00
C CYS H 217 59.12 53.78 -18.03
N ASN H 218 58.34 52.75 -17.72
CA ASN H 218 58.76 51.68 -16.82
C ASN H 218 58.81 50.38 -17.62
N VAL H 219 59.97 49.71 -17.60
CA VAL H 219 60.18 48.48 -18.33
C VAL H 219 60.52 47.39 -17.32
N ASN H 220 59.76 46.29 -17.36
CA ASN H 220 59.96 45.16 -16.48
C ASN H 220 60.15 43.89 -17.31
N HIS H 221 61.13 43.08 -16.92
CA HIS H 221 61.44 41.82 -17.59
C HIS H 221 61.37 40.71 -16.54
N LYS H 222 60.25 39.98 -16.50
CA LYS H 222 60.04 38.99 -15.45
C LYS H 222 60.99 37.78 -15.50
N PRO H 223 61.46 37.27 -16.65
CA PRO H 223 62.44 36.16 -16.55
C PRO H 223 63.81 36.61 -16.10
N SER H 224 64.24 37.81 -16.51
CA SER H 224 65.54 38.33 -16.12
C SER H 224 65.51 39.15 -14.83
N ASN H 225 64.32 39.39 -14.28
CA ASN H 225 64.14 40.14 -13.03
C ASN H 225 64.77 41.53 -13.11
N THR H 226 64.58 42.21 -14.23
CA THR H 226 65.14 43.53 -14.48
C THR H 226 64.01 44.56 -14.55
N LYS H 227 64.12 45.61 -13.74
CA LYS H 227 63.16 46.71 -13.73
C LYS H 227 63.90 47.99 -14.11
N VAL H 228 63.45 48.63 -15.19
CA VAL H 228 64.09 49.83 -15.72
C VAL H 228 63.04 50.95 -15.75
N ASP H 229 63.39 52.09 -15.15
CA ASP H 229 62.55 53.29 -15.17
C ASP H 229 63.35 54.37 -15.88
N LYS H 230 63.03 54.62 -17.14
CA LYS H 230 63.78 55.54 -17.99
C LYS H 230 62.95 56.78 -18.29
N LYS H 231 63.55 57.95 -18.15
CA LYS H 231 62.92 59.21 -18.49
C LYS H 231 63.37 59.64 -19.88
N VAL H 232 62.41 60.16 -20.67
CA VAL H 232 62.66 60.56 -22.04
C VAL H 232 62.67 62.09 -22.10
N GLU H 233 63.76 62.65 -22.61
CA GLU H 233 63.91 64.08 -22.79
C GLU H 233 64.49 64.37 -24.16
N PRO H 234 64.13 65.52 -24.78
CA PRO H 234 64.68 65.86 -26.09
C PRO H 234 66.15 66.28 -26.02
N GLN I 3 16.77 59.68 -26.50
CA GLN I 3 16.30 60.29 -27.73
C GLN I 3 17.47 60.68 -28.63
N LEU I 4 17.44 60.20 -29.87
CA LEU I 4 18.46 60.53 -30.85
C LEU I 4 17.91 61.30 -32.04
N VAL I 5 16.87 60.79 -32.69
CA VAL I 5 16.25 61.44 -33.83
C VAL I 5 14.74 61.30 -33.71
N GLU I 6 14.01 62.35 -34.09
CA GLU I 6 12.56 62.34 -34.08
C GLU I 6 12.04 62.98 -35.36
N SER I 7 10.86 62.54 -35.78
CA SER I 7 10.23 63.01 -37.02
C SER I 7 9.07 63.94 -36.68
N GLY I 8 8.40 64.40 -37.73
CA GLY I 8 7.29 65.32 -37.58
C GLY I 8 7.70 66.76 -37.77
N GLY I 9 6.79 67.56 -38.31
CA GLY I 9 7.05 68.96 -38.57
C GLY I 9 6.66 69.37 -39.97
N GLY I 10 6.29 70.63 -40.12
CA GLY I 10 5.87 71.18 -41.40
C GLY I 10 4.75 72.16 -41.19
N LEU I 11 4.22 72.68 -42.30
CA LEU I 11 3.13 73.64 -42.25
C LEU I 11 1.79 72.92 -42.12
N VAL I 12 1.01 73.29 -41.11
CA VAL I 12 -0.29 72.70 -40.85
C VAL I 12 -1.28 73.84 -40.64
N LYS I 13 -2.47 73.72 -41.26
CA LYS I 13 -3.53 74.68 -41.03
C LYS I 13 -4.04 74.58 -39.59
N PRO I 14 -4.60 75.67 -39.05
CA PRO I 14 -5.16 75.60 -37.69
C PRO I 14 -6.26 74.57 -37.53
N GLY I 15 -7.04 74.30 -38.57
CA GLY I 15 -8.04 73.26 -38.54
C GLY I 15 -7.52 71.87 -38.82
N GLY I 16 -6.23 71.72 -39.10
CA GLY I 16 -5.64 70.44 -39.39
C GLY I 16 -5.17 69.72 -38.14
N SER I 17 -4.42 68.64 -38.36
CA SER I 17 -3.89 67.82 -37.29
C SER I 17 -2.41 67.56 -37.50
N LEU I 18 -1.70 67.35 -36.39
CA LEU I 18 -0.27 67.06 -36.42
C LEU I 18 -0.01 65.64 -35.95
N ARG I 19 1.03 65.04 -36.49
CA ARG I 19 1.46 63.69 -36.12
C ARG I 19 2.85 63.82 -35.49
N LEU I 20 2.93 63.63 -34.18
CA LEU I 20 4.19 63.74 -33.45
C LEU I 20 4.67 62.36 -33.02
N SER I 21 5.94 62.07 -33.30
CA SER I 21 6.54 60.80 -32.91
C SER I 21 8.02 61.04 -32.60
N CYS I 22 8.45 60.57 -31.44
CA CYS I 22 9.84 60.68 -31.01
C CYS I 22 10.46 59.28 -30.94
N ALA I 23 11.62 59.13 -31.58
CA ALA I 23 12.32 57.85 -31.63
C ALA I 23 13.63 57.93 -30.88
N ALA I 24 14.17 56.76 -30.54
CA ALA I 24 15.39 56.68 -29.76
C ALA I 24 16.13 55.40 -30.15
N SER I 25 17.06 54.98 -29.29
CA SER I 25 17.87 53.79 -29.47
C SER I 25 17.54 52.79 -28.36
N GLY I 26 18.34 51.74 -28.25
CA GLY I 26 18.14 50.71 -27.24
C GLY I 26 18.13 51.25 -25.83
N PHE I 27 16.95 51.30 -25.23
CA PHE I 27 16.76 51.89 -23.91
C PHE I 27 15.51 51.31 -23.30
N SER I 28 15.38 51.49 -21.98
CA SER I 28 14.24 50.96 -21.23
C SER I 28 13.03 51.86 -21.49
N PHE I 29 12.43 51.67 -22.67
CA PHE I 29 11.29 52.48 -23.07
C PHE I 29 10.03 52.10 -22.31
N ILE I 30 9.86 50.80 -22.03
CA ILE I 30 8.62 50.31 -21.45
C ILE I 30 8.50 50.74 -19.99
N THR I 31 9.56 50.61 -19.21
CA THR I 31 9.50 50.79 -17.76
C THR I 31 9.76 52.22 -17.31
N TYR I 32 9.76 53.17 -18.24
CA TYR I 32 9.94 54.57 -17.91
C TYR I 32 8.71 55.36 -18.36
N ASN I 33 8.43 56.44 -17.64
CA ASN I 33 7.30 57.31 -17.95
C ASN I 33 7.81 58.52 -18.74
N MET I 34 7.25 58.74 -19.91
CA MET I 34 7.64 59.83 -20.79
C MET I 34 6.61 60.96 -20.74
N ASN I 35 7.00 62.11 -21.26
CA ASN I 35 6.12 63.27 -21.29
C ASN I 35 6.55 64.19 -22.42
N TRP I 36 5.60 65.05 -22.82
CA TRP I 36 5.84 66.06 -23.85
C TRP I 36 5.84 67.44 -23.20
N VAL I 37 6.84 68.25 -23.53
CA VAL I 37 6.95 69.62 -23.04
C VAL I 37 7.23 70.53 -24.22
N ARG I 38 6.46 71.60 -24.36
CA ARG I 38 6.69 72.62 -25.37
C ARG I 38 7.34 73.85 -24.74
N GLN I 39 7.99 74.65 -25.59
CA GLN I 39 8.76 75.79 -25.12
C GLN I 39 8.48 77.00 -26.01
N ALA I 40 8.46 78.17 -25.38
CA ALA I 40 8.37 79.46 -26.05
C ALA I 40 9.75 79.86 -26.58
N PRO I 41 9.79 80.74 -27.60
CA PRO I 41 11.09 81.26 -28.04
C PRO I 41 11.84 82.02 -26.96
N GLY I 42 11.13 82.67 -26.05
CA GLY I 42 11.75 83.29 -24.89
C GLY I 42 12.02 82.29 -23.80
N LYS I 43 12.38 82.81 -22.64
CA LYS I 43 12.69 81.97 -21.49
C LYS I 43 11.41 81.39 -20.89
N GLY I 44 11.38 80.08 -20.73
CA GLY I 44 10.23 79.42 -20.14
C GLY I 44 9.66 78.28 -20.97
N LEU I 45 9.53 77.10 -20.36
CA LEU I 45 8.95 75.94 -20.98
C LEU I 45 7.48 75.82 -20.56
N GLU I 46 6.80 74.78 -21.02
CA GLU I 46 5.39 74.58 -20.64
C GLU I 46 5.05 73.12 -20.91
N TRP I 47 4.73 72.37 -19.85
CA TRP I 47 4.47 70.94 -19.98
C TRP I 47 3.12 70.71 -20.65
N VAL I 48 3.14 69.98 -21.78
CA VAL I 48 1.95 69.85 -22.61
C VAL I 48 1.31 68.47 -22.56
N SER I 49 2.07 67.40 -22.28
CA SER I 49 1.49 66.06 -22.25
C SER I 49 2.36 65.15 -21.39
N SER I 50 1.79 64.01 -21.03
CA SER I 50 2.50 63.00 -20.25
C SER I 50 1.83 61.65 -20.47
N ILE I 51 2.59 60.58 -20.17
CA ILE I 51 2.11 59.21 -20.34
C ILE I 51 2.53 58.39 -19.13
N SER I 52 1.85 57.27 -18.93
CA SER I 52 2.16 56.29 -17.89
C SER I 52 2.78 55.05 -18.53
N SER I 53 3.11 54.08 -17.69
CA SER I 53 3.73 52.84 -18.13
C SER I 53 2.82 51.67 -17.79
N ASN I 54 2.66 50.74 -18.74
CA ASN I 54 1.76 49.60 -18.56
C ASN I 54 2.35 48.52 -17.66
N ILE I 55 3.67 48.40 -17.59
CA ILE I 55 4.28 47.34 -16.80
C ILE I 55 4.11 47.61 -15.30
N LEU I 56 4.26 48.87 -14.89
CA LEU I 56 4.13 49.21 -13.47
C LEU I 56 2.70 48.98 -12.98
N SER I 57 1.72 49.55 -13.68
CA SER I 57 0.32 49.42 -13.31
C SER I 57 -0.52 49.71 -14.55
N SER I 58 -1.82 49.93 -14.35
CA SER I 58 -2.69 50.29 -15.46
C SER I 58 -2.34 51.69 -15.98
N THR I 59 -2.85 52.01 -17.15
CA THR I 59 -2.56 53.26 -17.82
C THR I 59 -3.62 54.34 -17.57
N SER I 60 -4.54 54.10 -16.63
CA SER I 60 -5.59 55.07 -16.35
C SER I 60 -5.19 56.05 -15.25
N TYR I 61 -4.01 56.65 -15.40
CA TYR I 61 -3.52 57.69 -14.51
C TYR I 61 -2.86 58.81 -15.31
N ILE I 62 -3.43 59.13 -16.46
CA ILE I 62 -2.85 60.13 -17.37
C ILE I 62 -3.18 61.52 -16.84
N TYR I 63 -2.16 62.37 -16.76
CA TYR I 63 -2.30 63.72 -16.23
C TYR I 63 -2.49 64.70 -17.37
N TYR I 64 -3.58 65.46 -17.32
CA TYR I 64 -3.94 66.41 -18.37
C TYR I 64 -4.26 67.77 -17.76
N ALA I 65 -3.98 68.81 -18.54
CA ALA I 65 -4.46 70.16 -18.27
C ALA I 65 -5.84 70.31 -18.90
N ASP I 66 -6.34 71.55 -19.00
CA ASP I 66 -7.67 71.75 -19.58
C ASP I 66 -7.61 71.73 -21.11
N SER I 67 -6.74 72.56 -21.70
CA SER I 67 -6.68 72.67 -23.16
C SER I 67 -6.18 71.38 -23.79
N VAL I 68 -5.20 70.72 -23.17
CA VAL I 68 -4.66 69.49 -23.74
C VAL I 68 -5.57 68.30 -23.48
N LYS I 69 -6.50 68.40 -22.53
CA LYS I 69 -7.57 67.41 -22.47
C LYS I 69 -8.62 67.67 -23.53
N GLY I 70 -8.90 68.95 -23.82
CA GLY I 70 -9.89 69.27 -24.83
C GLY I 70 -9.44 68.92 -26.24
N ARG I 71 -8.17 69.16 -26.56
CA ARG I 71 -7.71 69.10 -27.94
C ARG I 71 -6.54 68.15 -28.20
N PHE I 72 -5.90 67.60 -27.16
CA PHE I 72 -4.73 66.77 -27.35
C PHE I 72 -4.95 65.37 -26.79
N THR I 73 -4.12 64.43 -27.24
CA THR I 73 -4.12 63.07 -26.73
C THR I 73 -2.76 62.46 -27.00
N ILE I 74 -2.43 61.43 -26.22
CA ILE I 74 -1.12 60.77 -26.29
C ILE I 74 -1.33 59.27 -26.27
N SER I 75 -0.60 58.56 -27.15
CA SER I 75 -0.71 57.12 -27.26
C SER I 75 0.68 56.52 -27.37
N ARG I 76 0.78 55.24 -27.01
CA ARG I 76 2.05 54.50 -27.07
C ARG I 76 1.84 53.20 -27.83
N ASP I 77 2.86 52.80 -28.58
CA ASP I 77 2.77 51.59 -29.39
C ASP I 77 2.91 50.32 -28.55
N ASP I 78 3.68 50.39 -27.45
CA ASP I 78 3.93 49.27 -26.54
C ASP I 78 4.61 48.10 -27.23
N ALA I 79 5.27 48.33 -28.36
CA ALA I 79 6.01 47.29 -29.07
C ALA I 79 7.40 47.70 -29.52
N ALA I 80 7.68 49.00 -29.65
CA ALA I 80 8.98 49.47 -30.07
C ALA I 80 9.30 50.76 -29.32
N ASN I 81 10.33 51.46 -29.77
CA ASN I 81 10.76 52.72 -29.15
C ASN I 81 10.14 53.88 -29.92
N SER I 82 8.89 54.18 -29.60
CA SER I 82 8.17 55.27 -30.26
C SER I 82 7.06 55.75 -29.34
N LEU I 83 7.02 57.07 -29.10
CA LEU I 83 5.97 57.70 -28.32
C LEU I 83 5.22 58.68 -29.21
N PHE I 84 3.90 58.63 -29.19
CA PHE I 84 3.05 59.34 -30.14
C PHE I 84 2.20 60.37 -29.44
N LEU I 85 2.16 61.58 -30.00
CA LEU I 85 1.33 62.67 -29.51
C LEU I 85 0.43 63.15 -30.65
N GLN I 86 -0.87 63.27 -30.37
CA GLN I 86 -1.86 63.58 -31.39
C GLN I 86 -2.77 64.72 -30.91
N MET I 87 -3.15 65.59 -31.84
CA MET I 87 -4.06 66.69 -31.56
C MET I 87 -5.02 66.85 -32.74
N ASN I 88 -6.09 67.60 -32.51
CA ASN I 88 -7.08 67.83 -33.57
C ASN I 88 -7.36 69.31 -33.82
N SER I 89 -7.33 70.13 -32.78
CA SER I 89 -7.65 71.55 -32.90
C SER I 89 -6.47 72.40 -32.45
N LEU I 90 -6.22 73.48 -33.19
CA LEU I 90 -5.12 74.40 -32.90
C LEU I 90 -5.69 75.82 -32.88
N ARG I 91 -5.74 76.43 -31.69
CA ARG I 91 -6.24 77.80 -31.56
C ARG I 91 -5.11 78.82 -31.58
N VAL I 92 -4.20 78.77 -30.61
CA VAL I 92 -3.03 79.64 -30.55
C VAL I 92 -1.81 78.76 -30.22
N GLU I 93 -1.12 78.29 -31.27
CA GLU I 93 0.10 77.50 -31.10
C GLU I 93 1.00 77.81 -32.30
N ASP I 94 1.92 78.76 -32.12
CA ASP I 94 2.76 79.23 -33.21
C ASP I 94 4.13 78.56 -33.24
N THR I 95 4.89 78.67 -32.15
CA THR I 95 6.25 78.15 -32.09
C THR I 95 6.40 77.29 -30.85
N ALA I 96 6.95 76.09 -31.03
CA ALA I 96 7.15 75.14 -29.95
C ALA I 96 8.23 74.16 -30.34
N GLN I 97 8.71 73.40 -29.35
CA GLN I 97 9.77 72.42 -29.57
C GLN I 97 9.33 70.98 -29.38
N TYR I 98 8.37 70.72 -28.48
CA TYR I 98 7.83 69.38 -28.21
C TYR I 98 8.93 68.41 -27.79
N TYR I 99 9.51 68.70 -26.62
CA TYR I 99 10.56 67.85 -26.07
C TYR I 99 10.00 66.48 -25.70
N CYS I 100 10.66 65.42 -26.19
CA CYS I 100 10.32 64.05 -25.80
C CYS I 100 11.20 63.63 -24.62
N ALA I 101 10.85 64.17 -23.45
CA ALA I 101 11.56 63.87 -22.22
C ALA I 101 10.95 62.64 -21.54
N ARG I 102 11.58 62.19 -20.47
CA ARG I 102 11.08 61.08 -19.66
C ARG I 102 11.35 61.37 -18.19
N THR I 103 10.54 60.75 -17.34
CA THR I 103 10.69 60.91 -15.90
C THR I 103 11.68 59.89 -15.35
N ARG I 104 12.39 60.29 -14.30
CA ARG I 104 13.38 59.42 -13.65
C ARG I 104 12.74 58.64 -12.50
N SER I 105 11.63 57.96 -12.79
CA SER I 105 10.88 57.22 -11.79
C SER I 105 10.46 55.89 -12.40
N ARG I 106 11.19 54.83 -12.09
CA ARG I 106 10.86 53.49 -12.55
C ARG I 106 9.86 52.78 -11.66
N SER I 107 9.48 53.38 -10.54
CA SER I 107 8.48 52.82 -9.65
C SER I 107 7.36 53.83 -9.43
N VAL I 108 6.13 53.35 -9.43
CA VAL I 108 4.98 54.21 -9.20
C VAL I 108 4.40 53.87 -7.82
N ARG I 109 4.31 54.89 -6.97
CA ARG I 109 3.78 54.76 -5.62
C ARG I 109 2.92 55.98 -5.35
N ASN I 110 1.95 55.81 -4.44
CA ASN I 110 0.97 56.82 -3.97
C ASN I 110 0.54 57.81 -5.05
N CYS I 111 0.20 57.29 -6.23
CA CYS I 111 -0.19 58.09 -7.38
C CYS I 111 -1.68 57.88 -7.67
N THR I 112 -2.39 58.99 -7.84
CA THR I 112 -3.79 58.99 -8.25
C THR I 112 -3.88 59.55 -9.66
N SER I 113 -5.11 59.76 -10.12
CA SER I 113 -5.34 60.30 -11.46
C SER I 113 -5.26 61.82 -11.50
N ALA I 114 -5.02 62.49 -10.37
CA ALA I 114 -5.02 63.94 -10.31
C ALA I 114 -3.61 64.52 -10.18
N THR I 115 -2.86 64.13 -9.15
CA THR I 115 -1.56 64.75 -8.89
C THR I 115 -0.71 63.82 -8.04
N CYS I 116 0.51 63.55 -8.49
CA CYS I 116 1.48 62.82 -7.68
C CYS I 116 2.88 63.20 -8.15
N PRO I 117 3.86 63.19 -7.26
CA PRO I 117 5.19 63.70 -7.62
C PRO I 117 5.93 62.83 -8.62
N VAL I 118 6.84 63.46 -9.35
CA VAL I 118 7.78 62.79 -10.24
C VAL I 118 9.18 63.16 -9.79
N ASP I 119 10.15 62.31 -10.15
CA ASP I 119 11.49 62.45 -9.60
C ASP I 119 12.31 63.51 -10.35
N ALA I 120 12.60 63.25 -11.62
CA ALA I 120 13.47 64.13 -12.40
C ALA I 120 13.31 63.82 -13.88
N PHE I 121 13.84 64.71 -14.72
CA PHE I 121 13.87 64.53 -16.16
C PHE I 121 15.30 64.68 -16.64
N ASP I 122 15.78 63.74 -17.45
CA ASP I 122 17.15 63.79 -17.94
C ASP I 122 17.31 63.34 -19.39
N LEU I 123 16.22 63.11 -20.12
CA LEU I 123 16.28 62.64 -21.51
C LEU I 123 15.49 63.57 -22.44
N TRP I 124 15.76 64.87 -22.34
CA TRP I 124 15.12 65.83 -23.23
C TRP I 124 15.54 65.60 -24.68
N GLY I 125 14.60 65.76 -25.59
CA GLY I 125 14.87 65.57 -27.01
C GLY I 125 14.43 66.75 -27.83
N GLN I 126 15.13 66.97 -28.93
CA GLN I 126 14.88 68.11 -29.81
C GLN I 126 14.84 67.63 -31.26
N GLY I 127 14.14 68.40 -32.09
CA GLY I 127 14.06 68.09 -33.50
C GLY I 127 12.71 68.30 -34.15
N THR I 128 11.71 68.70 -33.35
CA THR I 128 10.35 68.90 -33.84
C THR I 128 10.06 70.40 -33.87
N MET I 129 9.96 70.96 -35.07
CA MET I 129 9.60 72.36 -35.27
C MET I 129 8.20 72.44 -35.87
N VAL I 130 7.42 73.42 -35.42
CA VAL I 130 6.05 73.60 -35.86
C VAL I 130 5.88 75.00 -36.45
N ILE I 131 5.20 75.08 -37.58
CA ILE I 131 4.86 76.36 -38.22
C ILE I 131 3.40 76.32 -38.64
N VAL I 132 2.79 77.50 -38.70
CA VAL I 132 1.37 77.62 -39.04
C VAL I 132 1.16 78.38 -40.35
N SER I 133 2.04 79.31 -40.70
CA SER I 133 1.86 80.16 -41.88
C SER I 133 1.79 79.33 -43.16
N SER I 134 0.85 79.67 -44.03
CA SER I 134 0.61 78.92 -45.25
C SER I 134 1.57 79.30 -46.38
N ALA I 135 2.43 80.29 -46.17
CA ALA I 135 3.39 80.67 -47.20
C ALA I 135 4.42 79.57 -47.40
N SER I 136 4.75 79.30 -48.66
CA SER I 136 5.69 78.25 -49.01
C SER I 136 7.11 78.80 -48.97
N THR I 137 8.06 77.99 -49.44
CA THR I 137 9.45 78.41 -49.46
C THR I 137 9.69 79.44 -50.57
N LYS I 138 10.79 80.18 -50.44
CA LYS I 138 11.15 81.20 -51.41
C LYS I 138 12.66 81.22 -51.56
N GLY I 139 13.12 81.43 -52.79
CA GLY I 139 14.53 81.51 -53.09
C GLY I 139 15.17 82.73 -52.47
N PRO I 140 16.29 82.53 -51.78
CA PRO I 140 16.96 83.66 -51.12
C PRO I 140 17.56 84.63 -52.13
N SER I 141 17.63 85.90 -51.73
CA SER I 141 18.21 86.96 -52.54
C SER I 141 19.55 87.35 -51.93
N VAL I 142 20.61 87.28 -52.74
CA VAL I 142 21.96 87.55 -52.29
C VAL I 142 22.40 88.89 -52.87
N PHE I 143 22.86 89.78 -52.00
CA PHE I 143 23.34 91.10 -52.40
C PHE I 143 24.72 91.35 -51.81
N PRO I 144 25.65 91.88 -52.61
CA PRO I 144 27.00 92.14 -52.08
C PRO I 144 27.09 93.50 -51.40
N LEU I 145 27.66 93.54 -50.20
CA LEU I 145 27.84 94.76 -49.45
C LEU I 145 29.23 95.32 -49.73
N ALA I 146 29.29 96.60 -50.09
CA ALA I 146 30.54 97.20 -50.53
C ALA I 146 31.53 97.33 -49.36
N PRO I 147 32.80 97.02 -49.58
CA PRO I 147 33.79 97.22 -48.51
C PRO I 147 34.04 98.69 -48.25
N SER I 148 34.46 98.99 -47.01
CA SER I 148 34.79 100.35 -46.62
C SER I 148 35.93 100.31 -45.61
N SER I 149 36.79 101.33 -45.67
CA SER I 149 37.93 101.44 -44.75
C SER I 149 37.56 102.14 -43.45
N LYS I 150 36.55 101.65 -42.74
CA LYS I 150 36.10 102.27 -41.51
C LYS I 150 36.88 101.73 -40.32
N SER I 151 36.37 102.04 -39.12
CA SER I 151 37.01 101.72 -37.84
C SER I 151 38.38 102.38 -37.73
N THR I 152 39.29 101.77 -36.97
CA THR I 152 40.61 102.35 -36.71
C THR I 152 41.69 101.74 -37.58
N SER I 153 41.32 100.99 -38.62
CA SER I 153 42.27 100.33 -39.52
C SER I 153 42.04 100.85 -40.93
N GLY I 154 42.88 101.78 -41.36
CA GLY I 154 42.77 102.30 -42.72
C GLY I 154 43.14 101.26 -43.77
N GLY I 155 44.10 100.39 -43.45
CA GLY I 155 44.56 99.40 -44.39
C GLY I 155 43.76 98.11 -44.35
N THR I 156 42.65 98.12 -43.62
CA THR I 156 41.77 96.96 -43.51
C THR I 156 40.35 97.39 -43.83
N ALA I 157 39.62 96.53 -44.54
CA ALA I 157 38.26 96.83 -44.96
C ALA I 157 37.33 95.72 -44.49
N ALA I 158 36.09 96.11 -44.22
CA ALA I 158 35.04 95.19 -43.79
C ALA I 158 34.02 95.06 -44.91
N LEU I 159 33.79 93.81 -45.35
CA LEU I 159 32.86 93.53 -46.43
C LEU I 159 32.00 92.33 -46.05
N GLY I 160 30.87 92.19 -46.73
CA GLY I 160 29.97 91.10 -46.42
C GLY I 160 28.94 90.90 -47.51
N CYS I 161 28.02 89.96 -47.23
CA CYS I 161 26.91 89.64 -48.13
C CYS I 161 25.62 89.63 -47.34
N LEU I 162 24.52 89.99 -48.00
CA LEU I 162 23.21 90.06 -47.37
C LEU I 162 22.30 89.02 -48.01
N VAL I 163 21.62 88.24 -47.18
CA VAL I 163 20.67 87.23 -47.62
C VAL I 163 19.28 87.70 -47.24
N LYS I 164 18.38 87.77 -48.22
CA LYS I 164 17.05 88.32 -48.02
C LYS I 164 16.02 87.46 -48.71
N ASP I 165 14.79 87.52 -48.20
CA ASP I 165 13.60 86.88 -48.79
C ASP I 165 13.77 85.37 -48.92
N TYR I 166 13.90 84.73 -47.75
CA TYR I 166 13.93 83.28 -47.66
C TYR I 166 13.12 82.83 -46.46
N PHE I 167 12.27 81.82 -46.64
CA PHE I 167 11.50 81.26 -45.54
C PHE I 167 12.32 80.27 -44.70
N PRO I 168 12.97 79.24 -45.27
CA PRO I 168 13.78 78.34 -44.42
C PRO I 168 15.24 78.74 -44.36
N GLU I 169 15.84 78.46 -43.21
CA GLU I 169 17.21 78.89 -42.94
C GLU I 169 18.20 78.11 -43.80
N PRO I 170 19.13 78.78 -44.50
CA PRO I 170 20.13 78.07 -45.28
C PRO I 170 21.38 77.74 -44.46
N VAL I 171 22.40 77.20 -45.12
CA VAL I 171 23.67 76.87 -44.47
C VAL I 171 24.42 78.16 -44.16
N THR I 172 25.47 78.05 -43.35
CA THR I 172 26.31 79.20 -43.06
C THR I 172 27.03 79.67 -44.33
N VAL I 173 27.12 80.98 -44.49
CA VAL I 173 27.66 81.59 -45.70
C VAL I 173 29.18 81.43 -45.66
N SER I 174 29.70 80.45 -46.37
CA SER I 174 31.14 80.27 -46.49
C SER I 174 31.74 81.30 -47.44
N TRP I 175 32.96 81.71 -47.14
CA TRP I 175 33.66 82.72 -47.91
C TRP I 175 34.80 82.08 -48.69
N ASN I 176 34.81 82.29 -50.01
CA ASN I 176 35.81 81.73 -50.93
C ASN I 176 35.88 80.21 -50.80
N SER I 177 34.71 79.56 -50.75
CA SER I 177 34.58 78.12 -50.62
C SER I 177 35.29 77.60 -49.38
N GLY I 178 35.19 78.35 -48.28
CA GLY I 178 35.80 77.94 -47.03
C GLY I 178 37.28 78.14 -46.92
N ALA I 179 37.91 78.79 -47.89
CA ALA I 179 39.36 79.02 -47.83
C ALA I 179 39.72 80.00 -46.72
N LEU I 180 38.92 81.05 -46.54
CA LEU I 180 39.16 82.06 -45.52
C LEU I 180 38.32 81.76 -44.29
N THR I 181 38.98 81.73 -43.13
CA THR I 181 38.30 81.48 -41.86
C THR I 181 38.48 82.58 -40.83
N SER I 182 39.49 83.44 -40.99
CA SER I 182 39.74 84.52 -40.03
C SER I 182 38.83 85.69 -40.34
N GLY I 183 38.04 86.12 -39.36
CA GLY I 183 37.13 87.23 -39.53
C GLY I 183 35.78 86.87 -40.10
N VAL I 184 35.55 85.62 -40.47
CA VAL I 184 34.26 85.20 -41.03
C VAL I 184 33.28 85.04 -39.88
N HIS I 185 32.20 85.80 -39.91
CA HIS I 185 31.17 85.77 -38.88
C HIS I 185 29.81 85.59 -39.53
N THR I 186 29.04 84.63 -39.06
CA THR I 186 27.69 84.37 -39.52
C THR I 186 26.72 84.63 -38.38
N PHE I 187 25.68 85.43 -38.64
CA PHE I 187 24.80 85.81 -37.56
C PHE I 187 23.47 85.05 -37.66
N PRO I 188 22.83 84.76 -36.52
CA PRO I 188 21.53 84.10 -36.56
C PRO I 188 20.47 84.99 -37.19
N ALA I 189 19.51 84.35 -37.84
CA ALA I 189 18.47 85.06 -38.58
C ALA I 189 17.38 85.57 -37.64
N VAL I 190 16.62 86.55 -38.14
CA VAL I 190 15.51 87.14 -37.41
C VAL I 190 14.28 87.15 -38.32
N LEU I 191 13.12 86.86 -37.73
CA LEU I 191 11.90 86.70 -38.50
C LEU I 191 11.28 88.06 -38.75
N GLN I 192 11.05 88.39 -40.03
CA GLN I 192 10.60 89.72 -40.43
C GLN I 192 9.08 89.83 -40.29
N SER I 193 8.51 90.91 -40.83
CA SER I 193 7.06 91.09 -40.77
C SER I 193 6.33 90.10 -41.68
N SER I 194 6.94 89.71 -42.78
CA SER I 194 6.34 88.78 -43.73
C SER I 194 6.58 87.32 -43.36
N GLY I 195 7.29 87.05 -42.27
CA GLY I 195 7.60 85.70 -41.86
C GLY I 195 8.81 85.08 -42.53
N LEU I 196 9.55 85.85 -43.34
CA LEU I 196 10.74 85.37 -44.00
C LEU I 196 11.97 85.95 -43.31
N TYR I 197 12.93 85.09 -43.00
CA TYR I 197 14.09 85.51 -42.22
C TYR I 197 15.06 86.34 -43.06
N SER I 198 16.04 86.92 -42.39
CA SER I 198 17.08 87.70 -43.03
C SER I 198 18.43 87.40 -42.35
N LEU I 199 19.48 87.28 -43.15
CA LEU I 199 20.80 86.94 -42.65
C LEU I 199 21.84 87.87 -43.22
N SER I 200 22.87 88.14 -42.42
CA SER I 200 24.02 88.93 -42.84
C SER I 200 25.29 88.20 -42.39
N SER I 201 26.25 88.06 -43.30
CA SER I 201 27.53 87.45 -43.00
C SER I 201 28.64 88.39 -43.45
N VAL I 202 29.59 88.66 -42.55
CA VAL I 202 30.63 89.66 -42.81
C VAL I 202 31.99 88.99 -42.65
N VAL I 203 33.01 89.66 -43.20
CA VAL I 203 34.38 89.20 -43.14
C VAL I 203 35.30 90.41 -43.26
N THR I 204 36.42 90.38 -42.54
CA THR I 204 37.39 91.47 -42.53
C THR I 204 38.66 91.02 -43.23
N VAL I 205 39.09 91.78 -44.23
CA VAL I 205 40.33 91.48 -44.97
C VAL I 205 41.12 92.78 -45.08
N PRO I 206 42.45 92.73 -45.07
CA PRO I 206 43.23 93.96 -45.31
C PRO I 206 42.94 94.56 -46.67
N SER I 207 42.98 95.90 -46.72
CA SER I 207 42.67 96.62 -47.96
C SER I 207 43.79 96.52 -48.97
N SER I 208 45.00 96.11 -48.56
CA SER I 208 46.10 95.98 -49.50
C SER I 208 45.88 94.83 -50.48
N SER I 209 45.11 93.83 -50.08
CA SER I 209 44.79 92.69 -50.93
C SER I 209 43.39 92.79 -51.54
N LEU I 210 42.75 93.96 -51.46
CA LEU I 210 41.43 94.13 -52.02
C LEU I 210 41.45 94.01 -53.55
N GLY I 211 42.44 94.62 -54.19
CA GLY I 211 42.54 94.58 -55.64
C GLY I 211 43.21 93.35 -56.21
N THR I 212 43.77 92.48 -55.36
CA THR I 212 44.47 91.29 -55.82
C THR I 212 43.80 89.98 -55.42
N GLN I 213 42.90 90.00 -54.43
CA GLN I 213 42.22 88.80 -53.98
C GLN I 213 40.73 88.93 -54.24
N THR I 214 40.12 87.85 -54.73
CA THR I 214 38.70 87.80 -55.01
C THR I 214 37.96 87.17 -53.84
N TYR I 215 36.93 87.85 -53.36
CA TYR I 215 36.13 87.40 -52.22
C TYR I 215 34.72 87.08 -52.72
N ILE I 216 34.35 85.80 -52.67
CA ILE I 216 33.06 85.33 -53.12
C ILE I 216 32.35 84.65 -51.96
N CYS I 217 31.13 85.09 -51.68
CA CYS I 217 30.31 84.48 -50.64
C CYS I 217 29.41 83.40 -51.25
N ASN I 218 29.35 82.26 -50.59
CA ASN I 218 28.60 81.10 -51.08
C ASN I 218 27.38 80.89 -50.20
N VAL I 219 26.20 80.84 -50.82
CA VAL I 219 24.94 80.61 -50.14
C VAL I 219 24.31 79.35 -50.72
N ASN I 220 24.11 78.34 -49.88
CA ASN I 220 23.49 77.09 -50.28
C ASN I 220 22.21 76.91 -49.46
N HIS I 221 21.12 76.60 -50.15
CA HIS I 221 19.80 76.49 -49.53
C HIS I 221 19.31 75.05 -49.68
N LYS I 222 19.19 74.35 -48.56
CA LYS I 222 18.81 72.93 -48.61
C LYS I 222 17.41 72.68 -49.16
N PRO I 223 16.33 73.34 -48.70
CA PRO I 223 15.02 72.99 -49.24
C PRO I 223 14.80 73.42 -50.68
N SER I 224 15.31 74.58 -51.08
CA SER I 224 15.11 75.08 -52.44
C SER I 224 16.17 74.59 -53.42
N ASN I 225 17.22 73.92 -52.94
CA ASN I 225 18.30 73.37 -53.77
C ASN I 225 18.96 74.45 -54.62
N THR I 226 19.17 75.62 -54.03
CA THR I 226 19.75 76.77 -54.72
C THR I 226 21.16 77.01 -54.21
N LYS I 227 22.11 77.15 -55.13
CA LYS I 227 23.50 77.43 -54.82
C LYS I 227 23.90 78.73 -55.51
N VAL I 228 24.12 79.78 -54.71
CA VAL I 228 24.45 81.10 -55.22
C VAL I 228 25.84 81.49 -54.73
N ASP I 229 26.72 81.86 -55.66
CA ASP I 229 28.06 82.34 -55.34
C ASP I 229 28.19 83.76 -55.89
N LYS I 230 28.21 84.75 -55.01
CA LYS I 230 28.25 86.16 -55.39
C LYS I 230 29.60 86.76 -55.02
N LYS I 231 30.25 87.38 -56.01
CA LYS I 231 31.52 88.07 -55.78
C LYS I 231 31.28 89.49 -55.34
N VAL I 232 32.05 89.94 -54.34
CA VAL I 232 31.93 91.28 -53.78
C VAL I 232 33.03 92.14 -54.39
N GLU I 233 32.63 93.26 -54.99
CA GLU I 233 33.56 94.21 -55.59
C GLU I 233 33.24 95.62 -55.11
N PRO I 234 34.26 96.48 -54.96
CA PRO I 234 34.02 97.86 -54.54
C PRO I 234 33.45 98.73 -55.65
C1 NAG J . -68.10 -53.65 -15.76
C2 NAG J . -69.52 -54.00 -16.19
C3 NAG J . -69.67 -53.81 -17.70
C4 NAG J . -69.24 -52.41 -18.12
C5 NAG J . -67.83 -52.13 -17.60
C6 NAG J . -67.38 -50.71 -17.87
C7 NAG J . -70.63 -55.64 -14.74
C8 NAG J . -70.88 -57.10 -14.49
N2 NAG J . -69.87 -55.36 -15.80
O3 NAG J . -71.03 -54.04 -18.07
O4 NAG J . -69.26 -52.30 -19.53
O5 NAG J . -67.78 -52.31 -16.18
O6 NAG J . -67.07 -50.03 -16.67
O7 NAG J . -71.10 -54.77 -14.02
C1 NAG J . -70.34 -51.42 -19.92
C2 NAG J . -69.99 -50.76 -21.25
C3 NAG J . -71.14 -49.86 -21.72
C4 NAG J . -72.44 -50.65 -21.75
C5 NAG J . -72.70 -51.31 -20.40
C6 NAG J . -73.92 -52.20 -20.40
C7 NAG J . -67.71 -50.20 -21.96
C8 NAG J . -66.51 -49.32 -21.71
N2 NAG J . -68.76 -50.00 -21.15
O3 NAG J . -70.84 -49.35 -23.02
O4 NAG J . -73.53 -49.77 -22.05
O5 NAG J . -71.58 -52.14 -20.05
O6 NAG J . -73.66 -53.43 -19.74
O7 NAG J . -67.73 -51.04 -22.85
C1 NAG K . -55.90 -48.55 -33.15
C2 NAG K . -57.12 -48.66 -34.06
C3 NAG K . -56.99 -47.74 -35.27
C4 NAG K . -56.67 -46.32 -34.84
C5 NAG K . -55.45 -46.30 -33.92
C6 NAG K . -55.14 -44.95 -33.36
C7 NAG K . -56.58 -50.82 -35.16
C8 NAG K . -57.08 -52.21 -35.45
N2 NAG K . -57.40 -50.03 -34.45
O3 NAG K . -58.19 -47.78 -36.03
O4 NAG K . -56.40 -45.51 -35.97
O5 NAG K . -55.67 -47.17 -32.80
O6 NAG K . -56.11 -44.53 -32.41
O7 NAG K . -55.48 -50.44 -35.57
C1 NAG K . -57.48 -44.58 -36.18
C2 NAG K . -56.92 -43.24 -36.66
C3 NAG K . -58.05 -42.25 -36.93
C4 NAG K . -59.07 -42.86 -37.90
C5 NAG K . -59.55 -44.21 -37.38
C6 NAG K . -60.46 -44.92 -38.34
C7 NAG K . -54.84 -42.10 -36.01
C8 NAG K . -54.01 -41.59 -34.87
N2 NAG K . -56.00 -42.69 -35.68
O3 NAG K . -57.52 -41.06 -37.48
O4 NAG K . -60.18 -41.99 -38.04
O5 NAG K . -58.42 -45.08 -37.15
O6 NAG K . -59.79 -45.25 -39.55
O7 NAG K . -54.48 -41.99 -37.18
C1 NAG L . -78.35 -66.08 -3.73
C2 NAG L . -79.84 -65.78 -3.80
C3 NAG L . -80.60 -67.03 -4.21
C4 NAG L . -80.05 -67.60 -5.51
C5 NAG L . -78.53 -67.81 -5.39
C6 NAG L . -77.89 -68.22 -6.69
C7 NAG L . -80.54 -63.98 -2.29
C8 NAG L . -81.05 -63.62 -0.93
N2 NAG L . -80.33 -65.27 -2.53
O3 NAG L . -81.98 -66.71 -4.38
O4 NAG L . -80.66 -68.85 -5.79
O5 NAG L . -77.90 -66.58 -4.99
O6 NAG L . -77.50 -67.10 -7.47
O7 NAG L . -80.33 -63.12 -3.14
C1 NAG L . -81.49 -68.75 -6.97
C2 NAG L . -82.35 -70.01 -7.05
C3 NAG L . -83.28 -69.93 -8.26
C4 NAG L . -84.10 -68.65 -8.24
C5 NAG L . -83.17 -67.44 -8.10
C6 NAG L . -83.91 -66.13 -7.95
C7 NAG L . -81.79 -72.31 -6.42
C8 NAG L . -80.84 -73.45 -6.60
N2 NAG L . -81.53 -71.20 -7.12
O3 NAG L . -84.15 -71.06 -8.27
O4 NAG L . -84.86 -68.52 -9.43
O5 NAG L . -82.34 -67.59 -6.94
O6 NAG L . -83.41 -65.38 -6.85
O7 NAG L . -82.76 -72.39 -5.67
C1 NAG M . -75.36 -76.87 13.51
C2 NAG M . -76.01 -75.97 14.56
C3 NAG M . -75.64 -76.44 15.96
C4 NAG M . -75.98 -77.92 16.14
C5 NAG M . -75.34 -78.74 15.02
C6 NAG M . -75.74 -80.21 15.06
C7 NAG M . -76.41 -73.68 13.78
C8 NAG M . -75.83 -72.29 13.66
N2 NAG M . -75.62 -74.58 14.37
O3 NAG M . -76.34 -75.66 16.92
O4 NAG M . -75.50 -78.38 17.40
O5 NAG M . -75.75 -78.24 13.75
O6 NAG M . -77.13 -80.37 14.78
O7 NAG M . -77.52 -73.96 13.36
C1 NAG M . -76.62 -78.65 18.27
C2 NAG M . -76.15 -79.53 19.42
C3 NAG M . -77.30 -79.79 20.39
C4 NAG M . -77.92 -78.46 20.85
C5 NAG M . -78.32 -77.63 19.64
C6 NAG M . -78.83 -76.25 20.02
C7 NAG M . -74.31 -80.99 18.73
C8 NAG M . -73.92 -82.34 18.21
N2 NAG M . -75.61 -80.79 18.93
O3 NAG M . -76.82 -80.51 21.52
O4 NAG M . -79.08 -78.72 21.65
O5 NAG M . -77.19 -77.43 18.79
O6 NAG M . -78.24 -75.25 19.22
O7 NAG M . -73.47 -80.11 18.94
C1 NAG N . -30.80 -82.22 -22.80
C2 NAG N . -30.92 -83.63 -23.39
C3 NAG N . -29.79 -84.51 -22.87
C4 NAG N . -28.44 -83.86 -23.12
C5 NAG N . -28.43 -82.45 -22.52
C6 NAG N . -27.15 -81.69 -22.81
C7 NAG N . -33.11 -84.51 -24.04
C8 NAG N . -34.40 -85.11 -23.55
N2 NAG N . -32.22 -84.21 -23.10
O3 NAG N . -29.85 -85.77 -23.52
O4 NAG N . -27.40 -84.64 -22.52
O5 NAG N . -29.50 -81.68 -23.07
O6 NAG N . -27.32 -80.30 -22.62
O7 NAG N . -32.90 -84.31 -25.23
C1 NAG N . -26.60 -85.23 -23.58
C2 NAG N . -25.19 -85.45 -23.04
C3 NAG N . -24.32 -86.12 -24.11
C4 NAG N . -24.98 -87.38 -24.62
C5 NAG N . -26.41 -87.09 -25.09
C6 NAG N . -27.17 -88.33 -25.50
C7 NAG N . -24.48 -83.85 -21.31
C8 NAG N . -23.84 -82.53 -21.05
N2 NAG N . -24.59 -84.20 -22.60
O3 NAG N . -23.04 -86.42 -23.55
O4 NAG N . -24.23 -87.92 -25.70
O5 NAG N . -27.15 -86.48 -24.03
O6 NAG N . -27.86 -88.90 -24.40
O7 NAG N . -24.89 -84.58 -20.41
C1 NAG O . -15.25 -82.87 -7.71
C2 NAG O . -14.88 -84.33 -7.99
C3 NAG O . -13.40 -84.58 -7.70
C4 NAG O . -12.53 -83.56 -8.43
C5 NAG O . -12.99 -82.15 -8.10
C6 NAG O . -12.24 -81.08 -8.87
C7 NAG O . -15.83 -85.37 -5.94
C8 NAG O . -16.78 -86.43 -5.43
N2 NAG O . -15.73 -85.28 -7.27
O3 NAG O . -13.05 -85.90 -8.11
O4 NAG O . -11.17 -83.71 -8.03
O5 NAG O . -14.38 -82.00 -8.44
O6 NAG O . -13.12 -80.05 -9.32
O7 NAG O . -15.19 -84.66 -5.17
C1 NAG O . -10.40 -84.22 -9.15
C2 NAG O . -8.94 -83.81 -8.95
C3 NAG O . -8.09 -84.36 -10.09
C4 NAG O . -8.28 -85.87 -10.22
C5 NAG O . -9.76 -86.20 -10.36
C6 NAG O . -10.04 -87.69 -10.36
C7 NAG O . -8.72 -81.70 -7.72
C8 NAG O . -8.59 -80.21 -7.83
N2 NAG O . -8.81 -82.36 -8.88
O3 NAG O . -6.71 -84.07 -9.84
O4 NAG O . -7.58 -86.36 -11.36
O5 NAG O . -10.50 -85.65 -9.25
O6 NAG O . -10.25 -88.18 -9.04
O7 NAG O . -8.74 -82.27 -6.63
C1 NAG P . -49.14 -87.17 -31.35
C2 NAG P . -48.54 -88.07 -32.43
C3 NAG P . -49.32 -89.37 -32.52
C4 NAG P . -49.42 -90.05 -31.16
C5 NAG P . -49.99 -89.08 -30.13
C6 NAG P . -50.00 -89.64 -28.73
C7 NAG P . -47.40 -86.82 -34.20
C8 NAG P . -47.57 -86.16 -35.55
N2 NAG P . -48.51 -87.40 -33.71
O3 NAG P . -48.69 -90.25 -33.45
O4 NAG P . -50.26 -91.20 -31.24
O5 NAG P . -49.19 -87.89 -30.09
O6 NAG P . -48.72 -89.57 -28.13
O7 NAG P . -46.34 -86.82 -33.60
C1 NAG P . -49.48 -92.39 -31.02
C2 NAG P . -50.42 -93.60 -31.03
C3 NAG P . -49.63 -94.89 -30.84
C4 NAG P . -48.50 -94.99 -31.86
C5 NAG P . -47.64 -93.73 -31.82
C6 NAG P . -46.57 -93.70 -32.88
C7 NAG P . -52.76 -93.49 -30.29
C8 NAG P . -53.68 -93.35 -29.12
N2 NAG P . -51.45 -93.47 -30.01
O3 NAG P . -50.50 -96.00 -30.97
O4 NAG P . -47.69 -96.12 -31.57
O5 NAG P . -48.46 -92.56 -32.02
O6 NAG P . -46.87 -94.61 -33.94
O7 NAG P . -53.17 -93.62 -31.43
C1 NAG Q . -67.85 -78.57 -32.00
C2 NAG Q . -67.91 -77.62 -33.20
C3 NAG Q . -69.21 -76.83 -33.19
C4 NAG Q . -70.41 -77.79 -33.12
C5 NAG Q . -70.25 -78.73 -31.93
C6 NAG Q . -71.33 -79.79 -31.86
C7 NAG Q . -65.69 -76.89 -33.95
C8 NAG Q . -64.61 -75.85 -33.82
N2 NAG Q . -66.77 -76.70 -33.20
O3 NAG Q . -69.30 -76.04 -34.36
O4 NAG Q . -71.61 -77.05 -32.98
O5 NAG Q . -68.99 -79.43 -32.02
O6 NAG Q . -70.86 -81.04 -32.34
O7 NAG Q . -65.57 -77.84 -34.71
C1 NAG Q . -72.40 -77.19 -34.19
C2 NAG Q . -73.75 -76.50 -33.97
C3 NAG Q . -74.59 -76.58 -35.23
C4 NAG Q . -73.82 -76.03 -36.43
C5 NAG Q . -72.48 -76.74 -36.55
C6 NAG Q . -71.60 -76.16 -37.64
C7 NAG Q . -74.43 -76.57 -31.61
C8 NAG Q . -75.22 -77.30 -30.56
N2 NAG Q . -74.46 -77.08 -32.84
O3 NAG Q . -75.79 -75.83 -35.05
O4 NAG Q . -74.57 -76.24 -37.62
O5 NAG Q . -71.74 -76.61 -35.33
O6 NAG Q . -70.28 -75.93 -37.19
O7 NAG Q . -73.79 -75.55 -31.34
C1 NAG R . -46.60 -74.50 21.20
C2 NAG R . -47.32 -75.58 22.00
C3 NAG R . -48.36 -74.96 22.93
C4 NAG R . -47.72 -73.88 23.80
C5 NAG R . -46.98 -72.86 22.93
C6 NAG R . -46.22 -71.83 23.73
C7 NAG R . -47.91 -77.87 21.34
C8 NAG R . -48.60 -78.73 20.33
N2 NAG R . -47.94 -76.55 21.12
O3 NAG R . -48.93 -75.97 23.74
O4 NAG R . -48.72 -73.21 24.55
O5 NAG R . -46.03 -73.54 22.10
O6 NAG R . -44.83 -71.84 23.39
O7 NAG R . -47.34 -78.35 22.31
C1 NAG R . -48.58 -73.56 25.95
C2 NAG R . -49.03 -72.37 26.80
C3 NAG R . -48.95 -72.72 28.28
C4 NAG R . -49.72 -74.01 28.57
C5 NAG R . -49.25 -75.13 27.65
C6 NAG R . -50.06 -76.40 27.80
C7 NAG R . -48.76 -70.07 25.99
C8 NAG R . -47.79 -68.95 25.75
N2 NAG R . -48.25 -71.19 26.50
O3 NAG R . -49.48 -71.65 29.06
O4 NAG R . -49.53 -74.39 29.92
O5 NAG R . -49.37 -74.72 26.28
O6 NAG R . -51.21 -76.37 26.98
O7 NAG R . -49.95 -69.98 25.72
C1 NAG S . -55.33 -54.67 25.83
C2 NAG S . -56.19 -55.27 26.95
C3 NAG S . -56.53 -54.22 28.00
C4 NAG S . -55.27 -53.54 28.51
C5 NAG S . -54.46 -52.99 27.32
C6 NAG S . -53.13 -52.39 27.73
C7 NAG S . -58.39 -55.30 25.76
C8 NAG S . -59.52 -56.18 25.33
N2 NAG S . -57.40 -55.92 26.43
O3 NAG S . -57.21 -54.84 29.08
O4 NAG S . -55.60 -52.46 29.38
O5 NAG S . -54.17 -54.05 26.40
O6 NAG S . -52.36 -53.31 28.48
O7 NAG S . -58.37 -54.10 25.50
C1 NAG S . -55.19 -52.81 30.73
C2 NAG S . -54.80 -51.51 31.45
C3 NAG S . -54.41 -51.83 32.89
C4 NAG S . -55.51 -52.61 33.60
C5 NAG S . -55.87 -53.85 32.78
C6 NAG S . -57.05 -54.61 33.35
C7 NAG S . -53.69 -49.51 30.60
C8 NAG S . -52.49 -48.97 29.87
N2 NAG S . -53.72 -50.83 30.76
O3 NAG S . -54.16 -50.62 33.59
O4 NAG S . -55.08 -53.01 34.88
O5 NAG S . -56.24 -53.47 31.45
O6 NAG S . -57.41 -55.71 32.52
O7 NAG S . -54.57 -48.77 31.03
C1 NAG T . -46.40 -93.34 14.00
C2 NAG T . -46.37 -94.29 15.20
C3 NAG T . -47.53 -95.28 15.11
C4 NAG T . -48.85 -94.52 14.97
C5 NAG T . -48.79 -93.55 13.79
C6 NAG T . -50.01 -92.67 13.68
C7 NAG T . -44.11 -94.65 16.09
C8 NAG T . -42.87 -95.50 16.04
N2 NAG T . -45.10 -95.00 15.27
O3 NAG T . -47.55 -96.08 16.29
O4 NAG T . -49.91 -95.45 14.75
O5 NAG T . -47.66 -92.66 13.95
O6 NAG T . -50.36 -92.10 14.92
O7 NAG T . -44.20 -93.68 16.85
C1 NAG T . -50.81 -95.46 15.88
C2 NAG T . -51.79 -96.63 15.70
C3 NAG T . -52.74 -96.71 16.90
C4 NAG T . -51.94 -96.78 18.20
C5 NAG T . -50.97 -95.61 18.28
C6 NAG T . -50.06 -95.68 19.49
C7 NAG T . -52.56 -97.43 13.52
C8 NAG T . -53.38 -97.14 12.30
N2 NAG T . -52.53 -96.50 14.47
O3 NAG T . -53.56 -97.87 16.77
O4 NAG T . -52.83 -96.71 19.30
O5 NAG T . -50.11 -95.62 17.12
O6 NAG T . -49.79 -97.02 19.85
O7 NAG T . -51.93 -98.48 13.63
C1 NAG U . -40.10 -102.90 -2.73
C2 NAG U . -38.77 -103.55 -2.35
C3 NAG U . -38.02 -103.96 -3.61
C4 NAG U . -38.90 -104.83 -4.50
C5 NAG U . -40.25 -104.16 -4.75
C6 NAG U . -41.21 -105.05 -5.50
C7 NAG U . -37.58 -102.92 -0.29
C8 NAG U . -36.74 -101.88 0.39
N2 NAG U . -37.96 -102.64 -1.54
O3 NAG U . -36.83 -104.66 -3.24
O4 NAG U . -38.25 -105.05 -5.75
O5 NAG U . -40.87 -103.82 -3.50
O6 NAG U . -41.72 -106.08 -4.66
O7 NAG U . -37.88 -103.97 0.26
C1 NAG U . -37.83 -106.42 -5.86
C2 NAG U . -37.86 -106.80 -7.35
C3 NAG U . -37.36 -108.23 -7.52
C4 NAG U . -36.00 -108.42 -6.88
C5 NAG U . -36.04 -107.97 -5.43
C6 NAG U . -34.68 -108.01 -4.75
C7 NAG U . -39.53 -105.62 -8.69
C8 NAG U . -40.95 -105.61 -9.17
N2 NAG U . -39.19 -106.65 -7.91
O3 NAG U . -37.29 -108.53 -8.91
O4 NAG U . -35.61 -109.78 -6.93
O5 NAG U . -36.50 -106.61 -5.34
O6 NAG U . -34.60 -107.05 -3.70
O7 NAG U . -38.74 -104.73 -8.99
C1 NAG V . -45.44 14.10 -2.82
C2 NAG V . -46.63 13.20 -2.51
C3 NAG V . -47.85 14.04 -2.11
C4 NAG V . -47.48 14.99 -0.98
C5 NAG V . -46.26 15.82 -1.35
C6 NAG V . -45.77 16.70 -0.22
C7 NAG V . -46.56 11.07 -3.73
C8 NAG V . -46.98 10.34 -4.97
N2 NAG V . -46.96 12.35 -3.64
O3 NAG V . -48.91 13.18 -1.71
O4 NAG V . -48.58 15.86 -0.70
O5 NAG V . -45.17 14.96 -1.70
O6 NAG V . -44.38 16.97 -0.33
O7 NAG V . -45.88 10.54 -2.86
C1 NAG W . -25.94 31.63 -30.53
C2 NAG W . -25.75 32.83 -31.46
C3 NAG W . -24.38 32.76 -32.12
C4 NAG W . -23.28 32.64 -31.06
C5 NAG W . -23.57 31.46 -30.14
C6 NAG W . -22.60 31.36 -28.98
C7 NAG W . -27.87 33.68 -32.35
C8 NAG W . -28.85 33.61 -33.49
N2 NAG W . -26.80 32.89 -32.47
O3 NAG W . -24.17 33.94 -32.89
O4 NAG W . -22.02 32.45 -31.68
O5 NAG W . -24.88 31.59 -29.57
O6 NAG W . -21.28 31.11 -29.44
O7 NAG W . -28.04 34.42 -31.39
C1 NAG X . -9.77 33.69 -10.58
C2 NAG X . -8.31 33.49 -10.14
C3 NAG X . -7.85 34.65 -9.28
C4 NAG X . -8.08 35.97 -9.99
C5 NAG X . -9.54 36.09 -10.42
C6 NAG X . -9.81 37.34 -11.25
C7 NAG X . -7.41 31.21 -9.89
C8 NAG X . -7.36 29.99 -9.03
N2 NAG X . -8.16 32.22 -9.43
O3 NAG X . -6.46 34.49 -8.98
O4 NAG X . -7.76 37.06 -9.13
O5 NAG X . -9.89 34.96 -11.24
O6 NAG X . -10.43 38.34 -10.46
O7 NAG X . -6.80 31.28 -10.95
C1 NAG Y . -15.95 19.08 -3.45
C2 NAG Y . -14.47 18.82 -3.75
C3 NAG Y . -13.92 17.73 -2.83
C4 NAG Y . -14.19 18.09 -1.37
C5 NAG Y . -15.68 18.38 -1.17
C6 NAG Y . -16.00 18.86 0.23
C7 NAG Y . -13.57 19.17 -6.01
C8 NAG Y . -13.47 18.63 -7.41
N2 NAG Y . -14.28 18.44 -5.14
O3 NAG Y . -12.53 17.59 -3.04
O4 NAG Y . -13.80 17.01 -0.53
O5 NAG Y . -16.11 19.41 -2.07
O6 NAG Y . -16.14 20.27 0.28
O7 NAG Y . -13.02 20.22 -5.67
C1 NAG Z . -35.87 -4.97 -34.52
C2 NAG Z . -37.38 -4.86 -34.30
C3 NAG Z . -38.13 -5.41 -35.51
C4 NAG Z . -37.65 -4.73 -36.78
C5 NAG Z . -36.13 -4.84 -36.91
C6 NAG Z . -35.58 -4.08 -38.09
C7 NAG Z . -38.15 -4.93 -31.96
C8 NAG Z . -38.54 -5.80 -30.81
N2 NAG Z . -37.78 -5.56 -33.09
O3 NAG Z . -39.53 -5.20 -35.34
O4 NAG Z . -38.26 -5.36 -37.91
O5 NAG Z . -35.51 -4.29 -35.73
O6 NAG Z . -34.66 -4.88 -38.83
O7 NAG Z . -38.18 -3.70 -31.89
C1 NAG AA . -19.98 6.63 37.95
C2 NAG AA . -20.56 6.12 39.28
C3 NAG AA . -22.07 5.92 39.16
C4 NAG AA . -22.74 7.20 38.65
C5 NAG AA . -22.09 7.66 37.36
C6 NAG AA . -22.62 8.98 36.87
C7 NAG AA . -19.71 4.54 40.96
C8 NAG AA . -19.03 3.22 41.18
N2 NAG AA . -19.91 4.87 39.68
O3 NAG AA . -22.61 5.56 40.42
O4 NAG AA . -24.13 6.95 38.42
O5 NAG AA . -20.67 7.83 37.56
O6 NAG AA . -21.58 9.79 36.35
O7 NAG AA . -20.06 5.26 41.88
C1 NAG BA . -9.53 27.54 43.58
C2 NAG BA . -10.58 28.24 44.46
C3 NAG BA . -11.71 28.80 43.60
C4 NAG BA . -11.16 29.66 42.48
C5 NAG BA . -10.10 28.90 41.69
C6 NAG BA . -9.43 29.75 40.63
C7 NAG BA . -11.74 26.22 45.34
C8 NAG BA . -12.16 25.52 46.60
N2 NAG BA . -11.09 27.37 45.52
O3 NAG BA . -12.59 29.56 44.43
O4 NAG BA . -12.21 30.06 41.60
O5 NAG BA . -9.07 28.44 42.57
O6 NAG BA . -8.18 30.24 41.08
O7 NAG BA . -12.00 25.76 44.23
C1 NAG CA . -45.95 -13.08 19.39
C2 NAG CA . -45.07 -14.34 19.39
C3 NAG CA . -44.67 -14.70 20.82
C4 NAG CA . -44.04 -13.50 21.52
C5 NAG CA . -44.96 -12.29 21.43
C6 NAG CA . -44.35 -11.04 22.02
C7 NAG CA . -45.11 -16.39 18.05
C8 NAG CA . -45.96 -17.47 17.46
N2 NAG CA . -45.75 -15.46 18.75
O3 NAG CA . -43.74 -15.78 20.79
O4 NAG CA . -43.82 -13.81 22.90
O5 NAG CA . -45.25 -12.01 20.06
O6 NAG CA . -43.78 -10.21 21.02
O7 NAG CA . -43.89 -16.36 17.90
C1 NAG DA . -68.71 -60.48 16.40
C2 NAG DA . -69.02 -61.86 17.00
C3 NAG DA . -70.23 -61.77 17.91
C4 NAG DA . -70.04 -60.69 18.97
C5 NAG DA . -69.68 -59.37 18.31
C6 NAG DA . -69.34 -58.28 19.30
C7 NAG DA . -68.51 -63.95 15.82
C8 NAG DA . -68.88 -64.85 14.68
N2 NAG DA . -69.24 -62.85 15.94
O3 NAG DA . -70.45 -63.04 18.55
O4 NAG DA . -71.22 -60.53 19.74
O5 NAG DA . -68.52 -59.53 17.47
O6 NAG DA . -67.97 -58.33 19.68
O7 NAG DA . -67.58 -64.22 16.58
C1 NAG EA . -72.23 -52.80 3.31
C2 NAG EA . -72.24 -51.60 2.38
C3 NAG EA . -71.71 -50.37 3.10
C4 NAG EA . -72.49 -50.13 4.39
C5 NAG EA . -72.48 -51.39 5.25
C6 NAG EA . -73.33 -51.27 6.49
C7 NAG EA . -71.99 -52.22 0.01
C8 NAG EA . -71.02 -52.46 -1.11
N2 NAG EA . -71.45 -51.87 1.18
O3 NAG EA . -71.82 -49.23 2.25
O4 NAG EA . -71.91 -49.06 5.12
O5 NAG EA . -72.99 -52.50 4.50
O6 NAG EA . -74.37 -52.24 6.50
O7 NAG EA . -73.21 -52.34 -0.14
C1 NAG FA . 16.85 -34.10 -42.87
C2 NAG FA . 15.65 -34.91 -43.36
C3 NAG FA . 15.84 -35.29 -44.83
C4 NAG FA . 16.11 -34.04 -45.67
C5 NAG FA . 17.29 -33.27 -45.09
C6 NAG FA . 17.55 -31.96 -45.80
C7 NAG FA . 14.51 -36.19 -41.62
C8 NAG FA . 14.45 -37.49 -40.87
N2 NAG FA . 15.46 -36.10 -42.55
O3 NAG FA . 14.66 -35.93 -45.30
O4 NAG FA . 16.41 -34.42 -47.02
O5 NAG FA . 17.04 -32.95 -43.72
O6 NAG FA . 17.72 -30.89 -44.89
O7 NAG FA . 13.72 -35.28 -41.38
C1 NAG GA . 49.63 -31.38 -22.42
C2 NAG GA . 50.80 -30.40 -22.44
C3 NAG GA . 51.25 -30.09 -21.02
C4 NAG GA . 50.08 -29.62 -20.18
C5 NAG GA . 48.93 -30.61 -20.26
C6 NAG GA . 47.69 -30.15 -19.54
C7 NAG GA . 52.17 -30.53 -24.47
C8 NAG GA . 53.35 -31.17 -25.14
N2 NAG GA . 51.91 -30.93 -23.22
O3 NAG GA . 52.27 -29.08 -21.06
O4 NAG GA . 50.48 -29.46 -18.82
O5 NAG GA . 48.56 -30.84 -21.63
O6 NAG GA . 46.51 -30.71 -20.12
O7 NAG GA . 51.50 -29.67 -25.04
C1 NAG HA . 45.59 -6.44 -22.93
C2 NAG HA . 45.99 -5.39 -21.90
C3 NAG HA . 46.75 -4.25 -22.56
C4 NAG HA . 47.93 -4.78 -23.37
C5 NAG HA . 47.46 -5.85 -24.35
C6 NAG HA . 48.59 -6.50 -25.10
C7 NAG HA . 44.78 -4.78 -19.86
C8 NAG HA . 43.50 -4.24 -19.29
N2 NAG HA . 44.83 -4.89 -21.19
O3 NAG HA . 47.21 -3.34 -21.57
O4 NAG HA . 48.54 -3.72 -24.10
O5 NAG HA . 46.77 -6.89 -23.65
O6 NAG HA . 48.37 -6.49 -26.51
O7 NAG HA . 45.73 -5.09 -19.14
C1 NAG IA . 26.10 -12.45 -27.94
C2 NAG IA . 25.22 -11.30 -27.44
C3 NAG IA . 24.05 -11.10 -28.39
C4 NAG IA . 24.54 -10.90 -29.83
C5 NAG IA . 25.46 -12.06 -30.23
C6 NAG IA . 26.09 -11.87 -31.59
C7 NAG IA . 24.72 -10.62 -25.14
C8 NAG IA . 24.21 -11.05 -23.80
N2 NAG IA . 24.74 -11.56 -26.09
O3 NAG IA . 23.30 -9.96 -27.99
O4 NAG IA . 23.44 -10.84 -30.72
O5 NAG IA . 26.53 -12.19 -29.28
O6 NAG IA . 27.29 -12.61 -31.72
O7 NAG IA . 25.11 -9.47 -25.35
C1 NAG JA . 21.66 -53.30 -9.17
C2 NAG JA . 22.06 -54.13 -10.40
C3 NAG JA . 22.14 -55.61 -10.02
C4 NAG JA . 23.07 -55.80 -8.83
C5 NAG JA . 22.63 -54.92 -7.67
C6 NAG JA . 23.57 -54.96 -6.50
C7 NAG JA . 21.41 -53.21 -12.57
C8 NAG JA . 20.32 -53.12 -13.60
N2 NAG JA . 21.12 -53.93 -11.49
O3 NAG JA . 22.62 -56.35 -11.14
O4 NAG JA . 23.03 -57.16 -8.41
O5 NAG JA . 22.58 -53.54 -8.10
O6 NAG JA . 24.16 -53.70 -6.24
O7 NAG JA . 22.48 -52.66 -12.72
C1 NAG KA . -11.08 9.55 -36.60
C2 NAG KA . -11.22 9.08 -38.06
C3 NAG KA . -12.39 9.79 -38.73
C4 NAG KA . -13.66 9.63 -37.91
C5 NAG KA . -13.43 10.07 -36.47
C6 NAG KA . -14.61 9.82 -35.57
C7 NAG KA . -9.52 8.44 -39.70
C8 NAG KA . -8.23 8.82 -40.38
N2 NAG KA . -9.98 9.29 -38.80
O3 NAG KA . -12.58 9.27 -40.04
O4 NAG KA . -14.70 10.41 -38.48
O5 NAG KA . -12.32 9.35 -35.90
O6 NAG KA . -14.30 8.87 -34.56
O7 NAG KA . -10.11 7.39 -39.98
C1 NAG LA . 6.13 28.71 -37.77
C2 NAG LA . 6.52 30.13 -38.19
C3 NAG LA . 7.26 30.12 -39.52
C4 NAG LA . 8.43 29.14 -39.47
C5 NAG LA . 7.97 27.76 -39.00
C6 NAG LA . 9.12 26.79 -38.80
C7 NAG LA . 5.37 32.28 -37.93
C8 NAG LA . 4.07 33.01 -38.06
N2 NAG LA . 5.35 30.99 -38.26
O3 NAG LA . 7.71 31.42 -39.83
O4 NAG LA . 9.02 29.02 -40.76
O5 NAG LA . 7.32 27.89 -37.73
O6 NAG LA . 9.73 26.96 -37.53
O7 NAG LA . 6.39 32.84 -37.53
C1 NAG MA . -17.28 -29.43 -41.59
C2 NAG MA . -18.73 -29.82 -41.32
C3 NAG MA . -19.37 -30.40 -42.58
C4 NAG MA . -19.20 -29.46 -43.75
C5 NAG MA . -17.73 -29.09 -43.93
C6 NAG MA . -17.51 -28.05 -45.02
C7 NAG MA . -19.84 -30.75 -39.34
C8 NAG MA . -19.78 -31.79 -38.26
N2 NAG MA . -18.82 -30.75 -40.21
O3 NAG MA . -20.75 -30.65 -42.34
O4 NAG MA . -19.69 -30.07 -44.94
O5 NAG MA . -17.21 -28.54 -42.71
O6 NAG MA . -16.99 -26.85 -44.48
O7 NAG MA . -20.77 -29.95 -39.43
C1 NAG NA . -55.48 -66.08 -36.90
C2 NAG NA . -56.73 -65.46 -36.26
C3 NAG NA . -57.27 -64.34 -37.15
C4 NAG NA . -56.16 -63.34 -37.47
C5 NAG NA . -54.93 -64.04 -38.03
C6 NAG NA . -53.76 -63.11 -38.24
C7 NAG NA . -58.54 -66.46 -34.95
C8 NAG NA . -59.54 -67.57 -34.86
N2 NAG NA . -57.76 -66.47 -36.03
O3 NAG NA . -58.34 -63.69 -36.49
O4 NAG NA . -56.63 -62.39 -38.43
O5 NAG NA . -54.49 -65.06 -37.11
O6 NAG NA . -53.53 -62.30 -37.11
O7 NAG NA . -58.44 -65.61 -34.07
C1 NAG OA . -41.77 -72.65 -35.76
C2 NAG OA . -40.25 -72.70 -35.86
C3 NAG OA . -39.70 -71.37 -36.34
C4 NAG OA . -40.37 -70.96 -37.64
C5 NAG OA . -41.89 -70.97 -37.49
C6 NAG OA . -42.62 -70.70 -38.79
C7 NAG OA . -38.81 -74.09 -34.42
C8 NAG OA . -38.31 -74.31 -33.02
N2 NAG OA . -39.67 -73.06 -34.57
O3 NAG OA . -38.29 -71.48 -36.53
O4 NAG OA . -39.95 -69.65 -38.02
O5 NAG OA . -42.32 -72.27 -37.03
O6 NAG OA . -43.63 -71.67 -39.02
O7 NAG OA . -38.48 -74.80 -35.35
C1 NAG PA . 8.16 -35.02 44.40
C2 NAG PA . 7.65 -36.17 43.52
C3 NAG PA . 8.80 -36.80 42.75
C4 NAG PA . 9.56 -35.73 41.97
C5 NAG PA . 10.00 -34.60 42.90
C6 NAG PA . 10.66 -33.46 42.17
C7 NAG PA . 5.70 -37.56 44.07
C8 NAG PA . 5.15 -38.61 44.99
N2 NAG PA . 6.96 -37.17 44.31
O3 NAG PA . 8.28 -37.78 41.85
O4 NAG PA . 10.70 -36.31 41.36
O5 NAG PA . 8.85 -34.06 43.58
O6 NAG PA . 11.44 -32.67 43.06
O7 NAG PA . 5.05 -37.10 43.15
C1 NAG QA . -0.84 0.55 58.78
C2 NAG QA . -0.83 1.64 59.85
C3 NAG QA . -1.13 2.99 59.22
C4 NAG QA . -0.17 3.26 58.07
C5 NAG QA . -0.19 2.11 57.07
C6 NAG QA . 0.85 2.26 55.99
C7 NAG QA . -1.39 1.17 62.19
C8 NAG QA . -2.48 0.87 63.17
N2 NAG QA . -1.77 1.34 60.92
O3 NAG QA . -1.02 4.01 60.20
O4 NAG QA . -0.55 4.46 57.40
O5 NAG QA . 0.09 0.87 57.74
O6 NAG QA . 1.92 3.10 56.40
O7 NAG QA . -0.21 1.25 62.54
C1 NAG RA . 15.16 5.90 38.17
C2 NAG RA . 13.87 6.02 37.34
C3 NAG RA . 14.18 6.68 36.00
C4 NAG RA . 14.89 8.01 36.21
C5 NAG RA . 16.12 7.81 37.08
C6 NAG RA . 16.82 9.10 37.43
C7 NAG RA . 11.95 4.53 37.06
C8 NAG RA . 11.48 3.11 36.86
N2 NAG RA . 13.26 4.72 37.15
O3 NAG RA . 12.96 6.89 35.28
O4 NAG RA . 15.30 8.54 34.95
O5 NAG RA . 15.75 7.20 38.33
O6 NAG RA . 16.42 9.58 38.71
O7 NAG RA . 11.15 5.46 37.15
C1 NAG SA . 14.18 -9.97 33.96
C2 NAG SA . 14.49 -10.05 32.46
C3 NAG SA . 15.30 -11.31 32.16
C4 NAG SA . 16.53 -11.37 33.03
C5 NAG SA . 16.15 -11.25 34.50
C6 NAG SA . 17.34 -11.19 35.43
C7 NAG SA . 12.84 -8.92 31.05
C8 NAG SA . 11.56 -9.06 30.27
N2 NAG SA . 13.27 -10.02 31.67
O3 NAG SA . 15.67 -11.31 30.78
O4 NAG SA . 17.21 -12.61 32.83
O5 NAG SA . 15.40 -10.05 34.71
O6 NAG SA . 17.41 -9.95 36.11
O7 NAG SA . 13.45 -7.86 31.09
C1 NAG TA . -27.97 -19.73 42.45
C2 NAG TA . -27.55 -20.87 43.37
C3 NAG TA . -27.37 -20.36 44.80
C4 NAG TA . -26.41 -19.17 44.83
C5 NAG TA . -26.87 -18.10 43.85
C6 NAG TA . -25.90 -16.94 43.74
C7 NAG TA . -28.21 -23.24 43.51
C8 NAG TA . -29.34 -24.21 43.44
N2 NAG TA . -28.52 -21.95 43.34
O3 NAG TA . -26.87 -21.41 45.63
O4 NAG TA . -26.36 -18.63 46.14
O5 NAG TA . -27.00 -18.65 42.54
O6 NAG TA . -25.36 -16.85 42.44
O7 NAG TA . -27.04 -23.60 43.71
C1 NAG UA . 37.92 -31.87 8.32
C2 NAG UA . 39.08 -32.40 9.16
C3 NAG UA . 39.67 -33.67 8.52
C4 NAG UA . 38.58 -34.68 8.17
C5 NAG UA . 37.50 -33.97 7.37
C6 NAG UA . 36.39 -34.93 6.97
C7 NAG UA . 40.17 -30.55 10.33
C8 NAG UA . 41.22 -29.47 10.25
N2 NAG UA . 40.12 -31.39 9.31
O3 NAG UA . 40.63 -34.22 9.43
O4 NAG UA . 39.06 -35.71 7.31
O5 NAG UA . 36.96 -32.90 8.12
O6 NAG UA . 35.74 -35.35 8.15
O7 NAG UA . 39.43 -30.64 11.30
C1 NAG VA . 38.08 -0.13 3.77
C2 NAG VA . 38.53 0.83 4.87
C3 NAG VA . 40.06 0.82 5.02
C4 NAG VA . 40.55 -0.61 5.20
C5 NAG VA . 40.04 -1.51 4.08
C6 NAG VA . 40.40 -2.96 4.26
C7 NAG VA . 38.33 2.97 3.59
C8 NAG VA . 37.71 4.32 3.59
N2 NAG VA . 38.04 2.19 4.64
O3 NAG VA . 40.44 1.61 6.13
O4 NAG VA . 41.98 -0.63 5.19
O5 NAG VA . 38.60 -1.45 4.04
O6 NAG VA . 40.41 -3.33 5.63
O7 NAG VA . 39.07 2.59 2.67
C1 NAG WA . 8.01 -55.48 16.88
C2 NAG WA . 7.34 -55.92 15.57
C3 NAG WA . 8.40 -56.37 14.55
C4 NAG WA . 9.46 -55.29 14.37
C5 NAG WA . 10.04 -54.89 15.72
C6 NAG WA . 11.03 -53.75 15.63
C7 NAG WA . 5.29 -57.16 15.04
C8 NAG WA . 4.41 -58.32 15.43
N2 NAG WA . 6.38 -56.98 15.80
O3 NAG WA . 7.78 -56.65 13.30
O4 NAG WA . 10.50 -55.78 13.53
O5 NAG WA . 9.00 -54.46 16.60
O6 NAG WA . 10.71 -52.87 14.55
O7 NAG WA . 5.03 -56.44 14.09
C1 NAG XA . -26.76 -91.68 1.78
C2 NAG XA . -26.98 -92.63 0.60
C3 NAG XA . -26.27 -93.96 0.87
C4 NAG XA . -24.80 -93.72 1.19
C5 NAG XA . -24.67 -92.73 2.34
C6 NAG XA . -23.23 -92.36 2.65
C7 NAG XA . -29.07 -92.23 -0.62
C8 NAG XA . -30.52 -92.57 -0.72
N2 NAG XA . -28.39 -92.84 0.37
O3 NAG XA . -26.39 -94.79 -0.29
O4 NAG XA . -24.18 -94.95 1.56
O5 NAG XA . -25.35 -91.51 2.02
O6 NAG XA . -22.82 -91.23 1.89
O7 NAG XA . -28.52 -91.45 -1.39
C1 NAG YA . -31.92 -85.60 14.99
C2 NAG YA . -31.90 -84.75 16.27
C3 NAG YA . -30.53 -84.10 16.45
C4 NAG YA . -29.44 -85.15 16.41
C5 NAG YA . -29.53 -85.98 15.14
C6 NAG YA . -28.54 -87.12 15.09
C7 NAG YA . -33.88 -83.63 17.19
C8 NAG YA . -34.89 -82.54 16.99
N2 NAG YA . -32.95 -83.75 16.23
O3 NAG YA . -30.51 -83.41 17.68
O4 NAG YA . -28.16 -84.50 16.45
O5 NAG YA . -30.84 -86.57 15.05
O6 NAG YA . -29.17 -88.37 15.34
O7 NAG YA . -33.91 -84.38 18.16
#